data_5EJM
#
_entry.id   5EJM
#
_cell.length_a   90.660
_cell.length_b   90.670
_cell.length_c   169.370
_cell.angle_alpha   76.07
_cell.angle_beta   83.29
_cell.angle_gamma   64.32
#
_symmetry.space_group_name_H-M   'P 1'
#
loop_
_entity.id
_entity.type
_entity.pdbx_description
1 polymer '2-succinyl-5-enolpyruvyl-6-hydroxy-3-cyclohexene-1-carboxylate synthase'
2 non-polymer '(4~{R})-4-[3-[(4-azanyl-2-methyl-pyrimidin-5-yl)methyl]-4-methyl-5-[2-[oxidanyl(phosphonooxy)phosphoryl]oxyethyl]-1,3-thiazol-3-ium-2-yl]-4-oxidanyl-butanoic acid'
3 non-polymer 'MANGANESE (II) ION'
4 non-polymer GLYCEROL
5 non-polymer 1,2-ETHANEDIOL
6 water water
#
_entity_poly.entity_id   1
_entity_poly.type   'polypeptide(L)'
_entity_poly.pdbx_seq_one_letter_code
;MSVSAFNRRWAAVILEALTRHGVRHICIAPGSRSTPLTLAAAENSAFIHHTHFDERGLGHLALGLAKVSKQPVAVIVTSG
TAVANLYPALIEAGLTGEKLILLTADRPPELIDCGANQAIRQPGMFASHPTHSISLPRPTQDIPARWLVSTIDHALGTLH
AGGVHINCPFAEPLYGEMDDTGLSWQQRLGDWWQDDKPWLREAPRLESEKQRDWFFWRQKRGVVVAGRMSAEEGKKVALW
AQTLGWPLIGDVLSQTGQPLPCADLWLGNAKATSELQQAQIVVQLGSSLTGKRLLQWQASCEPEEYWIVDDIEGRLDPAH
HRGRRLIANIADWLELHPAEKRQPWCVEIPRLAEQAMQAVIARRDAFGEAQLAHRICDYLPEQGQLFVGNSLVVRLIDAL
SQLPAGYPVYSNAGASGIDGLLSTAAGVQRASGKPTLAIVGDLSALYDLNALALLRQVSAPLVLIVVNNNGGQIFSLLPT
PQSERERFYLMPQNVHFEHAAAMFELKYHRPQNWQELETAFADAWRTPTTTVIEMVVNDTDGAQTLQQLLAQVSHL
;
_entity_poly.pdbx_strand_id   A,B,C,D,E,F,G,H
#
loop_
_chem_comp.id
_chem_comp.type
_chem_comp.name
_chem_comp.formula
EDO non-polymer 1,2-ETHANEDIOL 'C2 H6 O2'
GOL non-polymer GLYCEROL 'C3 H8 O3'
MN non-polymer 'MANGANESE (II) ION' 'Mn 2'
TD5 non-polymer '(4~{R})-4-[3-[(4-azanyl-2-methyl-pyrimidin-5-yl)methyl]-4-methyl-5-[2-[oxidanyl(phosphonooxy)phosphoryl]oxyethyl]-1,3-thiazol-3-ium-2-yl]-4-oxidanyl-butanoic acid' 'C16 H25 N4 O10 P2 S 1'
#
# COMPACT_ATOMS: atom_id res chain seq x y z
N MET A 1 37.86 9.20 15.49
CA MET A 1 38.58 8.41 14.54
C MET A 1 38.20 8.87 13.17
N SER A 2 37.29 8.17 12.56
CA SER A 2 36.96 8.41 11.16
C SER A 2 35.86 9.45 10.98
N VAL A 3 36.21 10.59 10.40
CA VAL A 3 35.23 11.64 10.15
C VAL A 3 34.18 11.15 9.16
N SER A 4 34.60 10.42 8.14
N SER A 4 34.58 10.41 8.13
CA SER A 4 33.68 9.90 7.12
CA SER A 4 33.62 9.95 7.13
C SER A 4 32.66 8.95 7.73
C SER A 4 32.64 8.96 7.76
N ALA A 5 33.15 8.09 8.63
CA ALA A 5 32.28 7.13 9.32
C ALA A 5 31.33 7.85 10.26
N PHE A 6 31.83 8.82 11.02
CA PHE A 6 30.93 9.47 11.97
C PHE A 6 29.85 10.29 11.24
N ASN A 7 30.24 10.94 10.14
CA ASN A 7 29.27 11.64 9.30
C ASN A 7 28.09 10.74 8.93
N ARG A 8 28.40 9.51 8.53
CA ARG A 8 27.34 8.60 8.10
C ARG A 8 26.52 8.11 9.26
N ARG A 9 27.14 7.97 10.43
CA ARG A 9 26.41 7.59 11.66
C ARG A 9 25.45 8.70 12.09
N TRP A 10 25.94 9.93 12.01
CA TRP A 10 25.12 11.11 12.33
C TRP A 10 23.94 11.19 11.37
N ALA A 11 24.22 11.08 10.07
CA ALA A 11 23.17 11.09 9.07
C ALA A 11 22.19 9.94 9.26
N ALA A 12 22.68 8.76 9.67
CA ALA A 12 21.78 7.61 9.84
C ALA A 12 20.71 7.86 10.89
N VAL A 13 21.08 8.59 11.94
CA VAL A 13 20.12 8.94 12.99
C VAL A 13 19.03 9.84 12.44
N ILE A 14 19.45 10.83 11.64
CA ILE A 14 18.52 11.76 11.04
C ILE A 14 17.50 11.01 10.17
N LEU A 15 18.00 10.13 9.30
N LEU A 15 17.98 10.12 9.31
CA LEU A 15 17.11 9.43 8.38
CA LEU A 15 17.09 9.43 8.37
C LEU A 15 16.22 8.42 9.08
C LEU A 15 16.23 8.36 9.03
N GLU A 16 16.76 7.67 10.03
CA GLU A 16 15.94 6.70 10.78
C GLU A 16 14.86 7.44 11.57
N ALA A 17 15.20 8.61 12.12
CA ALA A 17 14.23 9.39 12.87
C ALA A 17 13.02 9.71 12.01
N LEU A 18 13.26 10.07 10.75
CA LEU A 18 12.17 10.42 9.85
C LEU A 18 11.20 9.27 9.60
N THR A 19 11.72 8.06 9.57
CA THR A 19 10.85 6.88 9.37
C THR A 19 9.81 6.72 10.48
N ARG A 20 10.04 7.32 11.65
CA ARG A 20 9.09 7.20 12.78
C ARG A 20 7.93 8.18 12.65
N HIS A 21 7.99 9.05 11.64
CA HIS A 21 6.97 10.06 11.42
C HIS A 21 6.26 9.91 10.10
N GLY A 22 6.35 8.71 9.53
CA GLY A 22 5.59 8.39 8.34
C GLY A 22 6.27 8.71 7.04
N VAL A 23 7.54 9.12 7.09
CA VAL A 23 8.24 9.36 5.83
C VAL A 23 8.57 8.03 5.14
N ARG A 24 8.09 7.88 3.91
CA ARG A 24 8.33 6.68 3.11
C ARG A 24 9.07 7.04 1.83
N HIS A 25 8.60 8.08 1.16
CA HIS A 25 9.22 8.58 -0.06
C HIS A 25 10.38 9.52 0.20
N ILE A 26 11.48 9.31 -0.51
CA ILE A 26 12.59 10.27 -0.43
C ILE A 26 13.12 10.56 -1.82
N CYS A 27 13.29 11.85 -2.11
CA CYS A 27 13.72 12.32 -3.43
C CYS A 27 15.14 12.83 -3.36
N ILE A 28 16.01 12.27 -4.19
CA ILE A 28 17.43 12.54 -4.07
C ILE A 28 18.00 13.11 -5.37
N ALA A 29 18.74 14.20 -5.26
CA ALA A 29 19.51 14.72 -6.40
C ALA A 29 20.97 14.44 -6.13
N PRO A 30 21.79 14.42 -7.20
CA PRO A 30 23.19 14.00 -7.05
C PRO A 30 24.07 15.07 -6.44
N GLY A 31 25.13 14.64 -5.75
CA GLY A 31 26.08 15.54 -5.15
C GLY A 31 27.14 14.79 -4.38
N SER A 32 28.18 15.52 -3.96
CA SER A 32 29.21 14.91 -3.14
C SER A 32 29.00 15.27 -1.67
N ARG A 33 28.75 16.55 -1.39
CA ARG A 33 28.61 16.99 -0.01
C ARG A 33 27.43 16.29 0.69
N SER A 34 26.44 15.85 -0.09
CA SER A 34 25.27 15.16 0.42
C SER A 34 25.53 13.67 0.71
N THR A 35 26.74 13.19 0.43
CA THR A 35 27.04 11.77 0.56
C THR A 35 26.53 11.12 1.86
N PRO A 36 26.79 11.75 3.02
CA PRO A 36 26.34 11.09 4.25
C PRO A 36 24.83 10.86 4.32
N LEU A 37 24.06 11.82 3.85
CA LEU A 37 22.60 11.72 3.84
C LEU A 37 22.15 10.68 2.83
N THR A 38 22.72 10.78 1.63
CA THR A 38 22.30 9.92 0.53
C THR A 38 22.66 8.46 0.79
N LEU A 39 23.84 8.22 1.35
CA LEU A 39 24.23 6.86 1.67
C LEU A 39 23.39 6.31 2.84
N ALA A 40 23.10 7.15 3.84
CA ALA A 40 22.22 6.72 4.93
C ALA A 40 20.82 6.36 4.38
N ALA A 41 20.34 7.15 3.44
CA ALA A 41 19.02 6.91 2.86
C ALA A 41 19.01 5.65 2.01
N ALA A 42 20.05 5.47 1.20
CA ALA A 42 20.12 4.31 0.32
C ALA A 42 20.11 3.00 1.10
N GLU A 43 20.73 3.03 2.28
CA GLU A 43 20.89 1.83 3.09
C GLU A 43 19.66 1.52 3.93
N ASN A 44 18.77 2.49 4.04
CA ASN A 44 17.60 2.36 4.90
C ASN A 44 16.42 1.77 4.14
N SER A 45 16.01 0.57 4.55
CA SER A 45 15.02 -0.21 3.83
C SER A 45 13.59 0.33 3.94
N ALA A 46 13.38 1.36 4.75
CA ALA A 46 12.05 1.92 4.90
C ALA A 46 11.62 2.77 3.69
N PHE A 47 12.58 3.23 2.91
CA PHE A 47 12.28 4.25 1.90
C PHE A 47 12.03 3.73 0.50
N ILE A 48 11.19 4.45 -0.22
CA ILE A 48 11.09 4.40 -1.67
C ILE A 48 11.91 5.56 -2.20
N HIS A 49 12.92 5.29 -3.02
CA HIS A 49 13.81 6.34 -3.49
C HIS A 49 13.47 6.83 -4.89
N HIS A 50 13.37 8.14 -5.06
CA HIS A 50 13.22 8.79 -6.37
C HIS A 50 14.43 9.68 -6.65
N THR A 51 14.88 9.72 -7.90
CA THR A 51 16.02 10.56 -8.22
C THR A 51 15.70 11.49 -9.38
N HIS A 52 16.39 12.61 -9.44
CA HIS A 52 16.26 13.55 -10.58
C HIS A 52 17.47 14.45 -10.59
N PHE A 53 17.80 15.01 -11.75
CA PHE A 53 18.98 15.86 -11.89
C PHE A 53 18.66 17.36 -11.71
N ASP A 54 17.37 17.73 -11.81
CA ASP A 54 16.99 19.15 -11.65
C ASP A 54 16.40 19.32 -10.27
N GLU A 55 17.08 20.06 -9.39
CA GLU A 55 16.59 20.15 -8.01
C GLU A 55 15.25 20.91 -7.91
N ARG A 56 14.98 21.79 -8.87
CA ARG A 56 13.68 22.46 -8.86
C ARG A 56 12.58 21.45 -9.15
N GLY A 57 12.81 20.59 -10.15
CA GLY A 57 11.86 19.54 -10.48
C GLY A 57 11.79 18.51 -9.35
N LEU A 58 12.94 18.24 -8.73
CA LEU A 58 12.96 17.31 -7.58
C LEU A 58 12.03 17.80 -6.44
N GLY A 59 12.09 19.09 -6.13
CA GLY A 59 11.25 19.66 -5.08
C GLY A 59 9.77 19.49 -5.45
N HIS A 60 9.44 19.72 -6.72
CA HIS A 60 8.06 19.58 -7.17
C HIS A 60 7.62 18.11 -7.27
N LEU A 61 8.56 17.22 -7.58
CA LEU A 61 8.26 15.79 -7.55
C LEU A 61 7.85 15.40 -6.12
N ALA A 62 8.64 15.87 -5.15
CA ALA A 62 8.30 15.64 -3.73
C ALA A 62 6.95 16.23 -3.37
N LEU A 63 6.69 17.43 -3.86
CA LEU A 63 5.42 18.12 -3.61
C LEU A 63 4.25 17.27 -4.09
N GLY A 64 4.37 16.70 -5.29
CA GLY A 64 3.32 15.85 -5.84
C GLY A 64 3.09 14.59 -5.03
N LEU A 65 4.19 13.98 -4.60
CA LEU A 65 4.10 12.78 -3.77
C LEU A 65 3.39 13.07 -2.47
N ALA A 66 3.74 14.20 -1.85
CA ALA A 66 3.15 14.58 -0.56
C ALA A 66 1.69 14.96 -0.73
N LYS A 67 1.41 15.64 -1.83
CA LYS A 67 0.08 16.14 -2.15
C LYS A 67 -0.95 15.03 -2.16
N VAL A 68 -0.59 13.91 -2.77
CA VAL A 68 -1.52 12.79 -2.93
C VAL A 68 -1.50 11.88 -1.70
N SER A 69 -0.30 11.58 -1.20
CA SER A 69 -0.16 10.61 -0.10
C SER A 69 -0.54 11.17 1.27
N LYS A 70 -0.51 12.49 1.41
CA LYS A 70 -0.78 13.15 2.69
C LYS A 70 0.22 12.71 3.75
N GLN A 71 1.43 12.40 3.29
N GLN A 71 1.42 12.32 3.35
CA GLN A 71 2.56 11.98 4.10
CA GLN A 71 2.46 12.03 4.34
C GLN A 71 3.66 13.03 4.03
C GLN A 71 3.69 12.86 4.04
N PRO A 72 4.54 13.08 5.06
CA PRO A 72 5.74 13.90 4.83
C PRO A 72 6.63 13.19 3.84
N VAL A 73 7.28 13.96 2.97
CA VAL A 73 8.19 13.41 1.98
C VAL A 73 9.53 14.11 2.15
N ALA A 74 10.61 13.33 2.14
CA ALA A 74 11.93 13.88 2.37
C ALA A 74 12.62 14.17 1.05
N VAL A 75 13.55 15.12 1.09
CA VAL A 75 14.31 15.53 -0.07
C VAL A 75 15.77 15.68 0.35
N ILE A 76 16.71 15.16 -0.45
CA ILE A 76 18.13 15.37 -0.17
C ILE A 76 18.78 16.10 -1.35
N VAL A 77 19.50 17.17 -1.04
CA VAL A 77 20.30 17.84 -2.07
C VAL A 77 21.67 18.22 -1.53
N THR A 78 22.59 18.48 -2.44
CA THR A 78 23.93 18.88 -2.03
C THR A 78 23.97 20.39 -1.75
N SER A 79 25.12 20.89 -1.32
CA SER A 79 25.24 22.31 -0.97
C SER A 79 25.24 23.20 -2.22
N GLY A 80 24.88 24.46 -2.06
CA GLY A 80 25.00 25.42 -3.15
C GLY A 80 23.67 25.81 -3.79
N THR A 81 23.67 26.13 -5.08
CA THR A 81 22.43 26.55 -5.72
C THR A 81 21.43 25.39 -5.79
N ALA A 82 21.92 24.16 -5.63
CA ALA A 82 21.03 23.00 -5.51
C ALA A 82 19.96 23.27 -4.46
N VAL A 83 20.38 23.86 -3.35
CA VAL A 83 19.45 24.14 -2.26
C VAL A 83 18.44 25.22 -2.68
N ALA A 84 18.92 26.27 -3.35
CA ALA A 84 18.06 27.38 -3.76
C ALA A 84 16.92 26.95 -4.68
N ASN A 85 17.20 25.92 -5.49
CA ASN A 85 16.21 25.41 -6.44
C ASN A 85 15.01 24.74 -5.77
N LEU A 86 15.14 24.42 -4.47
CA LEU A 86 13.98 23.89 -3.75
C LEU A 86 12.94 24.94 -3.38
N TYR A 87 13.27 26.23 -3.56
CA TYR A 87 12.44 27.31 -3.05
C TYR A 87 11.01 27.30 -3.60
N PRO A 88 10.85 27.13 -4.92
CA PRO A 88 9.47 27.17 -5.42
C PRO A 88 8.53 26.13 -4.79
N ALA A 89 8.97 24.88 -4.70
CA ALA A 89 8.11 23.85 -4.14
C ALA A 89 7.86 24.09 -2.67
N LEU A 90 8.87 24.59 -1.98
CA LEU A 90 8.77 24.90 -0.55
C LEU A 90 7.75 26.01 -0.30
N ILE A 91 7.75 27.02 -1.16
CA ILE A 91 6.81 28.12 -1.03
C ILE A 91 5.38 27.62 -1.26
N GLU A 92 5.20 26.77 -2.27
CA GLU A 92 3.87 26.23 -2.57
C GLU A 92 3.39 25.36 -1.40
N ALA A 93 4.30 24.57 -0.86
CA ALA A 93 3.99 23.72 0.30
C ALA A 93 3.56 24.55 1.50
N GLY A 94 4.16 25.74 1.65
CA GLY A 94 3.78 26.63 2.75
C GLY A 94 2.33 27.08 2.63
N LEU A 95 1.85 27.19 1.40
CA LEU A 95 0.49 27.67 1.16
C LEU A 95 -0.56 26.58 1.16
N THR A 96 -0.23 25.40 0.66
CA THR A 96 -1.27 24.37 0.51
C THR A 96 -1.09 23.22 1.48
N GLY A 97 0.05 23.16 2.17
CA GLY A 97 0.18 22.33 3.35
C GLY A 97 1.01 21.07 3.27
N GLU A 98 1.49 20.74 2.08
CA GLU A 98 2.34 19.56 1.92
C GLU A 98 3.51 19.59 2.90
N LYS A 99 3.81 18.43 3.49
CA LYS A 99 4.91 18.35 4.43
C LYS A 99 6.19 17.91 3.74
N LEU A 100 6.98 18.89 3.29
CA LEU A 100 8.25 18.61 2.63
C LEU A 100 9.38 18.76 3.62
N ILE A 101 10.17 17.70 3.76
CA ILE A 101 11.30 17.71 4.69
C ILE A 101 12.57 17.84 3.88
N LEU A 102 13.14 19.03 3.88
CA LEU A 102 14.30 19.31 3.04
C LEU A 102 15.61 19.14 3.80
N LEU A 103 16.33 18.05 3.49
CA LEU A 103 17.63 17.76 4.09
C LEU A 103 18.69 18.35 3.17
N THR A 104 19.24 19.49 3.55
CA THR A 104 20.13 20.20 2.66
C THR A 104 21.59 20.12 3.14
N ALA A 105 22.42 19.37 2.42
CA ALA A 105 23.83 19.23 2.79
C ALA A 105 24.51 20.60 2.76
N ASP A 106 25.46 20.80 3.67
CA ASP A 106 26.16 22.08 3.74
C ASP A 106 27.65 21.83 3.95
N ARG A 107 28.46 22.81 3.57
CA ARG A 107 29.84 22.83 4.07
C ARG A 107 29.80 23.06 5.58
N PRO A 108 30.87 22.65 6.28
CA PRO A 108 30.99 22.94 7.71
C PRO A 108 31.27 24.44 7.90
N PRO A 109 31.04 24.95 9.11
CA PRO A 109 31.18 26.39 9.38
C PRO A 109 32.54 26.97 8.99
N GLU A 110 33.61 26.19 9.07
CA GLU A 110 34.93 26.72 8.77
C GLU A 110 35.14 26.95 7.27
N LEU A 111 34.18 26.56 6.43
CA LEU A 111 34.35 26.78 4.99
C LEU A 111 33.29 27.75 4.44
N ILE A 112 32.63 28.47 5.33
CA ILE A 112 31.65 29.46 4.90
C ILE A 112 32.26 30.86 4.90
N ASP A 113 31.92 31.65 3.87
CA ASP A 113 32.39 33.03 3.72
C ASP A 113 33.90 33.15 3.63
N CYS A 114 34.52 32.21 2.91
CA CYS A 114 35.96 32.27 2.73
C CYS A 114 36.35 31.88 1.32
N GLY A 115 35.41 32.00 0.39
CA GLY A 115 35.71 31.76 -1.02
C GLY A 115 35.86 30.31 -1.39
N ALA A 116 35.32 29.42 -0.57
CA ALA A 116 35.38 27.99 -0.83
C ALA A 116 34.41 27.60 -1.93
N ASN A 117 34.80 26.61 -2.74
CA ASN A 117 33.93 26.21 -3.83
C ASN A 117 32.60 25.61 -3.34
N GLN A 118 31.52 25.99 -4.00
CA GLN A 118 30.19 25.44 -3.76
C GLN A 118 29.76 25.59 -2.32
N ALA A 119 30.23 26.67 -1.68
CA ALA A 119 29.87 26.97 -0.31
C ALA A 119 29.14 28.31 -0.26
N ILE A 120 27.93 28.30 0.28
CA ILE A 120 27.13 29.50 0.42
C ILE A 120 26.51 29.57 1.84
N ARG A 121 25.91 30.70 2.18
CA ARG A 121 25.20 30.83 3.46
C ARG A 121 23.82 30.20 3.38
N GLN A 122 23.63 29.05 4.04
CA GLN A 122 22.40 28.27 3.88
C GLN A 122 21.39 28.35 5.01
N PRO A 123 21.87 28.43 6.27
CA PRO A 123 20.87 28.61 7.33
C PRO A 123 20.01 29.85 7.11
N GLY A 124 18.69 29.70 7.21
CA GLY A 124 17.79 30.82 7.02
C GLY A 124 17.56 31.27 5.58
N MET A 125 18.11 30.55 4.60
CA MET A 125 18.03 31.02 3.22
C MET A 125 16.61 30.98 2.66
N PHE A 126 15.71 30.22 3.30
CA PHE A 126 14.31 30.18 2.87
C PHE A 126 13.42 31.10 3.71
N ALA A 127 14.05 31.94 4.54
CA ALA A 127 13.34 32.98 5.27
C ALA A 127 12.14 32.40 6.02
N SER A 128 10.96 33.01 5.85
CA SER A 128 9.79 32.60 6.65
C SER A 128 8.97 31.47 6.03
N HIS A 129 9.45 30.91 4.93
CA HIS A 129 8.60 29.99 4.20
C HIS A 129 8.52 28.57 4.77
N PRO A 130 9.62 28.04 5.33
CA PRO A 130 9.41 26.78 6.05
C PRO A 130 8.58 26.98 7.30
N THR A 131 7.79 25.97 7.64
CA THR A 131 7.07 25.98 8.92
C THR A 131 8.06 25.91 10.09
N HIS A 132 9.08 25.08 9.90
N HIS A 132 9.14 25.19 9.87
CA HIS A 132 10.17 24.85 10.87
CA HIS A 132 10.14 25.04 10.92
C HIS A 132 11.49 25.00 10.16
C HIS A 132 11.50 24.89 10.27
N SER A 133 12.49 25.56 10.85
CA SER A 133 13.86 25.57 10.32
C SER A 133 14.81 25.07 11.39
N ILE A 134 15.59 24.06 11.02
CA ILE A 134 16.61 23.48 11.89
C ILE A 134 17.97 23.70 11.24
N SER A 135 18.87 24.39 11.93
N SER A 135 18.88 24.35 11.95
CA SER A 135 20.25 24.51 11.49
CA SER A 135 20.25 24.51 11.49
C SER A 135 21.12 23.61 12.35
C SER A 135 21.14 23.63 12.34
N LEU A 136 21.43 22.42 11.85
CA LEU A 136 22.18 21.46 12.62
C LEU A 136 23.62 21.91 12.79
N PRO A 137 24.19 21.58 13.95
CA PRO A 137 25.58 21.93 14.19
C PRO A 137 26.56 20.99 13.47
N ARG A 138 27.83 21.40 13.45
CA ARG A 138 28.90 20.57 12.94
C ARG A 138 28.88 19.23 13.69
N PRO A 139 28.83 18.10 12.96
CA PRO A 139 28.76 16.81 13.68
C PRO A 139 29.88 16.60 14.69
N THR A 140 29.53 16.10 15.87
CA THR A 140 30.51 15.77 16.91
C THR A 140 29.91 14.76 17.87
N GLN A 141 30.72 13.86 18.37
CA GLN A 141 30.23 12.88 19.35
C GLN A 141 30.00 13.57 20.68
N ASP A 142 30.45 14.82 20.80
CA ASP A 142 30.26 15.55 22.04
C ASP A 142 28.83 16.07 22.20
N ILE A 143 28.06 15.96 21.13
CA ILE A 143 26.62 16.16 21.21
C ILE A 143 25.94 14.82 21.12
N PRO A 144 25.16 14.45 22.14
CA PRO A 144 24.60 13.10 22.15
C PRO A 144 23.51 12.86 21.09
N ALA A 145 23.42 11.61 20.65
CA ALA A 145 22.43 11.19 19.67
C ALA A 145 21.02 11.53 20.11
N ARG A 146 20.76 11.48 21.41
N ARG A 146 20.75 11.47 21.42
CA ARG A 146 19.41 11.78 21.91
CA ARG A 146 19.40 11.78 21.92
C ARG A 146 19.01 13.23 21.61
C ARG A 146 19.01 13.23 21.62
N TRP A 147 19.98 14.14 21.54
CA TRP A 147 19.69 15.52 21.17
C TRP A 147 19.27 15.60 19.71
N LEU A 148 20.04 14.95 18.85
CA LEU A 148 19.81 14.98 17.41
C LEU A 148 18.43 14.41 17.08
N VAL A 149 18.11 13.23 17.61
CA VAL A 149 16.83 12.64 17.29
C VAL A 149 15.70 13.47 17.92
N SER A 150 15.91 14.01 19.12
CA SER A 150 14.86 14.83 19.76
C SER A 150 14.55 16.07 18.92
N THR A 151 15.59 16.67 18.34
CA THR A 151 15.41 17.86 17.51
C THR A 151 14.58 17.56 16.27
N ILE A 152 14.86 16.45 15.65
CA ILE A 152 14.09 16.00 14.50
C ILE A 152 12.65 15.68 14.89
N ASP A 153 12.52 14.98 16.01
CA ASP A 153 11.19 14.58 16.49
C ASP A 153 10.29 15.77 16.84
N HIS A 154 10.89 16.83 17.39
CA HIS A 154 10.14 18.05 17.69
C HIS A 154 9.62 18.67 16.42
N ALA A 155 10.50 18.78 15.42
CA ALA A 155 10.11 19.41 14.17
C ALA A 155 9.01 18.61 13.48
N LEU A 156 9.17 17.30 13.40
CA LEU A 156 8.19 16.48 12.69
C LEU A 156 6.90 16.32 13.49
N GLY A 157 7.05 16.15 14.81
CA GLY A 157 5.88 15.91 15.67
C GLY A 157 4.93 17.09 15.72
N THR A 158 5.48 18.30 15.75
CA THR A 158 4.69 19.52 15.88
C THR A 158 4.29 20.14 14.55
N LEU A 159 4.62 19.45 13.45
CA LEU A 159 4.33 19.97 12.11
C LEU A 159 2.87 19.78 11.75
N HIS A 160 2.11 20.87 11.74
CA HIS A 160 0.70 20.80 11.31
C HIS A 160 0.61 20.70 9.79
N ALA A 161 1.47 21.45 9.12
CA ALA A 161 1.47 21.56 7.66
C ALA A 161 2.72 22.28 7.21
N GLY A 162 3.07 22.11 5.93
CA GLY A 162 4.14 22.87 5.32
C GLY A 162 5.50 22.23 5.49
N GLY A 163 6.52 22.95 5.01
CA GLY A 163 7.87 22.41 4.93
C GLY A 163 8.77 22.58 6.13
N VAL A 164 9.79 21.73 6.21
CA VAL A 164 10.80 21.83 7.25
C VAL A 164 12.16 21.92 6.57
N HIS A 165 12.93 22.93 6.90
CA HIS A 165 14.28 23.03 6.37
C HIS A 165 15.26 22.50 7.41
N ILE A 166 15.95 21.40 7.08
CA ILE A 166 16.96 20.88 7.98
C ILE A 166 18.31 21.04 7.31
N ASN A 167 19.08 22.03 7.74
CA ASN A 167 20.41 22.24 7.17
C ASN A 167 21.43 21.32 7.83
N CYS A 168 22.21 20.60 7.01
CA CYS A 168 23.07 19.53 7.49
C CYS A 168 24.53 19.67 7.07
N PRO A 169 25.33 20.39 7.87
CA PRO A 169 26.77 20.49 7.58
C PRO A 169 27.52 19.18 7.78
N PHE A 170 28.45 18.91 6.88
CA PHE A 170 29.38 17.78 7.02
C PHE A 170 30.77 18.22 6.59
N ALA A 171 31.77 17.87 7.39
CA ALA A 171 33.16 18.10 6.99
C ALA A 171 33.75 16.91 6.23
N GLU A 172 34.68 17.18 5.30
CA GLU A 172 35.46 16.13 4.67
C GLU A 172 36.42 15.54 5.70
N PRO A 173 36.85 14.28 5.53
CA PRO A 173 36.55 13.37 4.42
C PRO A 173 35.12 12.86 4.41
N LEU A 174 34.56 12.73 3.20
CA LEU A 174 33.21 12.22 3.03
C LEU A 174 33.21 10.75 2.67
N TYR A 175 34.33 10.29 2.13
CA TYR A 175 34.42 8.93 1.62
C TYR A 175 35.39 8.10 2.44
N GLY A 176 35.23 6.79 2.37
CA GLY A 176 36.04 5.89 3.16
C GLY A 176 35.21 4.73 3.67
N GLU A 177 35.90 3.65 3.99
CA GLU A 177 35.27 2.47 4.56
C GLU A 177 34.64 2.80 5.91
N MET A 178 33.53 2.15 6.20
CA MET A 178 32.90 2.30 7.49
C MET A 178 33.72 1.57 8.56
N ASP A 179 34.11 2.28 9.61
CA ASP A 179 34.66 1.60 10.78
C ASP A 179 33.69 1.81 11.95
N ASP A 180 34.13 1.53 13.16
CA ASP A 180 33.23 1.55 14.30
C ASP A 180 33.05 2.94 14.91
N THR A 181 33.63 3.96 14.29
CA THR A 181 33.47 5.33 14.78
C THR A 181 32.00 5.72 14.86
N GLY A 182 31.58 6.11 16.06
CA GLY A 182 30.21 6.54 16.29
C GLY A 182 29.26 5.41 16.64
N LEU A 183 29.74 4.17 16.61
CA LEU A 183 28.86 3.05 16.92
C LEU A 183 28.36 3.10 18.37
N SER A 184 29.27 3.27 19.33
CA SER A 184 28.82 3.36 20.73
C SER A 184 27.95 4.61 20.93
N TRP A 185 28.25 5.68 20.19
CA TRP A 185 27.45 6.90 20.23
C TRP A 185 25.99 6.64 19.82
N GLN A 186 25.80 5.88 18.73
CA GLN A 186 24.46 5.49 18.29
C GLN A 186 23.76 4.57 19.32
N GLN A 187 24.53 3.69 19.93
CA GLN A 187 23.97 2.66 20.82
C GLN A 187 23.46 3.24 22.14
N ARG A 188 23.77 4.51 22.38
CA ARG A 188 23.21 5.22 23.51
C ARG A 188 21.68 5.35 23.37
N LEU A 189 21.17 5.15 22.16
CA LEU A 189 19.72 5.20 21.96
C LEU A 189 19.06 3.85 22.28
N GLY A 190 19.87 2.84 22.56
CA GLY A 190 19.34 1.55 23.02
C GLY A 190 18.40 0.91 22.02
N ASP A 191 17.27 0.38 22.48
CA ASP A 191 16.40 -0.35 21.55
C ASP A 191 15.44 0.57 20.80
N TRP A 192 15.69 1.88 20.85
CA TRP A 192 14.97 2.78 19.95
C TRP A 192 15.19 2.35 18.51
N TRP A 193 16.37 1.80 18.24
CA TRP A 193 16.70 1.38 16.89
C TRP A 193 15.78 0.28 16.35
N GLN A 194 15.18 -0.48 17.25
CA GLN A 194 14.26 -1.54 16.85
C GLN A 194 12.80 -1.15 17.04
N ASP A 195 12.59 0.08 17.50
CA ASP A 195 11.27 0.60 17.82
C ASP A 195 10.58 1.15 16.59
N ASP A 196 9.29 1.45 16.68
CA ASP A 196 8.59 2.05 15.56
C ASP A 196 8.02 3.40 15.91
N LYS A 197 8.40 3.91 17.08
CA LYS A 197 7.92 5.20 17.55
C LYS A 197 9.04 6.22 17.57
N PRO A 198 8.69 7.51 17.62
CA PRO A 198 9.74 8.53 17.83
C PRO A 198 10.40 8.39 19.20
N TRP A 199 11.62 8.93 19.31
CA TRP A 199 12.31 9.00 20.59
C TRP A 199 11.57 9.94 21.53
N LEU A 200 11.25 11.12 21.03
CA LEU A 200 10.38 12.06 21.74
C LEU A 200 9.04 12.17 21.00
N ARG A 201 7.95 11.80 21.67
CA ARG A 201 6.62 11.98 21.08
C ARG A 201 6.04 13.31 21.52
N GLU A 202 6.00 14.25 20.57
CA GLU A 202 5.47 15.59 20.80
C GLU A 202 4.53 15.85 19.65
N ALA A 203 3.23 15.67 19.87
CA ALA A 203 2.28 15.73 18.77
C ALA A 203 1.02 16.47 19.12
N PRO A 204 1.16 17.73 19.54
CA PRO A 204 -0.03 18.53 19.81
C PRO A 204 -0.85 18.75 18.53
N ARG A 205 -2.17 18.70 18.65
CA ARG A 205 -3.05 18.91 17.51
C ARG A 205 -3.64 20.31 17.53
N LEU A 206 -3.80 20.90 16.35
CA LEU A 206 -4.34 22.25 16.23
C LEU A 206 -5.73 22.19 15.63
N GLU A 207 -6.73 22.67 16.36
CA GLU A 207 -8.09 22.54 15.90
C GLU A 207 -9.01 23.54 16.57
N SER A 208 -9.90 24.13 15.78
CA SER A 208 -10.90 25.03 16.34
C SER A 208 -11.97 24.23 17.06
N GLU A 209 -12.58 24.85 18.05
CA GLU A 209 -13.64 24.20 18.79
C GLU A 209 -14.90 24.25 17.92
N LYS A 210 -15.83 23.33 18.18
CA LYS A 210 -17.13 23.37 17.49
C LYS A 210 -17.88 24.66 17.82
N GLN A 211 -18.58 25.18 16.81
CA GLN A 211 -19.36 26.39 16.96
C GLN A 211 -20.71 26.08 17.60
N ARG A 212 -20.90 26.51 18.84
CA ARG A 212 -22.09 26.11 19.60
C ARG A 212 -23.38 26.73 19.11
N ASP A 213 -23.27 27.77 18.29
CA ASP A 213 -24.45 28.44 17.76
C ASP A 213 -24.75 28.04 16.32
N TRP A 214 -24.17 26.92 15.88
CA TRP A 214 -24.41 26.43 14.54
C TRP A 214 -25.89 26.09 14.33
N PHE A 215 -26.53 25.56 15.36
CA PHE A 215 -27.91 25.14 15.23
C PHE A 215 -28.83 26.35 15.07
N PHE A 216 -28.36 27.52 15.52
CA PHE A 216 -29.05 28.79 15.24
C PHE A 216 -28.76 29.19 13.79
N TRP A 217 -27.49 29.20 13.41
CA TRP A 217 -27.14 29.73 12.09
C TRP A 217 -27.61 28.86 10.93
N ARG A 218 -27.74 27.56 11.13
CA ARG A 218 -28.10 26.69 10.00
C ARG A 218 -29.56 26.93 9.58
N GLN A 219 -30.30 27.65 10.39
CA GLN A 219 -31.69 27.97 10.08
C GLN A 219 -31.80 29.16 9.15
N LYS A 220 -30.70 29.88 8.99
CA LYS A 220 -30.71 31.09 8.17
C LYS A 220 -30.51 30.78 6.68
N ARG A 221 -30.69 31.80 5.85
CA ARG A 221 -30.42 31.65 4.42
C ARG A 221 -28.92 31.69 4.19
N GLY A 222 -28.32 30.52 3.94
CA GLY A 222 -26.88 30.45 3.74
C GLY A 222 -26.47 30.07 2.33
N VAL A 223 -25.19 30.27 2.05
CA VAL A 223 -24.56 29.83 0.81
C VAL A 223 -23.36 28.97 1.19
N VAL A 224 -23.18 27.86 0.49
CA VAL A 224 -22.00 27.03 0.69
C VAL A 224 -21.05 27.25 -0.48
N VAL A 225 -19.81 27.58 -0.17
CA VAL A 225 -18.78 27.73 -1.22
C VAL A 225 -17.75 26.62 -0.98
N ALA A 226 -17.50 25.80 -1.98
CA ALA A 226 -16.56 24.68 -1.84
C ALA A 226 -15.32 24.92 -2.65
N GLY A 227 -14.18 25.08 -1.98
CA GLY A 227 -12.89 25.21 -2.64
C GLY A 227 -12.14 23.89 -2.65
N ARG A 228 -10.81 23.93 -2.61
CA ARG A 228 -10.00 22.72 -2.65
C ARG A 228 -10.17 21.89 -1.37
N MET A 229 -10.46 20.60 -1.54
CA MET A 229 -10.64 19.67 -0.42
C MET A 229 -10.39 18.28 -0.98
N SER A 230 -10.51 17.23 -0.17
CA SER A 230 -10.27 15.87 -0.69
C SER A 230 -11.46 15.41 -1.50
N ALA A 231 -11.28 14.37 -2.32
CA ALA A 231 -12.37 13.82 -3.11
C ALA A 231 -13.54 13.39 -2.23
N GLU A 232 -13.22 12.73 -1.11
CA GLU A 232 -14.30 12.26 -0.22
C GLU A 232 -15.01 13.42 0.45
N GLU A 233 -14.26 14.46 0.80
CA GLU A 233 -14.85 15.67 1.39
C GLU A 233 -15.80 16.37 0.41
N GLY A 234 -15.45 16.38 -0.88
CA GLY A 234 -16.32 16.98 -1.87
C GLY A 234 -17.67 16.32 -1.86
N LYS A 235 -17.70 14.98 -1.82
CA LYS A 235 -18.98 14.26 -1.80
C LYS A 235 -19.77 14.59 -0.55
N LYS A 236 -19.08 14.68 0.57
CA LYS A 236 -19.77 14.96 1.83
C LYS A 236 -20.33 16.38 1.85
N VAL A 237 -19.57 17.33 1.32
CA VAL A 237 -20.04 18.71 1.27
C VAL A 237 -21.24 18.83 0.38
N ALA A 238 -21.24 18.11 -0.74
CA ALA A 238 -22.39 18.15 -1.65
C ALA A 238 -23.67 17.67 -0.95
N LEU A 239 -23.58 16.57 -0.20
CA LEU A 239 -24.77 16.03 0.48
C LEU A 239 -25.21 16.98 1.59
N TRP A 240 -24.25 17.53 2.29
CA TRP A 240 -24.52 18.46 3.38
C TRP A 240 -25.24 19.72 2.90
N ALA A 241 -24.73 20.35 1.83
CA ALA A 241 -25.37 21.55 1.29
C ALA A 241 -26.78 21.25 0.82
N GLN A 242 -26.96 20.12 0.15
CA GLN A 242 -28.28 19.76 -0.36
C GLN A 242 -29.30 19.61 0.77
N THR A 243 -28.87 18.98 1.85
CA THR A 243 -29.72 18.77 3.01
C THR A 243 -30.10 20.12 3.65
N LEU A 244 -29.13 21.03 3.72
CA LEU A 244 -29.38 22.37 4.27
C LEU A 244 -30.36 23.19 3.43
N GLY A 245 -30.48 22.83 2.15
CA GLY A 245 -31.27 23.63 1.22
C GLY A 245 -30.53 24.89 0.79
N TRP A 246 -29.19 24.89 0.94
CA TRP A 246 -28.36 26.02 0.54
C TRP A 246 -27.72 25.79 -0.82
N PRO A 247 -27.66 26.84 -1.65
CA PRO A 247 -26.99 26.71 -2.95
C PRO A 247 -25.51 26.40 -2.74
N LEU A 248 -24.97 25.48 -3.54
CA LEU A 248 -23.57 25.10 -3.45
C LEU A 248 -22.82 25.64 -4.67
N ILE A 249 -21.89 26.55 -4.44
CA ILE A 249 -20.99 27.02 -5.50
C ILE A 249 -19.71 26.21 -5.36
N GLY A 250 -19.47 25.30 -6.32
CA GLY A 250 -18.41 24.32 -6.22
C GLY A 250 -17.28 24.65 -7.17
N ASP A 251 -16.07 24.76 -6.64
CA ASP A 251 -14.90 25.01 -7.44
C ASP A 251 -14.49 23.77 -8.24
N VAL A 252 -13.73 23.97 -9.31
CA VAL A 252 -13.17 22.83 -10.03
C VAL A 252 -12.34 21.95 -9.10
N LEU A 253 -11.75 22.54 -8.06
CA LEU A 253 -10.91 21.79 -7.13
C LEU A 253 -11.69 21.09 -5.99
N SER A 254 -13.02 21.20 -6.00
CA SER A 254 -13.82 20.72 -4.87
C SER A 254 -14.29 19.26 -4.95
N GLN A 255 -14.44 18.72 -6.16
CA GLN A 255 -14.95 17.37 -6.36
C GLN A 255 -16.35 17.18 -5.75
N THR A 256 -17.13 18.26 -5.76
CA THR A 256 -18.51 18.22 -5.22
C THR A 256 -19.52 17.75 -6.27
N GLY A 257 -19.08 17.66 -7.53
CA GLY A 257 -20.00 17.38 -8.63
C GLY A 257 -20.63 18.64 -9.19
N GLN A 258 -20.33 19.78 -8.57
CA GLN A 258 -20.77 21.10 -9.06
C GLN A 258 -22.23 21.13 -9.53
N PRO A 259 -23.17 20.92 -8.61
CA PRO A 259 -24.60 20.89 -8.91
C PRO A 259 -25.14 22.22 -9.50
N LEU A 260 -24.43 23.31 -9.32
CA LEU A 260 -24.75 24.58 -9.98
C LEU A 260 -23.59 24.98 -10.87
N PRO A 261 -23.39 24.24 -11.96
CA PRO A 261 -22.17 24.36 -12.76
C PRO A 261 -22.07 25.70 -13.48
N CYS A 262 -20.90 26.00 -14.03
CA CYS A 262 -20.66 27.22 -14.79
C CYS A 262 -20.87 28.47 -13.95
N ALA A 263 -20.53 28.40 -12.67
CA ALA A 263 -20.65 29.57 -11.80
C ALA A 263 -19.89 30.79 -12.33
N ASP A 264 -18.73 30.58 -12.99
CA ASP A 264 -17.97 31.72 -13.50
C ASP A 264 -18.81 32.48 -14.52
N LEU A 265 -19.81 31.81 -15.07
CA LEU A 265 -20.72 32.46 -16.01
C LEU A 265 -21.97 33.00 -15.32
N TRP A 266 -22.69 32.17 -14.57
CA TRP A 266 -23.99 32.66 -14.08
C TRP A 266 -23.85 33.69 -12.95
N LEU A 267 -22.70 33.71 -12.28
CA LEU A 267 -22.46 34.74 -11.26
C LEU A 267 -22.35 36.12 -11.88
N GLY A 268 -22.18 36.16 -13.21
CA GLY A 268 -22.13 37.40 -13.96
C GLY A 268 -23.50 37.97 -14.26
N ASN A 269 -24.53 37.19 -13.93
CA ASN A 269 -25.91 37.59 -14.16
C ASN A 269 -26.51 38.30 -12.93
N ALA A 270 -27.06 39.49 -13.14
CA ALA A 270 -27.57 40.31 -12.02
C ALA A 270 -28.66 39.59 -11.23
N LYS A 271 -29.40 38.70 -11.89
CA LYS A 271 -30.46 37.98 -11.20
C LYS A 271 -29.89 37.07 -10.12
N ALA A 272 -28.72 36.50 -10.42
CA ALA A 272 -28.03 35.64 -9.47
C ALA A 272 -27.47 36.42 -8.29
N THR A 273 -26.78 37.52 -8.57
CA THR A 273 -26.17 38.30 -7.49
C THR A 273 -27.26 38.93 -6.61
N SER A 274 -28.39 39.27 -7.22
CA SER A 274 -29.53 39.80 -6.46
C SER A 274 -30.07 38.76 -5.49
N GLU A 275 -30.17 37.52 -5.96
CA GLU A 275 -30.67 36.46 -5.10
C GLU A 275 -29.67 36.17 -3.98
N LEU A 276 -28.38 36.21 -4.30
CA LEU A 276 -27.36 35.90 -3.30
C LEU A 276 -27.27 36.99 -2.23
N GLN A 277 -27.78 38.18 -2.52
CA GLN A 277 -27.82 39.24 -1.51
C GLN A 277 -28.72 38.88 -0.33
N GLN A 278 -29.58 37.88 -0.52
CA GLN A 278 -30.44 37.45 0.56
C GLN A 278 -29.71 36.53 1.57
N ALA A 279 -28.51 36.09 1.23
CA ALA A 279 -27.76 35.22 2.13
C ALA A 279 -27.30 35.96 3.40
N GLN A 280 -27.59 35.37 4.56
CA GLN A 280 -27.22 35.94 5.85
C GLN A 280 -25.90 35.36 6.37
N ILE A 281 -25.56 34.19 5.87
CA ILE A 281 -24.28 33.56 6.19
C ILE A 281 -23.69 32.90 4.95
N VAL A 282 -22.36 32.96 4.82
CA VAL A 282 -21.69 32.15 3.82
C VAL A 282 -20.75 31.20 4.55
N VAL A 283 -20.87 29.91 4.29
CA VAL A 283 -19.92 28.94 4.85
C VAL A 283 -19.08 28.40 3.72
N GLN A 284 -17.81 28.76 3.74
CA GLN A 284 -16.87 28.33 2.72
C GLN A 284 -16.02 27.21 3.31
N LEU A 285 -15.93 26.09 2.59
CA LEU A 285 -15.06 24.99 2.98
C LEU A 285 -14.00 24.79 1.90
N GLY A 286 -12.74 24.77 2.31
CA GLY A 286 -11.64 24.76 1.35
C GLY A 286 -11.29 26.17 0.93
N SER A 287 -10.25 26.33 0.12
CA SER A 287 -9.85 27.67 -0.29
C SER A 287 -9.18 27.62 -1.66
N SER A 288 -8.42 28.65 -2.01
CA SER A 288 -7.81 28.77 -3.35
C SER A 288 -8.87 28.71 -4.44
N LEU A 289 -9.90 29.55 -4.29
CA LEU A 289 -10.97 29.63 -5.28
C LEU A 289 -10.41 30.09 -6.64
N THR A 290 -10.94 29.49 -7.70
CA THR A 290 -10.37 29.61 -9.04
C THR A 290 -10.92 30.75 -9.89
N GLY A 291 -12.25 30.87 -9.95
CA GLY A 291 -12.91 31.73 -10.91
C GLY A 291 -12.92 33.21 -10.59
N LYS A 292 -12.85 34.05 -11.63
CA LYS A 292 -12.82 35.49 -11.38
C LYS A 292 -14.16 35.96 -10.83
N ARG A 293 -15.25 35.47 -11.41
CA ARG A 293 -16.60 35.88 -10.97
C ARG A 293 -16.86 35.47 -9.52
N LEU A 294 -16.41 34.27 -9.14
CA LEU A 294 -16.56 33.81 -7.76
C LEU A 294 -15.72 34.69 -6.83
N LEU A 295 -14.48 34.97 -7.20
CA LEU A 295 -13.64 35.82 -6.36
C LEU A 295 -14.23 37.22 -6.24
N GLN A 296 -14.84 37.72 -7.31
CA GLN A 296 -15.48 39.03 -7.26
C GLN A 296 -16.74 39.01 -6.41
N TRP A 297 -17.53 37.95 -6.51
CA TRP A 297 -18.72 37.85 -5.68
C TRP A 297 -18.33 37.74 -4.21
N GLN A 298 -17.35 36.90 -3.90
CA GLN A 298 -16.87 36.78 -2.53
C GLN A 298 -16.47 38.16 -2.00
N ALA A 299 -15.74 38.92 -2.80
CA ALA A 299 -15.27 40.22 -2.36
C ALA A 299 -16.41 41.21 -2.09
N SER A 300 -17.50 41.11 -2.85
CA SER A 300 -18.58 42.07 -2.79
C SER A 300 -19.70 41.70 -1.81
N CYS A 301 -19.82 40.42 -1.50
CA CYS A 301 -20.95 39.97 -0.69
C CYS A 301 -20.84 40.48 0.75
N GLU A 302 -21.99 40.70 1.39
CA GLU A 302 -22.01 41.24 2.75
C GLU A 302 -22.97 40.47 3.65
N PRO A 303 -22.69 39.18 3.89
CA PRO A 303 -23.47 38.41 4.87
C PRO A 303 -23.18 38.92 6.27
N GLU A 304 -24.06 38.60 7.22
CA GLU A 304 -23.84 38.93 8.61
C GLU A 304 -22.53 38.28 9.07
N GLU A 305 -22.32 37.03 8.65
CA GLU A 305 -21.07 36.33 8.95
C GLU A 305 -20.54 35.50 7.78
N TYR A 306 -19.20 35.48 7.67
CA TYR A 306 -18.52 34.70 6.65
C TYR A 306 -17.62 33.69 7.38
N TRP A 307 -17.82 32.40 7.15
CA TRP A 307 -16.98 31.38 7.78
C TRP A 307 -16.11 30.68 6.73
N ILE A 308 -14.85 30.45 7.05
CA ILE A 308 -14.02 29.57 6.24
C ILE A 308 -13.48 28.41 7.06
N VAL A 309 -13.86 27.21 6.65
CA VAL A 309 -13.41 25.96 7.25
C VAL A 309 -12.34 25.31 6.36
N ASP A 310 -11.17 25.03 6.92
CA ASP A 310 -10.09 24.40 6.17
C ASP A 310 -9.03 23.93 7.16
N ASP A 311 -8.22 22.96 6.74
N ASP A 311 -8.20 22.97 6.76
CA ASP A 311 -7.22 22.39 7.64
CA ASP A 311 -7.23 22.44 7.71
C ASP A 311 -5.87 23.10 7.55
C ASP A 311 -5.88 23.15 7.60
N ILE A 312 -5.80 24.17 6.76
CA ILE A 312 -4.61 24.97 6.75
C ILE A 312 -4.87 26.23 7.56
N GLU A 313 -3.80 26.82 8.09
CA GLU A 313 -3.88 27.88 9.07
C GLU A 313 -3.95 29.27 8.46
N GLY A 314 -4.36 30.23 9.28
CA GLY A 314 -4.27 31.63 8.92
C GLY A 314 -5.49 32.15 8.20
N ARG A 315 -5.53 33.45 7.97
N ARG A 315 -5.51 33.45 7.95
CA ARG A 315 -6.68 34.01 7.25
CA ARG A 315 -6.60 34.07 7.21
C ARG A 315 -6.68 33.51 5.81
C ARG A 315 -6.67 33.51 5.79
N LEU A 316 -7.87 33.25 5.31
CA LEU A 316 -8.06 32.69 3.97
C LEU A 316 -9.08 33.47 3.14
N ASP A 317 -9.60 34.55 3.73
CA ASP A 317 -10.56 35.43 3.07
C ASP A 317 -9.88 36.72 2.63
N PRO A 318 -9.59 36.84 1.31
CA PRO A 318 -8.86 38.03 0.86
C PRO A 318 -9.72 39.30 0.86
N ALA A 319 -10.99 39.19 1.24
CA ALA A 319 -11.87 40.36 1.37
C ALA A 319 -12.11 40.77 2.85
N HIS A 320 -11.53 40.00 3.76
CA HIS A 320 -11.49 40.36 5.17
C HIS A 320 -12.86 40.56 5.81
N HIS A 321 -13.80 39.68 5.49
CA HIS A 321 -15.14 39.74 6.10
C HIS A 321 -15.15 39.55 7.61
N ARG A 322 -16.13 40.17 8.24
CA ARG A 322 -16.50 39.85 9.61
C ARG A 322 -16.95 38.39 9.66
N GLY A 323 -16.40 37.61 10.58
CA GLY A 323 -16.76 36.20 10.60
C GLY A 323 -15.79 35.32 11.34
N ARG A 324 -15.60 34.12 10.80
CA ARG A 324 -14.87 33.09 11.52
C ARG A 324 -13.92 32.35 10.59
N ARG A 325 -12.77 31.98 11.16
CA ARG A 325 -11.74 31.23 10.45
C ARG A 325 -11.54 29.98 11.30
N LEU A 326 -12.03 28.86 10.77
CA LEU A 326 -12.14 27.64 11.55
C LEU A 326 -11.19 26.58 11.02
N ILE A 327 -10.22 26.19 11.85
CA ILE A 327 -9.21 25.23 11.46
C ILE A 327 -9.65 23.83 11.85
N ALA A 328 -9.86 23.00 10.83
CA ALA A 328 -10.41 21.66 11.06
C ALA A 328 -10.27 20.80 9.83
N ASN A 329 -10.21 19.49 10.03
CA ASN A 329 -10.43 18.56 8.94
C ASN A 329 -11.87 18.72 8.48
N ILE A 330 -12.10 18.93 7.18
CA ILE A 330 -13.45 19.27 6.72
C ILE A 330 -14.49 18.17 7.00
N ALA A 331 -14.13 16.91 6.79
CA ALA A 331 -15.05 15.81 7.08
C ALA A 331 -15.41 15.79 8.56
N ASP A 332 -14.40 15.90 9.41
CA ASP A 332 -14.62 15.98 10.86
C ASP A 332 -15.51 17.17 11.20
N TRP A 333 -15.27 18.31 10.54
CA TRP A 333 -16.03 19.53 10.84
C TRP A 333 -17.51 19.35 10.53
N LEU A 334 -17.79 18.68 9.42
CA LEU A 334 -19.17 18.44 9.00
C LEU A 334 -19.91 17.52 9.99
N GLU A 335 -19.20 16.58 10.59
CA GLU A 335 -19.87 15.71 11.56
C GLU A 335 -20.24 16.51 12.81
N LEU A 336 -19.42 17.48 13.15
CA LEU A 336 -19.64 18.33 14.33
C LEU A 336 -20.69 19.42 14.10
N HIS A 337 -20.94 19.74 12.84
CA HIS A 337 -21.91 20.76 12.46
C HIS A 337 -22.84 20.20 11.39
N PRO A 338 -23.68 19.24 11.77
CA PRO A 338 -24.51 18.50 10.83
C PRO A 338 -25.64 19.32 10.24
N ALA A 339 -26.11 18.90 9.06
CA ALA A 339 -27.26 19.53 8.42
C ALA A 339 -28.58 18.94 8.88
N GLU A 340 -29.63 19.73 8.88
CA GLU A 340 -30.94 19.14 9.06
C GLU A 340 -31.75 19.52 7.84
N LYS A 341 -32.58 18.60 7.36
CA LYS A 341 -33.32 18.82 6.13
C LYS A 341 -34.16 20.09 6.22
N ARG A 342 -33.94 21.01 5.29
CA ARG A 342 -34.70 22.25 5.25
C ARG A 342 -35.02 22.60 3.79
N GLN A 343 -36.16 23.24 3.58
CA GLN A 343 -36.57 23.64 2.22
C GLN A 343 -35.57 24.63 1.62
N PRO A 344 -35.15 24.37 0.36
CA PRO A 344 -34.24 25.28 -0.35
C PRO A 344 -34.84 26.68 -0.49
N TRP A 345 -33.99 27.69 -0.35
CA TRP A 345 -34.47 29.06 -0.41
C TRP A 345 -34.18 29.71 -1.76
N CYS A 346 -33.29 29.12 -2.55
CA CYS A 346 -32.99 29.66 -3.88
C CYS A 346 -33.96 29.18 -4.94
N VAL A 347 -34.38 30.08 -5.81
CA VAL A 347 -35.28 29.71 -6.90
C VAL A 347 -34.73 30.10 -8.26
N GLU A 348 -34.03 31.23 -8.33
CA GLU A 348 -33.56 31.76 -9.61
C GLU A 348 -32.28 31.10 -10.11
N ILE A 349 -31.38 30.83 -9.19
CA ILE A 349 -30.03 30.39 -9.58
C ILE A 349 -30.00 28.99 -10.20
N PRO A 350 -30.77 28.03 -9.66
CA PRO A 350 -30.72 26.71 -10.31
C PRO A 350 -31.11 26.76 -11.78
N ARG A 351 -32.09 27.60 -12.11
CA ARG A 351 -32.51 27.80 -13.49
C ARG A 351 -31.39 28.42 -14.33
N LEU A 352 -30.78 29.47 -13.81
CA LEU A 352 -29.70 30.17 -14.49
C LEU A 352 -28.52 29.25 -14.75
N ALA A 353 -28.20 28.42 -13.77
CA ALA A 353 -27.07 27.50 -13.94
C ALA A 353 -27.33 26.50 -15.06
N GLU A 354 -28.54 25.99 -15.16
CA GLU A 354 -28.86 25.05 -16.23
C GLU A 354 -28.75 25.74 -17.59
N GLN A 355 -29.28 26.96 -17.66
CA GLN A 355 -29.21 27.75 -18.90
C GLN A 355 -27.76 28.06 -19.28
N ALA A 356 -26.92 28.33 -18.28
CA ALA A 356 -25.51 28.61 -18.55
C ALA A 356 -24.87 27.38 -19.16
N MET A 357 -25.10 26.21 -18.56
CA MET A 357 -24.53 24.98 -19.09
C MET A 357 -25.03 24.70 -20.51
N GLN A 358 -26.32 24.97 -20.76
CA GLN A 358 -26.87 24.77 -22.09
C GLN A 358 -26.15 25.67 -23.11
N ALA A 359 -25.84 26.89 -22.69
CA ALA A 359 -25.11 27.81 -23.57
C ALA A 359 -23.73 27.25 -23.92
N VAL A 360 -23.06 26.62 -22.97
CA VAL A 360 -21.75 26.05 -23.25
C VAL A 360 -21.89 24.83 -24.16
N ILE A 361 -22.87 23.99 -23.85
CA ILE A 361 -23.12 22.79 -24.65
C ILE A 361 -23.41 23.17 -26.11
N ALA A 362 -24.09 24.29 -26.33
CA ALA A 362 -24.39 24.73 -27.69
C ALA A 362 -23.13 25.01 -28.51
N ARG A 363 -22.02 25.27 -27.82
CA ARG A 363 -20.78 25.64 -28.48
C ARG A 363 -19.69 24.56 -28.35
N ARG A 364 -20.11 23.31 -28.16
CA ARG A 364 -19.18 22.22 -27.84
C ARG A 364 -18.37 21.68 -29.02
N ASP A 365 -18.75 22.03 -30.24
CA ASP A 365 -18.24 21.35 -31.44
C ASP A 365 -16.86 21.81 -31.93
N ALA A 366 -16.57 23.10 -31.85
CA ALA A 366 -15.30 23.62 -32.34
C ALA A 366 -14.14 22.89 -31.66
N PHE A 367 -13.09 22.61 -32.42
CA PHE A 367 -11.93 21.92 -31.87
C PHE A 367 -10.97 22.89 -31.21
N GLY A 368 -11.38 23.45 -30.07
CA GLY A 368 -10.57 24.43 -29.36
C GLY A 368 -10.38 24.12 -27.89
N GLU A 369 -9.58 24.92 -27.20
CA GLU A 369 -9.29 24.63 -25.79
C GLU A 369 -10.51 24.87 -24.88
N ALA A 370 -11.39 25.80 -25.24
CA ALA A 370 -12.60 25.99 -24.44
C ALA A 370 -13.46 24.72 -24.50
N GLN A 371 -13.58 24.17 -25.69
CA GLN A 371 -14.38 22.98 -25.91
C GLN A 371 -13.75 21.76 -25.26
N LEU A 372 -12.42 21.66 -25.31
CA LEU A 372 -11.72 20.58 -24.64
C LEU A 372 -12.01 20.62 -23.14
N ALA A 373 -11.91 21.81 -22.56
CA ALA A 373 -12.20 22.00 -21.13
C ALA A 373 -13.63 21.59 -20.79
N HIS A 374 -14.57 22.08 -21.58
CA HIS A 374 -15.98 21.72 -21.36
C HIS A 374 -16.20 20.20 -21.39
N ARG A 375 -15.53 19.53 -22.33
CA ARG A 375 -15.76 18.10 -22.54
C ARG A 375 -14.84 17.20 -21.73
N ILE A 376 -14.03 17.77 -20.87
CA ILE A 376 -12.94 16.98 -20.30
C ILE A 376 -13.45 15.79 -19.49
N CYS A 377 -14.67 15.85 -18.96
N CYS A 377 -14.70 15.88 -19.01
CA CYS A 377 -15.20 14.71 -18.22
CA CYS A 377 -15.33 14.81 -18.23
C CYS A 377 -15.25 13.46 -19.08
C CYS A 377 -15.60 13.56 -19.07
N ASP A 378 -15.41 13.65 -20.39
CA ASP A 378 -15.52 12.51 -21.28
C ASP A 378 -14.21 11.77 -21.42
N TYR A 379 -13.12 12.36 -20.94
CA TYR A 379 -11.80 11.77 -21.14
C TYR A 379 -11.11 11.38 -19.84
N LEU A 380 -11.79 11.54 -18.72
N LEU A 380 -11.78 11.57 -18.71
CA LEU A 380 -11.21 11.18 -17.43
CA LEU A 380 -11.23 11.14 -17.44
C LEU A 380 -11.02 9.65 -17.38
C LEU A 380 -11.00 9.63 -17.45
N PRO A 381 -9.81 9.20 -17.01
CA PRO A 381 -9.54 7.76 -16.94
C PRO A 381 -10.35 7.11 -15.82
N GLU A 382 -10.87 5.92 -16.06
CA GLU A 382 -11.63 5.24 -15.02
C GLU A 382 -10.76 4.91 -13.81
N GLN A 383 -11.27 5.22 -12.62
CA GLN A 383 -10.55 4.99 -11.36
C GLN A 383 -9.23 5.76 -11.33
N GLY A 384 -9.20 6.90 -12.00
CA GLY A 384 -7.98 7.68 -12.10
C GLY A 384 -8.08 9.01 -11.37
N GLN A 385 -7.22 9.94 -11.77
CA GLN A 385 -7.15 11.26 -11.14
C GLN A 385 -6.79 12.29 -12.20
N LEU A 386 -7.18 13.52 -11.97
CA LEU A 386 -6.91 14.63 -12.87
C LEU A 386 -5.93 15.58 -12.22
N PHE A 387 -4.87 15.97 -12.96
CA PHE A 387 -4.01 17.04 -12.51
C PHE A 387 -4.20 18.22 -13.43
N VAL A 388 -4.69 19.33 -12.90
N VAL A 388 -4.65 19.33 -12.89
CA VAL A 388 -4.95 20.50 -13.74
CA VAL A 388 -4.92 20.48 -13.69
C VAL A 388 -3.87 21.56 -13.58
C VAL A 388 -3.86 21.57 -13.56
N GLY A 389 -3.32 22.01 -14.70
CA GLY A 389 -2.29 23.02 -14.66
C GLY A 389 -2.88 24.39 -14.42
N ASN A 390 -2.01 25.38 -14.35
CA ASN A 390 -2.43 26.75 -14.10
C ASN A 390 -2.61 27.57 -15.38
N SER A 391 -3.05 28.81 -15.20
CA SER A 391 -3.40 29.74 -16.28
C SER A 391 -4.77 29.41 -16.87
N LEU A 392 -4.92 29.36 -18.20
CA LEU A 392 -6.27 29.20 -18.76
C LEU A 392 -6.94 27.84 -18.47
N VAL A 393 -6.19 26.74 -18.44
CA VAL A 393 -6.86 25.45 -18.32
C VAL A 393 -7.68 25.32 -17.04
N VAL A 394 -7.14 25.73 -15.90
CA VAL A 394 -7.92 25.57 -14.66
C VAL A 394 -9.15 26.49 -14.71
N ARG A 395 -8.99 27.67 -15.30
N ARG A 395 -8.96 27.65 -15.32
CA ARG A 395 -10.10 28.60 -15.42
CA ARG A 395 -10.04 28.62 -15.44
C ARG A 395 -11.18 28.10 -16.37
C ARG A 395 -11.16 28.13 -16.38
N LEU A 396 -10.77 27.53 -17.50
CA LEU A 396 -11.73 27.05 -18.49
C LEU A 396 -12.48 25.81 -18.01
N ILE A 397 -11.78 24.88 -17.36
CA ILE A 397 -12.47 23.72 -16.81
C ILE A 397 -13.44 24.19 -15.72
N ASP A 398 -12.99 25.09 -14.85
CA ASP A 398 -13.87 25.60 -13.79
C ASP A 398 -15.13 26.28 -14.31
N ALA A 399 -14.98 27.06 -15.38
CA ALA A 399 -16.08 27.84 -15.93
C ALA A 399 -17.02 27.03 -16.82
N LEU A 400 -16.48 26.02 -17.49
CA LEU A 400 -17.21 25.40 -18.60
C LEU A 400 -17.55 23.93 -18.45
N SER A 401 -16.96 23.26 -17.45
CA SER A 401 -17.16 21.83 -17.27
C SER A 401 -17.84 21.51 -15.93
N GLN A 402 -18.49 20.36 -15.87
CA GLN A 402 -19.06 19.88 -14.62
C GLN A 402 -18.39 18.56 -14.29
N LEU A 403 -17.44 18.59 -13.35
CA LEU A 403 -16.67 17.40 -13.00
C LEU A 403 -17.41 16.50 -12.01
N PRO A 404 -17.21 15.19 -12.12
CA PRO A 404 -17.95 14.24 -11.28
C PRO A 404 -17.63 14.35 -9.79
N ALA A 405 -18.65 14.21 -8.96
CA ALA A 405 -18.45 14.21 -7.52
C ALA A 405 -17.49 13.09 -7.12
N GLY A 406 -16.52 13.42 -6.28
CA GLY A 406 -15.61 12.42 -5.77
C GLY A 406 -14.47 11.98 -6.70
N TYR A 407 -14.42 12.53 -7.91
CA TYR A 407 -13.33 12.22 -8.83
C TYR A 407 -12.10 13.08 -8.48
N PRO A 408 -10.98 12.44 -8.09
CA PRO A 408 -9.87 13.22 -7.53
C PRO A 408 -9.26 14.24 -8.50
N VAL A 409 -9.17 15.48 -8.04
CA VAL A 409 -8.51 16.54 -8.80
C VAL A 409 -7.34 17.10 -7.99
N TYR A 410 -6.19 17.28 -8.64
CA TYR A 410 -5.00 17.84 -7.98
C TYR A 410 -4.46 19.03 -8.75
N SER A 411 -3.72 19.89 -8.06
CA SER A 411 -3.27 21.13 -8.67
C SER A 411 -2.19 21.79 -7.83
N ASN A 412 -1.48 22.75 -8.43
CA ASN A 412 -0.60 23.65 -7.68
C ASN A 412 -1.23 25.05 -7.66
N ALA A 413 -2.33 25.18 -6.92
CA ALA A 413 -3.09 26.43 -6.99
C ALA A 413 -2.88 27.33 -5.78
N GLY A 414 -1.84 27.06 -4.99
CA GLY A 414 -1.52 27.94 -3.88
C GLY A 414 -0.93 29.24 -4.42
N ALA A 415 0.27 29.15 -4.98
CA ALA A 415 0.91 30.29 -5.58
C ALA A 415 0.69 30.31 -7.10
N SER A 416 0.06 29.25 -7.60
CA SER A 416 -0.30 29.09 -9.01
C SER A 416 0.89 29.25 -9.96
N GLY A 417 2.03 28.69 -9.58
CA GLY A 417 3.21 28.74 -10.44
C GLY A 417 3.09 27.87 -11.67
N ILE A 418 3.69 28.33 -12.77
CA ILE A 418 3.75 27.51 -13.97
C ILE A 418 5.12 26.82 -14.08
N ASP A 419 5.86 26.78 -12.99
CA ASP A 419 7.25 26.35 -13.03
C ASP A 419 7.54 24.89 -12.68
N GLY A 420 6.54 24.16 -12.18
CA GLY A 420 6.80 22.79 -11.78
C GLY A 420 5.69 21.79 -12.05
N LEU A 421 4.91 22.04 -13.10
CA LEU A 421 3.67 21.28 -13.25
C LEU A 421 3.90 19.85 -13.75
N LEU A 422 4.90 19.63 -14.59
CA LEU A 422 5.15 18.27 -15.07
C LEU A 422 5.76 17.40 -13.97
N SER A 423 6.74 17.93 -13.25
CA SER A 423 7.37 17.15 -12.19
C SER A 423 6.36 16.91 -11.07
N THR A 424 5.49 17.88 -10.81
CA THR A 424 4.46 17.66 -9.80
C THR A 424 3.52 16.55 -10.24
N ALA A 425 3.13 16.57 -11.51
CA ALA A 425 2.23 15.55 -12.06
C ALA A 425 2.85 14.16 -11.92
N ALA A 426 4.16 14.06 -12.15
CA ALA A 426 4.86 12.79 -11.98
C ALA A 426 4.73 12.25 -10.57
N GLY A 427 4.89 13.14 -9.58
CA GLY A 427 4.77 12.73 -8.19
C GLY A 427 3.36 12.34 -7.81
N VAL A 428 2.40 13.06 -8.35
CA VAL A 428 0.98 12.77 -8.13
C VAL A 428 0.66 11.37 -8.63
N GLN A 429 1.14 11.04 -9.82
CA GLN A 429 0.93 9.70 -10.35
C GLN A 429 1.60 8.63 -9.50
N ARG A 430 2.87 8.82 -9.18
CA ARG A 430 3.61 7.77 -8.47
C ARG A 430 3.02 7.53 -7.10
N ALA A 431 2.52 8.58 -6.46
CA ALA A 431 2.01 8.45 -5.10
C ALA A 431 0.81 7.49 -5.01
N SER A 432 -0.12 7.62 -5.94
CA SER A 432 -1.34 6.83 -5.88
C SER A 432 -1.31 5.59 -6.76
N GLY A 433 -0.45 5.59 -7.78
CA GLY A 433 -0.40 4.50 -8.73
C GLY A 433 -1.60 4.48 -9.66
N LYS A 434 -2.36 5.57 -9.69
CA LYS A 434 -3.57 5.62 -10.52
C LYS A 434 -3.25 6.14 -11.91
N PRO A 435 -4.05 5.71 -12.90
CA PRO A 435 -3.99 6.37 -14.22
C PRO A 435 -4.30 7.86 -14.07
N THR A 436 -3.53 8.69 -14.77
CA THR A 436 -3.55 10.12 -14.53
C THR A 436 -3.71 10.90 -15.82
N LEU A 437 -4.60 11.87 -15.82
CA LEU A 437 -4.71 12.84 -16.90
C LEU A 437 -4.16 14.17 -16.37
N ALA A 438 -3.11 14.68 -17.02
CA ALA A 438 -2.54 15.98 -16.66
C ALA A 438 -2.69 16.92 -17.84
N ILE A 439 -3.14 18.14 -17.59
CA ILE A 439 -3.35 19.11 -18.65
C ILE A 439 -2.65 20.41 -18.32
N VAL A 440 -1.78 20.85 -19.22
CA VAL A 440 -0.99 22.05 -19.00
C VAL A 440 -0.87 22.87 -20.28
N GLY A 441 -0.48 24.14 -20.15
CA GLY A 441 -0.28 25.00 -21.31
C GLY A 441 1.12 24.88 -21.88
N ASP A 442 1.37 25.52 -23.02
CA ASP A 442 2.67 25.35 -23.69
C ASP A 442 3.85 25.99 -22.95
N LEU A 443 3.69 27.20 -22.43
CA LEU A 443 4.78 27.82 -21.68
C LEU A 443 5.03 27.00 -20.41
N SER A 444 3.97 26.49 -19.81
CA SER A 444 4.10 25.61 -18.65
C SER A 444 4.92 24.36 -18.97
N ALA A 445 4.63 23.74 -20.11
CA ALA A 445 5.36 22.55 -20.52
C ALA A 445 6.81 22.88 -20.84
N LEU A 446 7.05 24.04 -21.45
CA LEU A 446 8.43 24.47 -21.72
C LEU A 446 9.20 24.73 -20.44
N TYR A 447 8.53 25.36 -19.47
CA TYR A 447 9.17 25.73 -18.21
C TYR A 447 9.76 24.49 -17.54
N ASP A 448 8.97 23.42 -17.47
CA ASP A 448 9.40 22.20 -16.77
C ASP A 448 9.71 21.09 -17.76
N LEU A 449 10.26 21.45 -18.92
CA LEU A 449 10.45 20.52 -20.01
C LEU A 449 11.26 19.29 -19.62
N ASN A 450 12.30 19.50 -18.82
CA ASN A 450 13.18 18.38 -18.52
C ASN A 450 12.55 17.37 -17.56
N ALA A 451 11.35 17.67 -17.04
CA ALA A 451 10.63 16.72 -16.20
C ALA A 451 10.02 15.59 -17.03
N LEU A 452 10.06 15.72 -18.35
CA LEU A 452 9.67 14.62 -19.20
C LEU A 452 10.56 13.41 -18.92
N ALA A 453 11.79 13.65 -18.42
CA ALA A 453 12.67 12.55 -18.05
C ALA A 453 12.03 11.69 -16.97
N LEU A 454 11.38 12.34 -16.00
CA LEU A 454 10.70 11.66 -14.90
C LEU A 454 9.49 10.89 -15.38
N LEU A 455 8.82 11.42 -16.39
CA LEU A 455 7.56 10.83 -16.87
C LEU A 455 7.87 9.57 -17.69
N ARG A 456 9.16 9.27 -17.86
CA ARG A 456 9.51 7.98 -18.44
C ARG A 456 9.25 6.84 -17.47
N GLN A 457 9.01 7.18 -16.20
CA GLN A 457 8.70 6.17 -15.18
C GLN A 457 7.41 6.50 -14.44
N VAL A 458 6.32 5.90 -14.89
CA VAL A 458 5.03 5.99 -14.23
C VAL A 458 4.49 4.57 -14.02
N SER A 459 3.67 4.37 -13.00
CA SER A 459 3.23 3.02 -12.63
C SER A 459 1.88 2.67 -13.25
N ALA A 460 1.31 3.65 -13.95
CA ALA A 460 0.04 3.49 -14.66
C ALA A 460 0.07 4.50 -15.80
N PRO A 461 -0.82 4.35 -16.79
CA PRO A 461 -0.77 5.33 -17.89
C PRO A 461 -0.98 6.77 -17.41
N LEU A 462 -0.17 7.67 -17.95
CA LEU A 462 -0.34 9.10 -17.72
C LEU A 462 -0.45 9.78 -19.07
N VAL A 463 -1.56 10.47 -19.28
CA VAL A 463 -1.70 11.29 -20.46
C VAL A 463 -1.39 12.73 -20.10
N LEU A 464 -0.41 13.31 -20.79
CA LEU A 464 -0.07 14.70 -20.64
C LEU A 464 -0.59 15.44 -21.86
N ILE A 465 -1.67 16.18 -21.69
CA ILE A 465 -2.15 17.06 -22.74
C ILE A 465 -1.45 18.40 -22.64
N VAL A 466 -0.80 18.80 -23.73
CA VAL A 466 -0.23 20.14 -23.81
C VAL A 466 -1.09 20.96 -24.75
N VAL A 467 -1.77 21.96 -24.19
CA VAL A 467 -2.57 22.86 -24.99
C VAL A 467 -1.62 23.93 -25.54
N ASN A 468 -1.40 23.89 -26.84
CA ASN A 468 -0.45 24.80 -27.47
C ASN A 468 -1.19 25.92 -28.19
N ASN A 469 -1.32 27.08 -27.53
CA ASN A 469 -1.94 28.26 -28.14
C ASN A 469 -0.89 29.35 -28.36
N ASN A 470 0.38 28.92 -28.39
CA ASN A 470 1.50 29.79 -28.78
C ASN A 470 1.63 31.03 -27.90
N GLY A 471 1.93 30.80 -26.63
CA GLY A 471 2.14 31.87 -25.68
C GLY A 471 1.24 31.71 -24.46
N GLY A 472 1.31 32.69 -23.57
CA GLY A 472 0.48 32.70 -22.37
C GLY A 472 -0.82 33.42 -22.64
N GLN A 473 -1.81 32.69 -23.13
CA GLN A 473 -2.99 33.37 -23.67
C GLN A 473 -3.94 33.88 -22.57
N ILE A 474 -3.60 33.61 -21.31
CA ILE A 474 -4.30 34.28 -20.23
C ILE A 474 -4.14 35.81 -20.40
N PHE A 475 -3.06 36.25 -21.03
CA PHE A 475 -2.85 37.68 -21.25
C PHE A 475 -3.62 38.20 -22.45
N SER A 476 -4.37 37.32 -23.11
CA SER A 476 -5.36 37.77 -24.10
C SER A 476 -6.73 37.86 -23.45
N LEU A 477 -6.87 37.24 -22.29
CA LEU A 477 -8.08 37.32 -21.48
C LEU A 477 -8.05 38.56 -20.60
N LEU A 478 -6.93 38.76 -19.91
CA LEU A 478 -6.70 40.00 -19.17
C LEU A 478 -6.62 41.15 -20.16
N PRO A 479 -6.99 42.37 -19.71
CA PRO A 479 -7.01 43.57 -20.57
C PRO A 479 -5.62 44.20 -20.74
N THR A 480 -4.63 43.40 -21.14
CA THR A 480 -3.28 43.91 -21.37
C THR A 480 -3.28 44.80 -22.61
N PRO A 481 -2.36 45.79 -22.67
CA PRO A 481 -2.29 46.71 -23.82
C PRO A 481 -1.84 46.03 -25.12
N GLN A 482 -2.54 46.32 -26.20
CA GLN A 482 -2.35 45.62 -27.46
C GLN A 482 -0.92 45.74 -28.01
N SER A 483 -0.34 46.94 -27.93
CA SER A 483 0.96 47.19 -28.55
C SER A 483 2.11 46.38 -27.90
N GLU A 484 2.04 46.17 -26.59
CA GLU A 484 3.09 45.44 -25.87
C GLU A 484 2.72 43.98 -25.63
N ARG A 485 1.51 43.59 -26.00
CA ARG A 485 1.00 42.28 -25.61
C ARG A 485 1.82 41.08 -26.10
N GLU A 486 2.18 41.04 -27.38
CA GLU A 486 2.87 39.87 -27.90
C GLU A 486 4.29 39.74 -27.33
N ARG A 487 5.06 40.80 -27.39
CA ARG A 487 6.47 40.71 -26.97
C ARG A 487 6.64 40.56 -25.46
N PHE A 488 5.84 41.31 -24.70
CA PHE A 488 6.08 41.44 -23.27
C PHE A 488 5.10 40.66 -22.38
N TYR A 489 4.05 40.08 -22.97
CA TYR A 489 3.10 39.29 -22.20
C TYR A 489 2.94 37.85 -22.71
N LEU A 490 2.45 37.72 -23.94
CA LEU A 490 2.16 36.39 -24.50
C LEU A 490 3.43 35.57 -24.66
N MET A 491 4.47 36.22 -25.15
CA MET A 491 5.77 35.59 -25.41
C MET A 491 5.65 34.24 -26.14
N PRO A 492 5.03 34.26 -27.33
CA PRO A 492 4.98 33.02 -28.12
C PRO A 492 6.38 32.47 -28.36
N GLN A 493 6.54 31.16 -28.23
CA GLN A 493 7.85 30.53 -28.43
C GLN A 493 7.89 29.76 -29.74
N ASN A 494 6.74 29.62 -30.39
CA ASN A 494 6.66 28.98 -31.70
C ASN A 494 7.37 27.63 -31.80
N VAL A 495 6.95 26.71 -30.94
CA VAL A 495 7.49 25.37 -30.92
C VAL A 495 6.37 24.35 -30.97
N HIS A 496 6.74 23.10 -31.22
CA HIS A 496 5.85 21.97 -30.98
C HIS A 496 6.56 21.01 -30.04
N PHE A 497 5.88 19.97 -29.60
CA PHE A 497 6.42 19.12 -28.57
C PHE A 497 6.71 17.69 -29.06
N GLU A 498 6.64 17.50 -30.37
CA GLU A 498 6.91 16.19 -30.94
C GLU A 498 8.35 15.72 -30.69
N HIS A 499 9.32 16.63 -30.86
CA HIS A 499 10.71 16.29 -30.64
C HIS A 499 11.02 16.14 -29.15
N ALA A 500 10.31 16.88 -28.30
CA ALA A 500 10.48 16.70 -26.86
C ALA A 500 10.09 15.29 -26.46
N ALA A 501 8.94 14.85 -26.95
CA ALA A 501 8.49 13.48 -26.66
C ALA A 501 9.49 12.46 -27.20
N ALA A 502 9.97 12.66 -28.42
CA ALA A 502 10.91 11.73 -29.04
C ALA A 502 12.20 11.60 -28.22
N MET A 503 12.67 12.73 -27.69
CA MET A 503 13.93 12.77 -26.94
C MET A 503 13.88 11.83 -25.75
N PHE A 504 12.69 11.76 -25.15
CA PHE A 504 12.49 10.95 -23.95
C PHE A 504 11.72 9.68 -24.23
N GLU A 505 11.64 9.34 -25.51
CA GLU A 505 11.04 8.09 -25.93
C GLU A 505 9.62 7.94 -25.41
N LEU A 506 8.87 9.04 -25.44
CA LEU A 506 7.46 9.03 -25.03
C LEU A 506 6.57 9.03 -26.25
N LYS A 507 5.49 8.23 -26.22
CA LYS A 507 4.51 8.24 -27.28
C LYS A 507 3.93 9.64 -27.44
N TYR A 508 3.61 9.99 -28.69
CA TYR A 508 3.15 11.33 -28.99
C TYR A 508 2.03 11.34 -30.02
N HIS A 509 1.02 12.16 -29.77
CA HIS A 509 -0.07 12.41 -30.72
C HIS A 509 -0.30 13.90 -30.89
N ARG A 510 -0.60 14.31 -32.12
CA ARG A 510 -1.05 15.68 -32.38
C ARG A 510 -2.39 15.63 -33.12
N PRO A 511 -3.47 15.32 -32.38
CA PRO A 511 -4.79 15.12 -33.01
C PRO A 511 -5.34 16.40 -33.62
N GLN A 512 -5.97 16.25 -34.79
CA GLN A 512 -6.46 17.38 -35.58
C GLN A 512 -7.98 17.58 -35.44
N ASN A 513 -8.65 16.61 -34.81
CA ASN A 513 -10.09 16.67 -34.60
C ASN A 513 -10.52 15.79 -33.43
N TRP A 514 -11.81 15.82 -33.09
CA TRP A 514 -12.27 15.07 -31.94
C TRP A 514 -12.07 13.57 -32.11
N GLN A 515 -12.27 13.08 -33.34
CA GLN A 515 -12.11 11.66 -33.59
C GLN A 515 -10.68 11.22 -33.33
N GLU A 516 -9.71 12.00 -33.80
CA GLU A 516 -8.31 11.68 -33.59
C GLU A 516 -7.94 11.79 -32.11
N LEU A 517 -8.54 12.74 -31.39
CA LEU A 517 -8.29 12.86 -29.95
C LEU A 517 -8.78 11.61 -29.20
N GLU A 518 -9.98 11.14 -29.53
CA GLU A 518 -10.54 9.96 -28.87
C GLU A 518 -9.69 8.71 -29.19
N THR A 519 -9.22 8.62 -30.42
CA THR A 519 -8.33 7.53 -30.82
C THR A 519 -7.01 7.58 -30.04
N ALA A 520 -6.46 8.79 -29.87
CA ALA A 520 -5.21 8.95 -29.15
C ALA A 520 -5.38 8.53 -27.68
N PHE A 521 -6.48 8.94 -27.06
CA PHE A 521 -6.75 8.52 -25.69
C PHE A 521 -6.89 7.01 -25.60
N ALA A 522 -7.62 6.42 -26.54
CA ALA A 522 -7.84 4.96 -26.53
C ALA A 522 -6.50 4.22 -26.57
N ASP A 523 -5.58 4.73 -27.37
CA ASP A 523 -4.24 4.17 -27.46
C ASP A 523 -3.48 4.38 -26.14
N ALA A 524 -3.56 5.60 -25.61
CA ALA A 524 -2.74 6.00 -24.47
C ALA A 524 -2.99 5.20 -23.18
N TRP A 525 -4.25 4.89 -22.89
CA TRP A 525 -4.58 4.24 -21.62
C TRP A 525 -4.20 2.76 -21.56
N ARG A 526 -3.67 2.23 -22.65
CA ARG A 526 -3.41 0.80 -22.73
C ARG A 526 -2.18 0.31 -21.97
N THR A 527 -1.21 1.19 -21.74
CA THR A 527 0.06 0.78 -21.12
C THR A 527 0.50 1.73 -20.00
N PRO A 528 1.29 1.20 -19.04
CA PRO A 528 1.74 2.04 -17.92
C PRO A 528 2.88 2.95 -18.33
N THR A 529 2.60 3.83 -19.27
CA THR A 529 3.59 4.78 -19.76
C THR A 529 2.94 6.15 -19.94
N THR A 530 3.78 7.16 -20.13
CA THR A 530 3.29 8.50 -20.39
C THR A 530 3.10 8.74 -21.88
N THR A 531 1.93 9.27 -22.25
CA THR A 531 1.67 9.69 -23.63
C THR A 531 1.52 11.20 -23.66
N VAL A 532 2.22 11.85 -24.59
CA VAL A 532 2.07 13.28 -24.81
C VAL A 532 1.06 13.50 -25.93
N ILE A 533 -0.01 14.23 -25.62
CA ILE A 533 -1.00 14.62 -26.62
C ILE A 533 -0.97 16.13 -26.77
N GLU A 534 -0.51 16.61 -27.93
CA GLU A 534 -0.41 18.05 -28.15
C GLU A 534 -1.64 18.55 -28.87
N MET A 535 -2.39 19.45 -28.23
CA MET A 535 -3.54 20.04 -28.89
C MET A 535 -3.20 21.44 -29.34
N VAL A 536 -3.01 21.58 -30.64
CA VAL A 536 -2.65 22.87 -31.23
C VAL A 536 -3.93 23.61 -31.56
N VAL A 537 -4.08 24.81 -31.00
CA VAL A 537 -5.30 25.60 -31.20
C VAL A 537 -4.97 27.05 -31.57
N ASN A 538 -5.93 27.75 -32.16
CA ASN A 538 -5.75 29.17 -32.51
C ASN A 538 -5.57 30.00 -31.25
N ASP A 539 -4.53 30.84 -31.24
CA ASP A 539 -4.08 31.52 -30.04
C ASP A 539 -5.19 32.08 -29.13
N THR A 540 -6.07 32.93 -29.65
CA THR A 540 -6.99 33.65 -28.78
C THR A 540 -8.41 33.08 -28.70
N ASP A 541 -8.68 31.97 -29.39
CA ASP A 541 -10.04 31.43 -29.41
C ASP A 541 -10.58 31.07 -28.03
N GLY A 542 -9.75 30.47 -27.19
CA GLY A 542 -10.18 30.08 -25.85
C GLY A 542 -10.63 31.28 -25.03
N ALA A 543 -9.78 32.30 -24.99
CA ALA A 543 -10.07 33.51 -24.24
C ALA A 543 -11.33 34.21 -24.75
N GLN A 544 -11.45 34.33 -26.07
CA GLN A 544 -12.59 35.01 -26.65
C GLN A 544 -13.90 34.27 -26.40
N THR A 545 -13.84 32.94 -26.46
CA THR A 545 -15.02 32.11 -26.24
C THR A 545 -15.51 32.26 -24.80
N LEU A 546 -14.57 32.31 -23.86
CA LEU A 546 -14.94 32.52 -22.48
C LEU A 546 -15.63 33.87 -22.32
N GLN A 547 -15.07 34.90 -22.95
CA GLN A 547 -15.63 36.22 -22.89
C GLN A 547 -17.02 36.28 -23.49
N GLN A 548 -17.21 35.60 -24.63
CA GLN A 548 -18.50 35.60 -25.30
C GLN A 548 -19.55 34.88 -24.46
N LEU A 549 -19.17 33.78 -23.84
CA LEU A 549 -20.11 33.04 -23.00
C LEU A 549 -20.48 33.83 -21.75
N LEU A 550 -19.51 34.51 -21.15
CA LEU A 550 -19.81 35.37 -19.99
C LEU A 550 -20.87 36.39 -20.35
N ALA A 551 -20.68 37.07 -21.48
CA ALA A 551 -21.62 38.09 -21.96
C ALA A 551 -23.01 37.50 -22.25
N GLN A 552 -23.04 36.36 -22.91
CA GLN A 552 -24.31 35.72 -23.28
C GLN A 552 -25.13 35.39 -22.05
N VAL A 553 -24.47 34.77 -21.08
CA VAL A 553 -25.14 34.34 -19.85
C VAL A 553 -25.56 35.53 -18.98
N SER A 554 -24.81 36.62 -19.07
CA SER A 554 -25.12 37.81 -18.28
C SER A 554 -26.43 38.44 -18.74
N HIS A 555 -26.88 38.11 -19.94
CA HIS A 555 -28.09 38.69 -20.51
C HIS A 555 -29.33 37.78 -20.38
N LEU A 556 -29.14 36.61 -19.77
CA LEU A 556 -30.25 35.67 -19.57
C LEU A 556 -31.28 36.19 -18.56
N MET B 1 -6.14 60.10 -8.82
CA MET B 1 -7.40 59.42 -9.09
C MET B 1 -7.17 57.99 -9.60
N SER B 2 -6.42 57.85 -10.69
CA SER B 2 -6.22 56.53 -11.30
C SER B 2 -5.05 55.75 -10.70
N VAL B 3 -5.36 54.68 -9.99
CA VAL B 3 -4.35 53.81 -9.39
C VAL B 3 -3.47 53.19 -10.47
N SER B 4 -4.08 52.73 -11.56
CA SER B 4 -3.30 52.10 -12.63
C SER B 4 -2.30 53.10 -13.21
N ALA B 5 -2.74 54.34 -13.37
CA ALA B 5 -1.86 55.37 -13.91
C ALA B 5 -0.72 55.68 -12.95
N PHE B 6 -1.04 55.83 -11.67
CA PHE B 6 -0.01 56.18 -10.72
C PHE B 6 1.00 55.05 -10.55
N ASN B 7 0.51 53.80 -10.56
CA ASN B 7 1.41 52.64 -10.54
C ASN B 7 2.50 52.80 -11.57
N ARG B 8 2.10 53.21 -12.77
CA ARG B 8 3.06 53.31 -13.86
C ARG B 8 4.01 54.50 -13.70
N ARG B 9 3.53 55.59 -13.09
CA ARG B 9 4.36 56.77 -12.81
C ARG B 9 5.42 56.46 -11.76
N TRP B 10 5.01 55.72 -10.73
CA TRP B 10 5.89 55.24 -9.68
C TRP B 10 6.95 54.32 -10.30
N ALA B 11 6.50 53.35 -11.09
CA ALA B 11 7.44 52.45 -11.77
C ALA B 11 8.38 53.20 -12.71
N ALA B 12 7.87 54.21 -13.41
CA ALA B 12 8.70 54.94 -14.37
C ALA B 12 9.90 55.61 -13.70
N VAL B 13 9.67 56.09 -12.49
CA VAL B 13 10.74 56.69 -11.71
C VAL B 13 11.80 55.65 -11.38
N ILE B 14 11.37 54.47 -10.94
CA ILE B 14 12.31 53.42 -10.60
C ILE B 14 13.18 53.07 -11.79
N LEU B 15 12.55 52.86 -12.94
CA LEU B 15 13.31 52.45 -14.12
C LEU B 15 14.21 53.57 -14.67
N GLU B 16 13.72 54.80 -14.71
CA GLU B 16 14.55 55.91 -15.19
C GLU B 16 15.75 56.09 -14.27
N ALA B 17 15.55 55.91 -12.96
CA ALA B 17 16.66 56.04 -12.04
C ALA B 17 17.79 55.07 -12.41
N LEU B 18 17.41 53.85 -12.79
CA LEU B 18 18.40 52.82 -13.08
C LEU B 18 19.27 53.19 -14.28
N THR B 19 18.70 53.90 -15.25
CA THR B 19 19.46 54.30 -16.43
C THR B 19 20.63 55.22 -16.09
N ARG B 20 20.57 55.87 -14.93
CA ARG B 20 21.60 56.81 -14.51
C ARG B 20 22.79 56.10 -13.87
N HIS B 21 22.67 54.78 -13.69
CA HIS B 21 23.73 53.99 -13.09
C HIS B 21 24.28 52.94 -14.05
N GLY B 22 24.08 53.16 -15.34
CA GLY B 22 24.67 52.28 -16.35
C GLY B 22 23.86 51.07 -16.73
N VAL B 23 22.62 50.96 -16.23
CA VAL B 23 21.79 49.82 -16.62
C VAL B 23 21.34 49.98 -18.07
N ARG B 24 21.72 49.04 -18.93
CA ARG B 24 21.30 49.12 -20.33
C ARG B 24 20.43 47.91 -20.68
N HIS B 25 20.83 46.74 -20.20
CA HIS B 25 20.05 45.52 -20.43
C HIS B 25 18.99 45.33 -19.36
N ILE B 26 17.80 44.94 -19.77
CA ILE B 26 16.78 44.55 -18.82
C ILE B 26 16.13 43.25 -19.32
N CYS B 27 16.00 42.26 -18.42
CA CYS B 27 15.47 40.95 -18.74
C CYS B 27 14.11 40.77 -18.11
N ILE B 28 13.11 40.45 -18.93
CA ILE B 28 11.70 40.44 -18.47
C ILE B 28 11.02 39.10 -18.69
N ALA B 29 10.35 38.61 -17.64
CA ALA B 29 9.49 37.43 -17.74
C ALA B 29 8.04 37.89 -17.68
N PRO B 30 7.11 37.07 -18.17
CA PRO B 30 5.71 37.50 -18.29
C PRO B 30 4.94 37.45 -16.97
N GLY B 31 3.98 38.35 -16.87
CA GLY B 31 3.13 38.35 -15.70
C GLY B 31 2.15 39.51 -15.73
N SER B 32 1.20 39.50 -14.81
CA SER B 32 0.24 40.58 -14.73
C SER B 32 0.65 41.56 -13.64
N ARG B 33 1.01 41.05 -12.46
CA ARG B 33 1.35 41.95 -11.34
C ARG B 33 2.56 42.84 -11.67
N SER B 34 3.42 42.36 -12.57
CA SER B 34 4.61 43.11 -12.99
C SER B 34 4.29 44.21 -14.03
N THR B 35 3.04 44.32 -14.42
CA THR B 35 2.64 45.26 -15.49
C THR B 35 3.20 46.69 -15.35
N PRO B 36 3.12 47.31 -14.16
CA PRO B 36 3.64 48.68 -14.05
C PRO B 36 5.14 48.74 -14.35
N LEU B 37 5.90 47.75 -13.90
CA LEU B 37 7.34 47.71 -14.15
C LEU B 37 7.63 47.42 -15.62
N THR B 38 6.93 46.43 -16.15
CA THR B 38 7.16 45.99 -17.51
C THR B 38 6.75 47.04 -18.54
N LEU B 39 5.63 47.72 -18.33
CA LEU B 39 5.24 48.78 -19.26
C LEU B 39 6.18 49.99 -19.16
N ALA B 40 6.59 50.32 -17.94
CA ALA B 40 7.54 51.40 -17.77
C ALA B 40 8.83 51.07 -18.48
N ALA B 41 9.27 49.81 -18.39
CA ALA B 41 10.51 49.40 -19.03
C ALA B 41 10.38 49.42 -20.54
N ALA B 42 9.26 48.91 -21.04
CA ALA B 42 9.04 48.83 -22.49
C ALA B 42 9.03 50.21 -23.14
N GLU B 43 8.54 51.20 -22.40
CA GLU B 43 8.40 52.58 -22.87
C GLU B 43 9.69 53.39 -22.76
N ASN B 44 10.65 52.86 -22.03
CA ASN B 44 11.91 53.55 -21.82
C ASN B 44 12.91 53.15 -22.90
N SER B 45 13.26 54.09 -23.77
CA SER B 45 14.06 53.79 -24.94
C SER B 45 15.53 53.55 -24.60
N ALA B 46 15.89 53.72 -23.33
CA ALA B 46 17.29 53.56 -22.94
C ALA B 46 17.71 52.09 -22.91
N PHE B 47 16.73 51.19 -22.83
CA PHE B 47 17.01 49.77 -22.57
C PHE B 47 17.05 48.88 -23.80
N ILE B 48 17.88 47.85 -23.72
CA ILE B 48 17.78 46.67 -24.58
C ILE B 48 16.98 45.64 -23.80
N HIS B 49 15.84 45.20 -24.36
CA HIS B 49 14.94 44.29 -23.65
C HIS B 49 15.14 42.83 -24.09
N HIS B 50 15.30 41.94 -23.11
CA HIS B 50 15.36 40.50 -23.34
C HIS B 50 14.19 39.83 -22.64
N THR B 51 13.62 38.80 -23.26
CA THR B 51 12.51 38.07 -22.62
C THR B 51 12.79 36.59 -22.53
N HIS B 52 12.17 35.93 -21.55
CA HIS B 52 12.27 34.49 -21.42
C HIS B 52 11.12 34.05 -20.52
N PHE B 53 10.72 32.79 -20.66
CA PHE B 53 9.55 32.28 -19.92
C PHE B 53 9.93 31.57 -18.62
N ASP B 54 11.18 31.15 -18.50
CA ASP B 54 11.68 30.45 -17.31
C ASP B 54 12.47 31.45 -16.47
N GLU B 55 11.96 31.79 -15.29
CA GLU B 55 12.58 32.83 -14.49
C GLU B 55 13.95 32.43 -13.96
N ARG B 56 14.18 31.12 -13.79
CA ARG B 56 15.50 30.71 -13.35
C ARG B 56 16.49 30.99 -14.48
N GLY B 57 16.08 30.65 -15.69
CA GLY B 57 16.91 30.93 -16.86
C GLY B 57 17.06 32.42 -17.13
N LEU B 58 16.00 33.18 -16.87
CA LEU B 58 16.03 34.63 -17.02
C LEU B 58 17.08 35.24 -16.10
N GLY B 59 17.14 34.77 -14.86
CA GLY B 59 18.15 35.27 -13.94
C GLY B 59 19.58 34.97 -14.43
N HIS B 60 19.77 33.77 -14.99
CA HIS B 60 21.10 33.40 -15.50
C HIS B 60 21.44 34.15 -16.79
N LEU B 61 20.42 34.46 -17.58
CA LEU B 61 20.63 35.29 -18.77
C LEU B 61 21.17 36.66 -18.36
N ALA B 62 20.55 37.25 -17.34
CA ALA B 62 21.00 38.53 -16.79
C ALA B 62 22.42 38.39 -16.24
N LEU B 63 22.67 37.29 -15.53
CA LEU B 63 23.99 37.01 -14.97
C LEU B 63 25.06 37.03 -16.09
N GLY B 64 24.75 36.37 -17.20
CA GLY B 64 25.68 36.33 -18.34
C GLY B 64 25.93 37.70 -18.95
N LEU B 65 24.86 38.48 -19.09
CA LEU B 65 24.98 39.83 -19.63
C LEU B 65 25.85 40.69 -18.73
N ALA B 66 25.64 40.58 -17.42
CA ALA B 66 26.37 41.37 -16.45
C ALA B 66 27.82 40.92 -16.39
N LYS B 67 28.01 39.61 -16.49
CA LYS B 67 29.33 38.99 -16.40
C LYS B 67 30.27 39.60 -17.44
N VAL B 68 29.76 39.76 -18.65
CA VAL B 68 30.59 40.24 -19.75
C VAL B 68 30.64 41.75 -19.78
N SER B 69 29.50 42.40 -19.59
CA SER B 69 29.42 43.85 -19.76
C SER B 69 29.99 44.65 -18.60
N LYS B 70 30.10 44.01 -17.44
CA LYS B 70 30.57 44.69 -16.25
C LYS B 70 29.71 45.88 -15.88
N GLN B 71 28.43 45.82 -16.22
CA GLN B 71 27.47 46.83 -15.79
C GLN B 71 26.32 46.17 -15.04
N PRO B 72 25.55 46.96 -14.30
CA PRO B 72 24.36 46.35 -13.69
C PRO B 72 23.34 45.99 -14.76
N VAL B 73 22.63 44.89 -14.53
CA VAL B 73 21.62 44.41 -15.46
C VAL B 73 20.34 44.23 -14.66
N ALA B 74 19.22 44.74 -15.18
CA ALA B 74 17.96 44.68 -14.44
C ALA B 74 17.12 43.48 -14.83
N VAL B 75 16.27 43.03 -13.91
CA VAL B 75 15.41 41.89 -14.13
C VAL B 75 14.03 42.25 -13.60
N ILE B 76 12.99 41.96 -14.37
CA ILE B 76 11.60 42.14 -13.88
C ILE B 76 10.89 40.82 -13.90
N VAL B 77 10.25 40.46 -12.77
CA VAL B 77 9.40 39.28 -12.72
C VAL B 77 8.11 39.59 -11.96
N THR B 78 7.10 38.76 -12.17
CA THR B 78 5.84 38.96 -11.45
C THR B 78 5.90 38.33 -10.06
N SER B 79 4.84 38.50 -9.27
CA SER B 79 4.81 38.00 -7.90
C SER B 79 4.73 36.47 -7.84
N GLY B 80 5.18 35.88 -6.73
CA GLY B 80 4.99 34.46 -6.52
C GLY B 80 6.26 33.65 -6.71
N THR B 81 6.11 32.40 -7.15
CA THR B 81 7.29 31.55 -7.31
C THR B 81 8.22 32.06 -8.41
N ALA B 82 7.71 32.93 -9.29
CA ALA B 82 8.56 33.60 -10.28
C ALA B 82 9.76 34.23 -9.59
N VAL B 83 9.51 34.86 -8.44
CA VAL B 83 10.55 35.54 -7.70
C VAL B 83 11.57 34.54 -7.15
N ALA B 84 11.08 33.44 -6.56
CA ALA B 84 11.97 32.45 -5.96
C ALA B 84 12.95 31.86 -6.99
N ASN B 85 12.51 31.78 -8.24
CA ASN B 85 13.34 31.22 -9.29
C ASN B 85 14.58 32.04 -9.62
N LEU B 86 14.61 33.30 -9.17
CA LEU B 86 15.79 34.16 -9.36
C LEU B 86 16.93 33.83 -8.40
N TYR B 87 16.65 32.98 -7.41
CA TYR B 87 17.61 32.75 -6.32
C TYR B 87 18.96 32.22 -6.79
N PRO B 88 18.96 31.19 -7.66
CA PRO B 88 20.28 30.64 -8.06
C PRO B 88 21.19 31.70 -8.68
N ALA B 89 20.69 32.50 -9.61
CA ALA B 89 21.55 33.52 -10.24
C ALA B 89 21.97 34.59 -9.22
N LEU B 90 21.06 34.93 -8.30
CA LEU B 90 21.38 35.94 -7.28
C LEU B 90 22.50 35.44 -6.38
N ILE B 91 22.45 34.17 -6.02
CA ILE B 91 23.46 33.58 -5.16
C ILE B 91 24.80 33.57 -5.88
N GLU B 92 24.80 33.16 -7.14
CA GLU B 92 26.05 33.14 -7.90
C GLU B 92 26.61 34.57 -8.01
N ALA B 93 25.73 35.55 -8.27
CA ALA B 93 26.14 36.95 -8.36
C ALA B 93 26.73 37.45 -7.05
N GLY B 94 26.20 36.97 -5.92
CA GLY B 94 26.75 37.34 -4.63
C GLY B 94 28.20 36.87 -4.49
N LEU B 95 28.53 35.76 -5.14
CA LEU B 95 29.89 35.22 -4.99
C LEU B 95 30.89 35.82 -5.96
N THR B 96 30.46 36.11 -7.17
CA THR B 96 31.42 36.51 -8.20
C THR B 96 31.30 37.97 -8.61
N GLY B 97 30.25 38.65 -8.15
CA GLY B 97 30.18 40.10 -8.23
C GLY B 97 29.26 40.76 -9.24
N GLU B 98 28.65 39.97 -10.12
CA GLU B 98 27.72 40.56 -11.10
C GLU B 98 26.68 41.41 -10.40
N LYS B 99 26.37 42.57 -10.97
CA LYS B 99 25.39 43.45 -10.35
C LYS B 99 24.00 43.21 -10.95
N LEU B 100 23.23 42.33 -10.32
CA LEU B 100 21.89 42.03 -10.81
C LEU B 100 20.89 42.84 -10.02
N ILE B 101 20.06 43.62 -10.72
CA ILE B 101 19.06 44.44 -10.08
C ILE B 101 17.70 43.79 -10.27
N LEU B 102 17.19 43.17 -9.21
CA LEU B 102 15.97 42.37 -9.29
C LEU B 102 14.75 43.17 -8.88
N LEU B 103 13.93 43.51 -9.86
CA LEU B 103 12.69 44.22 -9.64
C LEU B 103 11.57 43.21 -9.55
N THR B 104 11.15 42.89 -8.33
CA THR B 104 10.20 41.79 -8.13
C THR B 104 8.83 42.35 -7.76
N ALA B 105 7.89 42.25 -8.69
CA ALA B 105 6.54 42.76 -8.43
C ALA B 105 5.92 42.02 -7.27
N ASP B 106 5.09 42.72 -6.50
CA ASP B 106 4.45 42.09 -5.35
C ASP B 106 2.97 42.49 -5.28
N ARG B 107 2.21 41.69 -4.59
CA ARG B 107 0.87 42.10 -4.20
C ARG B 107 0.99 43.24 -3.16
N PRO B 108 -0.04 44.04 -2.99
CA PRO B 108 0.05 45.07 -1.94
C PRO B 108 -0.10 44.44 -0.55
N PRO B 109 0.29 45.18 0.51
CA PRO B 109 0.28 44.59 1.85
C PRO B 109 -1.06 43.98 2.27
N GLU B 110 -2.18 44.55 1.82
CA GLU B 110 -3.50 44.07 2.24
C GLU B 110 -3.87 42.72 1.61
N LEU B 111 -3.05 42.22 0.69
CA LEU B 111 -3.30 40.93 0.05
C LEU B 111 -2.25 39.87 0.42
N ILE B 112 -1.48 40.12 1.47
CA ILE B 112 -0.50 39.14 1.94
C ILE B 112 -1.03 38.36 3.14
N ASP B 113 -0.77 37.05 3.17
CA ASP B 113 -1.18 36.18 4.28
C ASP B 113 -2.70 36.17 4.49
N CYS B 114 -3.45 36.16 3.39
CA CYS B 114 -4.91 36.09 3.52
C CYS B 114 -5.51 35.17 2.46
N GLY B 115 -4.69 34.26 1.96
CA GLY B 115 -5.15 33.25 1.01
C GLY B 115 -5.40 33.79 -0.39
N ALA B 116 -4.80 34.93 -0.70
CA ALA B 116 -4.94 35.52 -2.05
C ALA B 116 -4.10 34.78 -3.08
N ASN B 117 -4.61 34.68 -4.31
CA ASN B 117 -3.88 33.94 -5.33
C ASN B 117 -2.55 34.60 -5.71
N GLN B 118 -1.52 33.76 -5.87
CA GLN B 118 -0.22 34.19 -6.35
C GLN B 118 0.38 35.29 -5.48
N ALA B 119 0.04 35.23 -4.20
CA ALA B 119 0.57 36.19 -3.21
C ALA B 119 1.39 35.45 -2.16
N ILE B 120 2.66 35.84 -1.99
CA ILE B 120 3.52 35.20 -0.98
C ILE B 120 4.28 36.28 -0.21
N ARG B 121 4.98 35.90 0.86
CA ARG B 121 5.79 36.86 1.62
C ARG B 121 7.13 37.08 0.92
N GLN B 122 7.31 38.25 0.29
CA GLN B 122 8.50 38.48 -0.55
C GLN B 122 9.62 39.30 0.07
N PRO B 123 9.29 40.34 0.86
CA PRO B 123 10.41 41.08 1.46
C PRO B 123 11.31 40.16 2.27
N GLY B 124 12.63 40.27 2.07
CA GLY B 124 13.56 39.43 2.79
C GLY B 124 13.67 37.98 2.33
N MET B 125 12.98 37.60 1.26
CA MET B 125 12.96 36.18 0.87
C MET B 125 14.30 35.66 0.34
N PHE B 126 15.21 36.56 -0.03
CA PHE B 126 16.53 36.11 -0.45
C PHE B 126 17.56 36.24 0.67
N ALA B 127 17.08 36.51 1.89
CA ALA B 127 17.92 36.51 3.08
C ALA B 127 19.17 37.39 2.93
N SER B 128 20.34 36.86 3.25
CA SER B 128 21.58 37.65 3.18
C SER B 128 22.24 37.67 1.80
N HIS B 129 21.60 37.12 0.79
CA HIS B 129 22.34 36.98 -0.46
C HIS B 129 22.43 38.24 -1.32
N PRO B 130 21.37 39.07 -1.36
CA PRO B 130 21.60 40.35 -2.04
C PRO B 130 22.56 41.21 -1.24
N THR B 131 23.37 42.00 -1.93
CA THR B 131 24.20 43.02 -1.30
C THR B 131 23.32 44.08 -0.64
N HIS B 132 22.25 44.46 -1.33
N HIS B 132 22.22 44.44 -1.29
CA HIS B 132 21.27 45.44 -0.84
CA HIS B 132 21.29 45.42 -0.74
C HIS B 132 19.86 44.90 -1.01
C HIS B 132 19.87 45.00 -1.04
N SER B 133 18.99 45.20 -0.06
CA SER B 133 17.59 44.84 -0.19
C SER B 133 16.70 46.04 0.08
N ILE B 134 15.83 46.35 -0.87
CA ILE B 134 14.86 47.42 -0.74
C ILE B 134 13.45 46.82 -0.75
N SER B 135 12.70 47.05 0.31
N SER B 135 12.70 47.03 0.32
CA SER B 135 11.30 46.68 0.34
CA SER B 135 11.29 46.66 0.33
C SER B 135 10.48 47.95 0.16
C SER B 135 10.47 47.94 0.16
N LEU B 136 10.05 48.22 -1.07
CA LEU B 136 9.34 49.46 -1.38
C LEU B 136 7.97 49.47 -0.74
N PRO B 137 7.52 50.67 -0.32
CA PRO B 137 6.19 50.78 0.27
C PRO B 137 5.09 50.71 -0.77
N ARG B 138 3.86 50.53 -0.31
CA ARG B 138 2.69 50.64 -1.17
C ARG B 138 2.72 52.00 -1.85
N PRO B 139 2.62 52.04 -3.19
CA PRO B 139 2.69 53.35 -3.85
C PRO B 139 1.67 54.38 -3.35
N THR B 140 2.14 55.61 -3.15
CA THR B 140 1.25 56.72 -2.79
C THR B 140 1.92 58.04 -3.12
N GLN B 141 1.13 59.03 -3.53
CA GLN B 141 1.69 60.35 -3.83
C GLN B 141 2.10 61.08 -2.56
N ASP B 142 1.75 60.52 -1.40
CA ASP B 142 2.12 61.15 -0.14
C ASP B 142 3.58 60.88 0.21
N ILE B 143 4.21 59.99 -0.56
CA ILE B 143 5.66 59.83 -0.49
C ILE B 143 6.24 60.50 -1.72
N PRO B 144 7.13 61.49 -1.54
CA PRO B 144 7.61 62.23 -2.73
C PRO B 144 8.51 61.41 -3.63
N ALA B 145 8.46 61.72 -4.92
CA ALA B 145 9.31 61.05 -5.90
C ALA B 145 10.80 61.18 -5.53
N ARG B 146 11.18 62.28 -4.91
CA ARG B 146 12.58 62.46 -4.52
C ARG B 146 13.02 61.39 -3.52
N TRP B 147 12.09 60.89 -2.70
CA TRP B 147 12.44 59.78 -1.80
C TRP B 147 12.70 58.48 -2.58
N LEU B 148 11.81 58.19 -3.52
CA LEU B 148 11.90 56.96 -4.29
C LEU B 148 13.20 56.92 -5.09
N VAL B 149 13.48 58.01 -5.81
CA VAL B 149 14.70 57.99 -6.62
C VAL B 149 15.97 57.96 -5.73
N SER B 150 15.96 58.69 -4.61
CA SER B 150 17.10 58.69 -3.68
C SER B 150 17.36 57.29 -3.12
N THR B 151 16.30 56.55 -2.82
CA THR B 151 16.46 55.20 -2.29
C THR B 151 17.13 54.29 -3.33
N ILE B 152 16.71 54.39 -4.59
N ILE B 152 16.72 54.42 -4.60
CA ILE B 152 17.33 53.62 -5.65
CA ILE B 152 17.31 53.66 -5.68
C ILE B 152 18.78 54.07 -5.88
C ILE B 152 18.77 54.08 -5.88
N ASP B 153 18.99 55.39 -5.85
CA ASP B 153 20.33 55.94 -6.06
C ASP B 153 21.29 55.52 -4.95
N HIS B 154 20.78 55.44 -3.72
CA HIS B 154 21.64 54.96 -2.64
C HIS B 154 22.07 53.52 -2.88
N ALA B 155 21.11 52.67 -3.24
CA ALA B 155 21.40 51.25 -3.45
C ALA B 155 22.37 51.04 -4.60
N LEU B 156 22.16 51.74 -5.71
CA LEU B 156 23.03 51.54 -6.88
C LEU B 156 24.38 52.21 -6.72
N GLY B 157 24.39 53.41 -6.15
CA GLY B 157 25.63 54.16 -5.99
C GLY B 157 26.63 53.50 -5.06
N THR B 158 26.13 52.87 -3.99
CA THR B 158 27.02 52.26 -3.00
C THR B 158 27.30 50.80 -3.31
N LEU B 159 26.80 50.32 -4.43
CA LEU B 159 26.92 48.90 -4.76
C LEU B 159 28.32 48.57 -5.28
N HIS B 160 29.14 47.92 -4.46
CA HIS B 160 30.49 47.50 -4.90
C HIS B 160 30.40 46.31 -5.85
N ALA B 161 29.50 45.39 -5.52
CA ALA B 161 29.36 44.14 -6.24
C ALA B 161 28.12 43.42 -5.77
N GLY B 162 27.62 42.48 -6.59
CA GLY B 162 26.52 41.63 -6.18
C GLY B 162 25.13 42.19 -6.49
N GLY B 163 24.11 41.47 -6.03
CA GLY B 163 22.73 41.76 -6.39
C GLY B 163 21.97 42.73 -5.51
N VAL B 164 20.92 43.32 -6.06
CA VAL B 164 20.05 44.18 -5.30
C VAL B 164 18.63 43.67 -5.48
N HIS B 165 17.96 43.41 -4.37
CA HIS B 165 16.56 43.00 -4.41
C HIS B 165 15.70 44.24 -4.18
N ILE B 166 14.90 44.62 -5.16
CA ILE B 166 13.95 45.72 -4.99
C ILE B 166 12.54 45.16 -5.11
N ASN B 167 11.89 44.98 -3.97
CA ASN B 167 10.54 44.46 -3.96
C ASN B 167 9.55 45.58 -4.24
N CYS B 168 8.63 45.35 -5.18
CA CYS B 168 7.76 46.43 -5.68
C CYS B 168 6.28 46.08 -5.60
N PRO B 169 5.62 46.34 -4.47
CA PRO B 169 4.18 46.08 -4.43
C PRO B 169 3.37 47.04 -5.32
N PHE B 170 2.35 46.51 -5.98
CA PHE B 170 1.39 47.31 -6.72
C PHE B 170 0.00 46.77 -6.45
N ALA B 171 -0.92 47.69 -6.18
CA ALA B 171 -2.33 47.33 -6.02
C ALA B 171 -3.06 47.45 -7.35
N GLU B 172 -4.08 46.61 -7.55
CA GLU B 172 -5.01 46.74 -8.67
C GLU B 172 -5.89 47.97 -8.47
N PRO B 173 -6.44 48.53 -9.56
CA PRO B 173 -6.32 48.10 -10.96
C PRO B 173 -4.93 48.32 -11.57
N LEU B 174 -4.52 47.37 -12.39
CA LEU B 174 -3.23 47.42 -13.06
C LEU B 174 -3.35 47.94 -14.48
N TYR B 175 -4.55 47.83 -15.05
CA TYR B 175 -4.73 48.19 -16.45
C TYR B 175 -5.63 49.40 -16.59
N GLY B 176 -5.55 50.06 -17.73
CA GLY B 176 -6.33 51.27 -17.94
C GLY B 176 -5.54 52.31 -18.69
N GLU B 177 -6.25 53.24 -19.30
CA GLU B 177 -5.62 54.32 -20.03
C GLU B 177 -4.76 55.15 -19.08
N MET B 178 -3.64 55.62 -19.61
CA MET B 178 -2.76 56.50 -18.87
C MET B 178 -3.38 57.90 -18.84
N ASP B 179 -3.62 58.45 -17.65
CA ASP B 179 -4.02 59.85 -17.56
C ASP B 179 -2.97 60.66 -16.79
N ASP B 180 -3.33 61.86 -16.35
CA ASP B 180 -2.36 62.75 -15.75
C ASP B 180 -2.12 62.48 -14.24
N THR B 181 -2.73 61.43 -13.71
CA THR B 181 -2.51 61.08 -12.30
C THR B 181 -1.03 60.87 -12.05
N GLY B 182 -0.46 61.61 -11.09
CA GLY B 182 0.95 61.44 -10.76
C GLY B 182 1.90 62.27 -11.60
N LEU B 183 1.38 62.98 -12.60
CA LEU B 183 2.26 63.79 -13.45
C LEU B 183 2.93 64.90 -12.63
N SER B 184 2.14 65.65 -11.85
CA SER B 184 2.71 66.73 -11.06
C SER B 184 3.67 66.16 -9.99
N TRP B 185 3.35 64.97 -9.50
CA TRP B 185 4.21 64.25 -8.56
C TRP B 185 5.58 63.96 -9.17
N GLN B 186 5.58 63.48 -10.41
CA GLN B 186 6.82 63.25 -11.15
C GLN B 186 7.57 64.55 -11.42
N GLN B 187 6.81 65.60 -11.70
CA GLN B 187 7.42 66.85 -12.12
C GLN B 187 8.13 67.55 -10.97
N ARG B 188 7.92 67.08 -9.75
CA ARG B 188 8.67 67.61 -8.62
C ARG B 188 10.18 67.36 -8.74
N LEU B 189 10.57 66.42 -9.62
CA LEU B 189 11.98 66.16 -9.85
C LEU B 189 12.60 67.16 -10.87
N GLY B 190 11.78 68.03 -11.44
CA GLY B 190 12.28 69.07 -12.31
C GLY B 190 13.03 68.56 -13.53
N ASP B 191 14.16 69.18 -13.85
CA ASP B 191 14.87 68.79 -15.07
C ASP B 191 15.80 67.60 -14.83
N TRP B 192 15.65 66.93 -13.69
CA TRP B 192 16.33 65.66 -13.51
C TRP B 192 15.91 64.70 -14.62
N TRP B 193 14.68 64.84 -15.10
CA TRP B 193 14.16 63.96 -16.16
C TRP B 193 14.94 64.11 -17.47
N GLN B 194 15.59 65.26 -17.67
CA GLN B 194 16.39 65.48 -18.87
C GLN B 194 17.89 65.36 -18.61
N ASP B 195 18.26 65.00 -17.38
CA ASP B 195 19.65 64.92 -16.95
C ASP B 195 20.24 63.52 -17.25
N ASP B 196 21.55 63.34 -17.08
CA ASP B 196 22.15 62.04 -17.29
C ASP B 196 22.81 61.51 -16.01
N LYS B 197 22.53 62.17 -14.90
CA LYS B 197 23.13 61.82 -13.61
C LYS B 197 22.09 61.32 -12.63
N PRO B 198 22.54 60.62 -11.58
CA PRO B 198 21.61 60.27 -10.51
C PRO B 198 21.07 61.52 -9.80
N TRP B 199 19.93 61.37 -9.13
CA TRP B 199 19.39 62.45 -8.31
C TRP B 199 20.31 62.67 -7.12
N LEU B 200 20.61 61.57 -6.42
CA LEU B 200 21.60 61.60 -5.36
C LEU B 200 22.85 60.85 -5.80
N ARG B 201 23.97 61.55 -5.84
CA ARG B 201 25.24 60.90 -6.14
C ARG B 201 25.94 60.47 -4.86
N GLU B 202 25.91 59.17 -4.61
CA GLU B 202 26.56 58.55 -3.46
C GLU B 202 27.34 57.36 -3.97
N ALA B 203 28.65 57.54 -4.16
CA ALA B 203 29.48 56.52 -4.78
C ALA B 203 30.85 56.39 -4.14
N PRO B 204 30.88 56.09 -2.83
CA PRO B 204 32.16 55.88 -2.16
C PRO B 204 32.85 54.67 -2.77
N ARG B 205 34.17 54.73 -2.92
CA ARG B 205 34.92 53.63 -3.49
C ARG B 205 35.57 52.83 -2.37
N LEU B 206 35.59 51.51 -2.53
CA LEU B 206 36.15 50.63 -1.53
C LEU B 206 37.45 50.03 -2.06
N GLU B 207 38.56 50.28 -1.39
CA GLU B 207 39.83 49.86 -1.96
C GLU B 207 40.92 49.79 -0.90
N SER B 208 41.75 48.76 -0.98
CA SER B 208 42.88 48.68 -0.06
C SER B 208 43.97 49.68 -0.44
N GLU B 209 44.72 50.11 0.57
CA GLU B 209 45.81 51.06 0.40
C GLU B 209 47.07 50.39 -0.13
N LYS B 210 47.99 51.19 -0.64
CA LYS B 210 49.28 50.69 -1.10
C LYS B 210 49.99 49.98 0.04
N GLN B 211 50.58 48.83 -0.26
CA GLN B 211 51.36 48.09 0.73
C GLN B 211 52.76 48.67 0.76
N ARG B 212 53.09 49.37 1.84
CA ARG B 212 54.30 50.16 1.89
C ARG B 212 55.57 49.32 1.98
N ASP B 213 55.42 48.03 2.27
CA ASP B 213 56.59 47.14 2.34
C ASP B 213 56.69 46.24 1.11
N TRP B 214 56.02 46.60 0.02
CA TRP B 214 56.08 45.79 -1.20
C TRP B 214 57.53 45.69 -1.73
N PHE B 215 58.31 46.77 -1.65
CA PHE B 215 59.69 46.68 -2.17
C PHE B 215 60.52 45.68 -1.39
N PHE B 216 60.15 45.41 -0.14
CA PHE B 216 60.81 44.36 0.64
C PHE B 216 60.36 42.99 0.16
N TRP B 217 59.05 42.80 0.04
CA TRP B 217 58.52 41.48 -0.26
C TRP B 217 58.78 41.02 -1.70
N ARG B 218 58.88 41.98 -2.63
CA ARG B 218 59.03 41.58 -4.03
C ARG B 218 60.41 41.01 -4.30
N GLN B 219 61.32 41.17 -3.33
CA GLN B 219 62.67 40.61 -3.45
C GLN B 219 62.77 39.19 -2.88
N LYS B 220 61.71 38.72 -2.25
CA LYS B 220 61.70 37.38 -1.64
C LYS B 220 61.37 36.28 -2.66
N ARG B 221 61.49 35.03 -2.25
CA ARG B 221 61.08 33.92 -3.11
C ARG B 221 59.56 33.84 -3.09
N GLY B 222 58.93 34.31 -4.15
CA GLY B 222 57.47 34.37 -4.20
C GLY B 222 56.92 33.40 -5.23
N VAL B 223 55.62 33.16 -5.12
CA VAL B 223 54.86 32.36 -6.05
C VAL B 223 53.65 33.17 -6.43
N VAL B 224 53.31 33.19 -7.72
CA VAL B 224 52.10 33.85 -8.15
C VAL B 224 51.03 32.81 -8.48
N VAL B 225 49.85 32.96 -7.88
CA VAL B 225 48.71 32.10 -8.21
C VAL B 225 47.67 32.98 -8.90
N ALA B 226 47.25 32.62 -10.11
CA ALA B 226 46.29 33.44 -10.84
C ALA B 226 44.94 32.71 -10.97
N GLY B 227 43.90 33.26 -10.34
CA GLY B 227 42.55 32.74 -10.46
C GLY B 227 41.74 33.52 -11.48
N ARG B 228 40.43 33.58 -11.29
CA ARG B 228 39.55 34.26 -12.23
C ARG B 228 39.81 35.76 -12.22
N MET B 229 40.00 36.31 -13.41
CA MET B 229 40.24 37.73 -13.61
C MET B 229 39.87 38.06 -15.05
N SER B 230 40.01 39.33 -15.44
CA SER B 230 39.69 39.69 -16.82
C SER B 230 40.78 39.22 -17.77
N ALA B 231 40.44 39.14 -19.05
CA ALA B 231 41.42 38.74 -20.06
C ALA B 231 42.64 39.65 -20.05
N GLU B 232 42.43 40.97 -19.92
CA GLU B 232 43.54 41.92 -19.91
C GLU B 232 44.37 41.78 -18.64
N GLU B 233 43.71 41.51 -17.52
CA GLU B 233 44.41 41.30 -16.26
C GLU B 233 45.29 40.05 -16.35
N GLY B 234 44.82 39.01 -17.04
CA GLY B 234 45.56 37.79 -17.21
C GLY B 234 46.89 38.07 -17.89
N LYS B 235 46.86 38.86 -18.96
CA LYS B 235 48.10 39.21 -19.65
C LYS B 235 49.04 39.99 -18.76
N LYS B 236 48.50 40.91 -17.99
CA LYS B 236 49.31 41.74 -17.10
C LYS B 236 49.94 40.95 -15.96
N VAL B 237 49.18 40.04 -15.37
CA VAL B 237 49.73 39.22 -14.30
C VAL B 237 50.85 38.33 -14.83
N ALA B 238 50.68 37.80 -16.03
CA ALA B 238 51.72 36.96 -16.64
C ALA B 238 53.05 37.72 -16.78
N LEU B 239 53.00 38.95 -17.28
CA LEU B 239 54.23 39.73 -17.48
C LEU B 239 54.86 40.09 -16.14
N TRP B 240 53.99 40.40 -15.17
CA TRP B 240 54.41 40.77 -13.82
C TRP B 240 55.16 39.63 -13.13
N ALA B 241 54.57 38.42 -13.18
CA ALA B 241 55.21 37.24 -12.60
C ALA B 241 56.53 36.94 -13.29
N GLN B 242 56.53 37.03 -14.62
CA GLN B 242 57.75 36.74 -15.39
C GLN B 242 58.89 37.69 -15.03
N THR B 243 58.56 38.98 -14.85
CA THR B 243 59.55 39.98 -14.47
C THR B 243 60.14 39.69 -13.08
N LEU B 244 59.28 39.32 -12.14
CA LEU B 244 59.71 38.98 -10.78
C LEU B 244 60.54 37.71 -10.70
N GLY B 245 60.40 36.85 -11.71
CA GLY B 245 61.06 35.56 -11.68
C GLY B 245 60.35 34.58 -10.75
N TRP B 246 59.08 34.83 -10.49
CA TRP B 246 58.29 33.93 -9.63
C TRP B 246 57.51 32.96 -10.51
N PRO B 247 57.45 31.68 -10.10
CA PRO B 247 56.64 30.75 -10.88
C PRO B 247 55.16 31.18 -10.87
N LEU B 248 54.49 31.05 -12.00
CA LEU B 248 53.08 31.41 -12.09
C LEU B 248 52.22 30.16 -12.24
N ILE B 249 51.40 29.88 -11.23
CA ILE B 249 50.42 28.82 -11.33
C ILE B 249 49.12 29.45 -11.80
N GLY B 250 48.76 29.18 -13.05
CA GLY B 250 47.65 29.88 -13.67
C GLY B 250 46.44 28.99 -13.88
N ASP B 251 45.30 29.43 -13.36
CA ASP B 251 44.05 28.69 -13.50
C ASP B 251 43.51 28.77 -14.93
N VAL B 252 42.65 27.82 -15.30
CA VAL B 252 41.95 27.91 -16.57
C VAL B 252 41.17 29.23 -16.69
N LEU B 253 40.72 29.78 -15.56
CA LEU B 253 39.96 31.02 -15.60
C LEU B 253 40.81 32.28 -15.63
N SER B 254 42.14 32.13 -15.63
CA SER B 254 43.02 33.30 -15.46
C SER B 254 43.40 34.03 -16.76
N GLN B 255 43.44 33.31 -17.88
CA GLN B 255 43.89 33.89 -19.16
C GLN B 255 45.33 34.41 -19.10
N THR B 256 46.16 33.76 -18.30
CA THR B 256 47.57 34.16 -18.18
C THR B 256 48.47 33.55 -19.26
N GLY B 257 47.93 32.56 -19.98
CA GLY B 257 48.72 31.79 -20.91
C GLY B 257 49.33 30.56 -20.26
N GLN B 258 49.16 30.43 -18.94
CA GLN B 258 49.59 29.23 -18.20
C GLN B 258 51.00 28.74 -18.59
N PRO B 259 52.02 29.56 -18.28
CA PRO B 259 53.42 29.23 -18.63
C PRO B 259 53.95 27.93 -17.99
N LEU B 260 53.31 27.49 -16.90
CA LEU B 260 53.61 26.21 -16.23
C LEU B 260 52.35 25.35 -16.22
N PRO B 261 51.96 24.85 -17.41
CA PRO B 261 50.66 24.20 -17.58
C PRO B 261 50.55 22.83 -16.91
N CYS B 262 49.33 22.31 -16.82
CA CYS B 262 49.08 21.00 -16.22
C CYS B 262 49.48 20.99 -14.75
N ALA B 263 49.26 22.11 -14.06
CA ALA B 263 49.55 22.21 -12.63
C ALA B 263 48.80 21.17 -11.83
N ASP B 264 47.59 20.80 -12.25
CA ASP B 264 46.82 19.79 -11.52
C ASP B 264 47.56 18.45 -11.54
N LEU B 265 48.46 18.28 -12.52
CA LEU B 265 49.28 17.08 -12.61
C LEU B 265 50.63 17.26 -11.91
N TRP B 266 51.39 18.31 -12.24
CA TRP B 266 52.75 18.37 -11.69
C TRP B 266 52.77 18.77 -10.20
N LEU B 267 51.70 19.39 -9.70
CA LEU B 267 51.60 19.64 -8.26
C LEU B 267 51.45 18.34 -7.47
N GLY B 268 51.16 17.26 -8.19
CA GLY B 268 51.05 15.95 -7.57
C GLY B 268 52.41 15.30 -7.37
N ASN B 269 53.44 15.93 -7.94
CA ASN B 269 54.81 15.40 -7.82
C ASN B 269 55.50 16.02 -6.62
N ALA B 270 56.01 15.17 -5.73
CA ALA B 270 56.60 15.62 -4.47
C ALA B 270 57.79 16.57 -4.66
N LYS B 271 58.50 16.45 -5.79
CA LYS B 271 59.62 17.34 -6.05
C LYS B 271 59.12 18.77 -6.25
N ALA B 272 57.95 18.92 -6.84
CA ALA B 272 57.36 20.25 -7.00
C ALA B 272 56.95 20.82 -5.65
N THR B 273 56.29 20.03 -4.82
CA THR B 273 55.86 20.58 -3.54
C THR B 273 57.08 20.90 -2.67
N SER B 274 58.14 20.12 -2.79
CA SER B 274 59.38 20.40 -2.05
C SER B 274 60.02 21.72 -2.48
N GLU B 275 60.05 22.00 -3.78
CA GLU B 275 60.61 23.25 -4.24
C GLU B 275 59.74 24.41 -3.73
N LEU B 276 58.44 24.20 -3.74
CA LEU B 276 57.51 25.27 -3.34
C LEU B 276 57.56 25.57 -1.84
N GLN B 277 58.11 24.64 -1.07
CA GLN B 277 58.29 24.90 0.36
C GLN B 277 59.27 26.04 0.61
N GLN B 278 60.07 26.39 -0.40
CA GLN B 278 61.00 27.49 -0.24
C GLN B 278 60.34 28.86 -0.41
N ALA B 279 59.09 28.88 -0.86
CA ALA B 279 58.40 30.15 -1.09
C ALA B 279 58.15 30.88 0.23
N GLN B 280 58.53 32.15 0.28
CA GLN B 280 58.36 32.93 1.50
C GLN B 280 57.08 33.74 1.47
N ILE B 281 56.61 34.00 0.26
CA ILE B 281 55.35 34.70 0.05
C ILE B 281 54.61 34.10 -1.13
N VAL B 282 53.28 34.01 -0.99
CA VAL B 282 52.42 33.66 -2.11
C VAL B 282 51.52 34.86 -2.40
N VAL B 283 51.54 35.32 -3.64
CA VAL B 283 50.64 36.37 -4.06
C VAL B 283 49.63 35.79 -5.03
N GLN B 284 48.39 35.70 -4.58
CA GLN B 284 47.31 35.19 -5.40
C GLN B 284 46.48 36.36 -5.92
N LEU B 285 46.25 36.38 -7.22
CA LEU B 285 45.39 37.38 -7.84
C LEU B 285 44.21 36.66 -8.46
N GLY B 286 42.99 37.08 -8.10
CA GLY B 286 41.81 36.36 -8.52
C GLY B 286 41.50 35.26 -7.51
N SER B 287 40.39 34.56 -7.70
CA SER B 287 40.00 33.51 -6.77
C SER B 287 39.17 32.44 -7.47
N SER B 288 38.43 31.63 -6.70
CA SER B 288 37.69 30.50 -7.26
C SER B 288 38.61 29.55 -8.05
N LEU B 289 39.69 29.15 -7.41
CA LEU B 289 40.64 28.22 -8.02
C LEU B 289 39.96 26.89 -8.34
N THR B 290 40.32 26.31 -9.48
CA THR B 290 39.62 25.19 -10.10
C THR B 290 40.12 23.80 -9.66
N GLY B 291 41.43 23.59 -9.74
CA GLY B 291 42.03 22.27 -9.60
C GLY B 291 42.20 21.74 -8.18
N LYS B 292 42.06 20.43 -8.04
CA LYS B 292 42.16 19.78 -6.76
C LYS B 292 43.58 19.87 -6.19
N ARG B 293 44.57 19.61 -7.04
CA ARG B 293 45.96 19.66 -6.60
C ARG B 293 46.34 21.07 -6.16
N LEU B 294 45.86 22.08 -6.87
CA LEU B 294 46.14 23.47 -6.48
C LEU B 294 45.48 23.80 -5.14
N LEU B 295 44.23 23.39 -4.98
CA LEU B 295 43.54 23.62 -3.72
C LEU B 295 44.23 22.89 -2.57
N GLN B 296 44.75 21.69 -2.85
CA GLN B 296 45.48 20.94 -1.81
C GLN B 296 46.83 21.59 -1.52
N TRP B 297 47.51 22.09 -2.54
CA TRP B 297 48.78 22.78 -2.29
C TRP B 297 48.52 24.06 -1.49
N GLN B 298 47.50 24.83 -1.88
CA GLN B 298 47.15 26.04 -1.15
C GLN B 298 46.94 25.71 0.31
N ALA B 299 46.19 24.64 0.58
CA ALA B 299 45.89 24.24 1.95
C ALA B 299 47.15 23.84 2.74
N SER B 300 48.14 23.26 2.05
CA SER B 300 49.30 22.72 2.76
C SER B 300 50.45 23.69 2.91
N CYS B 301 50.54 24.68 2.02
CA CYS B 301 51.71 25.54 2.00
C CYS B 301 51.74 26.45 3.23
N GLU B 302 52.94 26.79 3.67
CA GLU B 302 53.11 27.68 4.81
C GLU B 302 54.15 28.77 4.55
N PRO B 303 53.87 29.66 3.59
CA PRO B 303 54.73 30.83 3.41
C PRO B 303 54.60 31.76 4.60
N GLU B 304 55.55 32.68 4.75
CA GLU B 304 55.49 33.69 5.80
C GLU B 304 54.21 34.51 5.65
N GLU B 305 53.89 34.87 4.41
CA GLU B 305 52.64 35.59 4.17
C GLU B 305 51.95 35.09 2.92
N TYR B 306 50.62 35.08 2.97
CA TYR B 306 49.77 34.72 1.85
C TYR B 306 48.91 35.95 1.56
N TRP B 307 49.00 36.48 0.33
CA TRP B 307 48.18 37.63 -0.07
C TRP B 307 47.15 37.21 -1.12
N ILE B 308 45.92 37.68 -0.98
CA ILE B 308 44.94 37.55 -2.05
C ILE B 308 44.44 38.93 -2.48
N VAL B 309 44.70 39.23 -3.74
CA VAL B 309 44.28 40.46 -4.41
C VAL B 309 43.10 40.17 -5.33
N ASP B 310 41.98 40.88 -5.14
CA ASP B 310 40.80 40.67 -5.97
C ASP B 310 39.84 41.81 -5.73
N ASP B 311 38.94 42.07 -6.66
CA ASP B 311 38.03 43.21 -6.51
C ASP B 311 36.74 42.82 -5.82
N ILE B 312 36.66 41.56 -5.37
CA ILE B 312 35.50 41.18 -4.55
C ILE B 312 35.91 41.16 -3.09
N GLU B 313 34.91 41.29 -2.22
CA GLU B 313 35.13 41.49 -0.79
C GLU B 313 35.23 40.20 -0.01
N GLY B 314 35.75 40.29 1.20
CA GLY B 314 35.71 39.19 2.14
C GLY B 314 36.90 38.27 2.03
N ARG B 315 36.99 37.32 2.95
N ARG B 315 36.97 37.30 2.94
CA ARG B 315 38.07 36.33 2.90
CA ARG B 315 38.01 36.29 2.91
C ARG B 315 37.87 35.44 1.68
C ARG B 315 37.86 35.44 1.66
N LEU B 316 38.98 35.07 1.05
CA LEU B 316 38.97 34.28 -0.18
C LEU B 316 39.92 33.09 -0.12
N ASP B 317 40.56 32.92 1.03
CA ASP B 317 41.50 31.84 1.28
C ASP B 317 40.87 30.80 2.19
N PRO B 318 40.42 29.67 1.61
CA PRO B 318 39.74 28.65 2.44
C PRO B 318 40.67 27.90 3.37
N ALA B 319 41.97 28.22 3.33
CA ALA B 319 42.95 27.62 4.23
C ALA B 319 43.33 28.57 5.37
N HIS B 320 42.83 29.79 5.32
CA HIS B 320 42.97 30.77 6.42
C HIS B 320 44.42 31.10 6.79
N HIS B 321 45.28 31.30 5.80
CA HIS B 321 46.68 31.69 6.02
C HIS B 321 46.84 33.04 6.70
N ARG B 322 47.94 33.16 7.44
CA ARG B 322 48.46 34.43 7.90
C ARG B 322 48.84 35.24 6.67
N GLY B 323 48.38 36.49 6.60
CA GLY B 323 48.64 37.28 5.43
C GLY B 323 47.70 38.47 5.26
N ARG B 324 47.33 38.72 4.01
CA ARG B 324 46.63 39.93 3.66
C ARG B 324 45.53 39.65 2.64
N ARG B 325 44.43 40.39 2.77
CA ARG B 325 43.31 40.28 1.86
C ARG B 325 43.13 41.68 1.30
N LEU B 326 43.52 41.85 0.05
CA LEU B 326 43.64 43.18 -0.55
C LEU B 326 42.58 43.40 -1.61
N ILE B 327 41.72 44.37 -1.38
CA ILE B 327 40.59 44.64 -2.26
C ILE B 327 40.95 45.72 -3.26
N ALA B 328 40.98 45.34 -4.52
CA ALA B 328 41.40 46.26 -5.57
C ALA B 328 41.09 45.70 -6.94
N ASN B 329 40.98 46.58 -7.93
CA ASN B 329 41.05 46.17 -9.32
C ASN B 329 42.44 45.62 -9.56
N ILE B 330 42.52 44.41 -10.13
CA ILE B 330 43.82 43.73 -10.26
C ILE B 330 44.82 44.52 -11.11
N ALA B 331 44.33 45.09 -12.21
CA ALA B 331 45.22 45.90 -13.07
C ALA B 331 45.74 47.13 -12.32
N ASP B 332 44.84 47.81 -11.63
CA ASP B 332 45.23 48.93 -10.77
C ASP B 332 46.22 48.49 -9.70
N TRP B 333 45.98 47.32 -9.11
CA TRP B 333 46.82 46.86 -8.02
C TRP B 333 48.25 46.61 -8.52
N LEU B 334 48.37 46.04 -9.72
CA LEU B 334 49.68 45.76 -10.28
C LEU B 334 50.48 47.04 -10.59
N GLU B 335 49.77 48.10 -10.96
CA GLU B 335 50.43 49.38 -11.24
C GLU B 335 50.93 50.02 -9.95
N LEU B 336 50.18 49.80 -8.87
CA LEU B 336 50.53 50.33 -7.56
C LEU B 336 51.66 49.54 -6.91
N HIS B 337 51.79 48.29 -7.31
CA HIS B 337 52.81 47.40 -6.78
C HIS B 337 53.56 46.75 -7.93
N PRO B 338 54.36 47.54 -8.65
CA PRO B 338 55.03 47.07 -9.87
C PRO B 338 56.11 46.04 -9.58
N ALA B 339 56.42 45.22 -10.59
CA ALA B 339 57.47 44.23 -10.47
C ALA B 339 58.85 44.85 -10.64
N GLU B 340 59.83 44.16 -10.08
CA GLU B 340 61.24 44.45 -10.30
C GLU B 340 61.85 43.28 -11.05
N LYS B 341 62.74 43.56 -12.00
CA LYS B 341 63.38 42.48 -12.74
C LYS B 341 64.27 41.67 -11.80
N ARG B 342 63.99 40.40 -11.64
CA ARG B 342 64.77 39.55 -10.75
C ARG B 342 64.99 38.16 -11.32
N GLN B 343 66.08 37.53 -10.92
CA GLN B 343 66.38 36.19 -11.38
C GLN B 343 65.35 35.17 -10.92
N PRO B 344 64.84 34.35 -11.86
CA PRO B 344 63.93 33.27 -11.47
C PRO B 344 64.57 32.31 -10.48
N TRP B 345 63.80 31.87 -9.48
CA TRP B 345 64.37 31.02 -8.45
C TRP B 345 64.01 29.55 -8.56
N CYS B 346 62.94 29.23 -9.30
CA CYS B 346 62.52 27.85 -9.48
C CYS B 346 63.29 27.19 -10.61
N VAL B 347 63.70 25.95 -10.40
CA VAL B 347 64.40 25.22 -11.45
C VAL B 347 63.75 23.88 -11.71
N GLU B 348 63.19 23.26 -10.68
CA GLU B 348 62.64 21.92 -10.84
C GLU B 348 61.26 21.97 -11.49
N ILE B 349 60.48 22.97 -11.12
CA ILE B 349 59.08 23.00 -11.54
C ILE B 349 58.95 23.22 -13.04
N PRO B 350 59.78 24.10 -13.63
CA PRO B 350 59.73 24.23 -15.09
C PRO B 350 60.01 22.90 -15.82
N ARG B 351 60.92 22.08 -15.30
CA ARG B 351 61.16 20.77 -15.90
C ARG B 351 59.92 19.87 -15.83
N LEU B 352 59.34 19.79 -14.64
CA LEU B 352 58.17 18.96 -14.40
C LEU B 352 56.96 19.38 -15.23
N ALA B 353 56.74 20.69 -15.36
CA ALA B 353 55.59 21.18 -16.11
C ALA B 353 55.72 20.75 -17.57
N GLU B 354 56.93 20.85 -18.10
CA GLU B 354 57.16 20.44 -19.46
C GLU B 354 56.90 18.95 -19.65
N GLN B 355 57.41 18.14 -18.72
CA GLN B 355 57.24 16.70 -18.78
C GLN B 355 55.77 16.30 -18.65
N ALA B 356 55.06 17.05 -17.82
CA ALA B 356 53.64 16.80 -17.62
C ALA B 356 52.86 17.02 -18.91
N MET B 357 53.12 18.16 -19.57
CA MET B 357 52.43 18.44 -20.83
C MET B 357 52.78 17.39 -21.89
N GLN B 358 54.03 16.94 -21.94
CA GLN B 358 54.41 15.89 -22.88
C GLN B 358 53.63 14.61 -22.63
N ALA B 359 53.41 14.30 -21.35
CA ALA B 359 52.63 13.13 -20.97
C ALA B 359 51.20 13.25 -21.49
N VAL B 360 50.63 14.45 -21.42
CA VAL B 360 49.28 14.67 -21.92
C VAL B 360 49.26 14.60 -23.45
N ILE B 361 50.24 15.24 -24.08
CA ILE B 361 50.33 15.25 -25.52
C ILE B 361 50.40 13.83 -26.08
N ALA B 362 51.09 12.94 -25.36
CA ALA B 362 51.24 11.56 -25.80
C ALA B 362 49.91 10.83 -25.93
N ARG B 363 48.91 11.33 -25.21
CA ARG B 363 47.61 10.68 -25.16
C ARG B 363 46.55 11.49 -25.89
N ARG B 364 46.98 12.32 -26.83
CA ARG B 364 46.06 13.28 -27.46
C ARG B 364 45.08 12.69 -28.49
N ASP B 365 45.34 11.47 -28.94
CA ASP B 365 44.66 10.92 -30.13
C ASP B 365 43.26 10.33 -29.91
N ALA B 366 43.05 9.68 -28.77
CA ALA B 366 41.77 9.04 -28.49
C ALA B 366 40.62 10.06 -28.58
N PHE B 367 39.48 9.62 -29.12
CA PHE B 367 38.35 10.51 -29.27
C PHE B 367 37.54 10.58 -27.97
N GLY B 368 38.13 11.17 -26.93
CA GLY B 368 37.49 11.24 -25.63
C GLY B 368 37.39 12.67 -25.07
N GLU B 369 36.68 12.84 -23.95
CA GLU B 369 36.51 14.19 -23.40
C GLU B 369 37.83 14.72 -22.82
N ALA B 370 38.69 13.83 -22.33
CA ALA B 370 39.99 14.28 -21.86
C ALA B 370 40.77 14.89 -23.01
N GLN B 371 40.71 14.23 -24.14
CA GLN B 371 41.43 14.71 -25.31
C GLN B 371 40.83 15.99 -25.87
N LEU B 372 39.51 16.11 -25.85
CA LEU B 372 38.83 17.33 -26.28
C LEU B 372 39.31 18.49 -25.43
N ALA B 373 39.37 18.28 -24.13
CA ALA B 373 39.82 19.31 -23.20
C ALA B 373 41.25 19.75 -23.51
N HIS B 374 42.13 18.77 -23.63
CA HIS B 374 43.53 19.06 -23.95
C HIS B 374 43.68 19.88 -25.23
N ARG B 375 42.88 19.56 -26.24
CA ARG B 375 43.05 20.14 -27.57
C ARG B 375 42.21 21.39 -27.81
N ILE B 376 41.46 21.82 -26.80
CA ILE B 376 40.46 22.85 -27.03
C ILE B 376 41.12 24.17 -27.47
N CYS B 377 42.36 24.41 -27.07
CA CYS B 377 43.06 25.63 -27.49
C CYS B 377 43.15 25.70 -29.01
N ASP B 378 43.20 24.53 -29.66
CA ASP B 378 43.29 24.46 -31.12
C ASP B 378 41.98 24.79 -31.83
N TYR B 379 40.89 24.87 -31.07
CA TYR B 379 39.55 25.06 -31.63
C TYR B 379 38.85 26.36 -31.23
N LEU B 380 39.56 27.24 -30.52
CA LEU B 380 38.96 28.49 -30.07
C LEU B 380 38.66 29.41 -31.26
N PRO B 381 37.44 29.98 -31.31
CA PRO B 381 37.11 30.88 -32.42
C PRO B 381 37.94 32.15 -32.42
N GLU B 382 38.37 32.59 -33.61
CA GLU B 382 39.18 33.79 -33.69
C GLU B 382 38.39 35.01 -33.21
N GLN B 383 39.01 35.82 -32.35
CA GLN B 383 38.37 37.00 -31.78
C GLN B 383 37.10 36.63 -31.02
N GLY B 384 37.09 35.43 -30.45
CA GLY B 384 35.90 34.94 -29.74
C GLY B 384 36.12 34.81 -28.25
N GLN B 385 35.27 34.01 -27.63
CA GLN B 385 35.32 33.79 -26.19
C GLN B 385 34.89 32.36 -25.88
N LEU B 386 35.39 31.85 -24.77
CA LEU B 386 35.11 30.50 -24.31
C LEU B 386 34.23 30.53 -23.08
N PHE B 387 33.15 29.76 -23.08
CA PHE B 387 32.35 29.60 -21.87
C PHE B 387 32.48 28.16 -21.41
N VAL B 388 33.07 27.97 -20.24
N VAL B 388 33.00 28.02 -20.27
CA VAL B 388 33.32 26.62 -19.73
CA VAL B 388 33.24 26.69 -19.77
C VAL B 388 32.32 26.24 -18.67
C VAL B 388 32.25 26.30 -18.70
N GLY B 389 31.69 25.09 -18.85
CA GLY B 389 30.68 24.61 -17.91
C GLY B 389 31.34 24.03 -16.67
N ASN B 390 30.53 23.59 -15.72
CA ASN B 390 31.08 23.05 -14.49
C ASN B 390 31.19 21.53 -14.53
N SER B 391 31.75 20.97 -13.45
CA SER B 391 32.05 19.54 -13.31
C SER B 391 33.32 19.19 -14.07
N LEU B 392 33.31 18.10 -14.84
CA LEU B 392 34.56 17.62 -15.46
C LEU B 392 35.14 18.56 -16.53
N VAL B 393 34.29 19.27 -17.26
CA VAL B 393 34.83 20.04 -18.39
C VAL B 393 35.84 21.09 -17.92
N VAL B 394 35.51 21.85 -16.89
CA VAL B 394 36.41 22.87 -16.39
C VAL B 394 37.66 22.23 -15.73
N ARG B 395 37.48 21.11 -15.05
N ARG B 395 37.48 21.12 -15.04
CA ARG B 395 38.61 20.44 -14.41
CA ARG B 395 38.60 20.43 -14.40
C ARG B 395 39.58 19.88 -15.44
C ARG B 395 39.58 19.90 -15.45
N LEU B 396 39.05 19.27 -16.50
CA LEU B 396 39.89 18.67 -17.53
C LEU B 396 40.63 19.71 -18.37
N ILE B 397 39.95 20.80 -18.73
CA ILE B 397 40.62 21.85 -19.47
C ILE B 397 41.73 22.46 -18.60
N ASP B 398 41.41 22.69 -17.33
CA ASP B 398 42.39 23.25 -16.40
C ASP B 398 43.60 22.33 -16.25
N ALA B 399 43.35 21.02 -16.17
CA ALA B 399 44.41 20.05 -15.91
C ALA B 399 45.24 19.72 -17.15
N LEU B 400 44.60 19.76 -18.32
CA LEU B 400 45.20 19.16 -19.51
C LEU B 400 45.50 20.11 -20.66
N SER B 401 44.97 21.33 -20.61
CA SER B 401 45.17 22.25 -21.74
C SER B 401 45.95 23.49 -21.34
N GLN B 402 46.53 24.15 -22.33
CA GLN B 402 47.19 25.42 -22.12
C GLN B 402 46.47 26.49 -22.93
N LEU B 403 45.66 27.32 -22.28
CA LEU B 403 44.87 28.31 -23.02
C LEU B 403 45.68 29.58 -23.28
N PRO B 404 45.46 30.21 -24.43
CA PRO B 404 46.24 31.40 -24.81
C PRO B 404 46.03 32.60 -23.88
N ALA B 405 47.12 33.32 -23.58
CA ALA B 405 47.04 34.51 -22.75
C ALA B 405 46.10 35.54 -23.37
N GLY B 406 45.24 36.11 -22.54
CA GLY B 406 44.34 37.16 -23.00
C GLY B 406 43.12 36.67 -23.78
N TYR B 407 42.99 35.37 -23.99
CA TYR B 407 41.80 34.85 -24.65
C TYR B 407 40.67 34.71 -23.61
N PRO B 408 39.56 35.44 -23.79
CA PRO B 408 38.52 35.53 -22.74
C PRO B 408 37.85 34.20 -22.44
N VAL B 409 37.78 33.88 -21.14
CA VAL B 409 37.11 32.70 -20.65
C VAL B 409 36.07 33.15 -19.63
N TYR B 410 34.89 32.57 -19.71
CA TYR B 410 33.82 32.84 -18.77
C TYR B 410 33.26 31.56 -18.16
N SER B 411 32.67 31.69 -16.97
CA SER B 411 32.19 30.54 -16.23
C SER B 411 31.27 30.98 -15.10
N ASN B 412 30.53 30.02 -14.54
CA ASN B 412 29.82 30.22 -13.28
C ASN B 412 30.51 29.42 -12.19
N ALA B 413 31.70 29.87 -11.78
CA ALA B 413 32.53 29.08 -10.89
C ALA B 413 32.49 29.57 -9.44
N GLY B 414 31.49 30.41 -9.11
CA GLY B 414 31.32 30.84 -7.74
C GLY B 414 30.77 29.72 -6.89
N ALA B 415 29.52 29.35 -7.15
CA ALA B 415 28.88 28.24 -6.47
C ALA B 415 28.96 27.00 -7.34
N SER B 416 29.48 27.17 -8.56
CA SER B 416 29.67 26.07 -9.50
C SER B 416 28.43 25.24 -9.76
N GLY B 417 27.29 25.92 -9.88
CA GLY B 417 26.04 25.24 -10.17
C GLY B 417 25.96 24.73 -11.60
N ILE B 418 25.30 23.59 -11.77
CA ILE B 418 25.07 23.07 -13.11
C ILE B 418 23.66 23.44 -13.56
N ASP B 419 23.05 24.43 -12.90
CA ASP B 419 21.63 24.72 -13.16
C ASP B 419 21.34 25.88 -14.14
N GLY B 420 22.35 26.62 -14.59
CA GLY B 420 22.04 27.75 -15.45
C GLY B 420 23.02 28.02 -16.58
N LEU B 421 23.69 26.97 -17.03
CA LEU B 421 24.85 27.17 -17.89
C LEU B 421 24.50 27.57 -19.33
N LEU B 422 23.40 27.05 -19.89
CA LEU B 422 23.02 27.45 -21.25
C LEU B 422 22.49 28.88 -21.29
N SER B 423 21.62 29.25 -20.35
CA SER B 423 21.10 30.61 -20.31
C SER B 423 22.22 31.60 -19.99
N THR B 424 23.17 31.23 -19.13
CA THR B 424 24.29 32.12 -18.85
C THR B 424 25.11 32.31 -20.13
N ALA B 425 25.37 31.21 -20.84
CA ALA B 425 26.13 31.31 -22.10
C ALA B 425 25.44 32.21 -23.13
N ALA B 426 24.11 32.17 -23.19
CA ALA B 426 23.37 33.04 -24.09
C ALA B 426 23.61 34.52 -23.77
N GLY B 427 23.58 34.85 -22.48
CA GLY B 427 23.83 36.21 -22.02
C GLY B 427 25.26 36.63 -22.27
N VAL B 428 26.19 35.71 -22.08
CA VAL B 428 27.60 35.99 -22.34
C VAL B 428 27.78 36.36 -23.82
N GLN B 429 27.14 35.59 -24.69
CA GLN B 429 27.22 35.86 -26.13
C GLN B 429 26.59 37.22 -26.49
N ARG B 430 25.38 37.46 -26.02
CA ARG B 430 24.67 38.68 -26.38
C ARG B 430 25.38 39.93 -25.90
N ALA B 431 26.00 39.85 -24.73
CA ALA B 431 26.67 41.00 -24.13
C ALA B 431 27.82 41.51 -25.01
N SER B 432 28.65 40.60 -25.52
CA SER B 432 29.86 41.01 -26.26
C SER B 432 29.68 40.98 -27.78
N GLY B 433 28.71 40.19 -28.23
CA GLY B 433 28.53 40.03 -29.68
C GLY B 433 29.61 39.21 -30.36
N LYS B 434 30.43 38.52 -29.57
CA LYS B 434 31.53 37.73 -30.10
C LYS B 434 31.13 36.30 -30.42
N PRO B 435 31.81 35.69 -31.39
CA PRO B 435 31.68 34.25 -31.64
C PRO B 435 32.03 33.52 -30.35
N THR B 436 31.23 32.52 -30.00
CA THR B 436 31.31 31.90 -28.68
C THR B 436 31.39 30.38 -28.76
N LEU B 437 32.33 29.81 -28.03
CA LEU B 437 32.42 28.37 -27.84
C LEU B 437 32.03 28.08 -26.41
N ALA B 438 30.95 27.31 -26.26
CA ALA B 438 30.44 26.91 -24.95
C ALA B 438 30.50 25.39 -24.82
N ILE B 439 30.99 24.91 -23.68
CA ILE B 439 31.15 23.47 -23.47
C ILE B 439 30.56 23.03 -22.14
N VAL B 440 29.61 22.10 -22.19
CA VAL B 440 28.93 21.65 -20.99
C VAL B 440 28.71 20.15 -21.00
N GLY B 441 28.41 19.60 -19.83
CA GLY B 441 28.11 18.18 -19.68
C GLY B 441 26.65 17.87 -19.93
N ASP B 442 26.33 16.58 -20.00
CA ASP B 442 24.96 16.16 -20.35
C ASP B 442 23.91 16.48 -19.28
N LEU B 443 24.23 16.28 -18.01
CA LEU B 443 23.23 16.62 -16.97
C LEU B 443 23.06 18.15 -16.96
N SER B 444 24.15 18.87 -17.21
CA SER B 444 24.07 20.34 -17.30
C SER B 444 23.14 20.80 -18.42
N ALA B 445 23.27 20.19 -19.60
CA ALA B 445 22.43 20.55 -20.72
C ALA B 445 20.98 20.19 -20.45
N LEU B 446 20.76 19.04 -19.80
CA LEU B 446 19.39 18.68 -19.42
C LEU B 446 18.79 19.65 -18.40
N TYR B 447 19.60 20.04 -17.42
CA TYR B 447 19.17 20.93 -16.34
C TYR B 447 18.59 22.23 -16.91
N ASP B 448 19.31 22.83 -17.87
CA ASP B 448 18.89 24.10 -18.44
C ASP B 448 18.42 23.90 -19.89
N LEU B 449 17.79 22.76 -20.14
CA LEU B 449 17.41 22.38 -21.50
C LEU B 449 16.53 23.41 -22.21
N ASN B 450 15.58 24.03 -21.50
CA ASN B 450 14.68 24.96 -22.19
C ASN B 450 15.35 26.28 -22.56
N ALA B 451 16.62 26.45 -22.14
CA ALA B 451 17.39 27.63 -22.52
C ALA B 451 17.84 27.57 -23.99
N LEU B 452 17.66 26.41 -24.61
CA LEU B 452 17.89 26.31 -26.04
C LEU B 452 16.95 27.29 -26.75
N ALA B 453 15.82 27.62 -26.10
CA ALA B 453 14.93 28.64 -26.67
C ALA B 453 15.68 29.97 -26.84
N LEU B 454 16.51 30.33 -25.86
CA LEU B 454 17.26 31.57 -25.91
C LEU B 454 18.33 31.57 -27.00
N LEU B 455 18.90 30.40 -27.22
CA LEU B 455 20.04 30.26 -28.14
C LEU B 455 19.59 30.31 -29.60
N ARG B 456 18.30 30.47 -29.82
CA ARG B 456 17.75 30.73 -31.13
C ARG B 456 18.06 32.16 -31.56
N GLN B 457 18.47 32.98 -30.63
CA GLN B 457 18.85 34.37 -30.93
C GLN B 457 20.23 34.69 -30.37
N VAL B 458 21.24 34.57 -31.21
CA VAL B 458 22.61 34.98 -30.91
C VAL B 458 23.06 35.88 -32.07
N SER B 459 23.97 36.80 -31.80
CA SER B 459 24.37 37.82 -32.80
C SER B 459 25.63 37.43 -33.58
N ALA B 460 26.22 36.31 -33.18
CA ALA B 460 27.41 35.75 -33.80
C ALA B 460 27.34 34.24 -33.57
N PRO B 461 28.13 33.45 -34.30
CA PRO B 461 28.02 32.00 -34.09
C PRO B 461 28.30 31.56 -32.66
N LEU B 462 27.47 30.65 -32.16
CA LEU B 462 27.73 30.03 -30.87
C LEU B 462 27.74 28.51 -31.06
N VAL B 463 28.87 27.90 -30.75
CA VAL B 463 28.96 26.43 -30.77
C VAL B 463 28.77 25.93 -29.35
N LEU B 464 27.73 25.12 -29.17
CA LEU B 464 27.47 24.47 -27.91
C LEU B 464 27.89 23.02 -28.02
N ILE B 465 29.03 22.68 -27.41
CA ILE B 465 29.44 21.29 -27.32
C ILE B 465 28.79 20.70 -26.06
N VAL B 466 28.03 19.62 -26.22
CA VAL B 466 27.51 18.87 -25.09
C VAL B 466 28.31 17.59 -24.98
N VAL B 467 29.08 17.45 -23.91
CA VAL B 467 29.83 16.22 -23.68
C VAL B 467 28.91 15.21 -23.02
N ASN B 468 28.55 14.18 -23.76
CA ASN B 468 27.61 13.19 -23.25
C ASN B 468 28.35 11.93 -22.83
N ASN B 469 28.63 11.83 -21.53
CA ASN B 469 29.26 10.65 -20.97
C ASN B 469 28.26 9.92 -20.08
N ASN B 470 26.97 10.22 -20.28
CA ASN B 470 25.85 9.50 -19.64
C ASN B 470 25.86 9.53 -18.11
N GLY B 471 25.69 10.74 -17.57
CA GLY B 471 25.60 10.93 -16.13
C GLY B 471 26.63 11.92 -15.65
N GLY B 472 26.67 12.15 -14.34
CA GLY B 472 27.65 13.06 -13.77
C GLY B 472 28.94 12.34 -13.47
N GLN B 473 29.84 12.26 -14.46
CA GLN B 473 31.01 11.39 -14.34
C GLN B 473 32.11 11.96 -13.44
N ILE B 474 31.91 13.17 -12.95
CA ILE B 474 32.74 13.66 -11.85
C ILE B 474 32.65 12.68 -10.66
N PHE B 475 31.54 11.95 -10.57
CA PHE B 475 31.37 10.98 -9.47
C PHE B 475 32.05 9.64 -9.78
N SER B 476 32.66 9.53 -10.96
CA SER B 476 33.58 8.42 -11.25
C SER B 476 35.02 8.84 -10.96
N LEU B 477 35.24 10.14 -10.85
CA LEU B 477 36.55 10.67 -10.47
C LEU B 477 36.69 10.66 -8.96
N LEU B 478 35.66 11.16 -8.28
CA LEU B 478 35.56 11.07 -6.83
C LEU B 478 35.45 9.61 -6.41
N PRO B 479 35.93 9.28 -5.21
CA PRO B 479 35.93 7.91 -4.68
C PRO B 479 34.57 7.50 -4.09
N THR B 480 33.50 7.69 -4.85
CA THR B 480 32.16 7.30 -4.38
C THR B 480 32.07 5.77 -4.33
N PRO B 481 31.21 5.24 -3.46
CA PRO B 481 31.07 3.78 -3.33
C PRO B 481 30.45 3.14 -4.58
N GLN B 482 31.04 2.03 -5.05
CA GLN B 482 30.65 1.43 -6.33
C GLN B 482 29.20 0.95 -6.33
N SER B 483 28.73 0.40 -5.21
CA SER B 483 27.40 -0.19 -5.14
C SER B 483 26.30 0.85 -5.37
N GLU B 484 26.49 2.06 -4.85
CA GLU B 484 25.48 3.12 -4.97
C GLU B 484 25.75 4.12 -6.09
N ARG B 485 26.90 3.99 -6.75
CA ARG B 485 27.37 5.04 -7.64
C ARG B 485 26.41 5.37 -8.79
N GLU B 486 25.93 4.36 -9.48
CA GLU B 486 25.11 4.62 -10.67
C GLU B 486 23.78 5.27 -10.31
N ARG B 487 23.05 4.63 -9.40
CA ARG B 487 21.70 5.10 -9.09
C ARG B 487 21.74 6.43 -8.34
N PHE B 488 22.65 6.58 -7.40
CA PHE B 488 22.56 7.72 -6.48
C PHE B 488 23.56 8.83 -6.73
N TYR B 489 24.50 8.61 -7.66
CA TYR B 489 25.47 9.64 -8.01
C TYR B 489 25.50 9.98 -9.49
N LEU B 490 25.88 9.01 -10.32
CA LEU B 490 26.04 9.26 -11.76
C LEU B 490 24.73 9.66 -12.40
N MET B 491 23.67 8.95 -12.02
CA MET B 491 22.33 9.19 -12.55
C MET B 491 22.30 9.39 -14.07
N PRO B 492 22.76 8.37 -14.82
CA PRO B 492 22.64 8.38 -16.27
C PRO B 492 21.20 8.55 -16.70
N GLN B 493 20.95 9.39 -17.70
CA GLN B 493 19.60 9.64 -18.17
C GLN B 493 19.38 8.98 -19.52
N ASN B 494 20.45 8.45 -20.10
CA ASN B 494 20.37 7.71 -21.35
C ASN B 494 19.60 8.46 -22.43
N VAL B 495 20.07 9.65 -22.76
N VAL B 495 20.07 9.65 -22.76
CA VAL B 495 19.43 10.46 -23.78
CA VAL B 495 19.45 10.47 -23.79
C VAL B 495 20.47 10.96 -24.79
C VAL B 495 20.48 10.95 -24.80
N HIS B 496 20.00 11.45 -25.93
CA HIS B 496 20.83 12.21 -26.86
C HIS B 496 20.15 13.55 -27.08
N PHE B 497 20.82 14.47 -27.77
CA PHE B 497 20.35 15.83 -27.86
C PHE B 497 19.94 16.25 -29.26
N GLU B 498 19.82 15.28 -30.16
CA GLU B 498 19.40 15.53 -31.52
C GLU B 498 17.99 16.11 -31.58
N HIS B 499 17.07 15.57 -30.80
CA HIS B 499 15.71 16.07 -30.81
C HIS B 499 15.56 17.41 -30.10
N ALA B 500 16.39 17.66 -29.09
CA ALA B 500 16.37 18.97 -28.44
C ALA B 500 16.73 20.04 -29.46
N ALA B 501 17.79 19.80 -30.24
CA ALA B 501 18.19 20.75 -31.27
C ALA B 501 17.09 20.95 -32.31
N ALA B 502 16.50 19.84 -32.75
CA ALA B 502 15.42 19.88 -33.74
C ALA B 502 14.23 20.68 -33.23
N MET B 503 13.91 20.52 -31.95
CA MET B 503 12.78 21.24 -31.37
C MET B 503 12.91 22.76 -31.48
N PHE B 504 14.13 23.27 -31.35
CA PHE B 504 14.37 24.70 -31.38
C PHE B 504 15.03 25.12 -32.69
N GLU B 505 14.97 24.24 -33.67
CA GLU B 505 15.46 24.53 -35.02
C GLU B 505 16.93 24.95 -35.05
N LEU B 506 17.73 24.25 -34.25
CA LEU B 506 19.17 24.48 -34.23
C LEU B 506 19.91 23.39 -34.97
N LYS B 507 20.92 23.78 -35.76
N LYS B 507 20.91 23.76 -35.78
CA LYS B 507 21.76 22.81 -36.44
CA LYS B 507 21.68 22.75 -36.47
C LYS B 507 22.40 21.86 -35.42
C LYS B 507 22.43 21.88 -35.47
N TYR B 508 22.56 20.60 -35.81
CA TYR B 508 23.05 19.58 -34.89
C TYR B 508 24.05 18.64 -35.55
N HIS B 509 25.14 18.34 -34.83
CA HIS B 509 26.13 17.36 -35.29
C HIS B 509 26.45 16.38 -34.18
N ARG B 510 26.63 15.11 -34.54
CA ARG B 510 27.14 14.11 -33.60
C ARG B 510 28.37 13.45 -34.21
N PRO B 511 29.51 14.15 -34.18
CA PRO B 511 30.75 13.69 -34.82
C PRO B 511 31.31 12.41 -34.21
N GLN B 512 31.81 11.52 -35.05
CA GLN B 512 32.30 10.21 -34.61
C GLN B 512 33.82 10.16 -34.48
N ASN B 513 34.49 11.19 -35.01
CA ASN B 513 35.95 11.29 -34.99
C ASN B 513 36.40 12.74 -35.11
N TRP B 514 37.71 12.98 -35.03
CA TRP B 514 38.22 14.35 -35.03
C TRP B 514 37.93 15.07 -36.33
N GLN B 515 38.02 14.35 -37.44
CA GLN B 515 37.77 14.96 -38.74
C GLN B 515 36.34 15.48 -38.82
N GLU B 516 35.40 14.67 -38.35
CA GLU B 516 33.99 15.07 -38.38
C GLU B 516 33.73 16.23 -37.42
N LEU B 517 34.44 16.25 -36.29
CA LEU B 517 34.33 17.38 -35.37
C LEU B 517 34.82 18.67 -36.01
N GLU B 518 35.97 18.60 -36.66
CA GLU B 518 36.53 19.79 -37.30
C GLU B 518 35.64 20.26 -38.45
N THR B 519 35.05 19.32 -39.18
CA THR B 519 34.09 19.68 -40.21
C THR B 519 32.90 20.42 -39.63
N ALA B 520 32.41 19.94 -38.48
CA ALA B 520 31.31 20.57 -37.78
C ALA B 520 31.67 21.99 -37.34
N PHE B 521 32.86 22.16 -36.79
CA PHE B 521 33.33 23.47 -36.37
C PHE B 521 33.32 24.43 -37.57
N ALA B 522 33.87 23.98 -38.69
CA ALA B 522 33.98 24.81 -39.87
C ALA B 522 32.61 25.31 -40.36
N ASP B 523 31.63 24.42 -40.35
CA ASP B 523 30.25 24.77 -40.71
C ASP B 523 29.68 25.79 -39.73
N ALA B 524 29.90 25.54 -38.44
CA ALA B 524 29.26 26.33 -37.39
C ALA B 524 29.68 27.79 -37.41
N TRP B 525 30.96 28.07 -37.63
CA TRP B 525 31.42 29.46 -37.50
C TRP B 525 30.95 30.35 -38.65
N ARG B 526 30.32 29.75 -39.66
CA ARG B 526 29.94 30.50 -40.86
C ARG B 526 28.69 31.36 -40.71
N THR B 527 27.84 31.07 -39.72
CA THR B 527 26.60 31.86 -39.54
C THR B 527 26.34 32.28 -38.09
N PRO B 528 25.63 33.41 -37.91
CA PRO B 528 25.30 33.90 -36.56
C PRO B 528 24.16 33.12 -35.94
N THR B 529 24.40 31.83 -35.75
CA THR B 529 23.44 30.95 -35.13
C THR B 529 24.13 30.02 -34.15
N THR B 530 23.32 29.37 -33.32
CA THR B 530 23.83 28.38 -32.40
C THR B 530 23.83 27.02 -33.06
N THR B 531 24.97 26.32 -33.01
CA THR B 531 25.08 24.94 -33.49
C THR B 531 25.32 24.04 -32.30
N VAL B 532 24.52 22.97 -32.19
CA VAL B 532 24.73 21.99 -31.13
C VAL B 532 25.62 20.84 -31.65
N ILE B 533 26.76 20.63 -30.99
CA ILE B 533 27.63 19.52 -31.29
C ILE B 533 27.67 18.56 -30.10
N GLU B 534 27.12 17.37 -30.28
CA GLU B 534 27.09 16.39 -29.21
C GLU B 534 28.26 15.42 -29.34
N MET B 535 29.12 15.41 -28.33
CA MET B 535 30.23 14.47 -28.33
C MET B 535 29.92 13.32 -27.39
N VAL B 536 29.58 12.18 -27.97
CA VAL B 536 29.26 10.98 -27.21
C VAL B 536 30.55 10.22 -26.92
N VAL B 537 30.82 9.99 -25.64
CA VAL B 537 32.07 9.37 -25.22
C VAL B 537 31.79 8.25 -24.21
N ASN B 538 32.73 7.34 -24.06
CA ASN B 538 32.59 6.24 -23.09
C ASN B 538 32.59 6.81 -21.69
N ASP B 539 31.58 6.42 -20.91
CA ASP B 539 31.30 7.07 -19.61
C ASP B 539 32.51 7.42 -18.76
N THR B 540 33.34 6.44 -18.45
CA THR B 540 34.36 6.66 -17.43
C THR B 540 35.76 6.98 -17.97
N ASP B 541 35.93 7.05 -19.29
CA ASP B 541 37.25 7.27 -19.86
C ASP B 541 37.93 8.59 -19.45
N GLY B 542 37.18 9.68 -19.41
CA GLY B 542 37.72 10.97 -19.03
C GLY B 542 38.29 10.96 -17.62
N ALA B 543 37.49 10.48 -16.68
CA ALA B 543 37.91 10.40 -15.29
C ALA B 543 39.15 9.51 -15.12
N GLN B 544 39.12 8.36 -15.78
CA GLN B 544 40.21 7.41 -15.66
C GLN B 544 41.50 7.96 -16.28
N THR B 545 41.35 8.66 -17.40
CA THR B 545 42.51 9.24 -18.06
C THR B 545 43.17 10.28 -17.17
N LEU B 546 42.36 11.09 -16.50
CA LEU B 546 42.90 12.09 -15.58
C LEU B 546 43.64 11.39 -14.45
N GLN B 547 43.05 10.33 -13.91
CA GLN B 547 43.66 9.60 -12.81
C GLN B 547 44.99 8.98 -13.23
N GLN B 548 45.03 8.43 -14.43
CA GLN B 548 46.26 7.80 -14.94
C GLN B 548 47.38 8.81 -15.15
N LEU B 549 47.03 9.97 -15.72
CA LEU B 549 48.02 11.02 -15.97
C LEU B 549 48.57 11.59 -14.67
N LEU B 550 47.70 11.76 -13.69
CA LEU B 550 48.14 12.19 -12.37
C LEU B 550 49.18 11.22 -11.81
N ALA B 551 48.88 9.93 -11.87
CA ALA B 551 49.79 8.91 -11.35
C ALA B 551 51.10 8.94 -12.10
N GLN B 552 51.02 9.01 -13.43
CA GLN B 552 52.22 9.01 -14.25
C GLN B 552 53.11 10.19 -13.89
N VAL B 553 52.52 11.37 -13.81
CA VAL B 553 53.31 12.57 -13.54
C VAL B 553 53.87 12.60 -12.11
N SER B 554 53.14 11.98 -11.18
CA SER B 554 53.56 11.95 -9.78
C SER B 554 54.83 11.12 -9.57
N HIS B 555 55.12 10.23 -10.51
CA HIS B 555 56.26 9.33 -10.38
C HIS B 555 57.48 9.82 -11.17
N LEU B 556 57.35 10.97 -11.83
CA LEU B 556 58.47 11.52 -12.58
C LEU B 556 59.59 11.99 -11.64
N MET C 1 41.09 17.03 26.11
CA MET C 1 40.52 16.36 27.27
C MET C 1 39.67 17.31 28.11
N SER C 2 40.27 18.40 28.59
CA SER C 2 39.53 19.31 29.49
C SER C 2 38.73 20.35 28.74
N VAL C 3 37.42 20.24 28.80
CA VAL C 3 36.54 21.20 28.16
C VAL C 3 36.71 22.60 28.73
N SER C 4 36.85 22.69 30.06
N SER C 4 36.86 22.70 30.06
CA SER C 4 37.01 23.98 30.71
CA SER C 4 36.98 24.01 30.68
C SER C 4 38.27 24.68 30.24
C SER C 4 38.27 24.70 30.23
N ALA C 5 39.35 23.93 30.12
CA ALA C 5 40.62 24.47 29.66
C ALA C 5 40.52 24.87 28.19
N PHE C 6 39.92 24.02 27.36
CA PHE C 6 39.86 24.38 25.95
C PHE C 6 38.96 25.59 25.70
N ASN C 7 37.86 25.70 26.44
CA ASN C 7 37.03 26.90 26.38
C ASN C 7 37.86 28.16 26.52
N ARG C 8 38.76 28.14 27.50
CA ARG C 8 39.57 29.31 27.80
C ARG C 8 40.63 29.57 26.75
N ARG C 9 41.13 28.50 26.13
CA ARG C 9 42.10 28.63 25.03
C ARG C 9 41.47 29.25 23.79
N TRP C 10 40.24 28.83 23.51
CA TRP C 10 39.42 29.36 22.44
C TRP C 10 39.12 30.84 22.69
N ALA C 11 38.66 31.13 23.91
CA ALA C 11 38.41 32.51 24.31
C ALA C 11 39.69 33.36 24.25
N ALA C 12 40.82 32.78 24.62
CA ALA C 12 42.09 33.52 24.62
C ALA C 12 42.48 33.96 23.20
N VAL C 13 42.16 33.15 22.19
CA VAL C 13 42.44 33.55 20.81
C VAL C 13 41.58 34.76 20.45
N ILE C 14 40.31 34.72 20.83
CA ILE C 14 39.39 35.81 20.52
C ILE C 14 39.85 37.15 21.10
N LEU C 15 40.20 37.15 22.39
CA LEU C 15 40.56 38.39 23.07
C LEU C 15 41.91 38.94 22.57
N GLU C 16 42.90 38.07 22.38
CA GLU C 16 44.19 38.50 21.88
C GLU C 16 44.05 39.09 20.47
N ALA C 17 43.18 38.49 19.67
CA ALA C 17 42.96 38.99 18.31
C ALA C 17 42.48 40.45 18.35
N LEU C 18 41.59 40.76 19.29
CA LEU C 18 41.03 42.10 19.37
C LEU C 18 42.11 43.13 19.67
N THR C 19 43.12 42.73 20.44
CA THR C 19 44.21 43.65 20.77
C THR C 19 44.97 44.12 19.54
N ARG C 20 44.89 43.36 18.46
CA ARG C 20 45.61 43.72 17.23
C ARG C 20 44.85 44.74 16.39
N HIS C 21 43.63 45.09 16.82
CA HIS C 21 42.80 46.04 16.10
C HIS C 21 42.52 47.28 16.94
N GLY C 22 43.36 47.50 17.94
CA GLY C 22 43.29 48.71 18.72
C GLY C 22 42.37 48.66 19.93
N VAL C 23 41.82 47.49 20.24
CA VAL C 23 40.96 47.35 21.43
C VAL C 23 41.81 47.42 22.71
N ARG C 24 41.50 48.40 23.56
CA ARG C 24 42.21 48.59 24.82
C ARG C 24 41.23 48.45 25.97
N HIS C 25 40.10 49.15 25.86
CA HIS C 25 39.06 49.11 26.88
C HIS C 25 38.16 47.90 26.69
N ILE C 26 37.87 47.21 27.78
CA ILE C 26 36.89 46.15 27.74
C ILE C 26 35.97 46.29 28.95
N CYS C 27 34.67 46.23 28.69
CA CYS C 27 33.64 46.41 29.70
C CYS C 27 32.97 45.08 29.98
N ILE C 28 33.00 44.68 31.26
CA ILE C 28 32.58 43.34 31.65
C ILE C 28 31.46 43.38 32.67
N ALA C 29 30.41 42.60 32.40
CA ALA C 29 29.35 42.39 33.38
C ALA C 29 29.47 40.99 33.94
N PRO C 30 28.89 40.75 35.12
CA PRO C 30 29.10 39.45 35.78
C PRO C 30 28.27 38.31 35.22
N GLY C 31 28.80 37.10 35.31
CA GLY C 31 28.09 35.92 34.86
C GLY C 31 28.91 34.65 35.00
N SER C 32 28.26 33.50 34.79
CA SER C 32 28.98 32.23 34.83
C SER C 32 29.31 31.76 33.42
N ARG C 33 28.32 31.81 32.53
CA ARG C 33 28.52 31.31 31.16
C ARG C 33 29.60 32.11 30.43
N SER C 34 29.81 33.35 30.86
CA SER C 34 30.83 34.23 30.26
C SER C 34 32.23 33.95 30.78
N THR C 35 32.35 33.00 31.69
CA THR C 35 33.63 32.71 32.35
C THR C 35 34.83 32.60 31.38
N PRO C 36 34.69 31.85 30.27
CA PRO C 36 35.87 31.73 29.41
C PRO C 36 36.34 33.08 28.84
N LEU C 37 35.40 33.93 28.45
CA LEU C 37 35.73 35.25 27.92
C LEU C 37 36.28 36.14 29.02
N THR C 38 35.60 36.14 30.17
CA THR C 38 35.99 37.03 31.25
C THR C 38 37.37 36.65 31.83
N LEU C 39 37.64 35.36 31.99
CA LEU C 39 38.96 34.97 32.49
C LEU C 39 40.04 35.26 31.47
N ALA C 40 39.75 35.02 30.19
CA ALA C 40 40.71 35.35 29.14
C ALA C 40 41.04 36.83 29.16
N ALA C 41 40.02 37.67 29.37
CA ALA C 41 40.23 39.11 29.39
C ALA C 41 41.03 39.54 30.62
N ALA C 42 40.67 38.98 31.78
CA ALA C 42 41.31 39.34 33.03
C ALA C 42 42.81 39.02 32.99
N GLU C 43 43.15 37.94 32.28
CA GLU C 43 44.54 37.47 32.21
C GLU C 43 45.39 38.22 31.19
N ASN C 44 44.72 38.94 30.30
CA ASN C 44 45.41 39.65 29.22
C ASN C 44 45.79 41.07 29.65
N SER C 45 47.10 41.33 29.74
CA SER C 45 47.62 42.58 30.28
C SER C 45 47.44 43.79 29.34
N ALA C 46 46.92 43.56 28.14
CA ALA C 46 46.72 44.63 27.17
C ALA C 46 45.51 45.51 27.48
N PHE C 47 44.60 45.01 28.31
CA PHE C 47 43.29 45.64 28.50
C PHE C 47 43.21 46.55 29.71
N ILE C 48 42.36 47.58 29.58
CA ILE C 48 41.84 48.36 30.70
C ILE C 48 40.45 47.79 30.97
N HIS C 49 40.23 47.24 32.15
CA HIS C 49 38.95 46.57 32.44
C HIS C 49 38.00 47.48 33.19
N HIS C 50 36.76 47.54 32.71
CA HIS C 50 35.69 48.21 33.41
C HIS C 50 34.60 47.21 33.73
N THR C 51 33.98 47.34 34.90
CA THR C 51 32.88 46.47 35.28
C THR C 51 31.63 47.28 35.63
N HIS C 52 30.47 46.64 35.46
CA HIS C 52 29.19 47.22 35.87
C HIS C 52 28.17 46.11 35.96
N PHE C 53 27.13 46.31 36.78
CA PHE C 53 26.12 45.27 37.01
C PHE C 53 24.89 45.39 36.10
N ASP C 54 24.67 46.56 35.52
CA ASP C 54 23.55 46.79 34.60
C ASP C 54 24.10 46.74 33.18
N GLU C 55 23.70 45.72 32.40
CA GLU C 55 24.27 45.53 31.06
C GLU C 55 23.86 46.63 30.07
N ARG C 56 22.72 47.26 30.32
CA ARG C 56 22.33 48.38 29.47
C ARG C 56 23.30 49.52 29.69
N GLY C 57 23.59 49.81 30.96
CA GLY C 57 24.56 50.83 31.31
C GLY C 57 25.96 50.45 30.88
N LEU C 58 26.27 49.16 30.94
CA LEU C 58 27.58 48.68 30.48
C LEU C 58 27.80 49.01 29.01
N GLY C 59 26.77 48.77 28.20
CA GLY C 59 26.83 49.08 26.78
C GLY C 59 27.03 50.55 26.53
N HIS C 60 26.38 51.40 27.33
CA HIS C 60 26.51 52.85 27.15
C HIS C 60 27.85 53.35 27.67
N LEU C 61 28.38 52.70 28.70
CA LEU C 61 29.74 53.01 29.16
C LEU C 61 30.74 52.75 28.04
N ALA C 62 30.62 51.60 27.39
CA ALA C 62 31.48 51.25 26.26
C ALA C 62 31.30 52.27 25.15
N LEU C 63 30.07 52.67 24.89
CA LEU C 63 29.78 53.69 23.88
C LEU C 63 30.53 54.99 24.16
N GLY C 64 30.50 55.42 25.42
CA GLY C 64 31.17 56.63 25.82
C GLY C 64 32.67 56.52 25.66
N LEU C 65 33.23 55.36 26.03
CA LEU C 65 34.67 55.13 25.87
C LEU C 65 35.06 55.18 24.39
N ALA C 66 34.24 54.56 23.55
CA ALA C 66 34.54 54.51 22.11
C ALA C 66 34.38 55.89 21.49
N LYS C 67 33.36 56.60 21.94
CA LYS C 67 33.03 57.93 21.44
C LYS C 67 34.21 58.88 21.54
N VAL C 68 34.90 58.85 22.69
CA VAL C 68 35.99 59.76 22.97
C VAL C 68 37.34 59.22 22.47
N SER C 69 37.59 57.93 22.66
CA SER C 69 38.88 57.36 22.31
C SER C 69 39.07 57.14 20.82
N LYS C 70 37.94 57.03 20.10
CA LYS C 70 37.95 56.73 18.67
C LYS C 70 38.62 55.39 18.40
N GLN C 71 38.50 54.51 19.39
N GLN C 71 38.56 54.49 19.38
CA GLN C 71 39.00 53.13 19.33
CA GLN C 71 39.01 53.13 19.12
C GLN C 71 37.80 52.19 19.43
C GLN C 71 37.88 52.17 19.46
N PRO C 72 37.95 50.96 18.90
CA PRO C 72 36.92 49.96 19.16
C PRO C 72 37.00 49.58 20.62
N VAL C 73 35.85 49.34 21.24
CA VAL C 73 35.77 48.96 22.65
C VAL C 73 35.01 47.65 22.77
N ALA C 74 35.53 46.72 23.56
CA ALA C 74 34.91 45.40 23.69
C ALA C 74 34.01 45.34 24.91
N VAL C 75 33.03 44.45 24.83
CA VAL C 75 32.05 44.22 25.88
C VAL C 75 31.87 42.73 26.06
N ILE C 76 31.85 42.27 27.31
CA ILE C 76 31.56 40.88 27.62
C ILE C 76 30.33 40.81 28.49
N VAL C 77 29.38 39.98 28.08
CA VAL C 77 28.20 39.69 28.93
C VAL C 77 27.87 38.20 28.90
N THR C 78 27.11 37.74 29.89
CA THR C 78 26.69 36.35 29.95
C THR C 78 25.46 36.12 29.07
N SER C 79 25.03 34.87 28.98
CA SER C 79 23.90 34.50 28.13
C SER C 79 22.58 34.99 28.70
N GLY C 80 21.58 35.16 27.86
CA GLY C 80 20.24 35.47 28.36
C GLY C 80 19.88 36.93 28.16
N THR C 81 19.07 37.47 29.05
CA THR C 81 18.62 38.85 28.88
C THR C 81 19.75 39.87 29.02
N ALA C 82 20.84 39.46 29.65
CA ALA C 82 22.04 40.29 29.71
C ALA C 82 22.41 40.76 28.31
N VAL C 83 22.29 39.86 27.33
CA VAL C 83 22.63 40.17 25.96
C VAL C 83 21.67 41.20 25.38
N ALA C 84 20.37 41.02 25.63
CA ALA C 84 19.36 41.93 25.09
C ALA C 84 19.56 43.36 25.54
N ASN C 85 20.05 43.53 26.76
CA ASN C 85 20.25 44.86 27.33
C ASN C 85 21.31 45.67 26.58
N LEU C 86 22.12 45.01 25.75
CA LEU C 86 23.12 45.71 24.94
C LEU C 86 22.52 46.43 23.73
N TYR C 87 21.26 46.17 23.43
CA TYR C 87 20.64 46.66 22.20
C TYR C 87 20.63 48.17 22.05
N PRO C 88 20.23 48.91 23.11
CA PRO C 88 20.19 50.39 22.95
C PRO C 88 21.54 50.98 22.54
N ALA C 89 22.61 50.58 23.21
CA ALA C 89 23.94 51.11 22.88
C ALA C 89 24.37 50.69 21.48
N LEU C 90 24.04 49.46 21.10
CA LEU C 90 24.36 48.95 19.77
C LEU C 90 23.68 49.74 18.67
N ILE C 91 22.41 50.08 18.89
CA ILE C 91 21.64 50.83 17.91
C ILE C 91 22.22 52.23 17.76
N GLU C 92 22.56 52.84 18.89
CA GLU C 92 23.14 54.18 18.84
C GLU C 92 24.48 54.12 18.10
N ALA C 93 25.29 53.10 18.39
CA ALA C 93 26.59 52.95 17.75
C ALA C 93 26.43 52.79 16.23
N GLY C 94 25.36 52.11 15.83
CA GLY C 94 25.07 51.93 14.43
C GLY C 94 24.81 53.25 13.74
N LEU C 95 24.27 54.21 14.47
CA LEU C 95 23.92 55.49 13.87
C LEU C 95 25.07 56.49 13.86
N THR C 96 25.87 56.50 14.91
CA THR C 96 26.88 57.55 15.03
C THR C 96 28.30 57.01 14.83
N GLY C 97 28.44 55.70 14.78
CA GLY C 97 29.69 55.11 14.30
C GLY C 97 30.65 54.47 15.29
N GLU C 98 30.37 54.57 16.58
CA GLU C 98 31.21 53.93 17.60
C GLU C 98 31.41 52.45 17.28
N LYS C 99 32.64 51.97 17.44
CA LYS C 99 32.95 50.58 17.19
C LYS C 99 32.85 49.75 18.47
N LEU C 100 31.68 49.18 18.71
CA LEU C 100 31.46 48.34 19.89
C LEU C 100 31.54 46.88 19.53
N ILE C 101 32.43 46.14 20.18
CA ILE C 101 32.58 44.72 19.90
C ILE C 101 31.94 43.92 21.00
N LEU C 102 30.77 43.35 20.72
CA LEU C 102 29.97 42.69 21.74
C LEU C 102 30.25 41.19 21.77
N LEU C 103 30.96 40.74 22.79
CA LEU C 103 31.25 39.32 22.98
C LEU C 103 30.19 38.73 23.87
N THR C 104 29.21 38.04 23.30
CA THR C 104 28.06 37.60 24.09
C THR C 104 28.13 36.10 24.31
N ALA C 105 28.36 35.68 25.57
CA ALA C 105 28.42 34.26 25.89
C ALA C 105 27.07 33.61 25.61
N ASP C 106 27.11 32.35 25.17
CA ASP C 106 25.88 31.61 24.87
C ASP C 106 25.95 30.20 25.43
N ARG C 107 24.80 29.57 25.66
CA ARG C 107 24.80 28.11 25.83
C ARG C 107 25.22 27.47 24.52
N PRO C 108 25.70 26.22 24.58
CA PRO C 108 26.02 25.49 23.35
C PRO C 108 24.74 25.08 22.66
N PRO C 109 24.83 24.70 21.38
CA PRO C 109 23.64 24.40 20.57
C PRO C 109 22.70 23.35 21.18
N GLU C 110 23.24 22.37 21.89
CA GLU C 110 22.42 21.29 22.43
C GLU C 110 21.56 21.76 23.61
N LEU C 111 21.73 23.01 24.05
CA LEU C 111 20.92 23.51 25.17
C LEU C 111 20.02 24.68 24.78
N ILE C 112 19.82 24.87 23.48
CA ILE C 112 18.90 25.89 23.00
C ILE C 112 17.53 25.27 22.65
N ASP C 113 16.46 25.97 22.98
CA ASP C 113 15.08 25.51 22.66
C ASP C 113 14.72 24.19 23.32
N CYS C 114 15.13 23.99 24.56
CA CYS C 114 14.78 22.78 25.28
C CYS C 114 14.49 23.03 26.75
N GLY C 115 14.15 24.26 27.07
CA GLY C 115 13.76 24.62 28.42
C GLY C 115 14.90 24.71 29.42
N ALA C 116 16.13 24.87 28.90
CA ALA C 116 17.30 25.02 29.76
C ALA C 116 17.33 26.42 30.39
N ASN C 117 17.79 26.52 31.63
CA ASN C 117 17.79 27.81 32.29
C ASN C 117 18.74 28.83 31.65
N GLN C 118 18.26 30.07 31.53
CA GLN C 118 19.08 31.17 31.04
C GLN C 118 19.66 30.92 29.65
N ALA C 119 18.90 30.18 28.85
CA ALA C 119 19.25 29.87 27.47
C ALA C 119 18.20 30.47 26.53
N ILE C 120 18.64 31.28 25.58
CA ILE C 120 17.76 31.87 24.59
C ILE C 120 18.39 31.78 23.21
N ARG C 121 17.62 32.13 22.18
CA ARG C 121 18.13 32.17 20.81
C ARG C 121 18.88 33.47 20.58
N GLN C 122 20.21 33.38 20.47
CA GLN C 122 21.03 34.58 20.42
C GLN C 122 21.55 34.97 19.05
N PRO C 123 21.94 34.01 18.21
CA PRO C 123 22.40 34.42 16.87
C PRO C 123 21.32 35.24 16.16
N GLY C 124 21.72 36.37 15.58
CA GLY C 124 20.79 37.22 14.87
C GLY C 124 19.84 38.01 15.74
N MET C 125 19.99 37.97 17.06
CA MET C 125 19.01 38.65 17.91
C MET C 125 19.02 40.19 17.79
N PHE C 126 20.09 40.75 17.23
CA PHE C 126 20.18 42.19 17.01
C PHE C 126 19.87 42.58 15.55
N ALA C 127 19.39 41.61 14.77
CA ALA C 127 18.89 41.87 13.41
C ALA C 127 19.89 42.66 12.59
N SER C 128 19.44 43.74 11.95
CA SER C 128 20.31 44.49 11.01
C SER C 128 21.19 45.56 11.65
N HIS C 129 21.17 45.65 12.97
CA HIS C 129 21.82 46.77 13.62
C HIS C 129 23.33 46.65 13.78
N PRO C 130 23.86 45.44 14.02
CA PRO C 130 25.33 45.39 13.99
C PRO C 130 25.83 45.58 12.55
N THR C 131 26.98 46.21 12.38
CA THR C 131 27.60 46.26 11.06
C THR C 131 27.98 44.84 10.60
N HIS C 132 28.49 44.06 11.55
N HIS C 132 28.43 44.02 11.53
CA HIS C 132 28.90 42.66 11.33
CA HIS C 132 28.81 42.66 11.20
C HIS C 132 28.31 41.77 12.39
C HIS C 132 28.46 41.73 12.35
N SER C 133 27.94 40.55 12.01
CA SER C 133 27.52 39.57 13.01
C SER C 133 28.25 38.25 12.79
N ILE C 134 28.90 37.77 13.86
CA ILE C 134 29.58 36.48 13.85
C ILE C 134 28.89 35.56 14.85
N SER C 135 28.39 34.42 14.37
N SER C 135 28.42 34.42 14.36
CA SER C 135 27.86 33.40 15.25
CA SER C 135 27.86 33.39 15.23
C SER C 135 28.88 32.27 15.32
C SER C 135 28.90 32.27 15.30
N LEU C 136 29.71 32.27 16.37
CA LEU C 136 30.77 31.27 16.47
C LEU C 136 30.18 29.91 16.72
N PRO C 137 30.84 28.87 16.18
CA PRO C 137 30.44 27.47 16.38
C PRO C 137 30.79 26.97 17.78
N ARG C 138 30.23 25.83 18.13
CA ARG C 138 30.61 25.13 19.36
C ARG C 138 32.12 24.90 19.34
N PRO C 139 32.83 25.33 20.39
CA PRO C 139 34.29 25.15 20.38
C PRO C 139 34.73 23.70 20.15
N THR C 140 35.73 23.53 19.28
CA THR C 140 36.32 22.21 19.06
C THR C 140 37.71 22.39 18.46
N GLN C 141 38.63 21.51 18.84
CA GLN C 141 39.98 21.56 18.26
C GLN C 141 39.98 21.12 16.81
N ASP C 142 38.85 20.60 16.34
CA ASP C 142 38.76 20.18 14.93
C ASP C 142 38.57 21.38 14.00
N ILE C 143 38.31 22.55 14.59
CA ILE C 143 38.34 23.80 13.82
C ILE C 143 39.64 24.51 14.18
N PRO C 144 40.50 24.79 13.19
CA PRO C 144 41.83 25.34 13.53
C PRO C 144 41.76 26.77 14.05
N ALA C 145 42.71 27.11 14.93
CA ALA C 145 42.79 28.45 15.48
C ALA C 145 42.90 29.52 14.37
N ARG C 146 43.55 29.19 13.26
N ARG C 146 43.57 29.18 13.27
CA ARG C 146 43.70 30.15 12.18
CA ARG C 146 43.71 30.13 12.16
C ARG C 146 42.35 30.57 11.60
C ARG C 146 42.35 30.56 11.63
N TRP C 147 41.37 29.67 11.66
CA TRP C 147 40.02 30.02 11.22
C TRP C 147 39.41 31.04 12.16
N LEU C 148 39.53 30.77 13.46
CA LEU C 148 38.93 31.63 14.47
C LEU C 148 39.51 33.03 14.42
N VAL C 149 40.83 33.15 14.40
CA VAL C 149 41.42 34.47 14.37
C VAL C 149 41.11 35.18 13.05
N SER C 150 41.11 34.44 11.94
CA SER C 150 40.80 35.04 10.64
C SER C 150 39.38 35.61 10.57
N THR C 151 38.44 34.91 11.18
CA THR C 151 37.04 35.35 11.18
C THR C 151 36.92 36.64 11.97
N ILE C 152 37.57 36.69 13.13
CA ILE C 152 37.59 37.91 13.90
C ILE C 152 38.34 39.03 13.14
N ASP C 153 39.47 38.70 12.53
CA ASP C 153 40.23 39.71 11.80
C ASP C 153 39.44 40.28 10.63
N HIS C 154 38.62 39.46 9.98
CA HIS C 154 37.78 39.97 8.90
C HIS C 154 36.77 41.00 9.40
N ALA C 155 36.11 40.67 10.50
CA ALA C 155 35.08 41.53 11.06
C ALA C 155 35.65 42.88 11.51
N LEU C 156 36.78 42.84 12.18
CA LEU C 156 37.36 44.08 12.69
C LEU C 156 38.10 44.87 11.60
N GLY C 157 38.78 44.17 10.71
CA GLY C 157 39.55 44.81 9.66
C GLY C 157 38.65 45.59 8.70
N THR C 158 37.48 45.04 8.40
CA THR C 158 36.59 45.66 7.43
C THR C 158 35.57 46.58 8.10
N LEU C 159 35.69 46.76 9.42
CA LEU C 159 34.73 47.57 10.18
C LEU C 159 34.99 49.05 10.00
N HIS C 160 34.16 49.69 9.20
N HIS C 160 34.17 49.70 9.20
CA HIS C 160 34.25 51.12 8.96
CA HIS C 160 34.28 51.13 8.97
C HIS C 160 33.73 51.90 10.17
C HIS C 160 33.73 51.92 10.16
N ALA C 161 32.65 51.41 10.74
CA ALA C 161 31.97 52.07 11.86
C ALA C 161 30.90 51.13 12.41
N GLY C 162 30.46 51.37 13.64
CA GLY C 162 29.35 50.62 14.19
C GLY C 162 29.75 49.35 14.92
N GLY C 163 28.75 48.59 15.37
CA GLY C 163 28.97 47.47 16.23
C GLY C 163 29.22 46.15 15.54
N VAL C 164 29.84 45.24 16.29
CA VAL C 164 30.01 43.86 15.85
C VAL C 164 29.49 42.93 16.92
N HIS C 165 28.57 42.04 16.56
CA HIS C 165 28.06 41.03 17.47
C HIS C 165 28.79 39.70 17.25
N ILE C 166 29.53 39.27 18.26
CA ILE C 166 30.20 37.99 18.22
C ILE C 166 29.57 37.07 19.27
N ASN C 167 28.72 36.16 18.81
CA ASN C 167 28.07 35.22 19.72
C ASN C 167 29.02 34.07 20.00
N CYS C 168 29.22 33.77 21.28
CA CYS C 168 30.26 32.84 21.74
C CYS C 168 29.70 31.69 22.60
N PRO C 169 29.29 30.58 21.96
CA PRO C 169 28.81 29.43 22.74
C PRO C 169 29.93 28.76 23.52
N PHE C 170 29.66 28.37 24.76
CA PHE C 170 30.57 27.53 25.54
C PHE C 170 29.76 26.47 26.28
N ALA C 171 30.22 25.23 26.21
CA ALA C 171 29.61 24.14 26.96
C ALA C 171 30.29 23.97 28.33
N GLU C 172 29.51 23.53 29.33
CA GLU C 172 30.08 23.15 30.61
C GLU C 172 30.88 21.85 30.42
N PRO C 173 31.86 21.59 31.30
CA PRO C 173 32.28 22.38 32.46
C PRO C 173 32.94 23.71 32.09
N LEU C 174 32.65 24.74 32.90
CA LEU C 174 33.24 26.06 32.71
C LEU C 174 34.42 26.29 33.66
N TYR C 175 34.45 25.53 34.75
CA TYR C 175 35.44 25.74 35.78
C TYR C 175 36.37 24.54 35.87
N GLY C 176 37.54 24.76 36.45
CA GLY C 176 38.56 23.73 36.53
C GLY C 176 39.94 24.30 36.32
N GLU C 177 40.95 23.58 36.81
CA GLU C 177 42.34 23.99 36.61
C GLU C 177 42.72 23.94 35.13
N MET C 178 43.61 24.86 34.73
CA MET C 178 44.13 24.86 33.37
C MET C 178 45.12 23.72 33.19
N ASP C 179 44.89 22.86 32.21
CA ASP C 179 45.92 21.91 31.80
C ASP C 179 46.35 22.23 30.38
N ASP C 180 47.04 21.31 29.73
CA ASP C 180 47.64 21.61 28.43
C ASP C 180 46.65 21.44 27.28
N THR C 181 45.39 21.16 27.59
CA THR C 181 44.37 20.99 26.55
C THR C 181 44.29 22.24 25.67
N GLY C 182 44.48 22.07 24.37
CA GLY C 182 44.40 23.19 23.44
C GLY C 182 45.68 23.97 23.25
N LEU C 183 46.72 23.64 24.01
CA LEU C 183 47.98 24.38 23.90
C LEU C 183 48.60 24.22 22.51
N SER C 184 48.69 22.99 22.03
CA SER C 184 49.28 22.74 20.73
C SER C 184 48.39 23.33 19.62
N TRP C 185 47.09 23.32 19.87
CA TRP C 185 46.11 23.94 18.99
C TRP C 185 46.39 25.44 18.83
N GLN C 186 46.65 26.12 19.95
CA GLN C 186 47.01 27.54 19.92
C GLN C 186 48.35 27.75 19.23
N GLN C 187 49.27 26.82 19.46
CA GLN C 187 50.64 27.00 19.01
C GLN C 187 50.75 26.88 17.48
N ARG C 188 49.69 26.41 16.85
CA ARG C 188 49.62 26.41 15.39
C ARG C 188 49.69 27.82 14.80
N LEU C 189 49.45 28.85 15.62
CA LEU C 189 49.55 30.25 15.17
C LEU C 189 51.01 30.76 15.25
N GLY C 190 51.91 29.94 15.77
CA GLY C 190 53.32 30.30 15.77
C GLY C 190 53.61 31.60 16.49
N ASP C 191 54.46 32.44 15.91
CA ASP C 191 54.88 33.66 16.59
C ASP C 191 53.91 34.82 16.38
N TRP C 192 52.73 34.51 15.85
CA TRP C 192 51.65 35.50 15.86
C TRP C 192 51.38 35.92 17.30
N TRP C 193 51.58 35.00 18.23
CA TRP C 193 51.32 35.30 19.63
C TRP C 193 52.23 36.41 20.17
N GLN C 194 53.41 36.60 19.57
CA GLN C 194 54.33 37.64 20.01
C GLN C 194 54.29 38.85 19.07
N ASP C 195 53.39 38.80 18.09
CA ASP C 195 53.31 39.83 17.07
C ASP C 195 52.43 40.98 17.55
N ASP C 196 52.39 42.07 16.79
CA ASP C 196 51.49 43.17 17.12
C ASP C 196 50.50 43.46 15.99
N LYS C 197 50.44 42.56 15.02
CA LYS C 197 49.56 42.72 13.87
C LYS C 197 48.46 41.67 13.86
N PRO C 198 47.40 41.92 13.09
CA PRO C 198 46.41 40.86 12.88
C PRO C 198 47.03 39.67 12.14
N TRP C 199 46.37 38.52 12.27
CA TRP C 199 46.73 37.32 11.54
C TRP C 199 46.42 37.51 10.07
N LEU C 200 45.19 37.92 9.78
CA LEU C 200 44.78 38.31 8.44
C LEU C 200 44.56 39.82 8.42
N ARG C 201 45.31 40.53 7.59
CA ARG C 201 45.12 41.96 7.41
C ARG C 201 44.19 42.24 6.24
N GLU C 202 42.97 42.64 6.57
CA GLU C 202 41.97 42.95 5.57
C GLU C 202 41.37 44.30 5.95
N ALA C 203 41.83 45.37 5.32
CA ALA C 203 41.45 46.71 5.75
C ALA C 203 41.19 47.67 4.61
N PRO C 204 40.25 47.31 3.71
CA PRO C 204 39.92 48.22 2.61
C PRO C 204 39.31 49.49 3.17
N ARG C 205 39.64 50.62 2.55
CA ARG C 205 39.11 51.90 2.99
C ARG C 205 37.96 52.32 2.09
N LEU C 206 36.94 52.92 2.70
CA LEU C 206 35.76 53.37 1.96
C LEU C 206 35.80 54.90 1.92
N GLU C 207 35.81 55.48 0.72
CA GLU C 207 35.95 56.91 0.63
C GLU C 207 35.48 57.43 -0.73
N SER C 208 34.79 58.57 -0.73
CA SER C 208 34.40 59.21 -1.99
C SER C 208 35.59 59.84 -2.69
N GLU C 209 35.52 59.94 -4.01
CA GLU C 209 36.58 60.55 -4.81
C GLU C 209 36.50 62.08 -4.78
N LYS C 210 37.60 62.73 -5.16
CA LYS C 210 37.62 64.18 -5.27
C LYS C 210 36.53 64.67 -6.22
N GLN C 211 35.84 65.73 -5.83
CA GLN C 211 34.82 66.33 -6.68
C GLN C 211 35.51 67.27 -7.67
N ARG C 212 35.52 66.86 -8.93
CA ARG C 212 36.28 67.51 -9.98
C ARG C 212 35.72 68.87 -10.40
N ASP C 213 34.48 69.17 -10.01
CA ASP C 213 33.88 70.45 -10.34
C ASP C 213 33.81 71.40 -9.14
N TRP C 214 34.61 71.12 -8.12
CA TRP C 214 34.61 71.95 -6.91
C TRP C 214 35.03 73.41 -7.19
N PHE C 215 35.98 73.62 -8.09
CA PHE C 215 36.40 74.99 -8.36
C PHE C 215 35.28 75.82 -8.99
N PHE C 216 34.32 75.14 -9.62
CA PHE C 216 33.13 75.78 -10.14
C PHE C 216 32.17 76.10 -9.01
N TRP C 217 31.90 75.11 -8.16
CA TRP C 217 30.90 75.30 -7.13
C TRP C 217 31.35 76.24 -6.02
N ARG C 218 32.64 76.31 -5.77
CA ARG C 218 33.11 77.15 -4.67
C ARG C 218 33.00 78.64 -5.02
N GLN C 219 32.75 78.94 -6.29
CA GLN C 219 32.57 80.32 -6.72
C GLN C 219 31.11 80.76 -6.63
N LYS C 220 30.22 79.82 -6.36
CA LYS C 220 28.79 80.11 -6.28
C LYS C 220 28.41 80.63 -4.89
N ARG C 221 27.18 81.10 -4.76
CA ARG C 221 26.64 81.47 -3.46
C ARG C 221 26.24 80.23 -2.68
N GLY C 222 27.07 79.87 -1.71
CA GLY C 222 26.85 78.69 -0.90
C GLY C 222 26.55 79.00 0.55
N VAL C 223 26.07 77.98 1.24
CA VAL C 223 25.85 77.98 2.68
C VAL C 223 26.57 76.79 3.27
N VAL C 224 27.25 76.98 4.39
CA VAL C 224 27.86 75.85 5.09
C VAL C 224 27.04 75.52 6.33
N VAL C 225 26.65 74.25 6.45
CA VAL C 225 25.96 73.77 7.63
C VAL C 225 26.88 72.78 8.35
N ALA C 226 27.15 73.04 9.63
CA ALA C 226 28.06 72.15 10.37
C ALA C 226 27.32 71.41 11.48
N GLY C 227 27.27 70.08 11.34
CA GLY C 227 26.67 69.21 12.34
C GLY C 227 27.73 68.58 13.23
N ARG C 228 27.46 67.37 13.72
CA ARG C 228 28.40 66.72 14.63
C ARG C 228 29.69 66.33 13.92
N MET C 229 30.81 66.72 14.54
CA MET C 229 32.14 66.44 14.01
C MET C 229 33.14 66.55 15.16
N SER C 230 34.43 66.33 14.91
CA SER C 230 35.43 66.43 15.99
C SER C 230 35.70 67.88 16.33
N ALA C 231 36.26 68.14 17.51
CA ALA C 231 36.60 69.49 17.93
C ALA C 231 37.53 70.17 16.92
N GLU C 232 38.51 69.42 16.45
CA GLU C 232 39.46 69.97 15.48
C GLU C 232 38.82 70.22 14.12
N GLU C 233 37.90 69.34 13.73
CA GLU C 233 37.18 69.51 12.47
C GLU C 233 36.33 70.78 12.52
N GLY C 234 35.74 71.05 13.68
CA GLY C 234 34.94 72.26 13.86
C GLY C 234 35.73 73.52 13.57
N LYS C 235 36.95 73.59 14.06
CA LYS C 235 37.79 74.77 13.82
C LYS C 235 38.13 74.92 12.35
N LYS C 236 38.43 73.81 11.68
CA LYS C 236 38.79 73.83 10.27
C LYS C 236 37.61 74.22 9.38
N VAL C 237 36.42 73.73 9.71
CA VAL C 237 35.23 74.07 8.94
C VAL C 237 34.93 75.58 9.08
N ALA C 238 35.12 76.12 10.28
CA ALA C 238 34.90 77.55 10.50
C ALA C 238 35.79 78.41 9.60
N LEU C 239 37.07 78.07 9.54
CA LEU C 239 38.03 78.84 8.74
C LEU C 239 37.73 78.74 7.24
N TRP C 240 37.35 77.53 6.83
CA TRP C 240 37.01 77.22 5.45
C TRP C 240 35.80 78.03 4.99
N ALA C 241 34.74 78.01 5.80
CA ALA C 241 33.53 78.77 5.51
C ALA C 241 33.82 80.26 5.47
N GLN C 242 34.64 80.73 6.40
CA GLN C 242 34.99 82.14 6.47
C GLN C 242 35.69 82.62 5.19
N THR C 243 36.63 81.81 4.72
CA THR C 243 37.40 82.13 3.52
C THR C 243 36.52 82.18 2.27
N LEU C 244 35.59 81.22 2.17
CA LEU C 244 34.67 81.16 1.04
C LEU C 244 33.69 82.34 1.02
N GLY C 245 33.50 82.97 2.17
CA GLY C 245 32.53 84.05 2.31
C GLY C 245 31.09 83.54 2.39
N TRP C 246 30.95 82.28 2.77
CA TRP C 246 29.63 81.67 2.91
C TRP C 246 29.20 81.71 4.37
N PRO C 247 27.90 81.97 4.63
CA PRO C 247 27.42 81.93 6.01
C PRO C 247 27.55 80.54 6.61
N LEU C 248 27.99 80.45 7.86
CA LEU C 248 28.14 79.18 8.54
C LEU C 248 27.03 79.00 9.58
N ILE C 249 26.17 78.01 9.35
CA ILE C 249 25.19 77.67 10.36
C ILE C 249 25.76 76.51 11.18
N GLY C 250 26.16 76.79 12.41
CA GLY C 250 26.88 75.81 13.21
C GLY C 250 26.04 75.21 14.33
N ASP C 251 25.96 73.88 14.35
CA ASP C 251 25.23 73.15 15.37
C ASP C 251 25.94 73.23 16.71
N VAL C 252 25.21 73.02 17.81
CA VAL C 252 25.85 72.88 19.11
C VAL C 252 26.90 71.77 19.08
N LEU C 253 26.69 70.75 18.26
CA LEU C 253 27.62 69.64 18.22
C LEU C 253 28.82 69.88 17.29
N SER C 254 28.89 71.06 16.68
CA SER C 254 29.90 71.30 15.63
C SER C 254 31.24 71.82 16.16
N GLN C 255 31.24 72.53 17.29
CA GLN C 255 32.47 73.14 17.80
C GLN C 255 33.10 74.10 16.81
N THR C 256 32.27 74.76 16.01
CA THR C 256 32.76 75.75 15.04
C THR C 256 32.92 77.13 15.65
N GLY C 257 32.40 77.33 16.86
CA GLY C 257 32.37 78.65 17.45
C GLY C 257 31.11 79.41 17.09
N GLN C 258 30.29 78.79 16.24
CA GLN C 258 28.97 79.33 15.88
C GLN C 258 29.01 80.84 15.63
N PRO C 259 29.71 81.25 14.57
CA PRO C 259 29.86 82.67 14.24
C PRO C 259 28.52 83.39 13.96
N LEU C 260 27.50 82.61 13.62
CA LEU C 260 26.14 83.14 13.47
C LEU C 260 25.22 82.46 14.48
N PRO C 261 25.40 82.79 15.76
CA PRO C 261 24.76 82.04 16.84
C PRO C 261 23.23 82.26 16.88
N CYS C 262 22.54 81.43 17.65
CA CYS C 262 21.09 81.50 17.83
C CYS C 262 20.32 81.29 16.52
N ALA C 263 20.86 80.43 15.67
CA ALA C 263 20.22 80.09 14.39
C ALA C 263 18.80 79.54 14.57
N ASP C 264 18.55 78.83 15.67
CA ASP C 264 17.20 78.32 15.91
C ASP C 264 16.21 79.47 16.03
N LEU C 265 16.74 80.66 16.35
CA LEU C 265 15.91 81.86 16.43
C LEU C 265 15.91 82.66 15.12
N TRP C 266 17.07 83.03 14.61
CA TRP C 266 17.08 83.95 13.47
C TRP C 266 16.67 83.22 12.18
N LEU C 267 16.75 81.90 12.16
CA LEU C 267 16.23 81.16 11.01
C LEU C 267 14.71 81.26 10.93
N GLY C 268 14.10 81.74 12.01
CA GLY C 268 12.66 81.95 12.02
C GLY C 268 12.28 83.27 11.38
N ASN C 269 13.27 84.08 11.05
CA ASN C 269 13.02 85.41 10.48
C ASN C 269 12.96 85.34 8.96
N ALA C 270 11.87 85.86 8.40
CA ALA C 270 11.62 85.77 6.96
C ALA C 270 12.71 86.41 6.11
N LYS C 271 13.35 87.43 6.64
CA LYS C 271 14.43 88.10 5.93
C LYS C 271 15.65 87.19 5.79
N ALA C 272 15.86 86.36 6.81
CA ALA C 272 16.96 85.40 6.78
C ALA C 272 16.67 84.30 5.75
N THR C 273 15.46 83.77 5.78
CA THR C 273 15.11 82.70 4.85
C THR C 273 15.10 83.24 3.42
N SER C 274 14.73 84.51 3.26
CA SER C 274 14.76 85.14 1.94
C SER C 274 16.18 85.26 1.39
N GLU C 275 17.12 85.61 2.25
CA GLU C 275 18.52 85.72 1.85
C GLU C 275 19.10 84.37 1.49
N LEU C 276 18.73 83.36 2.28
CA LEU C 276 19.24 82.01 2.07
C LEU C 276 18.68 81.37 0.81
N GLN C 277 17.55 81.87 0.33
CA GLN C 277 16.99 81.39 -0.95
C GLN C 277 17.90 81.74 -2.13
N GLN C 278 18.86 82.62 -1.89
CA GLN C 278 19.82 82.99 -2.93
C GLN C 278 20.95 81.96 -3.06
N ALA C 279 21.00 81.04 -2.10
CA ALA C 279 22.02 79.99 -2.10
C ALA C 279 21.84 79.01 -3.25
N GLN C 280 22.92 78.78 -4.00
CA GLN C 280 22.89 77.88 -5.15
C GLN C 280 23.37 76.48 -4.77
N ILE C 281 24.15 76.41 -3.70
CA ILE C 281 24.64 75.15 -3.16
C ILE C 281 24.66 75.20 -1.63
N VAL C 282 24.33 74.09 -0.98
CA VAL C 282 24.52 73.97 0.45
C VAL C 282 25.55 72.89 0.66
N VAL C 283 26.61 73.18 1.41
CA VAL C 283 27.53 72.11 1.79
C VAL C 283 27.39 71.85 3.28
N GLN C 284 26.86 70.67 3.62
CA GLN C 284 26.69 70.29 5.00
C GLN C 284 27.80 69.32 5.36
N LEU C 285 28.51 69.60 6.45
CA LEU C 285 29.52 68.69 6.97
C LEU C 285 29.11 68.23 8.37
N GLY C 286 29.11 66.92 8.58
CA GLY C 286 28.56 66.37 9.81
C GLY C 286 27.06 66.16 9.65
N SER C 287 26.42 65.60 10.67
CA SER C 287 25.00 65.33 10.56
C SER C 287 24.35 65.35 11.95
N SER C 288 23.16 64.77 12.07
CA SER C 288 22.38 64.83 13.32
C SER C 288 22.12 66.26 13.79
N LEU C 289 21.58 67.08 12.88
CA LEU C 289 21.30 68.48 13.20
C LEU C 289 20.29 68.60 14.36
N THR C 290 20.51 69.58 15.23
CA THR C 290 19.78 69.65 16.51
C THR C 290 18.48 70.44 16.45
N GLY C 291 18.53 71.64 15.90
CA GLY C 291 17.45 72.61 15.99
C GLY C 291 16.28 72.42 15.05
N LYS C 292 15.09 72.77 15.52
CA LYS C 292 13.90 72.62 14.70
C LYS C 292 13.90 73.57 13.51
N ARG C 293 14.28 74.82 13.74
CA ARG C 293 14.29 75.79 12.64
C ARG C 293 15.29 75.37 11.58
N LEU C 294 16.43 74.85 12.00
CA LEU C 294 17.43 74.40 11.05
C LEU C 294 16.91 73.21 10.26
N LEU C 295 16.30 72.24 10.96
CA LEU C 295 15.74 71.07 10.30
C LEU C 295 14.64 71.48 9.33
N GLN C 296 13.86 72.50 9.71
CA GLN C 296 12.79 72.99 8.86
C GLN C 296 13.32 73.76 7.64
N TRP C 297 14.38 74.55 7.84
CA TRP C 297 14.97 75.25 6.70
C TRP C 297 15.60 74.26 5.71
N GLN C 298 16.32 73.27 6.25
CA GLN C 298 16.91 72.23 5.41
C GLN C 298 15.86 71.58 4.54
N ALA C 299 14.74 71.22 5.14
CA ALA C 299 13.67 70.55 4.41
C ALA C 299 13.07 71.42 3.30
N SER C 300 13.02 72.74 3.52
CA SER C 300 12.36 73.65 2.60
C SER C 300 13.30 74.25 1.55
N CYS C 301 14.61 74.28 1.82
CA CYS C 301 15.52 74.94 0.90
C CYS C 301 15.67 74.14 -0.39
N GLU C 302 15.89 74.85 -1.50
CA GLU C 302 16.04 74.16 -2.77
C GLU C 302 17.22 74.71 -3.55
N PRO C 303 18.43 74.48 -3.02
CA PRO C 303 19.64 74.85 -3.77
C PRO C 303 19.73 73.97 -5.01
N GLU C 304 20.53 74.36 -5.98
CA GLU C 304 20.74 73.53 -7.15
C GLU C 304 21.30 72.18 -6.71
N GLU C 305 22.20 72.20 -5.74
CA GLU C 305 22.74 70.97 -5.19
C GLU C 305 22.91 71.05 -3.68
N TYR C 306 22.69 69.92 -3.02
CA TYR C 306 22.86 69.78 -1.59
C TYR C 306 23.90 68.70 -1.37
N TRP C 307 25.01 69.02 -0.70
CA TRP C 307 26.05 68.03 -0.41
C TRP C 307 26.13 67.75 1.07
N ILE C 308 26.28 66.48 1.44
CA ILE C 308 26.60 66.15 2.82
C ILE C 308 27.89 65.36 2.90
N VAL C 309 28.87 65.95 3.59
CA VAL C 309 30.16 65.33 3.84
C VAL C 309 30.23 64.80 5.27
N ASP C 310 30.55 63.52 5.43
CA ASP C 310 30.63 62.93 6.76
C ASP C 310 31.34 61.58 6.66
N ASP C 311 31.89 61.09 7.77
CA ASP C 311 32.65 59.84 7.72
C ASP C 311 31.80 58.61 8.00
N ILE C 312 30.50 58.81 8.14
CA ILE C 312 29.58 57.68 8.26
C ILE C 312 28.82 57.48 6.96
N GLU C 313 28.33 56.26 6.77
CA GLU C 313 27.75 55.85 5.50
C GLU C 313 26.26 56.13 5.39
N GLY C 314 25.77 56.09 4.15
CA GLY C 314 24.34 56.11 3.88
C GLY C 314 23.81 57.50 3.68
N ARG C 315 22.52 57.58 3.30
N ARG C 315 22.52 57.57 3.34
CA ARG C 315 21.90 58.88 3.12
CA ARG C 315 21.86 58.85 3.15
C ARG C 315 21.75 59.56 4.47
C ARG C 315 21.72 59.57 4.48
N LEU C 316 21.93 60.89 4.47
CA LEU C 316 21.90 61.65 5.71
C LEU C 316 21.00 62.89 5.62
N ASP C 317 20.38 63.05 4.47
CA ASP C 317 19.47 64.18 4.22
C ASP C 317 18.02 63.70 4.28
N PRO C 318 17.34 64.01 5.38
CA PRO C 318 15.98 63.50 5.53
C PRO C 318 14.97 64.22 4.63
N ALA C 319 15.42 65.20 3.84
CA ALA C 319 14.56 65.88 2.87
C ALA C 319 14.85 65.43 1.44
N HIS C 320 15.83 64.54 1.29
CA HIS C 320 16.08 63.86 0.03
C HIS C 320 16.38 64.78 -1.15
N HIS C 321 17.19 65.82 -0.91
CA HIS C 321 17.58 66.75 -1.98
C HIS C 321 18.37 66.10 -3.09
N ARG C 322 18.23 66.67 -4.28
CA ARG C 322 19.15 66.43 -5.37
C ARG C 322 20.54 66.93 -4.95
N GLY C 323 21.55 66.09 -5.11
CA GLY C 323 22.89 66.47 -4.68
C GLY C 323 23.82 65.29 -4.51
N ARG C 324 24.66 65.35 -3.48
CA ARG C 324 25.74 64.41 -3.32
C ARG C 324 25.89 63.98 -1.87
N ARG C 325 26.29 62.72 -1.68
CA ARG C 325 26.52 62.16 -0.36
C ARG C 325 27.97 61.64 -0.36
N LEU C 326 28.84 62.36 0.33
CA LEU C 326 30.29 62.16 0.21
C LEU C 326 30.87 61.59 1.49
N ILE C 327 31.42 60.38 1.38
CA ILE C 327 31.95 59.68 2.55
C ILE C 327 33.44 59.97 2.65
N ALA C 328 33.81 60.63 3.74
CA ALA C 328 35.20 61.06 3.94
C ALA C 328 35.41 61.54 5.36
N ASN C 329 36.65 61.49 5.83
CA ASN C 329 37.05 62.24 6.99
C ASN C 329 36.93 63.73 6.65
N ILE C 330 36.25 64.50 7.50
CA ILE C 330 35.96 65.89 7.18
C ILE C 330 37.23 66.72 7.00
N ALA C 331 38.23 66.50 7.84
CA ALA C 331 39.49 67.23 7.73
C ALA C 331 40.16 66.92 6.39
N ASP C 332 40.22 65.63 6.05
CA ASP C 332 40.75 65.22 4.76
C ASP C 332 39.98 65.84 3.61
N TRP C 333 38.65 65.86 3.74
CA TRP C 333 37.79 66.35 2.68
C TRP C 333 38.04 67.85 2.41
N LEU C 334 38.23 68.62 3.47
CA LEU C 334 38.47 70.05 3.31
C LEU C 334 39.78 70.34 2.60
N GLU C 335 40.78 69.52 2.86
CA GLU C 335 42.08 69.70 2.20
C GLU C 335 42.00 69.34 0.72
N LEU C 336 41.15 68.36 0.41
CA LEU C 336 40.97 67.90 -0.97
C LEU C 336 40.12 68.90 -1.76
N HIS C 337 39.32 69.68 -1.04
CA HIS C 337 38.45 70.68 -1.63
C HIS C 337 38.65 72.02 -0.92
N PRO C 338 39.82 72.64 -1.13
CA PRO C 338 40.19 73.83 -0.37
C PRO C 338 39.35 75.04 -0.72
N ALA C 339 39.27 75.99 0.21
CA ALA C 339 38.57 77.24 -0.05
C ALA C 339 39.47 78.19 -0.81
N GLU C 340 38.86 79.06 -1.61
CA GLU C 340 39.56 80.21 -2.19
C GLU C 340 38.92 81.48 -1.64
N LYS C 341 39.74 82.46 -1.34
CA LYS C 341 39.24 83.68 -0.72
C LYS C 341 38.25 84.45 -1.60
N ARG C 342 37.04 84.62 -1.07
CA ARG C 342 36.00 85.40 -1.74
C ARG C 342 35.17 86.24 -0.75
N GLN C 343 34.68 87.38 -1.22
CA GLN C 343 33.85 88.27 -0.42
C GLN C 343 32.54 87.63 0.03
N PRO C 344 32.20 87.82 1.31
CA PRO C 344 30.95 87.31 1.88
C PRO C 344 29.77 87.84 1.08
N TRP C 345 28.78 86.99 0.81
CA TRP C 345 27.66 87.40 -0.02
C TRP C 345 26.44 87.73 0.80
N CYS C 346 26.43 87.28 2.05
CA CYS C 346 25.34 87.59 2.97
C CYS C 346 25.57 88.94 3.64
N VAL C 347 24.52 89.74 3.75
CA VAL C 347 24.62 91.04 4.40
C VAL C 347 23.58 91.14 5.51
N GLU C 348 22.44 90.49 5.30
CA GLU C 348 21.32 90.57 6.20
C GLU C 348 21.43 89.67 7.44
N ILE C 349 21.95 88.46 7.25
CA ILE C 349 21.92 87.44 8.30
C ILE C 349 22.85 87.74 9.48
N PRO C 350 24.07 88.24 9.20
CA PRO C 350 24.97 88.58 10.31
C PRO C 350 24.34 89.58 11.29
N ARG C 351 23.58 90.53 10.76
CA ARG C 351 22.86 91.51 11.58
C ARG C 351 21.80 90.81 12.43
N LEU C 352 21.02 89.94 11.79
CA LEU C 352 19.95 89.21 12.49
C LEU C 352 20.49 88.33 13.60
N ALA C 353 21.60 87.64 13.32
CA ALA C 353 22.23 86.77 14.31
C ALA C 353 22.71 87.57 15.51
N GLU C 354 23.24 88.76 15.23
CA GLU C 354 23.72 89.64 16.29
C GLU C 354 22.57 90.09 17.18
N GLN C 355 21.47 90.48 16.54
CA GLN C 355 20.27 90.93 17.22
C GLN C 355 19.63 89.79 18.01
N ALA C 356 19.70 88.58 17.46
CA ALA C 356 19.12 87.42 18.13
C ALA C 356 19.81 87.17 19.47
N MET C 357 21.14 87.14 19.43
CA MET C 357 21.92 86.94 20.64
C MET C 357 21.68 88.06 21.65
N GLN C 358 21.53 89.28 21.16
CA GLN C 358 21.23 90.40 22.05
C GLN C 358 19.92 90.19 22.78
N ALA C 359 18.92 89.65 22.08
CA ALA C 359 17.62 89.37 22.69
C ALA C 359 17.73 88.35 23.82
N VAL C 360 18.57 87.33 23.62
CA VAL C 360 18.77 86.29 24.62
C VAL C 360 19.49 86.86 25.85
N ILE C 361 20.52 87.66 25.61
CA ILE C 361 21.28 88.29 26.68
C ILE C 361 20.39 89.17 27.55
N ALA C 362 19.43 89.83 26.92
CA ALA C 362 18.50 90.69 27.66
C ALA C 362 17.70 89.91 28.68
N ARG C 363 17.59 88.59 28.49
CA ARG C 363 16.79 87.77 29.37
C ARG C 363 17.62 86.81 30.20
N ARG C 364 18.89 87.16 30.41
CA ARG C 364 19.86 86.27 31.03
C ARG C 364 19.73 86.13 32.56
N ASP C 365 18.95 87.00 33.19
CA ASP C 365 19.00 87.14 34.65
C ASP C 365 18.22 86.08 35.43
N ALA C 366 17.05 85.70 34.94
CA ALA C 366 16.22 84.71 35.63
C ALA C 366 17.00 83.42 35.86
N PHE C 367 16.80 82.80 37.02
CA PHE C 367 17.48 81.57 37.35
C PHE C 367 16.74 80.36 36.79
N GLY C 368 16.75 80.22 35.47
CA GLY C 368 16.03 79.14 34.81
C GLY C 368 16.90 78.30 33.89
N GLU C 369 16.34 77.22 33.34
CA GLU C 369 17.13 76.32 32.50
C GLU C 369 17.49 76.98 31.17
N ALA C 370 16.63 77.87 30.67
CA ALA C 370 16.96 78.60 29.44
C ALA C 370 18.19 79.48 29.65
N GLN C 371 18.23 80.15 30.80
CA GLN C 371 19.35 81.02 31.12
C GLN C 371 20.62 80.21 31.41
N LEU C 372 20.46 79.08 32.08
CA LEU C 372 21.61 78.19 32.33
C LEU C 372 22.25 77.77 31.00
N ALA C 373 21.40 77.36 30.05
CA ALA C 373 21.86 76.97 28.72
C ALA C 373 22.59 78.13 28.05
N HIS C 374 21.95 79.30 28.08
CA HIS C 374 22.54 80.51 27.49
C HIS C 374 23.93 80.81 28.08
N ARG C 375 24.07 80.63 29.40
CA ARG C 375 25.30 81.00 30.11
C ARG C 375 26.32 79.88 30.26
N ILE C 376 26.07 78.73 29.64
CA ILE C 376 26.83 77.51 29.97
C ILE C 376 28.34 77.66 29.71
N CYS C 377 28.72 78.55 28.81
N CYS C 377 28.70 78.56 28.79
CA CYS C 377 30.13 78.78 28.53
CA CYS C 377 30.10 78.82 28.49
C CYS C 377 30.88 79.25 29.76
C CYS C 377 30.87 79.26 29.74
N ASP C 378 30.17 79.91 30.67
CA ASP C 378 30.78 80.41 31.89
C ASP C 378 31.17 79.30 32.86
N TYR C 379 30.70 78.09 32.61
CA TYR C 379 30.91 77.00 33.55
C TYR C 379 31.73 75.85 32.95
N LEU C 380 32.11 75.99 31.68
CA LEU C 380 32.88 74.93 31.03
C LEU C 380 34.24 74.82 31.69
N PRO C 381 34.63 73.59 32.09
CA PRO C 381 35.93 73.42 32.74
C PRO C 381 37.07 73.70 31.75
N GLU C 382 38.11 74.39 32.22
CA GLU C 382 39.24 74.71 31.37
C GLU C 382 39.90 73.40 30.92
N GLN C 383 40.17 73.28 29.63
CA GLN C 383 40.80 72.09 29.07
C GLN C 383 39.95 70.85 29.32
N GLY C 384 38.64 71.06 29.39
CA GLY C 384 37.71 69.97 29.66
C GLY C 384 36.84 69.64 28.47
N GLN C 385 35.70 69.02 28.75
CA GLN C 385 34.79 68.59 27.73
C GLN C 385 33.36 68.68 28.25
N LEU C 386 32.42 68.85 27.31
CA LEU C 386 31.00 68.95 27.63
C LEU C 386 30.24 67.73 27.13
N PHE C 387 29.45 67.11 28.00
CA PHE C 387 28.52 66.08 27.54
C PHE C 387 27.10 66.60 27.70
N VAL C 388 26.41 66.74 26.58
N VAL C 388 26.42 66.79 26.58
CA VAL C 388 25.08 67.33 26.56
CA VAL C 388 25.07 67.35 26.60
C VAL C 388 24.01 66.26 26.41
C VAL C 388 24.02 66.25 26.43
N GLY C 389 23.03 66.28 27.30
CA GLY C 389 21.94 65.31 27.27
C GLY C 389 20.95 65.63 26.17
N ASN C 390 19.93 64.79 26.07
CA ASN C 390 18.93 64.96 25.04
C ASN C 390 17.67 65.66 25.61
N SER C 391 16.71 65.92 24.73
CA SER C 391 15.49 66.66 25.05
C SER C 391 15.81 68.18 25.12
N LEU C 392 15.28 68.91 26.11
CA LEU C 392 15.40 70.37 26.09
C LEU C 392 16.82 70.91 26.20
N VAL C 393 17.69 70.23 26.95
CA VAL C 393 19.01 70.79 27.22
C VAL C 393 19.82 71.00 25.93
N VAL C 394 19.86 70.01 25.05
CA VAL C 394 20.65 70.18 23.83
C VAL C 394 20.03 71.25 22.94
N ARG C 395 18.70 71.33 22.92
N ARG C 395 18.70 71.33 22.95
CA ARG C 395 18.00 72.34 22.12
CA ARG C 395 17.97 72.31 22.16
C ARG C 395 18.20 73.75 22.65
C ARG C 395 18.19 73.74 22.66
N LEU C 396 18.15 73.92 23.97
CA LEU C 396 18.30 75.24 24.56
C LEU C 396 19.72 75.78 24.38
N ILE C 397 20.72 74.91 24.58
CA ILE C 397 22.10 75.31 24.37
C ILE C 397 22.33 75.64 22.90
N ASP C 398 21.81 74.80 22.01
CA ASP C 398 21.94 75.06 20.58
C ASP C 398 21.30 76.39 20.18
N ALA C 399 20.15 76.69 20.78
CA ALA C 399 19.39 77.88 20.42
C ALA C 399 19.90 79.15 21.09
N LEU C 400 20.44 79.01 22.30
CA LEU C 400 20.63 80.19 23.15
C LEU C 400 22.09 80.49 23.50
N SER C 401 22.99 79.55 23.23
CA SER C 401 24.39 79.75 23.59
C SER C 401 25.32 79.76 22.38
N GLN C 402 26.49 80.38 22.54
CA GLN C 402 27.53 80.33 21.52
C GLN C 402 28.74 79.63 22.13
N LEU C 403 28.95 78.36 21.78
CA LEU C 403 30.02 77.55 22.36
C LEU C 403 31.34 77.82 21.65
N PRO C 404 32.45 77.76 22.40
CA PRO C 404 33.77 78.10 21.83
C PRO C 404 34.23 77.14 20.75
N ALA C 405 34.86 77.69 19.71
CA ALA C 405 35.44 76.86 18.66
C ALA C 405 36.45 75.90 19.28
N GLY C 406 36.38 74.64 18.87
CA GLY C 406 37.32 73.62 19.31
C GLY C 406 37.11 73.05 20.70
N TYR C 407 36.13 73.54 21.46
CA TYR C 407 35.86 72.95 22.78
C TYR C 407 34.99 71.70 22.63
N PRO C 408 35.51 70.55 23.06
CA PRO C 408 34.89 69.24 22.79
C PRO C 408 33.50 69.11 23.36
N VAL C 409 32.57 68.71 22.50
CA VAL C 409 31.21 68.43 22.91
C VAL C 409 30.87 66.98 22.55
N TYR C 410 30.25 66.27 23.48
CA TYR C 410 29.82 64.90 23.21
C TYR C 410 28.34 64.74 23.50
N SER C 411 27.73 63.77 22.85
CA SER C 411 26.28 63.54 22.97
C SER C 411 25.91 62.17 22.40
N ASN C 412 24.70 61.73 22.73
CA ASN C 412 24.06 60.58 22.08
C ASN C 412 22.91 61.07 21.21
N ALA C 413 23.23 61.74 20.11
CA ALA C 413 22.18 62.40 19.32
C ALA C 413 21.85 61.63 18.03
N GLY C 414 22.31 60.38 17.93
CA GLY C 414 21.98 59.53 16.81
C GLY C 414 20.51 59.12 16.86
N ALA C 415 20.16 58.31 17.86
CA ALA C 415 18.77 57.94 18.11
C ALA C 415 18.17 58.83 19.20
N SER C 416 19.02 59.67 19.80
CA SER C 416 18.61 60.64 20.83
C SER C 416 17.87 60.01 22.00
N GLY C 417 18.32 58.83 22.43
CA GLY C 417 17.69 58.17 23.57
C GLY C 417 17.98 58.84 24.89
N ILE C 418 17.03 58.77 25.81
CA ILE C 418 17.28 59.29 27.15
C ILE C 418 17.63 58.15 28.11
N ASP C 419 18.00 56.99 27.57
CA ASP C 419 18.18 55.80 28.40
C ASP C 419 19.59 55.47 28.88
N GLY C 420 20.61 56.16 28.42
CA GLY C 420 21.97 55.80 28.82
C GLY C 420 22.93 56.97 29.04
N LEU C 421 22.40 58.13 29.41
CA LEU C 421 23.21 59.34 29.37
C LEU C 421 24.26 59.45 30.49
N LEU C 422 23.94 58.95 31.69
CA LEU C 422 24.90 58.97 32.80
C LEU C 422 26.04 57.98 32.58
N SER C 423 25.71 56.75 32.17
CA SER C 423 26.74 55.75 31.90
C SER C 423 27.59 56.17 30.70
N THR C 424 26.96 56.79 29.69
CA THR C 424 27.74 57.28 28.56
C THR C 424 28.70 58.38 29.00
N ALA C 425 28.21 59.30 29.83
CA ALA C 425 29.04 60.38 30.37
C ALA C 425 30.21 59.83 31.17
N ALA C 426 29.99 58.78 31.95
CA ALA C 426 31.08 58.16 32.70
C ALA C 426 32.16 57.65 31.73
N GLY C 427 31.76 57.02 30.64
CA GLY C 427 32.72 56.51 29.66
C GLY C 427 33.46 57.63 28.95
N VAL C 428 32.75 58.71 28.66
CA VAL C 428 33.33 59.89 28.04
C VAL C 428 34.44 60.46 28.93
N GLN C 429 34.17 60.53 30.23
CA GLN C 429 35.16 61.02 31.18
C GLN C 429 36.37 60.10 31.26
N ARG C 430 36.13 58.80 31.47
CA ARG C 430 37.23 57.85 31.67
C ARG C 430 38.15 57.74 30.48
N ALA C 431 37.60 57.83 29.28
CA ALA C 431 38.41 57.68 28.07
C ALA C 431 39.49 58.77 27.96
N SER C 432 39.11 60.01 28.25
CA SER C 432 40.03 61.13 28.04
C SER C 432 40.78 61.60 29.29
N GLY C 433 40.24 61.30 30.47
CA GLY C 433 40.84 61.79 31.70
C GLY C 433 40.64 63.29 31.91
N LYS C 434 39.74 63.89 31.14
CA LYS C 434 39.50 65.33 31.24
C LYS C 434 38.40 65.68 32.22
N PRO C 435 38.50 66.88 32.82
CA PRO C 435 37.39 67.43 33.62
C PRO C 435 36.17 67.56 32.72
N THR C 436 35.03 67.16 33.24
CA THR C 436 33.83 66.97 32.42
C THR C 436 32.62 67.67 33.02
N LEU C 437 31.89 68.39 32.17
CA LEU C 437 30.58 68.90 32.54
C LEU C 437 29.51 68.13 31.78
N ALA C 438 28.62 67.47 32.51
CA ALA C 438 27.52 66.73 31.91
C ALA C 438 26.20 67.32 32.36
N ILE C 439 25.28 67.52 31.42
CA ILE C 439 24.01 68.14 31.72
C ILE C 439 22.87 67.31 31.17
N VAL C 440 21.94 66.91 32.05
CA VAL C 440 20.83 66.05 31.64
C VAL C 440 19.56 66.51 32.33
N GLY C 441 18.40 66.07 31.81
CA GLY C 441 17.13 66.38 32.46
C GLY C 441 16.78 65.36 33.54
N ASP C 442 15.68 65.60 34.27
CA ASP C 442 15.34 64.75 35.41
C ASP C 442 14.88 63.34 35.01
N LEU C 443 14.08 63.19 33.95
CA LEU C 443 13.69 61.83 33.57
C LEU C 443 14.90 61.04 33.08
N SER C 444 15.79 61.74 32.41
CA SER C 444 17.04 61.15 31.92
C SER C 444 17.89 60.61 33.08
N ALA C 445 17.98 61.39 34.14
CA ALA C 445 18.77 61.00 35.31
C ALA C 445 18.13 59.80 36.02
N LEU C 446 16.82 59.80 36.11
CA LEU C 446 16.10 58.67 36.67
C LEU C 446 16.26 57.43 35.83
N TYR C 447 16.21 57.59 34.50
CA TYR C 447 16.29 56.46 33.57
C TYR C 447 17.56 55.65 33.83
N ASP C 448 18.68 56.36 33.95
CA ASP C 448 19.99 55.73 34.13
C ASP C 448 20.50 55.98 35.54
N LEU C 449 19.58 55.99 36.50
CA LEU C 449 19.90 56.33 37.88
C LEU C 449 21.02 55.49 38.47
N ASN C 450 21.05 54.20 38.16
CA ASN C 450 22.05 53.33 38.80
C ASN C 450 23.46 53.52 38.25
N ALA C 451 23.61 54.34 37.19
CA ALA C 451 24.94 54.65 36.66
C ALA C 451 25.70 55.61 37.58
N LEU C 452 25.01 56.13 38.59
CA LEU C 452 25.70 56.90 39.61
C LEU C 452 26.76 56.01 40.26
N ALA C 453 26.54 54.70 40.23
CA ALA C 453 27.51 53.75 40.74
C ALA C 453 28.84 53.89 39.98
N LEU C 454 28.75 54.09 38.66
CA LEU C 454 29.93 54.27 37.80
C LEU C 454 30.65 55.58 38.06
N LEU C 455 29.86 56.60 38.36
CA LEU C 455 30.39 57.94 38.55
C LEU C 455 31.13 58.10 39.87
N ARG C 456 31.13 57.05 40.69
CA ARG C 456 31.97 57.06 41.89
C ARG C 456 33.43 56.88 41.51
N GLN C 457 33.67 56.51 40.25
CA GLN C 457 35.03 56.38 39.76
C GLN C 457 35.23 57.20 38.50
N VAL C 458 35.77 58.40 38.68
CA VAL C 458 36.18 59.27 37.59
C VAL C 458 37.62 59.69 37.83
N SER C 459 38.35 60.01 36.76
CA SER C 459 39.78 60.30 36.90
C SER C 459 40.04 61.80 37.00
N ALA C 460 38.97 62.58 36.84
CA ALA C 460 39.03 64.03 36.93
C ALA C 460 37.66 64.48 37.38
N PRO C 461 37.54 65.71 37.89
CA PRO C 461 36.21 66.13 38.37
C PRO C 461 35.15 66.05 37.28
N LEU C 462 33.98 65.54 37.64
CA LEU C 462 32.85 65.55 36.73
C LEU C 462 31.67 66.22 37.44
N VAL C 463 31.16 67.28 36.83
CA VAL C 463 29.96 67.91 37.32
C VAL C 463 28.78 67.40 36.52
N LEU C 464 27.83 66.79 37.22
CA LEU C 464 26.58 66.36 36.61
C LEU C 464 25.49 67.34 37.01
N ILE C 465 25.09 68.19 36.07
CA ILE C 465 23.93 69.03 36.31
C ILE C 465 22.70 68.24 35.94
N VAL C 466 21.78 68.13 36.89
CA VAL C 466 20.46 67.57 36.62
C VAL C 466 19.45 68.71 36.62
N VAL C 467 18.90 69.02 35.46
CA VAL C 467 17.87 70.03 35.37
C VAL C 467 16.52 69.41 35.71
N ASN C 468 15.97 69.79 36.86
CA ASN C 468 14.74 69.20 37.34
C ASN C 468 13.55 70.13 37.10
N ASN C 469 12.85 69.91 35.99
CA ASN C 469 11.65 70.69 35.69
C ASN C 469 10.41 69.81 35.82
N ASN C 470 10.58 68.71 36.56
CA ASN C 470 9.48 67.81 36.94
C ASN C 470 8.73 67.24 35.74
N GLY C 471 9.43 66.40 34.97
CA GLY C 471 8.82 65.73 33.82
C GLY C 471 9.60 65.99 32.55
N GLY C 472 9.11 65.47 31.44
CA GLY C 472 9.75 65.68 30.15
C GLY C 472 9.18 66.93 29.51
N GLN C 473 9.75 68.08 29.86
CA GLN C 473 9.10 69.34 29.51
C GLN C 473 9.24 69.68 28.02
N ILE C 474 9.97 68.86 27.30
CA ILE C 474 9.92 68.99 25.87
C ILE C 474 8.49 68.84 25.36
N PHE C 475 7.66 68.13 26.07
CA PHE C 475 6.27 67.94 25.70
C PHE C 475 5.39 69.13 26.09
N SER C 476 6.00 70.15 26.70
CA SER C 476 5.34 71.45 26.89
C SER C 476 5.76 72.39 25.77
N LEU C 477 6.81 72.02 25.06
CA LEU C 477 7.26 72.77 23.88
C LEU C 477 6.49 72.31 22.64
N LEU C 478 6.39 71.00 22.46
CA LEU C 478 5.53 70.41 21.43
C LEU C 478 4.06 70.73 21.71
N PRO C 479 3.23 70.81 20.65
CA PRO C 479 1.81 71.16 20.80
C PRO C 479 0.95 69.99 21.25
N THR C 480 1.37 69.35 22.34
CA THR C 480 0.62 68.22 22.88
C THR C 480 -0.69 68.70 23.46
N PRO C 481 -1.72 67.85 23.44
CA PRO C 481 -3.05 68.24 23.96
C PRO C 481 -3.02 68.46 25.47
N GLN C 482 -3.66 69.54 25.92
CA GLN C 482 -3.59 69.96 27.31
C GLN C 482 -4.14 68.91 28.28
N SER C 483 -5.24 68.27 27.87
CA SER C 483 -5.94 67.35 28.75
C SER C 483 -5.12 66.11 29.12
N GLU C 484 -4.35 65.59 28.18
CA GLU C 484 -3.56 64.39 28.40
C GLU C 484 -2.09 64.67 28.72
N ARG C 485 -1.70 65.93 28.66
CA ARG C 485 -0.28 66.28 28.70
C ARG C 485 0.43 65.81 29.97
N GLU C 486 -0.13 66.08 31.15
CA GLU C 486 0.62 65.73 32.35
C GLU C 486 0.78 64.23 32.53
N ARG C 487 -0.32 63.48 32.46
CA ARG C 487 -0.27 62.05 32.73
C ARG C 487 0.41 61.24 31.64
N PHE C 488 0.15 61.59 30.39
CA PHE C 488 0.58 60.72 29.30
C PHE C 488 1.80 61.24 28.53
N TYR C 489 2.25 62.46 28.83
CA TYR C 489 3.45 63.00 28.19
C TYR C 489 4.51 63.45 29.20
N LEU C 490 4.20 64.46 30.00
CA LEU C 490 5.19 65.03 30.91
C LEU C 490 5.67 64.01 31.93
N MET C 491 4.71 63.27 32.48
CA MET C 491 4.98 62.25 33.50
C MET C 491 5.93 62.74 34.60
N PRO C 492 5.54 63.81 35.28
CA PRO C 492 6.32 64.29 36.43
C PRO C 492 6.47 63.19 37.46
N GLN C 493 7.67 63.03 38.02
CA GLN C 493 7.89 61.98 39.00
C GLN C 493 8.02 62.55 40.42
N ASN C 494 8.04 63.86 40.53
CA ASN C 494 8.08 64.55 41.82
C ASN C 494 9.15 64.00 42.76
N VAL C 495 10.40 64.08 42.31
CA VAL C 495 11.53 63.64 43.11
C VAL C 495 12.60 64.72 43.16
N HIS C 496 13.55 64.56 44.07
CA HIS C 496 14.78 65.30 44.06
C HIS C 496 15.93 64.29 44.04
N PHE C 497 17.16 64.75 43.90
CA PHE C 497 18.28 63.83 43.68
C PHE C 497 19.29 63.83 44.81
N GLU C 498 18.93 64.47 45.91
CA GLU C 498 19.80 64.55 47.08
C GLU C 498 20.09 63.17 47.65
N HIS C 499 19.06 62.33 47.77
CA HIS C 499 19.25 61.00 48.33
C HIS C 499 19.99 60.09 47.37
N ALA C 500 19.79 60.31 46.09
CA ALA C 500 20.51 59.56 45.07
C ALA C 500 22.02 59.80 45.20
N ALA C 501 22.40 61.07 45.34
CA ALA C 501 23.81 61.40 45.53
C ALA C 501 24.36 60.78 46.83
N ALA C 502 23.59 60.91 47.92
CA ALA C 502 24.01 60.35 49.21
C ALA C 502 24.22 58.85 49.13
N MET C 503 23.34 58.17 48.40
CA MET C 503 23.43 56.71 48.29
C MET C 503 24.77 56.27 47.74
N PHE C 504 25.30 57.05 46.79
CA PHE C 504 26.56 56.71 46.14
C PHE C 504 27.70 57.60 46.61
N GLU C 505 27.47 58.29 47.73
CA GLU C 505 28.48 59.09 48.41
C GLU C 505 29.08 60.15 47.51
N LEU C 506 28.22 60.79 46.73
CA LEU C 506 28.64 61.88 45.86
C LEU C 506 28.21 63.22 46.44
N LYS C 507 29.10 64.21 46.35
CA LYS C 507 28.77 65.57 46.79
C LYS C 507 27.52 66.06 46.07
N TYR C 508 26.73 66.87 46.75
CA TYR C 508 25.46 67.32 46.20
C TYR C 508 25.24 68.79 46.52
N HIS C 509 24.77 69.53 45.53
CA HIS C 509 24.34 70.91 45.70
C HIS C 509 22.97 71.13 45.07
N ARG C 510 22.14 71.93 45.73
CA ARG C 510 20.90 72.39 45.14
C ARG C 510 20.86 73.92 45.16
N PRO C 511 21.60 74.55 44.23
CA PRO C 511 21.74 76.01 44.22
C PRO C 511 20.43 76.74 43.94
N GLN C 512 20.19 77.83 44.67
CA GLN C 512 18.96 78.62 44.61
C GLN C 512 19.12 79.88 43.77
N ASN C 513 20.36 80.22 43.44
CA ASN C 513 20.66 81.42 42.67
C ASN C 513 22.00 81.29 41.96
N TRP C 514 22.35 82.28 41.15
CA TRP C 514 23.58 82.20 40.36
C TRP C 514 24.84 82.14 41.23
N GLN C 515 24.83 82.88 42.34
CA GLN C 515 26.00 82.87 43.23
C GLN C 515 26.23 81.48 43.82
N GLU C 516 25.17 80.82 44.26
CA GLU C 516 25.28 79.48 44.82
C GLU C 516 25.71 78.46 43.76
N LEU C 517 25.27 78.66 42.53
CA LEU C 517 25.69 77.78 41.44
C LEU C 517 27.21 77.89 41.26
N GLU C 518 27.73 79.11 41.27
CA GLU C 518 29.17 79.32 41.09
C GLU C 518 29.98 78.70 42.23
N THR C 519 29.46 78.82 43.44
CA THR C 519 30.09 78.22 44.61
C THR C 519 30.15 76.70 44.49
N ALA C 520 29.08 76.11 43.97
CA ALA C 520 29.02 74.67 43.78
C ALA C 520 30.11 74.21 42.79
N PHE C 521 30.24 74.91 41.67
CA PHE C 521 31.27 74.59 40.68
C PHE C 521 32.68 74.67 41.25
N ALA C 522 32.97 75.74 41.99
CA ALA C 522 34.29 75.92 42.59
C ALA C 522 34.63 74.75 43.51
N ASP C 523 33.64 74.29 44.28
CA ASP C 523 33.80 73.14 45.14
C ASP C 523 34.06 71.90 44.29
N ALA C 524 33.28 71.75 43.23
CA ALA C 524 33.31 70.54 42.43
C ALA C 524 34.64 70.30 41.72
N TRP C 525 35.25 71.35 41.16
CA TRP C 525 36.45 71.16 40.36
C TRP C 525 37.69 70.83 41.19
N ARG C 526 37.57 70.88 42.51
CA ARG C 526 38.74 70.74 43.38
C ARG C 526 39.22 69.29 43.51
N THR C 527 38.35 68.31 43.26
CA THR C 527 38.76 66.92 43.39
C THR C 527 38.27 66.07 42.22
N PRO C 528 38.99 64.98 41.93
CA PRO C 528 38.66 64.01 40.87
C PRO C 528 37.51 63.11 41.30
N THR C 529 36.36 63.72 41.52
CA THR C 529 35.14 63.02 41.93
C THR C 529 33.97 63.63 41.17
N THR C 530 32.84 62.93 41.22
CA THR C 530 31.62 63.44 40.61
C THR C 530 30.80 64.26 41.60
N THR C 531 30.42 65.47 41.21
CA THR C 531 29.52 66.28 42.00
C THR C 531 28.20 66.42 41.28
N VAL C 532 27.12 66.17 42.01
CA VAL C 532 25.77 66.33 41.48
C VAL C 532 25.20 67.71 41.84
N ILE C 533 24.86 68.47 40.81
CA ILE C 533 24.24 69.76 41.01
C ILE C 533 22.84 69.72 40.44
N GLU C 534 21.86 69.79 41.33
CA GLU C 534 20.48 69.74 40.90
C GLU C 534 19.96 71.16 40.78
N MET C 535 19.55 71.53 39.57
CA MET C 535 18.91 72.83 39.37
C MET C 535 17.41 72.64 39.24
N VAL C 536 16.69 73.03 40.28
CA VAL C 536 15.23 72.93 40.31
C VAL C 536 14.62 74.21 39.71
N VAL C 537 13.81 74.03 38.68
CA VAL C 537 13.20 75.13 37.95
C VAL C 537 11.71 74.91 37.75
N ASN C 538 10.98 76.00 37.52
CA ASN C 538 9.56 75.92 37.22
C ASN C 538 9.34 75.18 35.92
N ASP C 539 8.44 74.21 35.94
CA ASP C 539 8.28 73.26 34.85
C ASP C 539 8.37 73.83 33.43
N THR C 540 7.52 74.80 33.12
CA THR C 540 7.35 75.23 31.74
C THR C 540 8.10 76.51 31.36
N ASP C 541 8.84 77.09 32.30
CA ASP C 541 9.52 78.35 32.02
C ASP C 541 10.51 78.24 30.85
N GLY C 542 11.26 77.15 30.81
CA GLY C 542 12.25 76.95 29.77
C GLY C 542 11.64 76.89 28.38
N ALA C 543 10.61 76.05 28.24
CA ALA C 543 9.93 75.89 26.97
C ALA C 543 9.28 77.21 26.54
N GLN C 544 8.65 77.91 27.49
CA GLN C 544 7.99 79.17 27.18
C GLN C 544 8.98 80.27 26.79
N THR C 545 10.13 80.30 27.46
CA THR C 545 11.13 81.31 27.16
C THR C 545 11.64 81.12 25.73
N LEU C 546 11.84 79.86 25.33
CA LEU C 546 12.27 79.59 23.96
C LEU C 546 11.23 80.06 22.95
N GLN C 547 9.97 79.75 23.23
CA GLN C 547 8.87 80.14 22.36
C GLN C 547 8.76 81.65 22.23
N GLN C 548 8.96 82.36 23.34
CA GLN C 548 8.88 83.82 23.33
C GLN C 548 10.02 84.45 22.53
N LEU C 549 11.23 83.92 22.70
CA LEU C 549 12.39 84.44 21.99
C LEU C 549 12.26 84.14 20.50
N LEU C 550 11.72 82.97 20.17
CA LEU C 550 11.44 82.62 18.78
C LEU C 550 10.54 83.64 18.12
N ALA C 551 9.43 83.97 18.80
CA ALA C 551 8.46 84.94 18.30
C ALA C 551 9.09 86.32 18.16
N GLN C 552 9.83 86.75 19.17
CA GLN C 552 10.47 88.06 19.16
C GLN C 552 11.46 88.22 18.01
N VAL C 553 12.33 87.23 17.83
CA VAL C 553 13.36 87.32 16.80
C VAL C 553 12.80 87.23 15.38
N SER C 554 11.70 86.50 15.21
CA SER C 554 11.11 86.32 13.89
C SER C 554 10.54 87.62 13.33
N HIS C 555 10.26 88.57 14.22
CA HIS C 555 9.67 89.84 13.82
C HIS C 555 10.68 90.98 13.76
N LEU C 556 11.95 90.68 13.99
CA LEU C 556 13.00 91.69 13.93
C LEU C 556 13.18 92.22 12.52
N MET D 1 -8.24 64.40 4.57
CA MET D 1 -7.55 65.69 4.59
C MET D 1 -6.54 65.76 5.73
N SER D 2 -7.00 65.53 6.95
CA SER D 2 -6.13 65.65 8.12
C SER D 2 -5.36 64.38 8.44
N VAL D 3 -4.04 64.43 8.25
CA VAL D 3 -3.17 63.31 8.55
C VAL D 3 -3.18 63.00 10.06
N SER D 4 -3.17 64.05 10.88
CA SER D 4 -3.16 63.84 12.32
C SER D 4 -4.42 63.13 12.77
N ALA D 5 -5.57 63.53 12.22
CA ALA D 5 -6.83 62.90 12.58
C ALA D 5 -6.87 61.46 12.10
N PHE D 6 -6.46 61.20 10.86
CA PHE D 6 -6.54 59.84 10.38
C PHE D 6 -5.59 58.92 11.14
N ASN D 7 -4.42 59.41 11.51
CA ASN D 7 -3.51 58.65 12.36
C ASN D 7 -4.23 58.11 13.59
N ARG D 8 -5.03 58.96 14.21
CA ARG D 8 -5.72 58.61 15.43
C ARG D 8 -6.88 57.64 15.19
N ARG D 9 -7.56 57.77 14.04
CA ARG D 9 -8.62 56.82 13.66
C ARG D 9 -8.04 55.43 13.43
N TRP D 10 -6.90 55.38 12.73
CA TRP D 10 -6.17 54.15 12.48
C TRP D 10 -5.75 53.51 13.79
N ALA D 11 -5.15 54.30 14.67
CA ALA D 11 -4.75 53.82 15.99
C ALA D 11 -5.96 53.35 16.81
N ALA D 12 -7.08 54.05 16.68
CA ALA D 12 -8.28 53.70 17.44
C ALA D 12 -8.79 52.29 17.07
N VAL D 13 -8.66 51.91 15.81
CA VAL D 13 -9.05 50.58 15.39
C VAL D 13 -8.16 49.54 16.04
N ILE D 14 -6.85 49.80 16.02
CA ILE D 14 -5.92 48.87 16.62
C ILE D 14 -6.24 48.66 18.10
N LEU D 15 -6.43 49.76 18.83
N LEU D 15 -6.42 49.76 18.83
CA LEU D 15 -6.65 49.64 20.27
CA LEU D 15 -6.66 49.66 20.26
C LEU D 15 -8.01 49.00 20.61
C LEU D 15 -8.01 49.00 20.60
N GLU D 16 -9.07 49.40 19.92
CA GLU D 16 -10.38 48.80 20.17
C GLU D 16 -10.34 47.31 19.84
N ALA D 17 -9.63 46.94 18.77
CA ALA D 17 -9.53 45.52 18.42
C ALA D 17 -8.96 44.71 19.59
N LEU D 18 -7.95 45.26 20.25
CA LEU D 18 -7.29 44.55 21.34
C LEU D 18 -8.24 44.29 22.50
N THR D 19 -9.16 45.19 22.74
CA THR D 19 -10.11 45.00 23.85
C THR D 19 -10.98 43.76 23.65
N ARG D 20 -11.09 43.31 22.41
CA ARG D 20 -11.95 42.16 22.11
C ARG D 20 -11.24 40.85 22.40
N HIS D 21 -9.96 40.95 22.76
CA HIS D 21 -9.16 39.77 23.06
C HIS D 21 -8.69 39.77 24.50
N GLY D 22 -9.37 40.54 25.34
CA GLY D 22 -9.13 40.54 26.77
C GLY D 22 -8.08 41.52 27.28
N VAL D 23 -7.55 42.37 26.40
CA VAL D 23 -6.61 43.38 26.89
C VAL D 23 -7.32 44.45 27.73
N ARG D 24 -6.87 44.57 28.97
CA ARG D 24 -7.35 45.58 29.92
C ARG D 24 -6.23 46.52 30.32
N HIS D 25 -5.09 45.94 30.67
CA HIS D 25 -3.96 46.75 31.09
C HIS D 25 -3.17 47.24 29.91
N ILE D 26 -2.82 48.52 29.92
CA ILE D 26 -1.92 49.03 28.89
C ILE D 26 -0.86 49.89 29.56
N CYS D 27 0.40 49.62 29.22
CA CYS D 27 1.53 50.29 29.84
C CYS D 27 2.11 51.26 28.83
N ILE D 28 2.19 52.52 29.23
CA ILE D 28 2.57 53.58 28.29
C ILE D 28 3.79 54.34 28.76
N ALA D 29 4.75 54.52 27.86
CA ALA D 29 5.90 55.38 28.11
C ALA D 29 5.77 56.63 27.27
N PRO D 30 6.45 57.71 27.66
CA PRO D 30 6.24 58.99 26.97
C PRO D 30 6.96 59.13 25.63
N GLY D 31 6.36 59.91 24.74
CA GLY D 31 6.95 60.15 23.44
C GLY D 31 6.04 61.01 22.58
N SER D 32 6.56 61.44 21.44
CA SER D 32 5.75 62.21 20.50
C SER D 32 5.22 61.33 19.37
N ARG D 33 6.11 60.51 18.81
CA ARG D 33 5.73 59.66 17.68
C ARG D 33 4.64 58.65 18.06
N SER D 34 4.58 58.30 19.34
CA SER D 34 3.57 57.36 19.82
C SER D 34 2.21 58.02 20.05
N THR D 35 2.12 59.33 19.81
CA THR D 35 0.92 60.09 20.08
C THR D 35 -0.39 59.45 19.60
N PRO D 36 -0.45 58.98 18.35
CA PRO D 36 -1.74 58.43 17.91
C PRO D 36 -2.20 57.25 18.75
N LEU D 37 -1.27 56.39 19.13
CA LEU D 37 -1.57 55.23 19.94
C LEU D 37 -1.96 55.65 21.35
N THR D 38 -1.16 56.54 21.91
CA THR D 38 -1.36 56.95 23.29
C THR D 38 -2.65 57.73 23.47
N LEU D 39 -2.99 58.59 22.52
CA LEU D 39 -4.26 59.32 22.62
C LEU D 39 -5.45 58.39 22.41
N ALA D 40 -5.35 57.45 21.46
CA ALA D 40 -6.40 56.47 21.28
C ALA D 40 -6.59 55.62 22.56
N ALA D 41 -5.47 55.25 23.19
CA ALA D 41 -5.56 54.45 24.41
C ALA D 41 -6.18 55.26 25.55
N ALA D 42 -5.78 56.53 25.68
CA ALA D 42 -6.29 57.39 26.74
C ALA D 42 -7.80 57.57 26.67
N GLU D 43 -8.31 57.59 25.45
CA GLU D 43 -9.74 57.85 25.20
C GLU D 43 -10.61 56.60 25.35
N ASN D 44 -9.99 55.43 25.41
CA ASN D 44 -10.72 54.17 25.46
C ASN D 44 -10.98 53.72 26.91
N SER D 45 -12.26 53.63 27.29
CA SER D 45 -12.65 53.37 28.66
C SER D 45 -12.40 51.92 29.13
N ALA D 46 -11.98 51.05 28.20
CA ALA D 46 -11.74 49.66 28.54
C ALA D 46 -10.44 49.48 29.32
N PHE D 47 -9.55 50.46 29.25
CA PHE D 47 -8.19 50.25 29.76
C PHE D 47 -7.94 50.78 31.17
N ILE D 48 -7.05 50.07 31.86
CA ILE D 48 -6.35 50.61 33.01
C ILE D 48 -4.98 51.03 32.51
N HIS D 49 -4.65 52.30 32.67
CA HIS D 49 -3.40 52.84 32.11
C HIS D 49 -2.31 52.88 33.17
N HIS D 50 -1.15 52.32 32.87
CA HIS D 50 0.01 52.45 33.75
C HIS D 50 1.10 53.20 32.99
N THR D 51 1.82 54.09 33.67
CA THR D 51 2.91 54.81 32.99
C THR D 51 4.25 54.62 33.69
N HIS D 52 5.32 54.78 32.93
CA HIS D 52 6.66 54.73 33.50
C HIS D 52 7.61 55.38 32.51
N PHE D 53 8.73 55.87 33.02
CA PHE D 53 9.71 56.59 32.19
C PHE D 53 10.81 55.68 31.64
N ASP D 54 10.98 54.49 32.24
CA ASP D 54 12.01 53.55 31.79
C ASP D 54 11.34 52.44 30.98
N GLU D 55 11.59 52.37 29.68
CA GLU D 55 10.86 51.40 28.85
C GLU D 55 11.23 49.96 29.20
N ARG D 56 12.43 49.75 29.73
CA ARG D 56 12.81 48.40 30.15
C ARG D 56 11.94 47.99 31.33
N GLY D 57 11.78 48.90 32.29
CA GLY D 57 10.91 48.65 33.43
C GLY D 57 9.45 48.57 33.01
N LEU D 58 9.10 49.36 31.99
CA LEU D 58 7.74 49.33 31.48
C LEU D 58 7.40 47.94 30.95
N GLY D 59 8.33 47.35 30.20
CA GLY D 59 8.15 46.01 29.65
C GLY D 59 7.98 44.99 30.77
N HIS D 60 8.77 45.13 31.82
CA HIS D 60 8.67 44.18 32.93
C HIS D 60 7.42 44.40 33.79
N LEU D 61 6.99 45.66 33.89
CA LEU D 61 5.72 45.97 34.56
C LEU D 61 4.59 45.23 33.84
N ALA D 62 4.59 45.34 32.51
CA ALA D 62 3.62 44.63 31.69
C ALA D 62 3.72 43.12 31.87
N LEU D 63 4.95 42.61 31.92
CA LEU D 63 5.17 41.18 32.16
C LEU D 63 4.51 40.76 33.48
N GLY D 64 4.72 41.55 34.54
CA GLY D 64 4.14 41.21 35.83
C GLY D 64 2.64 41.22 35.80
N LEU D 65 2.08 42.23 35.13
CA LEU D 65 0.62 42.32 34.99
C LEU D 65 0.04 41.12 34.25
N ALA D 66 0.73 40.71 33.19
CA ALA D 66 0.27 39.58 32.38
C ALA D 66 0.39 38.27 33.15
N LYS D 67 1.47 38.18 33.91
CA LYS D 67 1.81 36.99 34.68
C LYS D 67 0.68 36.60 35.63
N VAL D 68 0.13 37.61 36.28
CA VAL D 68 -0.90 37.42 37.28
C VAL D 68 -2.29 37.36 36.66
N SER D 69 -2.56 38.25 35.70
CA SER D 69 -3.89 38.36 35.14
C SER D 69 -4.26 37.27 34.14
N LYS D 70 -3.26 36.61 33.56
CA LYS D 70 -3.50 35.58 32.54
C LYS D 70 -4.26 36.10 31.31
N GLN D 71 -4.14 37.39 31.04
CA GLN D 71 -4.66 38.01 29.82
C GLN D 71 -3.52 38.69 29.10
N PRO D 72 -3.71 39.01 27.81
CA PRO D 72 -2.70 39.81 27.12
C PRO D 72 -2.66 41.23 27.67
N VAL D 73 -1.46 41.80 27.71
CA VAL D 73 -1.25 43.14 28.21
C VAL D 73 -0.56 43.97 27.13
N ALA D 74 -1.05 45.18 26.90
CA ALA D 74 -0.50 46.01 25.84
C ALA D 74 0.54 47.00 26.38
N VAL D 75 1.44 47.38 25.49
CA VAL D 75 2.52 48.31 25.78
C VAL D 75 2.61 49.29 24.63
N ILE D 76 2.73 50.58 24.94
CA ILE D 76 2.97 51.59 23.92
C ILE D 76 4.28 52.30 24.21
N VAL D 77 5.15 52.37 23.20
CA VAL D 77 6.39 53.15 23.31
C VAL D 77 6.61 53.94 22.01
N THR D 78 7.44 54.98 22.08
CA THR D 78 7.74 55.79 20.91
C THR D 78 8.87 55.12 20.12
N SER D 79 9.21 55.70 18.97
CA SER D 79 10.23 55.12 18.10
C SER D 79 11.61 55.27 18.71
N GLY D 80 12.55 54.42 18.29
CA GLY D 80 13.95 54.56 18.67
C GLY D 80 14.40 53.55 19.72
N THR D 81 15.36 53.92 20.56
CA THR D 81 15.85 52.97 21.56
C THR D 81 14.80 52.61 22.62
N ALA D 82 13.76 53.42 22.76
CA ALA D 82 12.61 53.04 23.60
C ALA D 82 12.14 51.64 23.22
N VAL D 83 12.11 51.37 21.92
CA VAL D 83 11.63 50.08 21.44
C VAL D 83 12.59 48.97 21.85
N ALA D 84 13.90 49.20 21.69
CA ALA D 84 14.90 48.19 22.02
C ALA D 84 14.84 47.78 23.50
N ASN D 85 14.47 48.73 24.36
CA ASN D 85 14.40 48.46 25.80
C ASN D 85 13.33 47.46 26.22
N LEU D 86 12.41 47.15 25.30
CA LEU D 86 11.37 46.15 25.56
C LEU D 86 11.87 44.71 25.41
N TYR D 87 13.09 44.56 24.88
CA TYR D 87 13.59 43.23 24.52
C TYR D 87 13.66 42.25 25.69
N PRO D 88 14.23 42.70 26.82
CA PRO D 88 14.33 41.75 27.93
C PRO D 88 12.96 41.17 28.35
N ALA D 89 11.93 42.01 28.51
CA ALA D 89 10.62 41.48 28.89
C ALA D 89 10.02 40.59 27.80
N LEU D 90 10.21 40.97 26.56
CA LEU D 90 9.70 40.18 25.45
C LEU D 90 10.31 38.79 25.41
N ILE D 91 11.60 38.72 25.69
CA ILE D 91 12.32 37.45 25.68
C ILE D 91 11.84 36.52 26.78
N GLU D 92 11.65 37.08 27.98
CA GLU D 92 11.16 36.30 29.11
C GLU D 92 9.77 35.78 28.81
N ALA D 93 8.93 36.64 28.22
CA ALA D 93 7.56 36.27 27.87
C ALA D 93 7.57 35.15 26.85
N GLY D 94 8.57 35.17 25.96
CA GLY D 94 8.70 34.11 24.98
C GLY D 94 8.94 32.76 25.64
N LEU D 95 9.61 32.77 26.79
CA LEU D 95 9.96 31.53 27.46
C LEU D 95 8.85 31.05 28.39
N THR D 96 8.17 31.98 29.07
CA THR D 96 7.23 31.56 30.11
C THR D 96 5.76 31.72 29.73
N GLY D 97 5.49 32.41 28.61
CA GLY D 97 4.18 32.39 28.00
C GLY D 97 3.31 33.63 28.12
N GLU D 98 3.73 34.62 28.90
CA GLU D 98 2.98 35.87 29.01
C GLU D 98 2.66 36.51 27.67
N LYS D 99 1.44 37.00 27.50
CA LYS D 99 1.06 37.61 26.23
C LYS D 99 1.25 39.13 26.21
N LEU D 100 2.42 39.58 25.79
CA LEU D 100 2.73 40.99 25.75
C LEU D 100 2.50 41.50 24.33
N ILE D 101 1.66 42.51 24.21
CA ILE D 101 1.36 43.07 22.91
C ILE D 101 2.08 44.41 22.79
N LEU D 102 3.18 44.41 22.04
CA LEU D 102 4.03 45.59 21.96
C LEU D 102 3.67 46.46 20.75
N LEU D 103 3.06 47.61 21.04
CA LEU D 103 2.69 48.58 20.02
C LEU D 103 3.82 49.60 19.94
N THR D 104 4.67 49.45 18.94
CA THR D 104 5.88 50.26 18.87
C THR D 104 5.73 51.31 17.76
N ALA D 105 5.59 52.56 18.17
CA ALA D 105 5.45 53.65 17.20
C ALA D 105 6.72 53.72 16.36
N ASP D 106 6.56 54.06 15.08
CA ASP D 106 7.71 54.15 14.18
C ASP D 106 7.61 55.40 13.34
N ARG D 107 8.72 55.80 12.79
CA ARG D 107 8.69 56.83 11.79
C ARG D 107 8.09 56.21 10.52
N PRO D 108 7.57 57.01 9.60
CA PRO D 108 7.09 56.44 8.33
C PRO D 108 8.26 55.97 7.46
N PRO D 109 7.98 55.14 6.45
CA PRO D 109 9.06 54.58 5.62
C PRO D 109 9.96 55.65 4.98
N GLU D 110 9.42 56.81 4.64
CA GLU D 110 10.22 57.82 3.97
C GLU D 110 11.24 58.48 4.92
N LEU D 111 11.19 58.16 6.21
CA LEU D 111 12.15 58.73 7.16
C LEU D 111 13.10 57.69 7.78
N ILE D 112 13.19 56.52 7.17
CA ILE D 112 14.10 55.48 7.64
C ILE D 112 15.39 55.46 6.82
N ASP D 113 16.53 55.25 7.47
CA ASP D 113 17.83 55.18 6.78
C ASP D 113 18.17 56.47 6.00
N CYS D 114 17.84 57.62 6.58
CA CYS D 114 18.21 58.87 5.93
C CYS D 114 18.69 59.90 6.92
N GLY D 115 19.13 59.44 8.08
CA GLY D 115 19.72 60.34 9.07
C GLY D 115 18.70 61.18 9.81
N ALA D 116 17.45 60.73 9.83
CA ALA D 116 16.38 61.42 10.55
C ALA D 116 16.50 61.17 12.05
N ASN D 117 16.14 62.18 12.84
CA ASN D 117 16.22 62.05 14.28
C ASN D 117 15.30 60.95 14.83
N GLN D 118 15.84 60.16 15.75
CA GLN D 118 15.07 59.15 16.49
C GLN D 118 14.36 58.15 15.57
N ALA D 119 14.98 57.87 14.43
CA ALA D 119 14.45 56.91 13.48
C ALA D 119 15.41 55.74 13.33
N ILE D 120 14.94 54.52 13.55
CA ILE D 120 15.81 53.35 13.39
C ILE D 120 15.05 52.29 12.60
N ARG D 121 15.72 51.21 12.21
CA ARG D 121 15.04 50.10 11.53
C ARG D 121 14.35 49.19 12.55
N GLN D 122 13.01 49.25 12.60
CA GLN D 122 12.26 48.57 13.67
C GLN D 122 11.60 47.25 13.28
N PRO D 123 11.06 47.14 12.06
CA PRO D 123 10.50 45.83 11.71
C PRO D 123 11.53 44.68 11.85
N GLY D 124 11.13 43.60 12.51
CA GLY D 124 12.03 42.47 12.69
C GLY D 124 13.13 42.69 13.73
N MET D 125 13.10 43.80 14.45
CA MET D 125 14.21 44.06 15.37
C MET D 125 14.25 43.11 16.57
N PHE D 126 13.15 42.41 16.84
CA PHE D 126 13.14 41.43 17.94
C PHE D 126 13.34 39.99 17.42
N ALA D 127 13.69 39.86 16.15
CA ALA D 127 14.04 38.57 15.55
C ALA D 127 13.01 37.48 15.82
N SER D 128 13.44 36.32 16.32
CA SER D 128 12.50 35.21 16.49
C SER D 128 11.77 35.19 17.84
N HIS D 129 11.94 36.23 18.65
CA HIS D 129 11.41 36.17 20.01
C HIS D 129 9.91 36.46 20.15
N PRO D 130 9.35 37.38 19.35
CA PRO D 130 7.89 37.43 19.38
C PRO D 130 7.28 36.15 18.79
N THR D 131 6.15 35.70 19.33
CA THR D 131 5.41 34.61 18.73
C THR D 131 4.91 35.03 17.35
N HIS D 132 4.42 36.27 17.29
N HIS D 132 4.49 36.29 17.25
CA HIS D 132 3.92 36.88 16.06
CA HIS D 132 3.94 36.83 16.03
C HIS D 132 4.54 38.25 15.88
C HIS D 132 4.39 38.28 15.84
N SER D 133 4.82 38.62 14.63
CA SER D 133 5.27 39.97 14.34
C SER D 133 4.44 40.58 13.22
N ILE D 134 3.92 41.77 13.48
CA ILE D 134 3.18 42.52 12.48
C ILE D 134 3.90 43.82 12.16
N SER D 135 4.28 44.01 10.91
N SER D 135 4.27 44.03 10.91
CA SER D 135 4.80 45.31 10.48
CA SER D 135 4.79 45.31 10.49
C SER D 135 3.72 46.04 9.70
C SER D 135 3.73 46.05 9.70
N LEU D 136 3.01 46.93 10.37
CA LEU D 136 1.90 47.64 9.75
C LEU D 136 2.40 48.59 8.69
N PRO D 137 1.60 48.78 7.65
CA PRO D 137 1.96 49.71 6.57
C PRO D 137 1.71 51.16 7.00
N ARG D 138 2.24 52.07 6.21
CA ARG D 138 1.97 53.50 6.34
C ARG D 138 0.45 53.72 6.31
N PRO D 139 -0.11 54.41 7.31
CA PRO D 139 -1.57 54.56 7.32
C PRO D 139 -2.11 55.19 6.05
N THR D 140 -3.21 54.62 5.52
CA THR D 140 -3.89 55.21 4.37
C THR D 140 -5.32 54.71 4.34
N GLN D 141 -6.24 55.56 3.89
CA GLN D 141 -7.64 55.14 3.79
C GLN D 141 -7.86 54.17 2.64
N ASP D 142 -6.84 54.00 1.80
CA ASP D 142 -6.93 53.07 0.69
C ASP D 142 -6.77 51.62 1.12
N ILE D 143 -6.38 51.42 2.38
CA ILE D 143 -6.41 50.10 2.99
C ILE D 143 -7.60 50.09 3.93
N PRO D 144 -8.55 49.17 3.72
CA PRO D 144 -9.78 49.23 4.53
C PRO D 144 -9.58 48.86 6.00
N ALA D 145 -10.40 49.44 6.87
CA ALA D 145 -10.35 49.15 8.30
C ALA D 145 -10.51 47.66 8.54
N ARG D 146 -11.29 46.98 7.69
CA ARG D 146 -11.50 45.54 7.91
C ARG D 146 -10.21 44.73 7.77
N TRP D 147 -9.26 45.21 6.98
CA TRP D 147 -7.96 44.55 6.88
C TRP D 147 -7.20 44.74 8.20
N LEU D 148 -7.22 45.96 8.71
CA LEU D 148 -6.47 46.31 9.89
C LEU D 148 -6.96 45.51 11.10
N VAL D 149 -8.26 45.50 11.33
CA VAL D 149 -8.78 44.76 12.47
C VAL D 149 -8.60 43.24 12.26
N SER D 150 -8.77 42.75 11.03
CA SER D 150 -8.56 41.31 10.76
C SER D 150 -7.14 40.87 11.06
N THR D 151 -6.19 41.74 10.71
CA THR D 151 -4.78 41.45 10.94
C THR D 151 -4.50 41.34 12.43
N ILE D 152 -5.05 42.26 13.21
CA ILE D 152 -4.90 42.23 14.65
C ILE D 152 -5.60 40.99 15.23
N ASP D 153 -6.81 40.70 14.74
CA ASP D 153 -7.57 39.56 15.24
C ASP D 153 -6.88 38.22 14.98
N HIS D 154 -6.23 38.10 13.83
CA HIS D 154 -5.49 36.89 13.52
C HIS D 154 -4.34 36.70 14.52
N ALA D 155 -3.60 37.79 14.79
CA ALA D 155 -2.46 37.72 15.69
C ALA D 155 -2.86 37.33 17.11
N LEU D 156 -3.91 37.98 17.61
CA LEU D 156 -4.34 37.73 18.99
C LEU D 156 -5.10 36.41 19.12
N GLY D 157 -5.92 36.12 18.11
CA GLY D 157 -6.73 34.92 18.11
C GLY D 157 -5.92 33.62 18.08
N THR D 158 -4.82 33.63 17.34
CA THR D 158 -4.00 32.43 17.20
C THR D 158 -2.84 32.42 18.19
N LEU D 159 -2.80 33.40 19.08
CA LEU D 159 -1.71 33.51 20.04
C LEU D 159 -1.90 32.49 21.18
N HIS D 160 -1.08 31.44 21.17
N HIS D 160 -1.06 31.47 21.20
CA HIS D 160 -1.11 30.45 22.24
CA HIS D 160 -1.14 30.47 22.26
C HIS D 160 -0.44 30.99 23.49
C HIS D 160 -0.41 30.96 23.50
N ALA D 161 0.66 31.71 23.29
CA ALA D 161 1.50 32.23 24.37
C ALA D 161 2.58 33.15 23.79
N GLY D 162 3.16 34.00 24.64
CA GLY D 162 4.28 34.84 24.25
C GLY D 162 3.87 36.17 23.66
N GLY D 163 4.86 36.94 23.20
CA GLY D 163 4.66 38.31 22.77
C GLY D 163 4.29 38.52 21.31
N VAL D 164 3.69 39.67 21.03
CA VAL D 164 3.37 40.07 19.67
C VAL D 164 3.96 41.43 19.42
N HIS D 165 4.79 41.55 18.38
CA HIS D 165 5.33 42.85 18.04
C HIS D 165 4.50 43.47 16.96
N ILE D 166 3.85 44.59 17.27
CA ILE D 166 3.10 45.31 16.25
C ILE D 166 3.77 46.66 15.99
N ASN D 167 4.49 46.73 14.87
CA ASN D 167 5.16 47.98 14.52
C ASN D 167 4.19 48.94 13.82
N CYS D 168 4.14 50.17 14.30
CA CYS D 168 3.11 51.14 13.93
C CYS D 168 3.69 52.45 13.40
N PRO D 169 3.98 52.51 12.09
CA PRO D 169 4.45 53.78 11.54
C PRO D 169 3.36 54.86 11.49
N PHE D 170 3.75 56.09 11.82
CA PHE D 170 2.89 57.25 11.67
C PHE D 170 3.68 58.42 11.11
N ALA D 171 3.12 59.08 10.11
CA ALA D 171 3.71 60.29 9.55
C ALA D 171 3.18 61.53 10.24
N GLU D 172 4.03 62.55 10.35
CA GLU D 172 3.58 63.86 10.80
C GLU D 172 2.67 64.48 9.75
N PRO D 173 1.81 65.42 10.16
CA PRO D 173 1.62 65.93 11.53
C PRO D 173 0.95 64.93 12.49
N LEU D 174 1.40 64.97 13.74
CA LEU D 174 0.87 64.12 14.80
C LEU D 174 -0.18 64.84 15.64
N TYR D 175 -0.13 66.17 15.61
CA TYR D 175 -1.00 66.98 16.45
C TYR D 175 -1.99 67.79 15.63
N GLY D 176 -3.07 68.21 16.27
CA GLY D 176 -4.13 68.93 15.59
C GLY D 176 -5.48 68.48 16.10
N GLU D 177 -6.48 69.34 15.93
CA GLU D 177 -7.84 69.02 16.32
C GLU D 177 -8.36 67.83 15.51
N MET D 178 -9.19 67.01 16.14
CA MET D 178 -9.83 65.90 15.44
C MET D 178 -10.93 66.44 14.53
N ASP D 179 -10.85 66.12 13.24
CA ASP D 179 -11.99 66.41 12.36
C ASP D 179 -12.56 65.09 11.86
N ASP D 180 -13.39 65.15 10.82
CA ASP D 180 -14.12 63.95 10.40
C ASP D 180 -13.29 63.03 9.50
N THR D 181 -12.02 63.35 9.32
CA THR D 181 -11.13 62.53 8.51
C THR D 181 -11.09 61.10 9.04
N GLY D 182 -11.42 60.14 8.19
CA GLY D 182 -11.38 58.73 8.57
C GLY D 182 -12.64 58.20 9.21
N LEU D 183 -13.63 59.06 9.44
CA LEU D 183 -14.85 58.63 10.09
C LEU D 183 -15.61 57.62 9.23
N SER D 184 -15.82 57.93 7.96
CA SER D 184 -16.55 57.01 7.10
C SER D 184 -15.74 55.72 6.92
N TRP D 185 -14.42 55.85 6.93
CA TRP D 185 -13.52 54.72 6.86
C TRP D 185 -13.75 53.78 8.05
N GLN D 186 -13.83 54.35 9.26
CA GLN D 186 -14.11 53.55 10.45
C GLN D 186 -15.50 52.94 10.41
N GLN D 187 -16.46 53.69 9.89
CA GLN D 187 -17.86 53.28 9.92
C GLN D 187 -18.15 52.11 8.98
N ARG D 188 -17.18 51.78 8.12
CA ARG D 188 -17.31 50.58 7.29
C ARG D 188 -17.37 49.32 8.15
N LEU D 189 -16.95 49.42 9.42
CA LEU D 189 -17.01 48.27 10.32
C LEU D 189 -18.40 48.09 10.94
N GLY D 190 -19.31 49.02 10.64
CA GLY D 190 -20.68 48.88 11.09
C GLY D 190 -20.81 48.77 12.60
N ASP D 191 -21.67 47.87 13.08
CA ASP D 191 -21.91 47.82 14.51
C ASP D 191 -20.88 46.96 15.25
N TRP D 192 -19.77 46.61 14.58
CA TRP D 192 -18.66 46.00 15.30
C TRP D 192 -18.20 46.91 16.44
N TRP D 193 -18.34 48.21 16.25
CA TRP D 193 -17.91 49.19 17.24
C TRP D 193 -18.68 49.05 18.56
N GLN D 194 -19.89 48.54 18.49
CA GLN D 194 -20.72 48.34 19.68
C GLN D 194 -20.74 46.88 20.14
N ASP D 195 -19.98 46.03 19.45
CA ASP D 195 -19.95 44.60 19.70
C ASP D 195 -18.94 44.26 20.81
N ASP D 196 -18.92 43.02 21.27
CA ASP D 196 -18.00 42.61 22.31
C ASP D 196 -17.11 41.46 21.85
N LYS D 197 -17.15 41.19 20.55
CA LYS D 197 -16.38 40.11 19.93
C LYS D 197 -15.36 40.66 18.92
N PRO D 198 -14.37 39.83 18.55
CA PRO D 198 -13.49 40.21 17.43
C PRO D 198 -14.27 40.32 16.12
N TRP D 199 -13.71 41.04 15.16
CA TRP D 199 -14.25 41.10 13.80
C TRP D 199 -14.08 39.73 13.13
N LEU D 200 -12.85 39.22 13.16
CA LEU D 200 -12.59 37.87 12.70
C LEU D 200 -12.27 36.97 13.89
N ARG D 201 -13.08 35.95 14.10
CA ARG D 201 -12.82 34.98 15.16
C ARG D 201 -12.02 33.80 14.61
N GLU D 202 -10.73 33.78 14.96
CA GLU D 202 -9.82 32.73 14.56
C GLU D 202 -9.05 32.28 15.80
N ALA D 203 -9.48 31.18 16.41
CA ALA D 203 -8.93 30.77 17.71
C ALA D 203 -8.73 29.25 17.80
N PRO D 204 -7.92 28.70 16.90
CA PRO D 204 -7.64 27.26 16.99
C PRO D 204 -6.89 26.97 18.29
N ARG D 205 -7.22 25.84 18.94
CA ARG D 205 -6.57 25.46 20.18
C ARG D 205 -5.52 24.40 19.90
N LEU D 206 -4.41 24.50 20.63
CA LEU D 206 -3.31 23.56 20.46
C LEU D 206 -3.23 22.68 21.70
N GLU D 207 -3.37 21.37 21.52
CA GLU D 207 -3.47 20.48 22.67
C GLU D 207 -3.15 19.03 22.30
N SER D 208 -2.39 18.36 23.16
CA SER D 208 -2.10 16.95 22.96
C SER D 208 -3.33 16.07 23.24
N GLU D 209 -3.36 14.92 22.57
CA GLU D 209 -4.45 13.97 22.70
C GLU D 209 -4.30 13.18 23.98
N LYS D 210 -5.39 12.55 24.42
CA LYS D 210 -5.35 11.67 25.57
C LYS D 210 -4.36 10.53 25.33
N GLN D 211 -3.54 10.21 26.33
CA GLN D 211 -2.57 9.11 26.21
C GLN D 211 -3.27 7.80 26.51
N ARG D 212 -3.46 6.98 25.47
CA ARG D 212 -4.33 5.82 25.59
C ARG D 212 -3.74 4.69 26.44
N ASP D 213 -2.43 4.74 26.72
CA ASP D 213 -1.81 3.70 27.52
C ASP D 213 -1.60 4.13 28.99
N TRP D 214 -2.27 5.19 29.39
CA TRP D 214 -2.12 5.72 30.75
C TRP D 214 -2.52 4.70 31.83
N PHE D 215 -3.54 3.89 31.59
CA PHE D 215 -3.96 2.91 32.61
C PHE D 215 -2.87 1.89 32.89
N PHE D 216 -1.97 1.71 31.93
CA PHE D 216 -0.80 0.88 32.16
C PHE D 216 0.25 1.63 32.97
N TRP D 217 0.56 2.85 32.54
CA TRP D 217 1.68 3.57 33.15
C TRP D 217 1.37 4.02 34.57
N ARG D 218 0.11 4.25 34.88
CA ARG D 218 -0.24 4.76 36.21
C ARG D 218 -0.05 3.69 37.29
N GLN D 219 0.12 2.43 36.88
CA GLN D 219 0.39 1.36 37.84
C GLN D 219 1.87 1.05 38.04
N LYS D 220 2.73 1.69 37.24
CA LYS D 220 4.16 1.42 37.32
C LYS D 220 4.76 2.22 38.47
N ARG D 221 6.03 1.99 38.79
CA ARG D 221 6.70 2.82 39.78
C ARG D 221 7.08 4.15 39.15
N GLY D 222 6.33 5.20 39.45
CA GLY D 222 6.59 6.50 38.88
C GLY D 222 7.08 7.54 39.88
N VAL D 223 7.59 8.64 39.34
CA VAL D 223 7.99 9.82 40.10
C VAL D 223 7.29 11.04 39.53
N VAL D 224 6.78 11.91 40.38
CA VAL D 224 6.18 13.15 39.92
C VAL D 224 7.11 14.30 40.22
N VAL D 225 7.43 15.07 39.19
CA VAL D 225 8.21 16.29 39.35
C VAL D 225 7.31 17.47 39.01
N ALA D 226 7.18 18.41 39.95
CA ALA D 226 6.29 19.54 39.72
C ALA D 226 7.10 20.82 39.64
N GLY D 227 7.09 21.43 38.45
CA GLY D 227 7.73 22.72 38.25
C GLY D 227 6.75 23.89 38.36
N ARG D 228 7.01 24.97 37.62
CA ARG D 228 6.18 26.17 37.67
C ARG D 228 4.80 25.90 37.11
N MET D 229 3.78 26.26 37.86
CA MET D 229 2.39 26.07 37.45
C MET D 229 1.55 27.01 38.30
N SER D 230 0.24 27.02 38.10
CA SER D 230 -0.63 27.90 38.88
C SER D 230 -0.82 27.37 40.30
N ALA D 231 -1.26 28.25 41.20
CA ALA D 231 -1.50 27.89 42.58
C ALA D 231 -2.52 26.76 42.68
N GLU D 232 -3.58 26.85 41.88
CA GLU D 232 -4.62 25.83 41.88
C GLU D 232 -4.11 24.52 41.29
N GLU D 233 -3.26 24.62 40.26
CA GLU D 233 -2.68 23.44 39.65
C GLU D 233 -1.79 22.71 40.66
N GLY D 234 -1.07 23.47 41.47
CA GLY D 234 -0.18 22.88 42.44
C GLY D 234 -0.93 21.95 43.39
N LYS D 235 -2.08 22.41 43.89
CA LYS D 235 -2.87 21.60 44.81
C LYS D 235 -3.38 20.32 44.15
N LYS D 236 -3.78 20.44 42.88
CA LYS D 236 -4.32 19.29 42.16
C LYS D 236 -3.26 18.25 41.87
N VAL D 237 -2.06 18.70 41.51
CA VAL D 237 -0.94 17.79 41.27
C VAL D 237 -0.55 17.06 42.54
N ALA D 238 -0.54 17.77 43.66
CA ALA D 238 -0.21 17.13 44.94
C ALA D 238 -1.17 15.99 45.28
N LEU D 239 -2.47 16.21 45.10
CA LEU D 239 -3.46 15.16 45.39
C LEU D 239 -3.30 13.99 44.45
N TRP D 240 -3.01 14.30 43.19
CA TRP D 240 -2.84 13.31 42.13
C TRP D 240 -1.65 12.39 42.45
N ALA D 241 -0.51 13.01 42.79
CA ALA D 241 0.67 12.24 43.14
C ALA D 241 0.42 11.36 44.36
N GLN D 242 -0.25 11.93 45.35
CA GLN D 242 -0.51 11.23 46.59
C GLN D 242 -1.35 9.97 46.32
N THR D 243 -2.36 10.11 45.48
CA THR D 243 -3.23 9.00 45.14
C THR D 243 -2.46 7.88 44.43
N LEU D 244 -1.59 8.25 43.49
CA LEU D 244 -0.78 7.28 42.75
C LEU D 244 0.21 6.53 43.63
N GLY D 245 0.53 7.14 44.78
CA GLY D 245 1.56 6.61 45.67
C GLY D 245 2.97 6.91 45.15
N TRP D 246 3.08 7.92 44.31
CA TRP D 246 4.37 8.30 43.74
C TRP D 246 5.00 9.46 44.50
N PRO D 247 6.31 9.41 44.70
CA PRO D 247 6.95 10.54 45.36
C PRO D 247 6.81 11.79 44.52
N LEU D 248 6.52 12.91 45.18
CA LEU D 248 6.41 14.19 44.49
C LEU D 248 7.59 15.09 44.83
N ILE D 249 8.41 15.37 43.82
CA ILE D 249 9.47 16.36 43.95
C ILE D 249 8.92 17.69 43.45
N GLY D 250 8.67 18.59 44.40
CA GLY D 250 7.96 19.82 44.12
C GLY D 250 8.87 21.03 44.17
N ASP D 251 8.88 21.78 43.09
CA ASP D 251 9.69 23.00 43.02
C ASP D 251 9.13 24.13 43.87
N VAL D 252 9.98 25.08 44.24
CA VAL D 252 9.51 26.29 44.93
C VAL D 252 8.43 27.00 44.13
N LEU D 253 8.47 26.85 42.80
CA LEU D 253 7.49 27.51 41.96
C LEU D 253 6.21 26.69 41.75
N SER D 254 6.10 25.53 42.40
CA SER D 254 5.00 24.61 42.12
C SER D 254 3.73 24.81 42.97
N GLN D 255 3.86 25.32 44.18
CA GLN D 255 2.73 25.49 45.11
C GLN D 255 2.03 24.17 45.43
N THR D 256 2.82 23.09 45.45
CA THR D 256 2.31 21.76 45.75
C THR D 256 2.27 21.50 47.26
N GLY D 257 2.93 22.36 48.02
CA GLY D 257 3.10 22.12 49.43
C GLY D 257 4.36 21.32 49.71
N GLN D 258 5.06 20.92 48.67
CA GLN D 258 6.36 20.25 48.78
C GLN D 258 6.38 19.18 49.87
N PRO D 259 5.60 18.10 49.69
CA PRO D 259 5.51 17.04 50.72
C PRO D 259 6.83 16.32 51.04
N LEU D 260 7.80 16.39 50.12
CA LEU D 260 9.17 15.87 50.33
C LEU D 260 10.15 17.02 50.25
N PRO D 261 10.14 17.92 51.24
CA PRO D 261 10.87 19.18 51.13
C PRO D 261 12.40 19.00 51.16
N CYS D 262 13.13 20.08 50.83
CA CYS D 262 14.59 20.08 50.84
C CYS D 262 15.19 19.08 49.86
N ALA D 263 14.51 18.89 48.74
CA ALA D 263 15.01 17.98 47.72
C ALA D 263 16.42 18.37 47.24
N ASP D 264 16.74 19.67 47.23
CA ASP D 264 18.08 20.10 46.79
C ASP D 264 19.13 19.51 47.72
N LEU D 265 18.70 19.14 48.91
CA LEU D 265 19.57 18.48 49.88
C LEU D 265 19.48 16.95 49.80
N TRP D 266 18.28 16.38 49.87
CA TRP D 266 18.22 14.92 50.00
C TRP D 266 18.50 14.18 48.69
N LEU D 267 18.37 14.86 47.57
CA LEU D 267 18.76 14.27 46.29
C LEU D 267 20.28 14.05 46.20
N GLY D 268 21.01 14.67 47.11
CA GLY D 268 22.45 14.49 47.18
C GLY D 268 22.84 13.24 47.92
N ASN D 269 21.84 12.58 48.52
CA ASN D 269 22.08 11.35 49.28
C ASN D 269 21.92 10.09 48.44
N ALA D 270 22.92 9.22 48.46
CA ALA D 270 22.95 8.03 47.61
C ALA D 270 21.76 7.09 47.81
N LYS D 271 21.19 7.05 49.01
CA LYS D 271 20.04 6.20 49.23
C LYS D 271 18.85 6.73 48.44
N ALA D 272 18.76 8.04 48.31
CA ALA D 272 17.67 8.64 47.54
C ALA D 272 17.85 8.33 46.05
N THR D 273 19.04 8.54 45.51
CA THR D 273 19.24 8.31 44.08
C THR D 273 19.10 6.82 43.75
N SER D 274 19.48 5.96 44.69
N SER D 274 19.45 5.96 44.71
CA SER D 274 19.31 4.51 44.50
CA SER D 274 19.32 4.53 44.53
C SER D 274 17.83 4.14 44.43
C SER D 274 17.84 4.14 44.43
N GLU D 275 17.02 4.73 45.29
CA GLU D 275 15.60 4.43 45.29
C GLU D 275 14.96 4.95 43.99
N LEU D 276 15.38 6.13 43.56
CA LEU D 276 14.81 6.73 42.35
C LEU D 276 15.20 5.97 41.09
N GLN D 277 16.27 5.19 41.16
CA GLN D 277 16.68 4.35 40.04
C GLN D 277 15.65 3.27 39.71
N GLN D 278 14.78 3.00 40.66
CA GLN D 278 13.71 2.01 40.48
C GLN D 278 12.50 2.58 39.73
N ALA D 279 12.50 3.90 39.54
CA ALA D 279 11.40 4.56 38.83
C ALA D 279 11.39 4.16 37.36
N GLN D 280 10.25 3.71 36.88
CA GLN D 280 10.10 3.29 35.48
C GLN D 280 9.55 4.41 34.60
N ILE D 281 8.87 5.35 35.22
CA ILE D 281 8.37 6.52 34.48
C ILE D 281 8.52 7.74 35.38
N VAL D 282 8.85 8.87 34.77
CA VAL D 282 8.80 10.15 35.46
C VAL D 282 7.80 11.03 34.75
N VAL D 283 6.82 11.54 35.49
CA VAL D 283 5.91 12.51 34.91
C VAL D 283 6.16 13.89 35.52
N GLN D 284 6.66 14.81 34.70
CA GLN D 284 6.93 16.15 35.15
C GLN D 284 5.80 17.04 34.66
N LEU D 285 5.23 17.84 35.56
CA LEU D 285 4.24 18.83 35.16
C LEU D 285 4.81 20.20 35.47
N GLY D 286 4.78 21.09 34.48
CA GLY D 286 5.41 22.38 34.64
C GLY D 286 6.87 22.28 34.27
N SER D 287 7.57 23.41 34.29
CA SER D 287 8.98 23.41 33.89
C SER D 287 9.79 24.50 34.60
N SER D 288 10.96 24.86 34.07
CA SER D 288 11.85 25.81 34.74
C SER D 288 12.20 25.38 36.17
N LEU D 289 12.66 24.13 36.31
CA LEU D 289 13.04 23.60 37.61
C LEU D 289 14.20 24.42 38.19
N THR D 290 14.18 24.63 39.51
CA THR D 290 15.07 25.59 40.16
C THR D 290 16.41 25.02 40.63
N GLY D 291 16.35 23.90 41.35
CA GLY D 291 17.49 23.40 42.09
C GLY D 291 18.54 22.66 41.28
N LYS D 292 19.79 22.80 41.70
CA LYS D 292 20.91 22.15 41.03
C LYS D 292 20.81 20.63 41.15
N ARG D 293 20.49 20.15 42.36
CA ARG D 293 20.40 18.71 42.55
C ARG D 293 19.29 18.10 41.72
N LEU D 294 18.16 18.78 41.65
CA LEU D 294 17.05 18.29 40.85
C LEU D 294 17.43 18.30 39.36
N LEU D 295 18.08 19.38 38.91
CA LEU D 295 18.48 19.44 37.51
C LEU D 295 19.49 18.33 37.21
N GLN D 296 20.36 18.03 38.17
CA GLN D 296 21.34 16.95 37.98
C GLN D 296 20.70 15.56 38.01
N TRP D 297 19.76 15.35 38.93
CA TRP D 297 19.06 14.07 38.94
C TRP D 297 18.27 13.90 37.63
N GLN D 298 17.58 14.96 37.20
CA GLN D 298 16.83 14.87 35.95
C GLN D 298 17.75 14.45 34.81
N ALA D 299 18.92 15.07 34.74
CA ALA D 299 19.87 14.80 33.67
C ALA D 299 20.38 13.35 33.72
N SER D 300 20.49 12.81 34.93
CA SER D 300 21.09 11.51 35.15
C SER D 300 20.12 10.33 35.10
N CYS D 301 18.85 10.58 35.39
CA CYS D 301 17.90 9.48 35.50
C CYS D 301 17.61 8.83 34.16
N GLU D 302 17.31 7.53 34.21
CA GLU D 302 17.05 6.79 33.00
C GLU D 302 15.80 5.92 33.15
N PRO D 303 14.64 6.56 33.31
CA PRO D 303 13.39 5.80 33.29
C PRO D 303 13.09 5.30 31.88
N GLU D 304 12.19 4.34 31.74
CA GLU D 304 11.79 3.89 30.42
C GLU D 304 11.19 5.06 29.64
N GLU D 305 10.39 5.89 30.31
CA GLU D 305 9.82 7.08 29.69
C GLU D 305 9.84 8.29 30.62
N TYR D 306 10.07 9.45 30.03
CA TYR D 306 10.05 10.72 30.73
C TYR D 306 8.98 11.58 30.06
N TRP D 307 7.97 12.01 30.82
CA TRP D 307 6.92 12.87 30.28
C TRP D 307 6.98 14.28 30.85
N ILE D 308 6.79 15.28 30.00
CA ILE D 308 6.60 16.64 30.48
C ILE D 308 5.28 17.20 29.97
N VAL D 309 4.43 17.50 30.94
CA VAL D 309 3.13 18.14 30.71
C VAL D 309 3.22 19.63 31.08
N ASP D 310 2.84 20.50 30.15
CA ASP D 310 2.84 21.94 30.41
C ASP D 310 2.02 22.61 29.32
N ASP D 311 1.52 23.81 29.56
N ASP D 311 1.56 23.83 29.59
CA ASP D 311 0.68 24.44 28.53
CA ASP D 311 0.69 24.52 28.64
C ASP D 311 1.49 25.30 27.57
C ASP D 311 1.49 25.36 27.63
N ILE D 312 2.82 25.31 27.73
CA ILE D 312 3.66 26.00 26.76
C ILE D 312 4.29 24.99 25.81
N GLU D 313 4.70 25.49 24.63
CA GLU D 313 5.15 24.64 23.54
C GLU D 313 6.63 24.34 23.57
N GLY D 314 7.00 23.33 22.80
CA GLY D 314 8.40 23.03 22.50
C GLY D 314 9.00 22.06 23.49
N ARG D 315 10.23 21.63 23.22
N ARG D 315 10.22 21.62 23.21
CA ARG D 315 10.91 20.72 24.15
CA ARG D 315 10.90 20.72 24.14
C ARG D 315 11.22 21.44 25.46
C ARG D 315 11.21 21.44 25.45
N LEU D 316 11.11 20.71 26.57
CA LEU D 316 11.31 21.28 27.90
C LEU D 316 12.25 20.47 28.78
N ASP D 317 12.76 19.39 28.22
CA ASP D 317 13.68 18.49 28.91
C ASP D 317 15.11 18.72 28.37
N PRO D 318 15.96 19.44 29.12
CA PRO D 318 17.31 19.75 28.64
C PRO D 318 18.25 18.54 28.62
N ALA D 319 17.74 17.39 29.05
CA ALA D 319 18.49 16.13 29.00
C ALA D 319 18.05 15.21 27.85
N HIS D 320 17.00 15.63 27.13
CA HIS D 320 16.56 14.97 25.90
C HIS D 320 16.19 13.49 26.07
N HIS D 321 15.49 13.15 27.16
CA HIS D 321 15.07 11.78 27.39
C HIS D 321 14.11 11.25 26.35
N ARG D 322 14.15 9.95 26.15
CA ARG D 322 13.09 9.23 25.46
C ARG D 322 11.77 9.40 26.22
N GLY D 323 10.71 9.79 25.54
CA GLY D 323 9.47 10.02 26.27
C GLY D 323 8.51 10.88 25.47
N ARG D 324 7.81 11.76 26.18
CA ARG D 324 6.69 12.51 25.62
C ARG D 324 6.70 13.95 26.10
N ARG D 325 6.26 14.83 25.22
CA ARG D 325 6.13 16.24 25.48
C ARG D 325 4.67 16.55 25.17
N LEU D 326 3.91 16.77 26.24
CA LEU D 326 2.46 16.85 26.17
C LEU D 326 2.01 18.26 26.45
N ILE D 327 1.37 18.89 25.45
CA ILE D 327 0.91 20.27 25.56
C ILE D 327 -0.53 20.30 26.01
N ALA D 328 -0.76 20.85 27.20
CA ALA D 328 -2.11 20.85 27.77
C ALA D 328 -2.20 21.78 28.95
N ASN D 329 -3.41 22.26 29.23
CA ASN D 329 -3.67 22.84 30.53
C ASN D 329 -3.51 21.73 31.57
N ILE D 330 -2.72 21.98 32.62
CA ILE D 330 -2.37 20.94 33.58
C ILE D 330 -3.62 20.37 34.28
N ALA D 331 -4.57 21.23 34.63
CA ALA D 331 -5.81 20.77 35.27
C ALA D 331 -6.60 19.85 34.33
N ASP D 332 -6.77 20.28 33.08
CA ASP D 332 -7.41 19.45 32.07
C ASP D 332 -6.69 18.12 31.92
N TRP D 333 -5.36 18.18 31.88
CA TRP D 333 -4.57 16.97 31.65
C TRP D 333 -4.78 15.98 32.78
N LEU D 334 -4.81 16.45 34.02
CA LEU D 334 -5.02 15.56 35.15
C LEU D 334 -6.40 14.91 35.13
N GLU D 335 -7.41 15.64 34.66
CA GLU D 335 -8.76 15.08 34.56
C GLU D 335 -8.81 14.03 33.46
N LEU D 336 -8.03 14.24 32.40
CA LEU D 336 -7.96 13.32 31.29
C LEU D 336 -7.12 12.08 31.61
N HIS D 337 -6.23 12.21 32.57
CA HIS D 337 -5.37 11.10 33.00
C HIS D 337 -5.43 10.95 34.51
N PRO D 338 -6.58 10.49 35.01
CA PRO D 338 -6.81 10.46 36.45
C PRO D 338 -5.98 9.41 37.17
N ALA D 339 -5.76 9.64 38.45
CA ALA D 339 -5.05 8.69 39.29
C ALA D 339 -5.97 7.59 39.81
N GLU D 340 -5.41 6.41 40.03
CA GLU D 340 -6.12 5.38 40.77
C GLU D 340 -5.30 5.10 42.03
N LYS D 341 -5.99 4.89 43.14
CA LYS D 341 -5.33 4.72 44.43
C LYS D 341 -4.43 3.49 44.50
N ARG D 342 -3.14 3.72 44.76
CA ARG D 342 -2.17 2.65 44.91
C ARG D 342 -1.20 2.96 46.05
N GLN D 343 -0.71 1.91 46.69
CA GLN D 343 0.22 2.04 47.81
C GLN D 343 1.52 2.68 47.35
N PRO D 344 2.04 3.66 48.12
CA PRO D 344 3.33 4.28 47.81
C PRO D 344 4.44 3.25 47.76
N TRP D 345 5.38 3.41 46.83
CA TRP D 345 6.45 2.44 46.62
C TRP D 345 7.78 2.85 47.24
N CYS D 346 7.93 4.13 47.56
CA CYS D 346 9.16 4.62 48.19
C CYS D 346 9.17 4.33 49.67
N VAL D 347 10.33 3.97 50.21
CA VAL D 347 10.45 3.73 51.65
C VAL D 347 11.56 4.58 52.28
N GLU D 348 12.64 4.83 51.54
CA GLU D 348 13.76 5.58 52.10
C GLU D 348 13.60 7.09 51.99
N ILE D 349 13.03 7.57 50.88
CA ILE D 349 13.05 9.00 50.59
C ILE D 349 12.18 9.84 51.53
N PRO D 350 10.97 9.37 51.87
CA PRO D 350 10.22 10.14 52.87
C PRO D 350 10.97 10.30 54.21
N ARG D 351 11.70 9.28 54.65
CA ARG D 351 12.50 9.43 55.88
C ARG D 351 13.60 10.46 55.68
N LEU D 352 14.31 10.34 54.57
CA LEU D 352 15.41 11.27 54.28
C LEU D 352 14.96 12.72 54.18
N ALA D 353 13.82 12.95 53.54
CA ALA D 353 13.31 14.32 53.39
C ALA D 353 13.03 14.94 54.76
N GLU D 354 12.46 14.13 55.63
CA GLU D 354 12.13 14.57 56.98
C GLU D 354 13.42 14.90 57.76
N GLN D 355 14.41 14.03 57.64
CA GLN D 355 15.72 14.22 58.28
C GLN D 355 16.45 15.46 57.72
N ALA D 356 16.32 15.68 56.42
CA ALA D 356 16.93 16.85 55.80
C ALA D 356 16.32 18.15 56.37
N MET D 357 14.99 18.23 56.40
CA MET D 357 14.35 19.41 56.95
C MET D 357 14.76 19.63 58.40
N GLN D 358 14.89 18.55 59.17
CA GLN D 358 15.33 18.65 60.54
C GLN D 358 16.73 19.26 60.61
N ALA D 359 17.58 18.90 59.65
CA ALA D 359 18.93 19.47 59.58
C ALA D 359 18.90 20.97 59.38
N VAL D 360 17.97 21.44 58.54
CA VAL D 360 17.84 22.86 58.28
C VAL D 360 17.29 23.55 59.53
N ILE D 361 16.28 22.93 60.15
CA ILE D 361 15.67 23.47 61.35
C ILE D 361 16.71 23.69 62.44
N ALA D 362 17.67 22.77 62.52
CA ALA D 362 18.75 22.85 63.50
C ALA D 362 19.59 24.13 63.34
N ARG D 363 19.57 24.72 62.16
CA ARG D 363 20.40 25.90 61.90
C ARG D 363 19.59 27.18 61.70
N ARG D 364 18.37 27.19 62.24
CA ARG D 364 17.42 28.26 61.95
C ARG D 364 17.70 29.59 62.67
N ASP D 365 18.56 29.58 63.68
CA ASP D 365 18.64 30.73 64.58
C ASP D 365 19.45 31.92 64.04
N ALA D 366 20.56 31.65 63.35
CA ALA D 366 21.41 32.73 62.85
C ALA D 366 20.64 33.71 61.96
N PHE D 367 20.96 35.00 62.10
CA PHE D 367 20.26 36.04 61.34
C PHE D 367 20.93 36.18 59.98
N GLY D 368 20.77 35.15 59.15
CA GLY D 368 21.38 35.11 57.82
C GLY D 368 20.39 34.85 56.70
N GLU D 369 20.85 34.94 55.45
CA GLU D 369 19.92 34.81 54.33
C GLU D 369 19.42 33.37 54.19
N ALA D 370 20.24 32.39 54.57
CA ALA D 370 19.78 31.02 54.51
C ALA D 370 18.61 30.83 55.49
N GLN D 371 18.75 31.39 56.68
CA GLN D 371 17.71 31.26 57.69
C GLN D 371 16.43 32.03 57.30
N LEU D 372 16.58 33.21 56.72
CA LEU D 372 15.42 33.97 56.26
C LEU D 372 14.64 33.14 55.25
N ALA D 373 15.35 32.54 54.29
CA ALA D 373 14.72 31.69 53.28
C ALA D 373 13.99 30.51 53.92
N HIS D 374 14.68 29.82 54.83
CA HIS D 374 14.06 28.71 55.54
C HIS D 374 12.76 29.13 56.26
N ARG D 375 12.81 30.30 56.89
CA ARG D 375 11.73 30.75 57.75
C ARG D 375 10.69 31.59 57.00
N ILE D 376 10.81 31.70 55.68
CA ILE D 376 10.04 32.70 54.95
C ILE D 376 8.51 32.52 55.07
N CYS D 377 8.05 31.30 55.31
N CYS D 377 8.05 31.30 55.34
CA CYS D 377 6.63 31.05 55.50
CA CYS D 377 6.63 31.04 55.56
C CYS D 377 6.05 31.85 56.69
C CYS D 377 6.06 31.93 56.65
N ASP D 378 6.90 32.21 57.65
CA ASP D 378 6.45 32.98 58.81
C ASP D 378 6.10 34.41 58.41
N TYR D 379 6.48 34.81 57.21
CA TYR D 379 6.30 36.20 56.80
C TYR D 379 5.36 36.38 55.61
N LEU D 380 4.81 35.29 55.10
CA LEU D 380 3.88 35.40 53.96
C LEU D 380 2.62 36.13 54.37
N PRO D 381 2.22 37.16 53.63
CA PRO D 381 0.97 37.85 53.97
C PRO D 381 -0.27 36.97 53.79
N GLU D 382 -1.22 37.08 54.71
CA GLU D 382 -2.45 36.31 54.56
C GLU D 382 -3.20 36.73 53.28
N GLN D 383 -3.63 35.73 52.50
CA GLN D 383 -4.36 35.93 51.27
C GLN D 383 -3.55 36.77 50.29
N GLY D 384 -2.24 36.61 50.38
CA GLY D 384 -1.33 37.39 49.54
C GLY D 384 -0.58 36.54 48.53
N GLN D 385 0.55 37.07 48.10
CA GLN D 385 1.37 36.39 47.10
C GLN D 385 2.85 36.70 47.32
N LEU D 386 3.68 35.77 46.85
CA LEU D 386 5.14 35.86 46.97
C LEU D 386 5.74 36.10 45.60
N PHE D 387 6.61 37.10 45.50
CA PHE D 387 7.43 37.24 44.30
C PHE D 387 8.86 36.95 44.68
N VAL D 388 9.43 35.90 44.10
N VAL D 388 9.43 35.91 44.08
CA VAL D 388 10.80 35.49 44.43
CA VAL D 388 10.80 35.51 44.42
C VAL D 388 11.77 35.90 43.32
C VAL D 388 11.75 35.92 43.31
N GLY D 389 12.83 36.58 43.71
CA GLY D 389 13.84 37.04 42.77
C GLY D 389 14.76 35.93 42.35
N ASN D 390 15.71 36.23 41.47
CA ASN D 390 16.61 35.21 40.99
C ASN D 390 17.92 35.21 41.74
N SER D 391 18.77 34.24 41.40
CA SER D 391 20.07 34.00 42.04
C SER D 391 19.88 33.24 43.37
N LEU D 392 20.53 33.66 44.45
CA LEU D 392 20.50 32.84 45.67
C LEU D 392 19.12 32.72 46.33
N VAL D 393 18.28 33.76 46.27
CA VAL D 393 17.03 33.73 47.03
C VAL D 393 16.11 32.59 46.59
N VAL D 394 15.94 32.42 45.28
CA VAL D 394 15.05 31.37 44.79
C VAL D 394 15.66 29.99 45.10
N ARG D 395 16.98 29.88 45.01
N ARG D 395 16.98 29.88 45.01
CA ARG D 395 17.64 28.60 45.35
CA ARG D 395 17.65 28.63 45.34
C ARG D 395 17.53 28.30 46.84
C ARG D 395 17.58 28.30 46.83
N LEU D 396 17.72 29.32 47.67
CA LEU D 396 17.69 29.12 49.12
C LEU D 396 16.29 28.77 49.61
N ILE D 397 15.28 29.46 49.11
CA ILE D 397 13.91 29.13 49.46
C ILE D 397 13.55 27.72 48.96
N ASP D 398 13.91 27.41 47.72
CA ASP D 398 13.65 26.08 47.17
C ASP D 398 14.33 24.96 47.97
N ALA D 399 15.55 25.22 48.41
CA ALA D 399 16.33 24.19 49.09
C ALA D 399 15.94 24.03 50.56
N LEU D 400 15.53 25.12 51.20
CA LEU D 400 15.47 25.15 52.66
C LEU D 400 14.10 25.37 53.27
N SER D 401 13.13 25.74 52.45
CA SER D 401 11.80 26.03 52.97
C SER D 401 10.74 25.09 52.40
N GLN D 402 9.62 24.95 53.12
CA GLN D 402 8.47 24.21 52.62
C GLN D 402 7.29 25.18 52.48
N LEU D 403 7.00 25.60 51.25
CA LEU D 403 5.96 26.60 51.05
C LEU D 403 4.58 25.94 51.01
N PRO D 404 3.57 26.65 51.53
CA PRO D 404 2.21 26.09 51.68
C PRO D 404 1.60 25.73 50.34
N ALA D 405 0.87 24.63 50.26
CA ALA D 405 0.18 24.30 49.02
C ALA D 405 -0.81 25.41 48.62
N GLY D 406 -0.81 25.76 47.34
CA GLY D 406 -1.75 26.73 46.82
C GLY D 406 -1.44 28.20 47.11
N TYR D 407 -0.35 28.47 47.81
CA TYR D 407 0.00 29.87 48.05
C TYR D 407 0.76 30.42 46.84
N PRO D 408 0.20 31.46 46.19
CA PRO D 408 0.74 31.91 44.89
C PRO D 408 2.18 32.38 44.96
N VAL D 409 3.00 31.83 44.08
CA VAL D 409 4.39 32.25 43.93
C VAL D 409 4.57 32.72 42.50
N TYR D 410 5.26 33.85 42.32
CA TYR D 410 5.57 34.39 40.99
C TYR D 410 7.06 34.61 40.89
N SER D 411 7.57 34.61 39.66
CA SER D 411 9.00 34.72 39.39
C SER D 411 9.22 35.02 37.93
N ASN D 412 10.45 35.43 37.62
CA ASN D 412 10.95 35.51 36.24
C ASN D 412 12.01 34.42 36.03
N ALA D 413 11.57 33.16 35.98
CA ALA D 413 12.49 32.02 35.98
C ALA D 413 12.68 31.38 34.61
N GLY D 414 12.26 32.07 33.56
CA GLY D 414 12.48 31.59 32.20
C GLY D 414 13.93 31.78 31.82
N ALA D 415 14.33 33.04 31.69
CA ALA D 415 15.71 33.38 31.40
C ALA D 415 16.46 33.75 32.67
N SER D 416 15.72 33.85 33.77
CA SER D 416 16.27 34.14 35.08
C SER D 416 17.09 35.43 35.14
N GLY D 417 16.62 36.45 34.44
CA GLY D 417 17.29 37.74 34.45
C GLY D 417 17.17 38.47 35.77
N ILE D 418 18.22 39.22 36.12
CA ILE D 418 18.16 40.06 37.31
C ILE D 418 17.87 41.51 36.91
N ASP D 419 17.38 41.72 35.70
CA ASP D 419 17.25 43.09 35.19
C ASP D 419 15.87 43.75 35.34
N GLY D 420 14.84 43.00 35.75
CA GLY D 420 13.53 43.63 35.83
C GLY D 420 12.69 43.20 37.02
N LEU D 421 13.34 42.84 38.12
CA LEU D 421 12.61 42.16 39.19
C LEU D 421 11.72 43.10 40.00
N LEU D 422 12.12 44.37 40.20
CA LEU D 422 11.26 45.30 40.96
C LEU D 422 10.04 45.71 40.14
N SER D 423 10.25 46.05 38.87
CA SER D 423 9.13 46.45 38.03
C SER D 423 8.18 45.28 37.80
N THR D 424 8.71 44.07 37.65
CA THR D 424 7.84 42.88 37.50
C THR D 424 7.00 42.70 38.77
N ALA D 425 7.63 42.83 39.93
CA ALA D 425 6.90 42.71 41.19
C ALA D 425 5.79 43.78 41.31
N ALA D 426 6.08 44.99 40.85
CA ALA D 426 5.07 46.05 40.87
C ALA D 426 3.84 45.65 40.06
N GLY D 427 4.07 45.06 38.90
CA GLY D 427 2.98 44.59 38.05
C GLY D 427 2.23 43.41 38.66
N VAL D 428 2.95 42.51 39.30
CA VAL D 428 2.32 41.37 39.98
C VAL D 428 1.35 41.88 41.04
N GLN D 429 1.79 42.84 41.83
CA GLN D 429 0.94 43.42 42.87
C GLN D 429 -0.28 44.13 42.26
N ARG D 430 -0.05 45.01 41.27
CA ARG D 430 -1.15 45.81 40.73
C ARG D 430 -2.22 44.99 40.05
N ALA D 431 -1.82 43.91 39.39
CA ALA D 431 -2.77 43.06 38.68
C ALA D 431 -3.77 42.41 39.65
N SER D 432 -3.27 41.90 40.77
CA SER D 432 -4.14 41.14 41.66
C SER D 432 -4.73 41.96 42.79
N GLY D 433 -4.09 43.07 43.12
CA GLY D 433 -4.54 43.87 44.26
C GLY D 433 -4.26 43.21 45.61
N LYS D 434 -3.43 42.16 45.61
CA LYS D 434 -3.13 41.43 46.84
C LYS D 434 -1.90 41.96 47.57
N PRO D 435 -1.86 41.78 48.90
CA PRO D 435 -0.67 42.04 49.71
C PRO D 435 0.46 41.19 49.17
N THR D 436 1.65 41.78 49.02
CA THR D 436 2.72 41.10 48.31
C THR D 436 4.03 41.16 49.06
N LEU D 437 4.70 40.02 49.13
CA LEU D 437 6.07 39.95 49.61
C LEU D 437 6.97 39.65 48.42
N ALA D 438 7.91 40.56 48.18
CA ALA D 438 8.90 40.39 47.12
C ALA D 438 10.28 40.36 47.75
N ILE D 439 11.12 39.42 47.32
CA ILE D 439 12.46 39.27 47.86
C ILE D 439 13.50 39.20 46.75
N VAL D 440 14.48 40.10 46.82
CA VAL D 440 15.51 40.20 45.78
C VAL D 440 16.88 40.44 46.40
N GLY D 441 17.92 40.22 45.60
CA GLY D 441 19.28 40.47 46.04
C GLY D 441 19.69 41.91 45.79
N ASP D 442 20.88 42.30 46.26
CA ASP D 442 21.30 43.70 46.16
C ASP D 442 21.64 44.13 44.74
N LEU D 443 22.31 43.28 43.96
CA LEU D 443 22.60 43.66 42.58
C LEU D 443 21.29 43.75 41.79
N SER D 444 20.35 42.85 42.08
CA SER D 444 19.03 42.87 41.45
C SER D 444 18.29 44.18 41.72
N ALA D 445 18.33 44.62 42.97
CA ALA D 445 17.68 45.87 43.38
C ALA D 445 18.35 47.08 42.73
N LEU D 446 19.67 47.06 42.63
CA LEU D 446 20.40 48.13 41.94
C LEU D 446 20.07 48.19 40.45
N TYR D 447 19.98 47.01 39.83
CA TYR D 447 19.73 46.91 38.40
C TYR D 447 18.43 47.62 38.04
N ASP D 448 17.39 47.38 38.84
CA ASP D 448 16.08 47.94 38.55
C ASP D 448 15.71 49.02 39.57
N LEU D 449 16.71 49.77 40.03
CA LEU D 449 16.53 50.73 41.12
C LEU D 449 15.45 51.78 40.84
N ASN D 450 15.36 52.27 39.60
CA ASN D 450 14.39 53.32 39.33
C ASN D 450 12.95 52.78 39.32
N ALA D 451 12.79 51.46 39.44
CA ALA D 451 11.46 50.87 39.54
C ALA D 451 10.85 51.17 40.91
N LEU D 452 11.65 51.67 41.83
CA LEU D 452 11.07 52.12 43.10
C LEU D 452 10.04 53.23 42.86
N ALA D 453 10.17 53.97 41.76
CA ALA D 453 9.16 54.97 41.40
C ALA D 453 7.79 54.32 41.22
N LEU D 454 7.76 53.13 40.62
CA LEU D 454 6.51 52.39 40.41
C LEU D 454 5.93 51.90 41.73
N LEU D 455 6.80 51.55 42.67
CA LEU D 455 6.36 50.98 43.93
C LEU D 455 5.77 52.04 44.85
N ARG D 456 5.79 53.29 44.41
CA ARG D 456 5.09 54.36 45.12
C ARG D 456 3.60 54.22 44.94
N GLN D 457 3.20 53.39 43.97
CA GLN D 457 1.77 53.15 43.76
C GLN D 457 1.43 51.67 43.75
N VAL D 458 1.02 51.17 44.91
CA VAL D 458 0.53 49.80 45.03
C VAL D 458 -0.84 49.87 45.71
N SER D 459 -1.70 48.89 45.45
CA SER D 459 -3.09 48.93 45.92
C SER D 459 -3.30 48.17 47.22
N ALA D 460 -2.25 47.52 47.69
CA ALA D 460 -2.24 46.78 48.94
C ALA D 460 -0.80 46.79 49.41
N PRO D 461 -0.56 46.47 50.69
CA PRO D 461 0.85 46.53 51.13
C PRO D 461 1.79 45.62 50.33
N LEU D 462 2.96 46.14 50.02
CA LEU D 462 4.01 45.34 49.40
C LEU D 462 5.28 45.50 50.19
N VAL D 463 5.82 44.38 50.66
CA VAL D 463 7.11 44.38 51.33
C VAL D 463 8.21 43.95 50.38
N LEU D 464 9.20 44.82 50.18
CA LEU D 464 10.37 44.48 49.39
C LEU D 464 11.56 44.23 50.31
N ILE D 465 11.92 42.96 50.46
CA ILE D 465 13.15 42.62 51.16
C ILE D 465 14.28 42.65 50.17
N VAL D 466 15.30 43.44 50.48
CA VAL D 466 16.52 43.42 49.71
C VAL D 466 17.58 42.74 50.55
N VAL D 467 18.02 41.57 50.10
CA VAL D 467 19.08 40.84 50.78
C VAL D 467 20.41 41.41 50.32
N ASN D 468 21.09 42.10 51.22
CA ASN D 468 22.33 42.76 50.85
C ASN D 468 23.51 41.96 51.37
N ASN D 469 24.09 41.12 50.51
CA ASN D 469 25.28 40.36 50.85
C ASN D 469 26.49 40.88 50.06
N ASN D 470 26.35 42.11 49.58
CA ASN D 470 27.42 42.88 48.95
C ASN D 470 28.05 42.19 47.75
N GLY D 471 27.23 42.03 46.71
CA GLY D 471 27.64 41.45 45.45
C GLY D 471 26.76 40.28 45.04
N GLY D 472 27.10 39.64 43.94
CA GLY D 472 26.35 38.46 43.48
C GLY D 472 26.93 37.20 44.08
N GLN D 473 26.43 36.83 45.27
CA GLN D 473 27.09 35.78 46.04
C GLN D 473 26.81 34.37 45.51
N ILE D 474 25.97 34.24 44.50
CA ILE D 474 25.86 32.99 43.79
C ILE D 474 27.23 32.57 43.24
N PHE D 475 28.09 33.55 43.01
CA PHE D 475 29.44 33.27 42.50
C PHE D 475 30.40 32.87 43.63
N SER D 476 29.89 32.84 44.87
CA SER D 476 30.63 32.25 45.97
C SER D 476 30.17 30.80 46.18
N LEU D 477 29.01 30.48 45.61
CA LEU D 477 28.48 29.12 45.60
C LEU D 477 29.07 28.36 44.41
N LEU D 478 29.03 28.97 43.22
CA LEU D 478 29.72 28.42 42.05
C LEU D 478 31.23 28.39 42.31
N PRO D 479 31.93 27.41 41.71
CA PRO D 479 33.37 27.25 41.92
C PRO D 479 34.22 28.21 41.09
N THR D 480 33.91 29.50 41.20
CA THR D 480 34.65 30.52 40.48
C THR D 480 36.06 30.63 41.05
N PRO D 481 37.04 31.03 40.23
CA PRO D 481 38.42 31.14 40.69
C PRO D 481 38.60 32.24 41.72
N GLN D 482 39.33 31.96 42.79
CA GLN D 482 39.45 32.87 43.92
C GLN D 482 40.04 34.22 43.51
N SER D 483 41.06 34.18 42.64
CA SER D 483 41.82 35.37 42.29
C SER D 483 40.98 36.44 41.59
N GLU D 484 40.07 36.00 40.73
CA GLU D 484 39.24 36.92 39.96
C GLU D 484 37.85 37.12 40.53
N ARG D 485 37.52 36.39 41.59
CA ARG D 485 36.14 36.33 42.03
C ARG D 485 35.53 37.68 42.39
N GLU D 486 36.21 38.48 43.20
CA GLU D 486 35.62 39.74 43.67
C GLU D 486 35.43 40.76 42.55
N ARG D 487 36.49 41.03 41.80
CA ARG D 487 36.41 42.08 40.79
C ARG D 487 35.53 41.71 39.60
N PHE D 488 35.61 40.45 39.17
CA PHE D 488 35.00 40.05 37.91
C PHE D 488 33.76 39.17 38.04
N TYR D 489 33.42 38.76 39.26
CA TYR D 489 32.20 37.97 39.46
C TYR D 489 31.25 38.61 40.49
N LEU D 490 31.73 38.71 41.73
CA LEU D 490 30.90 39.21 42.83
C LEU D 490 30.48 40.66 42.61
N MET D 491 31.44 41.48 42.20
CA MET D 491 31.23 42.91 41.97
C MET D 491 30.45 43.60 43.09
N PRO D 492 30.97 43.55 44.33
CA PRO D 492 30.35 44.29 45.43
C PRO D 492 30.27 45.76 45.07
N GLN D 493 29.13 46.38 45.37
CA GLN D 493 28.92 47.78 45.04
C GLN D 493 28.96 48.64 46.30
N ASN D 494 29.03 47.97 47.46
CA ASN D 494 29.20 48.67 48.74
C ASN D 494 28.22 49.81 48.94
N VAL D 495 26.93 49.47 48.90
CA VAL D 495 25.88 50.46 49.11
C VAL D 495 24.86 49.96 50.13
N HIS D 496 24.01 50.88 50.58
CA HIS D 496 22.81 50.50 51.31
C HIS D 496 21.64 51.12 50.58
N PHE D 497 20.42 50.78 51.01
CA PHE D 497 19.24 51.19 50.27
C PHE D 497 18.34 52.15 51.04
N GLU D 498 18.83 52.65 52.16
CA GLU D 498 18.06 53.61 52.95
C GLU D 498 17.78 54.89 52.16
N HIS D 499 18.80 55.39 51.45
CA HIS D 499 18.62 56.62 50.68
C HIS D 499 17.74 56.39 49.44
N ALA D 500 17.78 55.19 48.87
CA ALA D 500 16.90 54.85 47.77
C ALA D 500 15.43 54.92 48.22
N ALA D 501 15.14 54.33 49.38
CA ALA D 501 13.78 54.38 49.90
C ALA D 501 13.37 55.84 50.16
N ALA D 502 14.25 56.61 50.77
CA ALA D 502 13.97 58.00 51.10
C ALA D 502 13.69 58.83 49.83
N MET D 503 14.43 58.54 48.76
CA MET D 503 14.24 59.27 47.51
C MET D 503 12.82 59.14 46.98
N PHE D 504 12.23 57.95 47.17
CA PHE D 504 10.90 57.69 46.64
C PHE D 504 9.84 57.68 47.74
N GLU D 505 10.20 58.23 48.90
CA GLU D 505 9.27 58.41 50.02
C GLU D 505 8.65 57.09 50.45
N LEU D 506 9.48 56.06 50.48
CA LEU D 506 9.05 54.74 50.93
C LEU D 506 9.59 54.45 52.32
N LYS D 507 8.75 53.88 53.18
CA LYS D 507 9.17 53.44 54.50
C LYS D 507 10.34 52.45 54.41
N TYR D 508 11.25 52.52 55.38
CA TYR D 508 12.47 51.73 55.34
C TYR D 508 12.86 51.16 56.69
N HIS D 509 13.24 49.88 56.69
CA HIS D 509 13.79 49.23 57.89
C HIS D 509 15.07 48.48 57.56
N ARG D 510 16.03 48.54 58.49
CA ARG D 510 17.23 47.71 58.43
C ARG D 510 17.31 46.92 59.72
N PRO D 511 16.50 45.86 59.82
CA PRO D 511 16.39 45.07 61.06
C PRO D 511 17.70 44.36 61.40
N GLN D 512 18.00 44.32 62.70
CA GLN D 512 19.27 43.77 63.20
C GLN D 512 19.12 42.36 63.76
N ASN D 513 17.88 41.95 63.98
CA ASN D 513 17.57 40.63 64.54
C ASN D 513 16.15 40.24 64.17
N TRP D 514 15.74 39.03 64.56
CA TRP D 514 14.44 38.51 64.19
C TRP D 514 13.28 39.33 64.76
N GLN D 515 13.44 39.84 65.98
CA GLN D 515 12.40 40.66 66.60
C GLN D 515 12.16 41.95 65.82
N GLU D 516 13.24 42.60 65.38
CA GLU D 516 13.11 43.83 64.59
C GLU D 516 12.51 43.54 63.22
N LEU D 517 12.84 42.38 62.66
CA LEU D 517 12.26 41.96 61.38
C LEU D 517 10.76 41.79 61.53
N GLU D 518 10.35 41.17 62.63
CA GLU D 518 8.95 40.92 62.90
C GLU D 518 8.21 42.23 63.08
N THR D 519 8.83 43.17 63.79
CA THR D 519 8.29 44.50 63.98
C THR D 519 8.11 45.25 62.66
N ALA D 520 9.10 45.13 61.79
CA ALA D 520 9.08 45.78 60.48
C ALA D 520 7.91 45.30 59.64
N PHE D 521 7.71 43.98 59.61
CA PHE D 521 6.57 43.40 58.91
C PHE D 521 5.24 43.89 59.48
N ALA D 522 5.13 43.92 60.80
CA ALA D 522 3.89 44.36 61.44
C ALA D 522 3.54 45.77 61.00
N ASP D 523 4.55 46.63 60.94
CA ASP D 523 4.38 48.01 60.48
C ASP D 523 3.93 47.99 59.04
N ALA D 524 4.59 47.17 58.23
CA ALA D 524 4.42 47.19 56.79
C ALA D 524 3.01 46.83 56.32
N TRP D 525 2.39 45.83 56.93
CA TRP D 525 1.10 45.35 56.43
C TRP D 525 -0.06 46.31 56.75
N ARG D 526 0.21 47.36 57.50
CA ARG D 526 -0.86 48.25 57.99
C ARG D 526 -1.41 49.23 56.95
N THR D 527 -0.64 49.53 55.91
CA THR D 527 -1.07 50.45 54.87
C THR D 527 -0.78 49.93 53.46
N PRO D 528 -1.57 50.37 52.48
CA PRO D 528 -1.36 49.98 51.08
C PRO D 528 -0.18 50.72 50.46
N THR D 529 1.00 50.48 51.00
CA THR D 529 2.23 51.10 50.50
C THR D 529 3.36 50.09 50.47
N THR D 530 4.43 50.47 49.78
CA THR D 530 5.61 49.65 49.71
C THR D 530 6.54 50.01 50.85
N THR D 531 6.98 48.99 51.59
CA THR D 531 7.99 49.13 52.61
C THR D 531 9.25 48.38 52.20
N VAL D 532 10.40 49.04 52.27
CA VAL D 532 11.70 48.43 51.98
C VAL D 532 12.34 47.90 53.24
N ILE D 533 12.61 46.60 53.27
CA ILE D 533 13.30 46.00 54.39
C ILE D 533 14.64 45.50 53.86
N GLU D 534 15.72 46.14 54.32
CA GLU D 534 17.05 45.75 53.91
C GLU D 534 17.66 44.80 54.95
N MET D 535 17.94 43.57 54.53
CA MET D 535 18.60 42.62 55.41
C MET D 535 20.05 42.52 55.02
N VAL D 536 20.90 43.13 55.85
CA VAL D 536 22.34 43.12 55.62
C VAL D 536 22.95 41.88 56.26
N VAL D 537 23.63 41.07 55.44
CA VAL D 537 24.20 39.82 55.91
C VAL D 537 25.64 39.66 55.47
N ASN D 538 26.38 38.82 56.19
CA ASN D 538 27.77 38.52 55.86
C ASN D 538 27.83 37.89 54.48
N ASP D 539 28.72 38.40 53.64
CA ASP D 539 28.72 38.06 52.20
C ASP D 539 28.50 36.58 51.89
N THR D 540 29.33 35.70 52.44
CA THR D 540 29.33 34.30 52.01
C THR D 540 28.60 33.29 52.91
N ASP D 541 27.99 33.74 54.00
CA ASP D 541 27.37 32.81 54.96
C ASP D 541 26.26 31.97 54.32
N GLY D 542 25.47 32.61 53.47
CA GLY D 542 24.36 31.92 52.82
C GLY D 542 24.83 30.80 51.93
N ALA D 543 25.79 31.11 51.07
CA ALA D 543 26.34 30.13 50.17
C ALA D 543 26.97 28.99 50.95
N GLN D 544 27.73 29.33 51.98
CA GLN D 544 28.42 28.33 52.79
C GLN D 544 27.46 27.46 53.55
N THR D 545 26.38 28.06 54.07
CA THR D 545 25.41 27.29 54.82
C THR D 545 24.74 26.27 53.93
N LEU D 546 24.41 26.66 52.70
CA LEU D 546 23.81 25.72 51.77
C LEU D 546 24.78 24.56 51.51
N GLN D 547 26.04 24.90 51.27
CA GLN D 547 27.05 23.88 50.99
C GLN D 547 27.20 22.91 52.16
N GLN D 548 27.20 23.45 53.38
CA GLN D 548 27.37 22.59 54.55
C GLN D 548 26.17 21.68 54.76
N LEU D 549 24.95 22.20 54.55
CA LEU D 549 23.75 21.40 54.71
C LEU D 549 23.68 20.30 53.65
N LEU D 550 24.12 20.63 52.44
CA LEU D 550 24.21 19.62 51.40
C LEU D 550 25.11 18.47 51.83
N ALA D 551 26.29 18.81 52.33
CA ALA D 551 27.25 17.79 52.75
C ALA D 551 26.69 16.97 53.90
N GLN D 552 26.07 17.64 54.87
CA GLN D 552 25.53 16.93 56.04
C GLN D 552 24.48 15.91 55.63
N VAL D 553 23.56 16.33 54.78
CA VAL D 553 22.46 15.47 54.36
C VAL D 553 22.93 14.32 53.47
N SER D 554 24.02 14.54 52.74
CA SER D 554 24.56 13.52 51.86
C SER D 554 25.08 12.33 52.68
N HIS D 555 25.36 12.56 53.96
CA HIS D 555 25.91 11.52 54.82
C HIS D 555 24.88 10.83 55.71
N LEU D 556 23.61 11.20 55.57
CA LEU D 556 22.56 10.55 56.34
C LEU D 556 22.39 9.09 55.91
N MET E 1 17.28 -30.71 -22.01
CA MET E 1 18.30 -31.54 -21.39
C MET E 1 18.13 -31.63 -19.86
N SER E 2 18.15 -30.50 -19.17
CA SER E 2 18.05 -30.51 -17.70
C SER E 2 16.62 -30.53 -17.20
N VAL E 3 16.22 -31.64 -16.60
CA VAL E 3 14.87 -31.77 -16.06
C VAL E 3 14.63 -30.76 -14.94
N SER E 4 15.61 -30.60 -14.05
CA SER E 4 15.44 -29.68 -12.92
C SER E 4 15.29 -28.23 -13.41
N ALA E 5 16.06 -27.87 -14.44
CA ALA E 5 16.01 -26.53 -14.97
C ALA E 5 14.66 -26.30 -15.66
N PHE E 6 14.19 -27.29 -16.44
CA PHE E 6 12.92 -27.07 -17.11
C PHE E 6 11.76 -27.02 -16.13
N ASN E 7 11.81 -27.84 -15.08
CA ASN E 7 10.81 -27.76 -14.01
C ASN E 7 10.67 -26.33 -13.49
N ARG E 8 11.81 -25.69 -13.27
CA ARG E 8 11.80 -24.35 -12.72
C ARG E 8 11.32 -23.33 -13.76
N ARG E 9 11.60 -23.56 -15.04
CA ARG E 9 11.09 -22.68 -16.09
C ARG E 9 9.56 -22.79 -16.23
N TRP E 10 9.08 -24.02 -16.15
CA TRP E 10 7.65 -24.32 -16.19
C TRP E 10 6.95 -23.64 -15.02
N ALA E 11 7.50 -23.84 -13.82
CA ALA E 11 6.94 -23.21 -12.62
C ALA E 11 6.98 -21.68 -12.71
N ALA E 12 8.05 -21.11 -13.28
CA ALA E 12 8.19 -19.66 -13.41
C ALA E 12 7.07 -19.02 -14.23
N VAL E 13 6.63 -19.72 -15.27
CA VAL E 13 5.50 -19.26 -16.06
C VAL E 13 4.24 -19.23 -15.20
N ILE E 14 4.04 -20.30 -14.44
CA ILE E 14 2.87 -20.37 -13.58
C ILE E 14 2.84 -19.21 -12.58
N LEU E 15 3.95 -18.98 -11.88
CA LEU E 15 3.96 -17.93 -10.86
C LEU E 15 3.89 -16.53 -11.45
N GLU E 16 4.59 -16.27 -12.55
CA GLU E 16 4.51 -14.96 -13.18
C GLU E 16 3.07 -14.71 -13.67
N ALA E 17 2.42 -15.76 -14.17
CA ALA E 17 1.05 -15.59 -14.66
C ALA E 17 0.15 -15.07 -13.56
N LEU E 18 0.33 -15.60 -12.37
CA LEU E 18 -0.51 -15.20 -11.24
C LEU E 18 -0.35 -13.72 -10.90
N THR E 19 0.86 -13.18 -11.08
CA THR E 19 1.06 -11.76 -10.80
C THR E 19 0.20 -10.85 -11.68
N ARG E 20 -0.26 -11.36 -12.83
CA ARG E 20 -1.05 -10.53 -13.74
C ARG E 20 -2.50 -10.47 -13.32
N HIS E 21 -2.84 -11.23 -12.28
CA HIS E 21 -4.22 -11.28 -11.79
C HIS E 21 -4.35 -10.78 -10.36
N GLY E 22 -3.36 -10.01 -9.92
CA GLY E 22 -3.43 -9.36 -8.62
C GLY E 22 -2.92 -10.16 -7.44
N VAL E 23 -2.32 -11.32 -7.71
CA VAL E 23 -1.74 -12.11 -6.62
C VAL E 23 -0.48 -11.42 -6.12
N ARG E 24 -0.47 -11.06 -4.85
N ARG E 24 -0.49 -11.06 -4.83
CA ARG E 24 0.69 -10.44 -4.24
CA ARG E 24 0.60 -10.34 -4.17
C ARG E 24 1.18 -11.32 -3.07
C ARG E 24 1.15 -11.17 -3.02
N HIS E 25 0.25 -11.77 -2.26
CA HIS E 25 0.61 -12.66 -1.14
C HIS E 25 0.71 -14.11 -1.57
N ILE E 26 1.76 -14.77 -1.12
CA ILE E 26 1.89 -16.20 -1.35
C ILE E 26 2.33 -16.89 -0.06
N CYS E 27 1.63 -17.95 0.27
CA CYS E 27 1.86 -18.68 1.51
C CYS E 27 2.50 -20.03 1.21
N ILE E 28 3.66 -20.26 1.80
CA ILE E 28 4.48 -21.42 1.44
C ILE E 28 4.77 -22.32 2.64
N ALA E 29 4.54 -23.61 2.47
CA ALA E 29 4.94 -24.61 3.45
C ALA E 29 6.13 -25.36 2.89
N PRO E 30 6.91 -25.98 3.76
CA PRO E 30 8.17 -26.62 3.34
C PRO E 30 7.97 -27.95 2.64
N GLY E 31 8.88 -28.29 1.74
CA GLY E 31 8.84 -29.57 1.04
C GLY E 31 9.95 -29.69 0.03
N SER E 32 10.09 -30.87 -0.56
CA SER E 32 11.05 -31.06 -1.64
C SER E 32 10.33 -31.06 -2.99
N ARG E 33 9.23 -31.80 -3.11
CA ARG E 33 8.55 -31.91 -4.39
C ARG E 33 8.05 -30.55 -4.88
N SER E 34 7.82 -29.63 -3.94
CA SER E 34 7.36 -28.27 -4.27
C SER E 34 8.49 -27.34 -4.72
N THR E 35 9.72 -27.83 -4.72
CA THR E 35 10.88 -26.99 -5.03
C THR E 35 10.70 -26.10 -6.27
N PRO E 36 10.21 -26.64 -7.40
CA PRO E 36 10.11 -25.75 -8.57
C PRO E 36 9.21 -24.54 -8.35
N LEU E 37 8.10 -24.77 -7.65
CA LEU E 37 7.15 -23.70 -7.36
C LEU E 37 7.75 -22.73 -6.36
N THR E 38 8.33 -23.28 -5.31
CA THR E 38 8.83 -22.47 -4.22
C THR E 38 10.02 -21.62 -4.67
N LEU E 39 10.91 -22.18 -5.47
CA LEU E 39 12.04 -21.40 -5.96
C LEU E 39 11.58 -20.34 -6.97
N ALA E 40 10.63 -20.68 -7.84
CA ALA E 40 10.09 -19.69 -8.74
C ALA E 40 9.45 -18.54 -7.94
N ALA E 41 8.74 -18.88 -6.86
CA ALA E 41 8.08 -17.87 -6.05
C ALA E 41 9.12 -17.00 -5.35
N ALA E 42 10.13 -17.65 -4.77
CA ALA E 42 11.15 -16.92 -4.04
C ALA E 42 11.88 -15.92 -4.92
N GLU E 43 12.06 -16.27 -6.19
CA GLU E 43 12.84 -15.43 -7.10
C GLU E 43 12.02 -14.28 -7.68
N ASN E 44 10.69 -14.37 -7.54
CA ASN E 44 9.79 -13.38 -8.12
C ASN E 44 9.53 -12.21 -7.17
N SER E 45 9.96 -11.02 -7.59
CA SER E 45 9.94 -9.84 -6.74
C SER E 45 8.54 -9.26 -6.53
N ALA E 46 7.55 -9.82 -7.21
CA ALA E 46 6.19 -9.31 -7.07
C ALA E 46 5.53 -9.74 -5.75
N PHE E 47 6.06 -10.78 -5.12
CA PHE E 47 5.35 -11.40 -4.01
C PHE E 47 5.78 -10.96 -2.62
N ILE E 48 4.81 -10.98 -1.71
CA ILE E 48 5.07 -10.98 -0.28
C ILE E 48 4.95 -12.44 0.17
N HIS E 49 6.03 -12.99 0.74
CA HIS E 49 6.04 -14.42 1.09
C HIS E 49 5.74 -14.63 2.57
N HIS E 50 4.83 -15.54 2.88
CA HIS E 50 4.55 -15.99 4.24
C HIS E 50 4.85 -17.49 4.36
N THR E 51 5.39 -17.91 5.49
CA THR E 51 5.67 -19.34 5.65
C THR E 51 5.02 -19.86 6.91
N HIS E 52 4.74 -21.16 6.92
CA HIS E 52 4.23 -21.83 8.11
C HIS E 52 4.47 -23.33 7.94
N PHE E 53 4.54 -24.05 9.06
CA PHE E 53 4.85 -25.49 9.03
C PHE E 53 3.61 -26.37 9.05
N ASP E 54 2.46 -25.82 9.46
CA ASP E 54 1.20 -26.56 9.50
C ASP E 54 0.38 -26.13 8.29
N GLU E 55 0.14 -27.06 7.34
CA GLU E 55 -0.53 -26.70 6.12
C GLU E 55 -2.00 -26.33 6.33
N ARG E 56 -2.62 -26.86 7.38
CA ARG E 56 -3.99 -26.46 7.66
C ARG E 56 -3.99 -24.99 8.05
N GLY E 57 -3.02 -24.61 8.90
CA GLY E 57 -2.86 -23.25 9.33
C GLY E 57 -2.44 -22.33 8.19
N LEU E 58 -1.61 -22.86 7.31
CA LEU E 58 -1.20 -22.09 6.13
C LEU E 58 -2.40 -21.72 5.27
N GLY E 59 -3.27 -22.69 5.05
CA GLY E 59 -4.47 -22.44 4.26
C GLY E 59 -5.33 -21.37 4.90
N HIS E 60 -5.46 -21.41 6.22
CA HIS E 60 -6.26 -20.39 6.90
C HIS E 60 -5.56 -19.03 6.95
N LEU E 61 -4.23 -19.01 7.02
CA LEU E 61 -3.47 -17.76 6.90
C LEU E 61 -3.78 -17.09 5.56
N ALA E 62 -3.76 -17.90 4.50
CA ALA E 62 -4.11 -17.41 3.17
C ALA E 62 -5.54 -16.90 3.15
N LEU E 63 -6.44 -17.65 3.81
CA LEU E 63 -7.85 -17.24 3.87
C LEU E 63 -7.97 -15.85 4.48
N GLY E 64 -7.26 -15.63 5.58
CA GLY E 64 -7.32 -14.34 6.27
C GLY E 64 -6.80 -13.21 5.37
N LEU E 65 -5.69 -13.48 4.69
CA LEU E 65 -5.14 -12.47 3.78
C LEU E 65 -6.11 -12.11 2.67
N ALA E 66 -6.76 -13.12 2.09
CA ALA E 66 -7.69 -12.91 0.99
C ALA E 66 -8.95 -12.20 1.46
N LYS E 67 -9.39 -12.60 2.64
CA LYS E 67 -10.62 -12.08 3.24
C LYS E 67 -10.61 -10.56 3.35
N VAL E 68 -9.46 -10.04 3.80
CA VAL E 68 -9.30 -8.63 4.06
C VAL E 68 -8.86 -7.89 2.80
N SER E 69 -7.91 -8.47 2.05
CA SER E 69 -7.34 -7.76 0.90
C SER E 69 -8.27 -7.77 -0.31
N LYS E 70 -9.20 -8.72 -0.34
CA LYS E 70 -10.10 -8.90 -1.48
C LYS E 70 -9.33 -9.18 -2.77
N GLN E 71 -8.16 -9.81 -2.61
N GLN E 71 -8.13 -9.73 -2.68
CA GLN E 71 -7.26 -10.21 -3.67
CA GLN E 71 -7.43 -10.18 -3.87
C GLN E 71 -7.18 -11.73 -3.71
C GLN E 71 -7.13 -11.66 -3.74
N PRO E 72 -6.81 -12.32 -4.87
CA PRO E 72 -6.48 -13.74 -4.83
C PRO E 72 -5.16 -13.92 -4.10
N VAL E 73 -5.06 -14.99 -3.32
CA VAL E 73 -3.86 -15.29 -2.55
C VAL E 73 -3.40 -16.68 -2.92
N ALA E 74 -2.10 -16.84 -3.17
CA ALA E 74 -1.56 -18.12 -3.59
C ALA E 74 -0.98 -18.91 -2.42
N VAL E 75 -1.00 -20.23 -2.59
CA VAL E 75 -0.53 -21.18 -1.60
C VAL E 75 0.31 -22.23 -2.31
N ILE E 76 1.49 -22.54 -1.76
CA ILE E 76 2.32 -23.62 -2.27
C ILE E 76 2.52 -24.67 -1.18
N VAL E 77 2.24 -25.92 -1.51
CA VAL E 77 2.54 -27.04 -0.62
C VAL E 77 3.14 -28.19 -1.40
N THR E 78 3.81 -29.11 -0.70
CA THR E 78 4.39 -30.27 -1.33
C THR E 78 3.33 -31.37 -1.47
N SER E 79 3.69 -32.47 -2.10
CA SER E 79 2.75 -33.57 -2.35
C SER E 79 2.39 -34.32 -1.07
N GLY E 80 1.25 -34.99 -1.07
CA GLY E 80 0.89 -35.86 0.05
C GLY E 80 -0.17 -35.27 0.97
N THR E 81 -0.12 -35.62 2.25
CA THR E 81 -1.14 -35.14 3.16
C THR E 81 -1.06 -33.62 3.34
N ALA E 82 0.08 -33.02 2.99
CA ALA E 82 0.19 -31.55 2.98
C ALA E 82 -0.96 -30.96 2.18
N VAL E 83 -1.28 -31.59 1.06
CA VAL E 83 -2.33 -31.08 0.20
C VAL E 83 -3.69 -31.20 0.89
N ALA E 84 -3.95 -32.34 1.52
CA ALA E 84 -5.23 -32.61 2.19
C ALA E 84 -5.55 -31.59 3.28
N ASN E 85 -4.50 -31.11 3.94
CA ASN E 85 -4.65 -30.15 5.02
C ASN E 85 -5.18 -28.79 4.55
N LEU E 86 -5.12 -28.52 3.25
CA LEU E 86 -5.68 -27.28 2.72
C LEU E 86 -7.22 -27.32 2.62
N TYR E 87 -7.82 -28.49 2.85
CA TYR E 87 -9.27 -28.65 2.58
C TYR E 87 -10.17 -27.72 3.38
N PRO E 88 -9.95 -27.62 4.70
CA PRO E 88 -10.86 -26.75 5.48
C PRO E 88 -10.90 -25.31 4.99
N ALA E 89 -9.73 -24.71 4.73
CA ALA E 89 -9.71 -23.33 4.26
C ALA E 89 -10.36 -23.21 2.88
N LEU E 90 -10.14 -24.24 2.06
CA LEU E 90 -10.71 -24.26 0.71
C LEU E 90 -12.23 -24.31 0.76
N ILE E 91 -12.75 -25.11 1.68
CA ILE E 91 -14.19 -25.25 1.82
C ILE E 91 -14.82 -23.94 2.28
N GLU E 92 -14.19 -23.28 3.26
CA GLU E 92 -14.69 -22.01 3.77
C GLU E 92 -14.65 -20.96 2.66
N ALA E 93 -13.58 -20.96 1.88
CA ALA E 93 -13.45 -20.04 0.77
C ALA E 93 -14.56 -20.25 -0.26
N GLY E 94 -14.95 -21.50 -0.45
CA GLY E 94 -16.03 -21.83 -1.38
C GLY E 94 -17.34 -21.21 -0.94
N LEU E 95 -17.51 -21.06 0.37
CA LEU E 95 -18.74 -20.52 0.91
C LEU E 95 -18.77 -18.99 1.01
N THR E 96 -17.64 -18.37 1.34
CA THR E 96 -17.65 -16.93 1.60
C THR E 96 -16.95 -16.10 0.52
N GLY E 97 -16.25 -16.78 -0.39
CA GLY E 97 -15.79 -16.15 -1.62
C GLY E 97 -14.32 -15.80 -1.77
N GLU E 98 -13.53 -15.98 -0.73
CA GLU E 98 -12.08 -15.72 -0.81
C GLU E 98 -11.45 -16.47 -1.98
N LYS E 99 -10.58 -15.80 -2.73
CA LYS E 99 -9.94 -16.44 -3.87
C LYS E 99 -8.61 -17.06 -3.49
N LEU E 100 -8.64 -18.32 -3.11
CA LEU E 100 -7.42 -19.03 -2.73
C LEU E 100 -6.92 -19.84 -3.91
N ILE E 101 -5.67 -19.59 -4.32
CA ILE E 101 -5.08 -20.31 -5.45
C ILE E 101 -4.09 -21.33 -4.93
N LEU E 102 -4.50 -22.59 -4.94
CA LEU E 102 -3.71 -23.64 -4.33
C LEU E 102 -2.84 -24.33 -5.36
N LEU E 103 -1.53 -24.06 -5.28
CA LEU E 103 -0.55 -24.69 -6.14
C LEU E 103 0.00 -25.91 -5.41
N THR E 104 -0.49 -27.08 -5.78
CA THR E 104 -0.15 -28.27 -5.00
C THR E 104 0.83 -29.16 -5.76
N ALA E 105 2.07 -29.23 -5.30
CA ALA E 105 3.05 -30.08 -5.97
C ALA E 105 2.63 -31.55 -5.96
N ASP E 106 2.95 -32.27 -7.03
CA ASP E 106 2.61 -33.68 -7.13
C ASP E 106 3.81 -34.48 -7.66
N ARG E 107 3.81 -35.79 -7.36
CA ARG E 107 4.67 -36.70 -8.12
C ARG E 107 4.21 -36.74 -9.57
N PRO E 108 5.11 -37.12 -10.48
CA PRO E 108 4.71 -37.29 -11.89
C PRO E 108 3.84 -38.54 -12.04
N PRO E 109 3.12 -38.66 -13.15
CA PRO E 109 2.18 -39.78 -13.34
C PRO E 109 2.78 -41.17 -13.15
N GLU E 110 4.06 -41.34 -13.50
CA GLU E 110 4.68 -42.66 -13.42
C GLU E 110 4.97 -43.10 -11.96
N LEU E 111 4.75 -42.20 -11.00
CA LEU E 111 4.97 -42.55 -9.61
C LEU E 111 3.68 -42.56 -8.79
N ILE E 112 2.54 -42.60 -9.47
CA ILE E 112 1.26 -42.70 -8.76
C ILE E 112 0.73 -44.14 -8.76
N ASP E 113 0.15 -44.56 -7.65
CA ASP E 113 -0.43 -45.90 -7.50
C ASP E 113 0.58 -47.03 -7.69
N CYS E 114 1.78 -46.84 -7.18
CA CYS E 114 2.81 -47.86 -7.27
C CYS E 114 3.63 -47.94 -6.00
N GLY E 115 3.08 -47.47 -4.88
CA GLY E 115 3.75 -47.62 -3.60
C GLY E 115 4.94 -46.69 -3.42
N ALA E 116 4.95 -45.60 -4.19
CA ALA E 116 6.02 -44.61 -4.06
C ALA E 116 5.83 -43.74 -2.80
N ASN E 117 6.91 -43.34 -2.18
CA ASN E 117 6.83 -42.53 -0.96
C ASN E 117 6.19 -41.16 -1.21
N GLN E 118 5.31 -40.76 -0.29
CA GLN E 118 4.69 -39.44 -0.31
C GLN E 118 3.99 -39.17 -1.63
N ALA E 119 3.46 -40.22 -2.24
CA ALA E 119 2.71 -40.09 -3.50
C ALA E 119 1.26 -40.54 -3.33
N ILE E 120 0.31 -39.66 -3.64
CA ILE E 120 -1.11 -39.99 -3.56
C ILE E 120 -1.85 -39.51 -4.80
N ARG E 121 -3.12 -39.91 -4.91
CA ARG E 121 -3.96 -39.43 -6.00
C ARG E 121 -4.50 -38.03 -5.70
N GLN E 122 -3.96 -37.02 -6.39
CA GLN E 122 -4.26 -35.61 -6.05
C GLN E 122 -5.26 -34.92 -6.96
N PRO E 123 -5.23 -35.16 -8.29
CA PRO E 123 -6.27 -34.52 -9.10
C PRO E 123 -7.68 -34.89 -8.60
N GLY E 124 -8.54 -33.87 -8.46
CA GLY E 124 -9.92 -34.10 -8.04
C GLY E 124 -10.10 -34.38 -6.56
N MET E 125 -9.02 -34.31 -5.77
CA MET E 125 -9.12 -34.70 -4.36
C MET E 125 -9.96 -33.74 -3.51
N PHE E 126 -10.21 -32.54 -4.02
CA PHE E 126 -11.08 -31.58 -3.34
C PHE E 126 -12.49 -31.58 -3.89
N ALA E 127 -12.80 -32.56 -4.74
CA ALA E 127 -14.16 -32.76 -5.24
C ALA E 127 -14.76 -31.47 -5.80
N SER E 128 -15.97 -31.11 -5.38
CA SER E 128 -16.66 -29.96 -5.96
C SER E 128 -16.35 -28.64 -5.25
N HIS E 129 -15.40 -28.65 -4.33
CA HIS E 129 -15.23 -27.44 -3.52
C HIS E 129 -14.45 -26.30 -4.17
N PRO E 130 -13.42 -26.62 -4.97
CA PRO E 130 -12.82 -25.50 -5.72
C PRO E 130 -13.78 -24.97 -6.76
N THR E 131 -13.75 -23.67 -7.04
CA THR E 131 -14.52 -23.10 -8.14
C THR E 131 -14.01 -23.65 -9.46
N HIS E 132 -12.69 -23.74 -9.56
N HIS E 132 -12.70 -23.82 -9.54
CA HIS E 132 -11.97 -24.26 -10.72
CA HIS E 132 -12.09 -24.32 -10.76
C HIS E 132 -10.98 -25.32 -10.26
C HIS E 132 -10.89 -25.21 -10.40
N SER E 133 -10.80 -26.35 -11.07
CA SER E 133 -9.72 -27.32 -10.83
C SER E 133 -8.89 -27.50 -12.08
N ILE E 134 -7.58 -27.32 -11.96
CA ILE E 134 -6.66 -27.55 -13.06
C ILE E 134 -5.69 -28.68 -12.72
N SER E 135 -5.70 -29.74 -13.49
N SER E 135 -5.69 -29.73 -13.51
CA SER E 135 -4.70 -30.80 -13.30
CA SER E 135 -4.73 -30.81 -13.32
C SER E 135 -3.66 -30.70 -14.39
C SER E 135 -3.66 -30.70 -14.40
N LEU E 136 -2.54 -30.05 -14.08
CA LEU E 136 -1.50 -29.85 -15.08
C LEU E 136 -0.83 -31.16 -15.51
N PRO E 137 -0.43 -31.23 -16.78
CA PRO E 137 0.27 -32.41 -17.29
C PRO E 137 1.73 -32.43 -16.83
N ARG E 138 2.37 -33.57 -17.03
CA ARG E 138 3.80 -33.73 -16.83
C ARG E 138 4.55 -32.67 -17.65
N PRO E 139 5.41 -31.87 -17.00
CA PRO E 139 6.08 -30.82 -17.78
C PRO E 139 6.82 -31.34 -19.00
N THR E 140 6.66 -30.65 -20.13
CA THR E 140 7.39 -30.99 -21.33
C THR E 140 7.43 -29.77 -22.25
N GLN E 141 8.55 -29.61 -22.95
CA GLN E 141 8.66 -28.51 -23.90
C GLN E 141 7.80 -28.73 -25.14
N ASP E 142 7.24 -29.94 -25.25
CA ASP E 142 6.37 -30.27 -26.38
C ASP E 142 4.98 -29.67 -26.21
N ILE E 143 4.71 -29.15 -25.03
CA ILE E 143 3.52 -28.33 -24.80
C ILE E 143 3.97 -26.88 -24.70
N PRO E 144 3.44 -26.00 -25.56
CA PRO E 144 3.99 -24.63 -25.56
C PRO E 144 3.65 -23.81 -24.30
N ALA E 145 4.53 -22.89 -23.95
CA ALA E 145 4.29 -22.01 -22.80
C ALA E 145 2.98 -21.23 -22.96
N ARG E 146 2.61 -20.90 -24.19
N ARG E 146 2.62 -20.89 -24.20
CA ARG E 146 1.36 -20.16 -24.38
CA ARG E 146 1.37 -20.18 -24.45
C ARG E 146 0.15 -20.98 -23.92
C ARG E 146 0.17 -20.98 -23.93
N TRP E 147 0.23 -22.31 -23.99
CA TRP E 147 -0.87 -23.13 -23.46
C TRP E 147 -0.93 -22.99 -21.95
N LEU E 148 0.23 -23.09 -21.31
CA LEU E 148 0.29 -23.05 -19.85
C LEU E 148 -0.22 -21.73 -19.27
N VAL E 149 0.24 -20.61 -19.80
CA VAL E 149 -0.20 -19.33 -19.27
C VAL E 149 -1.69 -19.14 -19.60
N SER E 150 -2.13 -19.59 -20.78
CA SER E 150 -3.55 -19.43 -21.13
C SER E 150 -4.45 -20.22 -20.17
N THR E 151 -4.01 -21.40 -19.77
CA THR E 151 -4.78 -22.22 -18.84
C THR E 151 -4.90 -21.52 -17.49
N ILE E 152 -3.80 -20.96 -17.02
CA ILE E 152 -3.84 -20.22 -15.76
C ILE E 152 -4.69 -18.95 -15.89
N ASP E 153 -4.56 -18.23 -17.00
CA ASP E 153 -5.33 -17.01 -17.24
C ASP E 153 -6.85 -17.25 -17.32
N HIS E 154 -7.24 -18.38 -17.89
CA HIS E 154 -8.66 -18.73 -17.93
C HIS E 154 -9.23 -18.95 -16.53
N ALA E 155 -8.50 -19.71 -15.71
CA ALA E 155 -8.93 -20.03 -14.35
C ALA E 155 -9.04 -18.76 -13.50
N LEU E 156 -8.02 -17.89 -13.57
CA LEU E 156 -8.01 -16.70 -12.75
C LEU E 156 -8.96 -15.63 -13.29
N GLY E 157 -9.00 -15.48 -14.61
CA GLY E 157 -9.81 -14.46 -15.21
C GLY E 157 -11.30 -14.65 -15.01
N THR E 158 -11.75 -15.91 -15.04
CA THR E 158 -13.17 -16.23 -14.96
C THR E 158 -13.61 -16.51 -13.52
N LEU E 159 -12.71 -16.34 -12.56
CA LEU E 159 -13.00 -16.64 -11.16
C LEU E 159 -13.84 -15.53 -10.51
N HIS E 160 -15.13 -15.78 -10.30
CA HIS E 160 -15.98 -14.82 -9.60
C HIS E 160 -15.65 -14.82 -8.10
N ALA E 161 -15.40 -16.00 -7.57
CA ALA E 161 -15.17 -16.18 -6.15
C ALA E 161 -14.69 -17.59 -5.88
N GLY E 162 -14.08 -17.81 -4.72
CA GLY E 162 -13.73 -19.14 -4.28
C GLY E 162 -12.38 -19.61 -4.73
N GLY E 163 -12.07 -20.86 -4.42
CA GLY E 163 -10.73 -21.39 -4.61
C GLY E 163 -10.45 -22.02 -5.94
N VAL E 164 -9.16 -22.10 -6.29
CA VAL E 164 -8.75 -22.78 -7.49
C VAL E 164 -7.70 -23.80 -7.13
N HIS E 165 -7.92 -25.05 -7.52
CA HIS E 165 -6.92 -26.09 -7.28
C HIS E 165 -6.07 -26.27 -8.53
N ILE E 166 -4.78 -25.98 -8.42
CA ILE E 166 -3.89 -26.22 -9.54
C ILE E 166 -2.90 -27.30 -9.16
N ASN E 167 -3.11 -28.51 -9.66
CA ASN E 167 -2.20 -29.62 -9.36
C ASN E 167 -0.99 -29.57 -10.26
N CYS E 168 0.20 -29.65 -9.66
CA CYS E 168 1.46 -29.40 -10.38
C CYS E 168 2.48 -30.54 -10.24
N PRO E 169 2.39 -31.54 -11.13
CA PRO E 169 3.38 -32.62 -11.14
C PRO E 169 4.75 -32.17 -11.58
N PHE E 170 5.77 -32.68 -10.90
CA PHE E 170 7.16 -32.49 -11.29
C PHE E 170 7.93 -33.79 -11.10
N ALA E 171 8.71 -34.17 -12.10
CA ALA E 171 9.60 -35.34 -11.98
C ALA E 171 10.98 -34.92 -11.49
N GLU E 172 11.64 -35.83 -10.76
CA GLU E 172 13.05 -35.65 -10.40
C GLU E 172 13.93 -35.76 -11.64
N PRO E 173 15.13 -35.16 -11.60
CA PRO E 173 15.74 -34.40 -10.51
C PRO E 173 15.06 -33.05 -10.27
N LEU E 174 14.97 -32.65 -9.01
CA LEU E 174 14.39 -31.37 -8.62
C LEU E 174 15.48 -30.32 -8.39
N TYR E 175 16.70 -30.80 -8.13
CA TYR E 175 17.79 -29.91 -7.77
C TYR E 175 18.88 -29.91 -8.81
N GLY E 176 19.69 -28.85 -8.80
CA GLY E 176 20.74 -28.70 -9.79
C GLY E 176 20.88 -27.26 -10.24
N GLU E 177 22.04 -26.93 -10.78
CA GLU E 177 22.27 -25.59 -11.31
C GLU E 177 21.33 -25.30 -12.47
N MET E 178 20.91 -24.04 -12.59
CA MET E 178 20.11 -23.60 -13.73
C MET E 178 20.96 -23.50 -14.99
N ASP E 179 20.55 -24.18 -16.06
CA ASP E 179 21.15 -23.91 -17.36
C ASP E 179 20.07 -23.34 -18.30
N ASP E 180 20.35 -23.34 -19.61
CA ASP E 180 19.45 -22.67 -20.54
C ASP E 180 18.29 -23.55 -20.97
N THR E 181 18.16 -24.74 -20.38
CA THR E 181 17.05 -25.60 -20.74
C THR E 181 15.74 -24.88 -20.51
N GLY E 182 14.94 -24.79 -21.57
CA GLY E 182 13.63 -24.16 -21.48
C GLY E 182 13.63 -22.66 -21.70
N LEU E 183 14.80 -22.05 -21.86
CA LEU E 183 14.84 -20.60 -22.05
C LEU E 183 14.16 -20.19 -23.37
N SER E 184 14.49 -20.84 -24.48
CA SER E 184 13.87 -20.45 -25.74
C SER E 184 12.38 -20.76 -25.68
N TRP E 185 12.03 -21.81 -24.94
CA TRP E 185 10.62 -22.17 -24.72
C TRP E 185 9.86 -21.03 -24.03
N GLN E 186 10.46 -20.45 -23.00
CA GLN E 186 9.85 -19.30 -22.32
C GLN E 186 9.78 -18.10 -23.25
N GLN E 187 10.83 -17.91 -24.04
CA GLN E 187 10.98 -16.72 -24.86
C GLN E 187 9.96 -16.71 -25.98
N ARG E 188 9.27 -17.83 -26.18
CA ARG E 188 8.16 -17.84 -27.15
C ARG E 188 7.04 -16.90 -26.74
N LEU E 189 7.00 -16.53 -25.46
CA LEU E 189 5.97 -15.57 -25.01
C LEU E 189 6.39 -14.13 -25.32
N GLY E 190 7.59 -13.93 -25.86
CA GLY E 190 7.97 -12.59 -26.30
C GLY E 190 7.94 -11.57 -25.19
N ASP E 191 7.40 -10.38 -25.44
CA ASP E 191 7.47 -9.32 -24.42
C ASP E 191 6.33 -9.39 -23.38
N TRP E 192 5.60 -10.50 -23.37
CA TRP E 192 4.66 -10.73 -22.26
C TRP E 192 5.41 -10.70 -20.94
N TRP E 193 6.68 -11.13 -20.96
CA TRP E 193 7.45 -11.15 -19.75
C TRP E 193 7.65 -9.76 -19.14
N GLN E 194 7.57 -8.71 -19.97
CA GLN E 194 7.72 -7.35 -19.48
C GLN E 194 6.39 -6.61 -19.36
N ASP E 195 5.31 -7.33 -19.65
CA ASP E 195 3.95 -6.77 -19.66
C ASP E 195 3.36 -6.82 -18.25
N ASP E 196 2.23 -6.17 -18.05
CA ASP E 196 1.55 -6.23 -16.75
C ASP E 196 0.15 -6.80 -16.94
N LYS E 197 -0.12 -7.33 -18.13
CA LYS E 197 -1.44 -7.90 -18.40
C LYS E 197 -1.36 -9.41 -18.54
N PRO E 198 -2.51 -10.09 -18.43
CA PRO E 198 -2.56 -11.52 -18.76
C PRO E 198 -2.23 -11.75 -20.22
N TRP E 199 -1.80 -12.96 -20.53
CA TRP E 199 -1.60 -13.39 -21.91
C TRP E 199 -2.95 -13.50 -22.60
N LEU E 200 -3.88 -14.21 -21.97
CA LEU E 200 -5.27 -14.24 -22.42
C LEU E 200 -6.12 -13.45 -21.44
N ARG E 201 -6.77 -12.39 -21.91
CA ARG E 201 -7.69 -11.65 -21.05
C ARG E 201 -9.09 -12.21 -21.23
N GLU E 202 -9.56 -12.93 -20.21
CA GLU E 202 -10.89 -13.52 -20.21
C GLU E 202 -11.52 -13.19 -18.88
N ALA E 203 -12.37 -12.17 -18.84
CA ALA E 203 -12.86 -11.68 -17.55
C ALA E 203 -14.34 -11.33 -17.62
N PRO E 204 -15.18 -12.32 -17.95
CA PRO E 204 -16.62 -12.06 -17.97
C PRO E 204 -17.10 -11.73 -16.55
N ARG E 205 -18.01 -10.77 -16.42
CA ARG E 205 -18.53 -10.39 -15.11
C ARG E 205 -19.91 -10.99 -14.91
N LEU E 206 -20.18 -11.42 -13.67
CA LEU E 206 -21.44 -12.06 -13.32
C LEU E 206 -22.26 -11.11 -12.47
N GLU E 207 -23.44 -10.75 -12.95
CA GLU E 207 -24.22 -9.74 -12.27
C GLU E 207 -25.69 -9.81 -12.66
N SER E 208 -26.56 -9.69 -11.66
CA SER E 208 -27.99 -9.62 -11.92
C SER E 208 -28.36 -8.25 -12.49
N GLU E 209 -29.43 -8.21 -13.27
CA GLU E 209 -29.89 -6.95 -13.82
C GLU E 209 -30.62 -6.17 -12.74
N LYS E 210 -30.69 -4.85 -12.89
CA LYS E 210 -31.47 -4.04 -11.96
C LYS E 210 -32.94 -4.46 -12.01
N GLN E 211 -33.58 -4.43 -10.84
CA GLN E 211 -35.00 -4.76 -10.72
C GLN E 211 -35.88 -3.56 -11.09
N ARG E 212 -36.55 -3.65 -12.22
CA ARG E 212 -37.28 -2.52 -12.80
C ARG E 212 -38.54 -2.15 -12.04
N ASP E 213 -39.01 -3.04 -11.18
CA ASP E 213 -40.22 -2.77 -10.38
C ASP E 213 -39.87 -2.40 -8.94
N TRP E 214 -38.61 -2.02 -8.72
CA TRP E 214 -38.16 -1.60 -7.40
C TRP E 214 -38.90 -0.36 -6.89
N PHE E 215 -39.18 0.58 -7.78
CA PHE E 215 -39.85 1.81 -7.38
C PHE E 215 -41.30 1.54 -6.96
N PHE E 216 -41.83 0.39 -7.39
CA PHE E 216 -43.14 -0.09 -6.91
C PHE E 216 -42.97 -0.72 -5.52
N TRP E 217 -41.98 -1.60 -5.38
CA TRP E 217 -41.83 -2.34 -4.13
C TRP E 217 -41.35 -1.49 -2.96
N ARG E 218 -40.58 -0.44 -3.23
CA ARG E 218 -40.02 0.37 -2.15
C ARG E 218 -41.12 1.19 -1.45
N GLN E 219 -42.31 1.21 -2.04
CA GLN E 219 -43.43 1.90 -1.45
C GLN E 219 -44.15 1.04 -0.41
N LYS E 220 -43.82 -0.24 -0.39
CA LYS E 220 -44.47 -1.20 0.50
C LYS E 220 -43.86 -1.21 1.90
N ARG E 221 -44.51 -1.93 2.82
CA ARG E 221 -43.96 -2.11 4.14
C ARG E 221 -42.87 -3.17 4.06
N GLY E 222 -41.61 -2.73 4.10
CA GLY E 222 -40.50 -3.65 3.99
C GLY E 222 -39.67 -3.77 5.26
N VAL E 223 -38.86 -4.81 5.29
CA VAL E 223 -37.89 -5.01 6.35
C VAL E 223 -36.52 -5.16 5.68
N VAL E 224 -35.50 -4.54 6.25
CA VAL E 224 -34.14 -4.75 5.75
C VAL E 224 -33.38 -5.66 6.73
N VAL E 225 -32.80 -6.72 6.20
CA VAL E 225 -31.95 -7.60 7.00
C VAL E 225 -30.52 -7.47 6.47
N ALA E 226 -29.58 -7.13 7.34
CA ALA E 226 -28.19 -6.94 6.92
C ALA E 226 -27.30 -8.04 7.49
N GLY E 227 -26.73 -8.85 6.59
CA GLY E 227 -25.80 -9.92 6.97
C GLY E 227 -24.37 -9.47 6.75
N ARG E 228 -23.47 -10.41 6.47
CA ARG E 228 -22.06 -10.06 6.30
C ARG E 228 -21.86 -9.23 5.03
N MET E 229 -21.14 -8.13 5.19
CA MET E 229 -20.83 -7.23 4.07
C MET E 229 -19.58 -6.42 4.44
N SER E 230 -19.15 -5.52 3.56
CA SER E 230 -17.98 -4.72 3.88
C SER E 230 -18.36 -3.64 4.88
N ALA E 231 -17.38 -3.08 5.56
CA ALA E 231 -17.60 -2.00 6.51
C ALA E 231 -18.29 -0.79 5.87
N GLU E 232 -17.86 -0.42 4.67
CA GLU E 232 -18.47 0.73 3.98
C GLU E 232 -19.88 0.40 3.55
N GLU E 233 -20.09 -0.86 3.15
CA GLU E 233 -21.42 -1.28 2.77
C GLU E 233 -22.38 -1.21 3.94
N GLY E 234 -21.91 -1.56 5.14
CA GLY E 234 -22.76 -1.48 6.32
C GLY E 234 -23.29 -0.07 6.56
N LYS E 235 -22.41 0.91 6.43
CA LYS E 235 -22.80 2.31 6.60
C LYS E 235 -23.82 2.70 5.55
N LYS E 236 -23.61 2.24 4.32
CA LYS E 236 -24.52 2.59 3.24
C LYS E 236 -25.89 1.95 3.42
N VAL E 237 -25.90 0.71 3.86
CA VAL E 237 -27.16 0.01 4.12
C VAL E 237 -27.93 0.69 5.25
N ALA E 238 -27.21 1.11 6.28
CA ALA E 238 -27.87 1.79 7.40
C ALA E 238 -28.59 3.06 6.94
N LEU E 239 -27.93 3.88 6.11
CA LEU E 239 -28.53 5.12 5.63
C LEU E 239 -29.72 4.83 4.74
N TRP E 240 -29.57 3.81 3.90
CA TRP E 240 -30.61 3.39 2.95
C TRP E 240 -31.88 2.94 3.68
N ALA E 241 -31.73 2.06 4.66
CA ALA E 241 -32.89 1.59 5.42
C ALA E 241 -33.58 2.75 6.12
N GLN E 242 -32.80 3.64 6.72
CA GLN E 242 -33.36 4.76 7.45
C GLN E 242 -34.18 5.66 6.52
N THR E 243 -33.67 5.90 5.32
CA THR E 243 -34.39 6.72 4.36
C THR E 243 -35.72 6.06 3.93
N LEU E 244 -35.68 4.75 3.73
CA LEU E 244 -36.88 3.97 3.36
C LEU E 244 -37.94 3.98 4.44
N GLY E 245 -37.52 4.20 5.68
CA GLY E 245 -38.42 4.07 6.81
C GLY E 245 -38.71 2.62 7.17
N TRP E 246 -37.81 1.72 6.76
CA TRP E 246 -37.93 0.29 7.08
C TRP E 246 -37.03 -0.09 8.25
N PRO E 247 -37.52 -0.96 9.15
CA PRO E 247 -36.68 -1.43 10.25
C PRO E 247 -35.47 -2.19 9.72
N LEU E 248 -34.32 -1.93 10.32
CA LEU E 248 -33.08 -2.58 9.94
C LEU E 248 -32.68 -3.58 11.02
N ILE E 249 -32.69 -4.86 10.66
CA ILE E 249 -32.19 -5.92 11.53
C ILE E 249 -30.75 -6.20 11.10
N GLY E 250 -29.79 -5.77 11.93
CA GLY E 250 -28.40 -5.78 11.56
C GLY E 250 -27.60 -6.84 12.30
N ASP E 251 -26.93 -7.70 11.53
CA ASP E 251 -26.11 -8.75 12.12
C ASP E 251 -24.83 -8.18 12.71
N VAL E 252 -24.22 -8.91 13.63
CA VAL E 252 -22.90 -8.54 14.14
C VAL E 252 -21.88 -8.39 13.00
N LEU E 253 -22.08 -9.13 11.91
CA LEU E 253 -21.14 -9.04 10.78
C LEU E 253 -21.46 -7.92 9.79
N SER E 254 -22.48 -7.12 10.07
CA SER E 254 -22.96 -6.16 9.07
C SER E 254 -22.27 -4.80 9.10
N GLN E 255 -21.80 -4.39 10.28
CA GLN E 255 -21.21 -3.06 10.46
C GLN E 255 -22.19 -1.95 10.13
N THR E 256 -23.48 -2.20 10.39
CA THR E 256 -24.51 -1.20 10.14
C THR E 256 -24.68 -0.22 11.31
N GLY E 257 -24.08 -0.55 12.44
CA GLY E 257 -24.30 0.20 13.66
C GLY E 257 -25.50 -0.34 14.46
N GLN E 258 -26.19 -1.32 13.89
CA GLN E 258 -27.30 -2.02 14.55
C GLN E 258 -28.26 -1.09 15.29
N PRO E 259 -28.96 -0.25 14.53
CA PRO E 259 -29.90 0.75 15.07
C PRO E 259 -31.04 0.12 15.90
N LEU E 260 -31.31 -1.16 15.68
CA LEU E 260 -32.28 -1.92 16.49
C LEU E 260 -31.56 -3.08 17.17
N PRO E 261 -30.71 -2.77 18.14
CA PRO E 261 -29.80 -3.76 18.71
C PRO E 261 -30.51 -4.85 19.51
N CYS E 262 -29.78 -5.91 19.83
CA CYS E 262 -30.26 -7.03 20.63
C CYS E 262 -31.44 -7.73 19.96
N ALA E 263 -31.42 -7.81 18.63
CA ALA E 263 -32.48 -8.50 17.91
C ALA E 263 -32.67 -9.97 18.35
N ASP E 264 -31.59 -10.65 18.72
CA ASP E 264 -31.71 -12.05 19.18
C ASP E 264 -32.58 -12.09 20.43
N LEU E 265 -32.70 -10.95 21.10
CA LEU E 265 -33.60 -10.87 22.25
C LEU E 265 -34.99 -10.38 21.85
N TRP E 266 -35.08 -9.23 21.19
CA TRP E 266 -36.43 -8.66 20.99
C TRP E 266 -37.23 -9.39 19.93
N LEU E 267 -36.57 -10.14 19.05
CA LEU E 267 -37.29 -10.98 18.10
C LEU E 267 -38.02 -12.12 18.82
N GLY E 268 -37.67 -12.32 20.08
CA GLY E 268 -38.31 -13.32 20.91
C GLY E 268 -39.63 -12.84 21.48
N ASN E 269 -39.92 -11.56 21.28
CA ASN E 269 -41.15 -10.95 21.81
C ASN E 269 -42.28 -10.98 20.77
N ALA E 270 -43.44 -11.50 21.18
CA ALA E 270 -44.56 -11.66 20.27
C ALA E 270 -45.03 -10.32 19.65
N LYS E 271 -44.83 -9.21 20.37
CA LYS E 271 -45.24 -7.90 19.87
C LYS E 271 -44.41 -7.52 18.66
N ALA E 272 -43.15 -7.92 18.68
CA ALA E 272 -42.24 -7.68 17.55
C ALA E 272 -42.61 -8.55 16.36
N THR E 273 -42.81 -9.84 16.60
CA THR E 273 -43.13 -10.74 15.48
C THR E 273 -44.49 -10.38 14.90
N SER E 274 -45.41 -9.90 15.73
CA SER E 274 -46.72 -9.44 15.24
C SER E 274 -46.59 -8.24 14.30
N GLU E 275 -45.73 -7.30 14.67
CA GLU E 275 -45.53 -6.12 13.83
C GLU E 275 -44.85 -6.49 12.50
N LEU E 276 -43.90 -7.41 12.56
CA LEU E 276 -43.15 -7.81 11.38
C LEU E 276 -44.01 -8.60 10.41
N GLN E 277 -45.13 -9.14 10.89
CA GLN E 277 -46.07 -9.82 10.01
C GLN E 277 -46.71 -8.88 8.98
N GLN E 278 -46.61 -7.57 9.23
CA GLN E 278 -47.16 -6.60 8.29
C GLN E 278 -46.22 -6.36 7.10
N ALA E 279 -45.00 -6.87 7.19
CA ALA E 279 -44.02 -6.67 6.10
C ALA E 279 -44.45 -7.39 4.83
N GLN E 280 -44.49 -6.67 3.71
CA GLN E 280 -44.86 -7.25 2.42
C GLN E 280 -43.63 -7.70 1.62
N ILE E 281 -42.48 -7.13 1.96
CA ILE E 281 -41.23 -7.52 1.33
C ILE E 281 -40.12 -7.50 2.35
N VAL E 282 -39.21 -8.45 2.24
CA VAL E 282 -37.97 -8.42 3.00
C VAL E 282 -36.83 -8.33 2.02
N VAL E 283 -35.95 -7.34 2.18
CA VAL E 283 -34.75 -7.24 1.38
C VAL E 283 -33.58 -7.51 2.30
N GLN E 284 -32.92 -8.64 2.08
CA GLN E 284 -31.76 -9.04 2.88
C GLN E 284 -30.51 -8.75 2.06
N LEU E 285 -29.55 -8.05 2.67
CA LEU E 285 -28.28 -7.81 2.00
C LEU E 285 -27.18 -8.46 2.81
N GLY E 286 -26.37 -9.28 2.15
CA GLY E 286 -25.41 -10.09 2.85
C GLY E 286 -26.04 -11.39 3.32
N SER E 287 -25.24 -12.28 3.91
CA SER E 287 -25.76 -13.57 4.33
C SER E 287 -24.98 -14.08 5.55
N SER E 288 -25.06 -15.39 5.78
CA SER E 288 -24.48 -16.02 6.98
C SER E 288 -24.97 -15.34 8.25
N LEU E 289 -26.30 -15.21 8.39
CA LEU E 289 -26.89 -14.60 9.57
C LEU E 289 -26.54 -15.39 10.84
N THR E 290 -26.32 -14.65 11.92
CA THR E 290 -25.73 -15.22 13.14
C THR E 290 -26.73 -15.78 14.16
N GLY E 291 -27.73 -14.98 14.49
CA GLY E 291 -28.59 -15.24 15.63
C GLY E 291 -29.69 -16.27 15.44
N LYS E 292 -30.01 -17.02 16.51
CA LYS E 292 -31.03 -18.05 16.42
C LYS E 292 -32.42 -17.47 16.19
N ARG E 293 -32.74 -16.40 16.91
CA ARG E 293 -34.05 -15.76 16.76
C ARG E 293 -34.24 -15.19 15.35
N LEU E 294 -33.18 -14.59 14.81
CA LEU E 294 -33.24 -14.05 13.45
C LEU E 294 -33.42 -15.18 12.43
N LEU E 295 -32.67 -16.26 12.59
CA LEU E 295 -32.82 -17.41 11.70
C LEU E 295 -34.22 -18.02 11.82
N GLN E 296 -34.80 -18.03 13.02
CA GLN E 296 -36.14 -18.56 13.17
C GLN E 296 -37.18 -17.64 12.55
N TRP E 297 -37.04 -16.33 12.74
CA TRP E 297 -37.98 -15.39 12.14
C TRP E 297 -37.89 -15.45 10.62
N GLN E 298 -36.66 -15.50 10.10
CA GLN E 298 -36.49 -15.62 8.65
C GLN E 298 -37.26 -16.82 8.13
N ALA E 299 -37.12 -17.95 8.83
CA ALA E 299 -37.76 -19.19 8.42
C ALA E 299 -39.27 -19.11 8.45
N SER E 300 -39.81 -18.36 9.41
CA SER E 300 -41.25 -18.30 9.64
C SER E 300 -41.99 -17.17 8.89
N CYS E 301 -41.26 -16.13 8.51
CA CYS E 301 -41.91 -14.97 7.89
C CYS E 301 -42.46 -15.32 6.51
N GLU E 302 -43.56 -14.68 6.13
CA GLU E 302 -44.20 -14.94 4.85
C GLU E 302 -44.58 -13.66 4.10
N PRO E 303 -43.56 -12.87 3.72
CA PRO E 303 -43.76 -11.70 2.86
C PRO E 303 -44.15 -12.13 1.45
N GLU E 304 -44.72 -11.22 0.66
CA GLU E 304 -45.06 -11.54 -0.72
C GLU E 304 -43.77 -11.93 -1.46
N GLU E 305 -42.69 -11.22 -1.16
CA GLU E 305 -41.40 -11.52 -1.75
C GLU E 305 -40.25 -11.37 -0.76
N TYR E 306 -39.25 -12.24 -0.91
CA TYR E 306 -38.04 -12.23 -0.13
C TYR E 306 -36.87 -12.05 -1.11
N TRP E 307 -36.08 -10.99 -0.97
CA TRP E 307 -34.91 -10.79 -1.84
C TRP E 307 -33.63 -10.95 -1.04
N ILE E 308 -32.63 -11.61 -1.63
CA ILE E 308 -31.30 -11.60 -1.06
C ILE E 308 -30.29 -11.06 -2.07
N VAL E 309 -29.66 -9.96 -1.69
CA VAL E 309 -28.63 -9.30 -2.49
C VAL E 309 -27.28 -9.63 -1.88
N ASP E 310 -26.39 -10.19 -2.68
CA ASP E 310 -25.05 -10.53 -2.19
C ASP E 310 -24.17 -10.81 -3.38
N ASP E 311 -22.86 -10.68 -3.22
CA ASP E 311 -22.01 -10.88 -4.38
C ASP E 311 -21.55 -12.33 -4.48
N ILE E 312 -22.03 -13.18 -3.58
CA ILE E 312 -21.71 -14.59 -3.73
C ILE E 312 -22.89 -15.27 -4.41
N GLU E 313 -22.59 -16.39 -5.08
CA GLU E 313 -23.55 -17.04 -5.94
C GLU E 313 -24.40 -18.07 -5.23
N GLY E 314 -25.50 -18.45 -5.88
CA GLY E 314 -26.31 -19.57 -5.41
C GLY E 314 -27.40 -19.15 -4.45
N ARG E 315 -28.26 -20.10 -4.09
N ARG E 315 -28.27 -20.10 -4.11
CA ARG E 315 -29.32 -19.80 -3.15
CA ARG E 315 -29.33 -19.80 -3.15
C ARG E 315 -28.71 -19.49 -1.79
C ARG E 315 -28.72 -19.50 -1.78
N LEU E 316 -29.30 -18.53 -1.08
CA LEU E 316 -28.78 -18.10 0.21
C LEU E 316 -29.87 -18.03 1.28
N ASP E 317 -31.09 -18.42 0.89
CA ASP E 317 -32.25 -18.47 1.80
C ASP E 317 -32.57 -19.91 2.20
N PRO E 318 -32.20 -20.31 3.43
CA PRO E 318 -32.40 -21.70 3.85
C PRO E 318 -33.87 -22.04 4.14
N ALA E 319 -34.77 -21.08 3.99
CA ALA E 319 -36.21 -21.31 4.13
C ALA E 319 -36.92 -21.34 2.77
N HIS E 320 -36.17 -21.09 1.70
CA HIS E 320 -36.66 -21.27 0.34
C HIS E 320 -37.90 -20.42 0.00
N HIS E 321 -37.89 -19.15 0.40
CA HIS E 321 -39.02 -18.25 0.07
C HIS E 321 -39.17 -18.00 -1.41
N ARG E 322 -40.42 -17.74 -1.81
CA ARG E 322 -40.73 -17.13 -3.08
C ARG E 322 -40.07 -15.76 -3.12
N GLY E 323 -39.32 -15.46 -4.18
CA GLY E 323 -38.62 -14.20 -4.22
C GLY E 323 -37.50 -14.15 -5.21
N ARG E 324 -36.40 -13.47 -4.83
CA ARG E 324 -35.34 -13.18 -5.77
C ARG E 324 -33.98 -13.37 -5.13
N ARG E 325 -33.05 -13.82 -5.95
CA ARG E 325 -31.66 -14.04 -5.53
C ARG E 325 -30.83 -13.19 -6.49
N LEU E 326 -30.31 -12.08 -5.97
CA LEU E 326 -29.71 -11.04 -6.80
C LEU E 326 -28.21 -10.98 -6.54
N ILE E 327 -27.42 -11.26 -7.57
CA ILE E 327 -25.98 -11.30 -7.45
C ILE E 327 -25.40 -9.92 -7.83
N ALA E 328 -24.80 -9.27 -6.85
CA ALA E 328 -24.33 -7.91 -7.06
C ALA E 328 -23.41 -7.49 -5.96
N ASN E 329 -22.51 -6.56 -6.27
CA ASN E 329 -21.83 -5.81 -5.23
C ASN E 329 -22.89 -4.99 -4.52
N ILE E 330 -22.95 -5.09 -3.19
CA ILE E 330 -24.03 -4.46 -2.44
C ILE E 330 -24.05 -2.94 -2.59
N ALA E 331 -22.89 -2.29 -2.56
CA ALA E 331 -22.85 -0.84 -2.75
C ALA E 331 -23.37 -0.43 -4.12
N ASP E 332 -22.92 -1.14 -5.16
CA ASP E 332 -23.40 -0.90 -6.52
C ASP E 332 -24.91 -1.10 -6.62
N TRP E 333 -25.41 -2.14 -5.96
CA TRP E 333 -26.83 -2.50 -6.01
C TRP E 333 -27.69 -1.40 -5.39
N LEU E 334 -27.22 -0.83 -4.28
CA LEU E 334 -27.96 0.25 -3.61
C LEU E 334 -28.05 1.49 -4.50
N GLU E 335 -27.02 1.73 -5.29
CA GLU E 335 -27.08 2.89 -6.19
C GLU E 335 -28.13 2.68 -7.28
N LEU E 336 -28.27 1.43 -7.71
CA LEU E 336 -29.22 1.05 -8.74
C LEU E 336 -30.65 0.97 -8.19
N HIS E 337 -30.76 0.79 -6.89
CA HIS E 337 -32.06 0.68 -6.24
C HIS E 337 -32.14 1.64 -5.05
N PRO E 338 -32.14 2.94 -5.35
CA PRO E 338 -32.06 3.97 -4.32
C PRO E 338 -33.32 4.11 -3.48
N ALA E 339 -33.15 4.61 -2.26
CA ALA E 339 -34.28 4.90 -1.39
C ALA E 339 -34.85 6.28 -1.63
N GLU E 340 -36.16 6.43 -1.41
CA GLU E 340 -36.73 7.76 -1.34
C GLU E 340 -37.32 7.91 0.05
N LYS E 341 -37.20 9.10 0.62
CA LYS E 341 -37.62 9.35 1.99
C LYS E 341 -39.09 9.02 2.18
N ARG E 342 -39.36 8.12 3.13
CA ARG E 342 -40.73 7.73 3.42
C ARG E 342 -40.89 7.59 4.94
N GLN E 343 -42.11 7.87 5.41
CA GLN E 343 -42.42 7.77 6.83
C GLN E 343 -42.25 6.32 7.31
N PRO E 344 -41.54 6.14 8.44
CA PRO E 344 -41.35 4.81 9.05
C PRO E 344 -42.67 4.14 9.37
N TRP E 345 -42.78 2.84 9.14
CA TRP E 345 -44.06 2.18 9.38
C TRP E 345 -44.07 1.39 10.69
N CYS E 346 -42.88 1.13 11.25
CA CYS E 346 -42.79 0.44 12.53
C CYS E 346 -42.90 1.39 13.73
N VAL E 347 -43.65 0.97 14.74
CA VAL E 347 -43.81 1.78 15.95
C VAL E 347 -43.46 1.03 17.23
N GLU E 348 -43.72 -0.28 17.27
CA GLU E 348 -43.47 -1.07 18.48
C GLU E 348 -42.01 -1.52 18.63
N ILE E 349 -41.39 -1.87 17.53
CA ILE E 349 -40.07 -2.53 17.59
C ILE E 349 -38.95 -1.60 18.08
N PRO E 350 -38.94 -0.34 17.63
CA PRO E 350 -37.90 0.55 18.17
C PRO E 350 -37.92 0.65 19.69
N ARG E 351 -39.12 0.69 20.27
CA ARG E 351 -39.26 0.73 21.72
C ARG E 351 -38.73 -0.56 22.38
N LEU E 352 -39.11 -1.70 21.83
CA LEU E 352 -38.71 -3.01 22.36
C LEU E 352 -37.19 -3.17 22.31
N ALA E 353 -36.57 -2.74 21.22
CA ALA E 353 -35.12 -2.87 21.09
C ALA E 353 -34.42 -2.02 22.15
N GLU E 354 -34.93 -0.83 22.42
CA GLU E 354 -34.35 0.02 23.45
C GLU E 354 -34.48 -0.65 24.82
N GLN E 355 -35.65 -1.21 25.11
CA GLN E 355 -35.85 -1.92 26.37
C GLN E 355 -34.94 -3.13 26.48
N ALA E 356 -34.74 -3.81 25.35
CA ALA E 356 -33.88 -4.98 25.30
C ALA E 356 -32.45 -4.61 25.68
N MET E 357 -31.91 -3.56 25.07
CA MET E 357 -30.57 -3.11 25.42
C MET E 357 -30.45 -2.69 26.89
N GLN E 358 -31.48 -2.01 27.41
CA GLN E 358 -31.45 -1.60 28.81
C GLN E 358 -31.38 -2.80 29.74
N ALA E 359 -32.08 -3.87 29.38
CA ALA E 359 -32.06 -5.10 30.17
C ALA E 359 -30.64 -5.68 30.24
N VAL E 360 -29.92 -5.61 29.12
CA VAL E 360 -28.54 -6.08 29.07
C VAL E 360 -27.61 -5.18 29.87
N ILE E 361 -27.77 -3.87 29.70
CA ILE E 361 -26.97 -2.88 30.41
C ILE E 361 -27.14 -3.07 31.92
N ALA E 362 -28.36 -3.43 32.34
CA ALA E 362 -28.62 -3.65 33.76
C ALA E 362 -27.77 -4.80 34.30
N ARG E 363 -27.29 -5.67 33.41
CA ARG E 363 -26.52 -6.84 33.83
C ARG E 363 -25.06 -6.77 33.41
N ARG E 364 -24.53 -5.56 33.21
CA ARG E 364 -23.20 -5.37 32.65
C ARG E 364 -22.04 -5.63 33.61
N ASP E 365 -22.34 -5.72 34.90
CA ASP E 365 -21.28 -5.69 35.92
C ASP E 365 -20.55 -7.00 36.16
N ALA E 366 -21.26 -8.13 36.12
CA ALA E 366 -20.63 -9.42 36.40
C ALA E 366 -19.44 -9.63 35.47
N PHE E 367 -18.36 -10.20 35.99
CA PHE E 367 -17.17 -10.42 35.16
C PHE E 367 -17.27 -11.73 34.38
N GLY E 368 -18.19 -11.77 33.42
CA GLY E 368 -18.43 -12.98 32.65
C GLY E 368 -18.35 -12.79 31.15
N GLU E 369 -18.44 -13.86 30.38
CA GLU E 369 -18.29 -13.73 28.93
C GLU E 369 -19.48 -12.99 28.30
N ALA E 370 -20.67 -13.11 28.88
CA ALA E 370 -21.81 -12.36 28.35
C ALA E 370 -21.55 -10.85 28.47
N GLN E 371 -21.03 -10.45 29.62
CA GLN E 371 -20.74 -9.06 29.88
C GLN E 371 -19.59 -8.54 29.02
N LEU E 372 -18.57 -9.38 28.81
CA LEU E 372 -17.48 -9.01 27.90
C LEU E 372 -18.00 -8.74 26.49
N ALA E 373 -18.87 -9.62 26.00
CA ALA E 373 -19.48 -9.46 24.69
C ALA E 373 -20.26 -8.15 24.61
N HIS E 374 -21.10 -7.92 25.63
CA HIS E 374 -21.90 -6.70 25.69
C HIS E 374 -21.02 -5.45 25.65
N ARG E 375 -19.90 -5.50 26.37
CA ARG E 375 -19.05 -4.32 26.57
C ARG E 375 -17.94 -4.19 25.53
N ILE E 376 -17.92 -5.06 24.54
CA ILE E 376 -16.74 -5.21 23.67
C ILE E 376 -16.44 -3.94 22.86
N CYS E 377 -17.46 -3.13 22.61
N CYS E 377 -17.48 -3.14 22.62
CA CYS E 377 -17.26 -1.88 21.91
CA CYS E 377 -17.29 -1.89 21.90
C CYS E 377 -16.31 -0.97 22.66
C CYS E 377 -16.32 -0.98 22.66
N ASP E 378 -16.28 -1.13 23.98
CA ASP E 378 -15.39 -0.31 24.81
C ASP E 378 -13.92 -0.69 24.64
N TYR E 379 -13.64 -1.82 23.99
CA TYR E 379 -12.27 -2.31 23.89
C TYR E 379 -11.76 -2.38 22.45
N LEU E 380 -12.56 -1.94 21.49
CA LEU E 380 -12.14 -1.94 20.08
C LEU E 380 -10.98 -0.97 19.89
N PRO E 381 -9.89 -1.42 19.23
CA PRO E 381 -8.73 -0.56 18.98
C PRO E 381 -9.07 0.56 18.01
N GLU E 382 -8.58 1.76 18.25
CA GLU E 382 -8.83 2.87 17.34
C GLU E 382 -8.26 2.58 15.94
N GLN E 383 -9.08 2.80 14.91
CA GLN E 383 -8.66 2.56 13.52
C GLN E 383 -8.25 1.10 13.31
N GLY E 384 -8.86 0.21 14.05
CA GLY E 384 -8.52 -1.20 13.98
C GLY E 384 -9.64 -2.04 13.38
N GLN E 385 -9.59 -3.33 13.69
CA GLN E 385 -10.56 -4.28 13.14
C GLN E 385 -10.79 -5.38 14.16
N LEU E 386 -11.97 -5.98 14.10
CA LEU E 386 -12.37 -7.05 15.00
C LEU E 386 -12.45 -8.37 14.26
N PHE E 387 -11.81 -9.42 14.77
CA PHE E 387 -12.00 -10.76 14.25
C PHE E 387 -12.74 -11.56 15.28
N VAL E 388 -13.94 -12.00 14.95
N VAL E 388 -13.95 -12.00 14.96
CA VAL E 388 -14.76 -12.72 15.91
CA VAL E 388 -14.77 -12.72 15.92
C VAL E 388 -14.77 -14.21 15.63
C VAL E 388 -14.81 -14.21 15.64
N GLY E 389 -14.46 -14.99 16.65
CA GLY E 389 -14.43 -16.44 16.53
C GLY E 389 -15.84 -17.02 16.50
N ASN E 390 -15.93 -18.34 16.38
CA ASN E 390 -17.21 -19.02 16.29
C ASN E 390 -17.64 -19.57 17.66
N SER E 391 -18.85 -20.15 17.67
CA SER E 391 -19.53 -20.67 18.88
C SER E 391 -20.12 -19.53 19.72
N LEU E 392 -19.95 -19.53 21.04
CA LEU E 392 -20.68 -18.55 21.82
C LEU E 392 -20.27 -17.10 21.57
N VAL E 393 -18.99 -16.84 21.32
CA VAL E 393 -18.56 -15.45 21.23
C VAL E 393 -19.30 -14.68 20.14
N VAL E 394 -19.43 -15.24 18.94
CA VAL E 394 -20.11 -14.48 17.88
C VAL E 394 -21.60 -14.33 18.25
N ARG E 395 -22.16 -15.35 18.90
CA ARG E 395 -23.57 -15.29 19.28
C ARG E 395 -23.83 -14.25 20.35
N LEU E 396 -22.95 -14.18 21.35
CA LEU E 396 -23.12 -13.25 22.47
C LEU E 396 -22.92 -11.80 22.04
N ILE E 397 -21.90 -11.52 21.22
CA ILE E 397 -21.73 -10.16 20.73
C ILE E 397 -22.95 -9.75 19.87
N ASP E 398 -23.40 -10.64 19.00
CA ASP E 398 -24.57 -10.36 18.17
C ASP E 398 -25.82 -10.07 19.01
N ALA E 399 -25.99 -10.83 20.10
CA ALA E 399 -27.19 -10.70 20.92
C ALA E 399 -27.12 -9.52 21.90
N LEU E 400 -25.93 -9.19 22.37
CA LEU E 400 -25.80 -8.32 23.55
C LEU E 400 -25.07 -7.00 23.33
N SER E 401 -24.41 -6.85 22.19
CA SER E 401 -23.62 -5.65 21.94
C SER E 401 -24.15 -4.87 20.74
N GLN E 402 -23.84 -3.58 20.70
CA GLN E 402 -24.16 -2.74 19.55
C GLN E 402 -22.86 -2.23 18.99
N LEU E 403 -22.41 -2.83 17.89
CA LEU E 403 -21.12 -2.47 17.30
C LEU E 403 -21.26 -1.25 16.40
N PRO E 404 -20.22 -0.40 16.36
CA PRO E 404 -20.27 0.87 15.63
C PRO E 404 -20.40 0.70 14.13
N ALA E 405 -21.17 1.56 13.49
CA ALA E 405 -21.28 1.55 12.04
C ALA E 405 -19.91 1.73 11.40
N GLY E 406 -19.62 0.92 10.39
CA GLY E 406 -18.38 1.05 9.63
C GLY E 406 -17.12 0.51 10.29
N TYR E 407 -17.22 -0.01 11.51
CA TYR E 407 -16.05 -0.58 12.16
C TYR E 407 -15.86 -2.02 11.65
N PRO E 408 -14.72 -2.30 10.97
CA PRO E 408 -14.59 -3.58 10.28
C PRO E 408 -14.62 -4.80 11.19
N VAL E 409 -15.46 -5.76 10.82
CA VAL E 409 -15.56 -7.06 11.49
C VAL E 409 -15.24 -8.18 10.49
N TYR E 410 -14.44 -9.15 10.92
CA TYR E 410 -14.13 -10.32 10.09
C TYR E 410 -14.41 -11.60 10.86
N SER E 411 -14.64 -12.69 10.12
CA SER E 411 -15.04 -13.94 10.75
C SER E 411 -14.91 -15.08 9.76
N ASN E 412 -14.92 -16.32 10.26
CA ASN E 412 -15.05 -17.49 9.41
C ASN E 412 -16.45 -18.08 9.60
N ALA E 413 -17.47 -17.37 9.12
CA ALA E 413 -18.85 -17.74 9.43
C ALA E 413 -19.55 -18.46 8.28
N GLY E 414 -18.80 -18.91 7.28
CA GLY E 414 -19.36 -19.69 6.20
C GLY E 414 -19.73 -21.08 6.71
N ALA E 415 -18.72 -21.86 7.04
CA ALA E 415 -18.92 -23.19 7.60
C ALA E 415 -18.80 -23.16 9.12
N SER E 416 -18.42 -22.00 9.65
CA SER E 416 -18.30 -21.77 11.08
C SER E 416 -17.40 -22.79 11.79
N GLY E 417 -16.29 -23.14 11.15
CA GLY E 417 -15.34 -24.08 11.76
C GLY E 417 -14.59 -23.48 12.93
N ILE E 418 -14.24 -24.29 13.92
CA ILE E 418 -13.43 -23.79 15.01
C ILE E 418 -11.97 -24.20 14.79
N ASP E 419 -11.62 -24.61 13.56
CA ASP E 419 -10.31 -25.20 13.30
C ASP E 419 -9.19 -24.28 12.77
N GLY E 420 -9.51 -23.04 12.42
CA GLY E 420 -8.46 -22.21 11.84
C GLY E 420 -8.51 -20.75 12.27
N LEU E 421 -9.00 -20.52 13.48
CA LEU E 421 -9.30 -19.13 13.86
C LEU E 421 -8.07 -18.27 14.20
N LEU E 422 -7.03 -18.86 14.80
CA LEU E 422 -5.83 -18.08 15.10
C LEU E 422 -5.04 -17.75 13.84
N SER E 423 -4.84 -18.74 12.99
CA SER E 423 -4.12 -18.54 11.75
C SER E 423 -4.91 -17.60 10.82
N THR E 424 -6.23 -17.69 10.82
CA THR E 424 -7.02 -16.76 10.03
C THR E 424 -6.84 -15.34 10.55
N ALA E 425 -6.90 -15.17 11.86
CA ALA E 425 -6.72 -13.85 12.47
C ALA E 425 -5.34 -13.28 12.13
N ALA E 426 -4.33 -14.13 12.12
CA ALA E 426 -3.00 -13.68 11.74
C ALA E 426 -2.97 -13.10 10.31
N GLY E 427 -3.64 -13.75 9.35
CA GLY E 427 -3.71 -13.24 7.99
C GLY E 427 -4.55 -11.98 7.90
N VAL E 428 -5.63 -11.92 8.68
CA VAL E 428 -6.48 -10.73 8.71
C VAL E 428 -5.62 -9.53 9.13
N GLN E 429 -4.79 -9.72 10.14
CA GLN E 429 -3.92 -8.64 10.62
C GLN E 429 -2.91 -8.23 9.56
N ARG E 430 -2.19 -9.20 9.01
CA ARG E 430 -1.11 -8.91 8.06
C ARG E 430 -1.64 -8.23 6.81
N ALA E 431 -2.85 -8.59 6.40
CA ALA E 431 -3.41 -8.02 5.17
C ALA E 431 -3.60 -6.51 5.24
N SER E 432 -4.16 -6.02 6.34
CA SER E 432 -4.52 -4.60 6.44
C SER E 432 -3.50 -3.80 7.21
N GLY E 433 -2.69 -4.48 8.02
CA GLY E 433 -1.71 -3.80 8.86
C GLY E 433 -2.35 -3.05 10.02
N LYS E 434 -3.62 -3.34 10.29
CA LYS E 434 -4.32 -2.62 11.34
C LYS E 434 -4.19 -3.31 12.69
N PRO E 435 -4.25 -2.53 13.78
CA PRO E 435 -4.38 -3.15 15.10
C PRO E 435 -5.64 -4.00 15.16
N THR E 436 -5.55 -5.18 15.78
CA THR E 436 -6.60 -6.18 15.66
C THR E 436 -7.00 -6.75 17.01
N LEU E 437 -8.30 -6.85 17.25
CA LEU E 437 -8.82 -7.58 18.41
C LEU E 437 -9.45 -8.87 17.89
N ALA E 438 -8.92 -10.00 18.35
CA ALA E 438 -9.43 -11.31 17.98
C ALA E 438 -9.95 -11.98 19.23
N ILE E 439 -11.15 -12.54 19.16
CA ILE E 439 -11.76 -13.16 20.33
C ILE E 439 -12.20 -14.56 20.00
N VAL E 440 -11.71 -15.54 20.77
CA VAL E 440 -12.02 -16.94 20.50
C VAL E 440 -12.27 -17.71 21.79
N GLY E 441 -12.89 -18.89 21.67
CA GLY E 441 -13.10 -19.76 22.80
C GLY E 441 -11.89 -20.67 23.08
N ASP E 442 -11.93 -21.39 24.20
CA ASP E 442 -10.78 -22.21 24.62
C ASP E 442 -10.54 -23.41 23.72
N LEU E 443 -11.59 -24.11 23.29
CA LEU E 443 -11.38 -25.25 22.39
C LEU E 443 -10.88 -24.74 21.03
N SER E 444 -11.37 -23.59 20.60
CA SER E 444 -10.90 -22.98 19.35
C SER E 444 -9.40 -22.67 19.42
N ALA E 445 -8.95 -22.11 20.54
CA ALA E 445 -7.53 -21.76 20.68
C ALA E 445 -6.66 -23.03 20.77
N LEU E 446 -7.17 -24.08 21.42
CA LEU E 446 -6.44 -25.34 21.45
C LEU E 446 -6.34 -25.95 20.05
N TYR E 447 -7.44 -25.90 19.31
CA TYR E 447 -7.52 -26.49 17.98
C TYR E 447 -6.42 -25.94 17.08
N ASP E 448 -6.25 -24.62 17.09
CA ASP E 448 -5.27 -23.96 16.20
C ASP E 448 -4.10 -23.43 17.00
N LEU E 449 -3.73 -24.17 18.06
CA LEU E 449 -2.74 -23.72 19.03
C LEU E 449 -1.39 -23.38 18.41
N ASN E 450 -0.95 -24.16 17.43
CA ASN E 450 0.40 -23.92 16.90
C ASN E 450 0.45 -22.68 16.00
N ALA E 451 -0.71 -22.07 15.76
CA ALA E 451 -0.74 -20.81 15.01
C ALA E 451 -0.22 -19.65 15.85
N LEU E 452 -0.02 -19.87 17.15
CA LEU E 452 0.63 -18.86 17.99
C LEU E 452 2.02 -18.58 17.44
N ALA E 453 2.58 -19.54 16.71
CA ALA E 453 3.87 -19.33 16.05
C ALA E 453 3.76 -18.17 15.06
N LEU E 454 2.64 -18.12 14.33
CA LEU E 454 2.43 -17.07 13.34
C LEU E 454 2.21 -15.71 13.99
N LEU E 455 1.61 -15.72 15.17
CA LEU E 455 1.26 -14.47 15.82
C LEU E 455 2.49 -13.81 16.43
N ARG E 456 3.64 -14.47 16.34
CA ARG E 456 4.89 -13.81 16.71
C ARG E 456 5.29 -12.75 15.68
N GLN E 457 4.62 -12.76 14.53
CA GLN E 457 4.85 -11.74 13.49
C GLN E 457 3.56 -11.04 13.07
N VAL E 458 3.31 -9.89 13.69
CA VAL E 458 2.20 -9.02 13.31
C VAL E 458 2.75 -7.61 13.09
N SER E 459 2.09 -6.82 12.26
CA SER E 459 2.63 -5.51 11.89
C SER E 459 2.06 -4.38 12.73
N ALA E 460 1.12 -4.74 13.61
CA ALA E 460 0.49 -3.80 14.52
C ALA E 460 0.04 -4.65 15.71
N PRO E 461 -0.30 -4.01 16.84
CA PRO E 461 -0.71 -4.87 17.97
C PRO E 461 -1.91 -5.74 17.66
N LEU E 462 -1.84 -7.00 18.10
CA LEU E 462 -3.00 -7.88 18.03
C LEU E 462 -3.29 -8.42 19.42
N VAL E 463 -4.50 -8.18 19.89
CA VAL E 463 -4.92 -8.75 21.15
C VAL E 463 -5.74 -9.99 20.87
N LEU E 464 -5.29 -11.12 21.40
CA LEU E 464 -6.05 -12.36 21.30
C LEU E 464 -6.71 -12.62 22.65
N ILE E 465 -8.02 -12.42 22.73
CA ILE E 465 -8.75 -12.80 23.93
C ILE E 465 -9.15 -14.25 23.80
N VAL E 466 -8.75 -15.07 24.77
CA VAL E 466 -9.23 -16.44 24.84
C VAL E 466 -10.19 -16.54 26.00
N VAL E 467 -11.48 -16.74 25.69
CA VAL E 467 -12.50 -16.93 26.72
C VAL E 467 -12.44 -18.39 27.13
N ASN E 468 -11.99 -18.63 28.36
CA ASN E 468 -11.83 -19.99 28.85
C ASN E 468 -13.00 -20.36 29.77
N ASN E 469 -14.01 -21.03 29.22
CA ASN E 469 -15.14 -21.52 30.03
C ASN E 469 -15.09 -23.05 30.14
N ASN E 470 -13.91 -23.60 29.90
CA ASN E 470 -13.62 -25.03 30.10
C ASN E 470 -14.53 -25.95 29.28
N GLY E 471 -14.40 -25.89 27.96
CA GLY E 471 -15.18 -26.75 27.09
C GLY E 471 -15.97 -25.96 26.06
N GLY E 472 -16.76 -26.65 25.26
CA GLY E 472 -17.59 -25.99 24.26
C GLY E 472 -18.96 -25.68 24.85
N GLN E 473 -19.08 -24.53 25.49
CA GLN E 473 -20.24 -24.25 26.30
C GLN E 473 -21.47 -23.89 25.47
N ILE E 474 -21.29 -23.79 24.15
CA ILE E 474 -22.45 -23.74 23.26
C ILE E 474 -23.33 -24.98 23.51
N PHE E 475 -22.72 -26.07 23.97
CA PHE E 475 -23.52 -27.28 24.23
C PHE E 475 -24.19 -27.24 25.61
N SER E 476 -23.99 -26.13 26.33
CA SER E 476 -24.77 -25.86 27.52
C SER E 476 -25.95 -24.93 27.21
N LEU E 477 -25.87 -24.27 26.06
CA LEU E 477 -26.94 -23.42 25.53
C LEU E 477 -27.95 -24.27 24.75
N LEU E 478 -27.43 -25.13 23.87
CA LEU E 478 -28.25 -26.16 23.21
C LEU E 478 -28.80 -27.13 24.24
N PRO E 479 -29.97 -27.74 23.96
CA PRO E 479 -30.63 -28.68 24.86
C PRO E 479 -30.04 -30.11 24.79
N THR E 480 -28.72 -30.20 24.93
CA THR E 480 -28.05 -31.50 24.92
C THR E 480 -28.40 -32.29 26.19
N PRO E 481 -28.40 -33.63 26.11
CA PRO E 481 -28.74 -34.41 27.30
C PRO E 481 -27.70 -34.34 28.43
N GLN E 482 -28.14 -34.15 29.69
CA GLN E 482 -27.26 -33.91 30.82
C GLN E 482 -26.28 -35.05 31.03
N SER E 483 -26.75 -36.29 30.87
CA SER E 483 -25.96 -37.48 31.20
C SER E 483 -24.68 -37.58 30.36
N GLU E 484 -24.79 -37.23 29.08
CA GLU E 484 -23.69 -37.31 28.14
C GLU E 484 -23.03 -35.97 27.87
N ARG E 485 -23.56 -34.89 28.44
CA ARG E 485 -23.11 -33.55 28.06
C ARG E 485 -21.62 -33.28 28.27
N GLU E 486 -21.10 -33.60 29.44
CA GLU E 486 -19.70 -33.25 29.72
C GLU E 486 -18.72 -34.06 28.87
N ARG E 487 -18.89 -35.38 28.88
CA ARG E 487 -17.93 -36.25 28.20
C ARG E 487 -18.01 -36.14 26.68
N PHE E 488 -19.24 -36.08 26.15
CA PHE E 488 -19.43 -36.22 24.70
C PHE E 488 -19.78 -34.93 23.97
N TYR E 489 -20.02 -33.85 24.72
CA TYR E 489 -20.28 -32.55 24.11
C TYR E 489 -19.31 -31.45 24.57
N LEU E 490 -19.34 -31.11 25.86
CA LEU E 490 -18.53 -30.00 26.36
C LEU E 490 -17.04 -30.28 26.18
N MET E 491 -16.65 -31.49 26.53
CA MET E 491 -15.26 -31.92 26.48
C MET E 491 -14.29 -30.90 27.06
N PRO E 492 -14.47 -30.57 28.34
CA PRO E 492 -13.52 -29.70 29.03
C PRO E 492 -12.10 -30.28 28.96
N GLN E 493 -11.11 -29.43 28.70
CA GLN E 493 -9.72 -29.88 28.61
C GLN E 493 -8.89 -29.47 29.81
N ASN E 494 -9.46 -28.64 30.67
CA ASN E 494 -8.83 -28.23 31.92
C ASN E 494 -7.40 -27.74 31.73
N VAL E 495 -7.26 -26.71 30.92
CA VAL E 495 -5.97 -26.08 30.66
C VAL E 495 -6.05 -24.57 30.85
N HIS E 496 -4.89 -23.93 30.91
CA HIS E 496 -4.78 -22.48 30.79
C HIS E 496 -3.81 -22.19 29.65
N PHE E 497 -3.65 -20.92 29.31
CA PHE E 497 -2.90 -20.60 28.11
C PHE E 497 -1.63 -19.82 28.41
N GLU E 498 -1.28 -19.72 29.69
CA GLU E 498 -0.06 -19.00 30.07
C GLU E 498 1.20 -19.65 29.50
N HIS E 499 1.27 -20.99 29.56
CA HIS E 499 2.44 -21.67 29.04
C HIS E 499 2.48 -21.66 27.51
N ALA E 500 1.32 -21.67 26.86
CA ALA E 500 1.29 -21.56 25.40
C ALA E 500 1.89 -20.22 24.95
N ALA E 501 1.48 -19.15 25.63
CA ALA E 501 2.02 -17.82 25.34
C ALA E 501 3.53 -17.77 25.59
N ALA E 502 3.96 -18.34 26.71
CA ALA E 502 5.38 -18.37 27.06
C ALA E 502 6.21 -19.10 26.01
N MET E 503 5.68 -20.19 25.48
CA MET E 503 6.39 -20.99 24.49
C MET E 503 6.75 -20.17 23.26
N PHE E 504 5.85 -19.27 22.91
CA PHE E 504 6.02 -18.45 21.72
C PHE E 504 6.41 -17.03 22.05
N GLU E 505 6.83 -16.82 23.29
CA GLU E 505 7.37 -15.54 23.74
C GLU E 505 6.38 -14.41 23.50
N LEU E 506 5.11 -14.68 23.77
CA LEU E 506 4.05 -13.70 23.63
C LEU E 506 3.65 -13.18 25.01
N LYS E 507 3.43 -11.87 25.11
CA LYS E 507 2.92 -11.28 26.35
C LYS E 507 1.60 -11.92 26.75
N TYR E 508 1.37 -12.07 28.05
CA TYR E 508 0.19 -12.76 28.55
C TYR E 508 -0.40 -12.06 29.75
N HIS E 509 -1.73 -11.95 29.78
CA HIS E 509 -2.44 -11.44 30.94
C HIS E 509 -3.59 -12.38 31.30
N ARG E 510 -3.84 -12.57 32.59
CA ARG E 510 -5.04 -13.27 33.03
C ARG E 510 -5.82 -12.40 34.00
N PRO E 511 -6.54 -11.38 33.48
CA PRO E 511 -7.20 -10.38 34.33
C PRO E 511 -8.34 -10.96 35.16
N GLN E 512 -8.45 -10.54 36.41
CA GLN E 512 -9.42 -11.12 37.33
C GLN E 512 -10.67 -10.25 37.48
N ASN E 513 -10.60 -9.02 36.95
CA ASN E 513 -11.73 -8.08 37.05
C ASN E 513 -11.65 -7.04 35.92
N TRP E 514 -12.64 -6.15 35.84
CA TRP E 514 -12.70 -5.20 34.73
C TRP E 514 -11.50 -4.25 34.73
N GLN E 515 -11.06 -3.86 35.91
CA GLN E 515 -9.92 -2.97 36.04
C GLN E 515 -8.66 -3.62 35.48
N GLU E 516 -8.43 -4.88 35.84
CA GLU E 516 -7.26 -5.58 35.34
C GLU E 516 -7.33 -5.80 33.84
N LEU E 517 -8.54 -6.02 33.31
CA LEU E 517 -8.71 -6.17 31.87
C LEU E 517 -8.38 -4.88 31.13
N GLU E 518 -8.85 -3.74 31.63
CA GLU E 518 -8.55 -2.46 31.00
C GLU E 518 -7.05 -2.15 31.06
N THR E 519 -6.43 -2.49 32.17
CA THR E 519 -4.99 -2.33 32.29
C THR E 519 -4.26 -3.21 31.26
N ALA E 520 -4.73 -4.44 31.07
CA ALA E 520 -4.11 -5.36 30.10
C ALA E 520 -4.20 -4.80 28.68
N PHE E 521 -5.37 -4.30 28.30
CA PHE E 521 -5.53 -3.68 26.99
C PHE E 521 -4.60 -2.49 26.83
N ALA E 522 -4.55 -1.63 27.86
CA ALA E 522 -3.71 -0.45 27.79
C ALA E 522 -2.26 -0.84 27.53
N ASP E 523 -1.83 -1.90 28.19
CA ASP E 523 -0.49 -2.43 27.99
C ASP E 523 -0.34 -2.98 26.56
N ALA E 524 -1.34 -3.75 26.12
CA ALA E 524 -1.26 -4.51 24.88
C ALA E 524 -1.12 -3.66 23.61
N TRP E 525 -1.86 -2.56 23.55
CA TRP E 525 -1.91 -1.77 22.31
C TRP E 525 -0.64 -0.96 22.06
N ARG E 526 0.31 -1.00 23.00
CA ARG E 526 1.48 -0.14 22.90
C ARG E 526 2.54 -0.57 21.88
N THR E 527 2.59 -1.87 21.55
CA THR E 527 3.64 -2.36 20.64
C THR E 527 3.07 -3.25 19.56
N PRO E 528 3.77 -3.34 18.41
CA PRO E 528 3.33 -4.18 17.29
C PRO E 528 3.61 -5.66 17.52
N THR E 529 2.98 -6.19 18.57
CA THR E 529 3.13 -7.59 18.94
C THR E 529 1.78 -8.16 19.36
N THR E 530 1.73 -9.47 19.48
CA THR E 530 0.52 -10.15 19.92
C THR E 530 0.55 -10.32 21.44
N THR E 531 -0.57 -9.94 22.07
CA THR E 531 -0.77 -10.16 23.50
C THR E 531 -1.91 -11.15 23.69
N VAL E 532 -1.69 -12.18 24.50
CA VAL E 532 -2.77 -13.12 24.83
C VAL E 532 -3.43 -12.68 26.14
N ILE E 533 -4.74 -12.46 26.10
CA ILE E 533 -5.49 -12.15 27.31
C ILE E 533 -6.46 -13.30 27.57
N GLU E 534 -6.23 -14.03 28.64
CA GLU E 534 -7.09 -15.17 28.95
C GLU E 534 -8.15 -14.74 29.95
N MET E 535 -9.42 -14.85 29.54
CA MET E 535 -10.51 -14.55 30.46
C MET E 535 -11.11 -15.85 30.96
N VAL E 536 -10.83 -16.18 32.22
CA VAL E 536 -11.33 -17.40 32.83
C VAL E 536 -12.67 -17.11 33.47
N VAL E 537 -13.70 -17.84 33.04
CA VAL E 537 -15.06 -17.60 33.53
C VAL E 537 -15.73 -18.91 33.90
N ASN E 538 -16.74 -18.85 34.75
CA ASN E 538 -17.50 -20.04 35.15
C ASN E 538 -18.25 -20.63 33.97
N ASP E 539 -18.08 -21.94 33.77
CA ASP E 539 -18.50 -22.61 32.54
C ASP E 539 -19.84 -22.18 31.93
N THR E 540 -20.93 -22.25 32.69
CA THR E 540 -22.26 -22.07 32.09
C THR E 540 -22.88 -20.67 32.26
N ASP E 541 -22.16 -19.74 32.88
CA ASP E 541 -22.73 -18.41 33.11
C ASP E 541 -23.13 -17.66 31.83
N GLY E 542 -22.33 -17.75 30.78
CA GLY E 542 -22.66 -17.07 29.55
C GLY E 542 -23.96 -17.59 28.95
N ALA E 543 -24.05 -18.91 28.84
CA ALA E 543 -25.22 -19.55 28.26
C ALA E 543 -26.46 -19.22 29.08
N GLN E 544 -26.36 -19.31 30.40
CA GLN E 544 -27.52 -19.06 31.25
C GLN E 544 -27.97 -17.60 31.18
N THR E 545 -27.00 -16.69 31.14
CA THR E 545 -27.31 -15.26 31.07
C THR E 545 -28.07 -14.95 29.79
N LEU E 546 -27.62 -15.54 28.67
CA LEU E 546 -28.31 -15.33 27.40
C LEU E 546 -29.75 -15.83 27.48
N GLN E 547 -29.93 -17.00 28.06
CA GLN E 547 -31.26 -17.60 28.21
C GLN E 547 -32.17 -16.74 29.10
N GLN E 548 -31.61 -16.22 30.18
CA GLN E 548 -32.38 -15.39 31.10
C GLN E 548 -32.79 -14.08 30.44
N LEU E 549 -31.88 -13.48 29.66
CA LEU E 549 -32.19 -12.23 28.98
C LEU E 549 -33.24 -12.42 27.89
N LEU E 550 -33.15 -13.54 27.18
CA LEU E 550 -34.19 -13.88 26.19
C LEU E 550 -35.55 -13.95 26.86
N ALA E 551 -35.60 -14.68 27.98
CA ALA E 551 -36.82 -14.85 28.72
C ALA E 551 -37.37 -13.51 29.20
N GLN E 552 -36.50 -12.67 29.76
CA GLN E 552 -36.92 -11.37 30.27
C GLN E 552 -37.49 -10.49 29.16
N VAL E 553 -36.79 -10.42 28.03
CA VAL E 553 -37.21 -9.55 26.95
C VAL E 553 -38.51 -10.05 26.31
N SER E 554 -38.72 -11.36 26.33
CA SER E 554 -39.92 -11.95 25.72
C SER E 554 -41.18 -11.53 26.49
N HIS E 555 -40.99 -11.07 27.72
CA HIS E 555 -42.13 -10.71 28.56
C HIS E 555 -42.40 -9.22 28.57
N LEU E 556 -41.62 -8.44 27.84
CA LEU E 556 -41.86 -7.01 27.76
C LEU E 556 -43.15 -6.73 26.99
N MET F 1 -43.49 -40.44 14.34
CA MET F 1 -43.89 -39.11 14.80
C MET F 1 -42.68 -38.25 15.19
N SER F 2 -41.87 -38.74 16.13
CA SER F 2 -40.73 -37.96 16.63
C SER F 2 -39.47 -38.14 15.80
N VAL F 3 -39.09 -37.07 15.11
CA VAL F 3 -37.90 -37.05 14.28
C VAL F 3 -36.61 -37.25 15.11
N SER F 4 -36.53 -36.62 16.28
CA SER F 4 -35.35 -36.78 17.10
C SER F 4 -35.19 -38.24 17.51
N ALA F 5 -36.31 -38.86 17.85
CA ALA F 5 -36.30 -40.26 18.28
C ALA F 5 -35.92 -41.18 17.13
N PHE F 6 -36.52 -40.96 15.96
CA PHE F 6 -36.21 -41.86 14.86
C PHE F 6 -34.76 -41.68 14.40
N ASN F 7 -34.26 -40.45 14.41
CA ASN F 7 -32.85 -40.22 14.11
C ASN F 7 -31.98 -41.15 14.93
N ARG F 8 -32.30 -41.25 16.21
CA ARG F 8 -31.48 -42.07 17.10
C ARG F 8 -31.66 -43.57 16.86
N ARG F 9 -32.86 -43.99 16.45
CA ARG F 9 -33.11 -45.41 16.09
C ARG F 9 -32.37 -45.84 14.83
N TRP F 10 -32.36 -44.94 13.85
CA TRP F 10 -31.63 -45.11 12.60
C TRP F 10 -30.12 -45.20 12.91
N ALA F 11 -29.63 -44.25 13.70
CA ALA F 11 -28.21 -44.28 14.08
C ALA F 11 -27.87 -45.54 14.87
N ALA F 12 -28.79 -46.00 15.72
CA ALA F 12 -28.55 -47.17 16.57
C ALA F 12 -28.29 -48.41 15.73
N VAL F 13 -28.99 -48.51 14.62
CA VAL F 13 -28.81 -49.62 13.70
C VAL F 13 -27.41 -49.56 13.11
N ILE F 14 -26.99 -48.37 12.70
CA ILE F 14 -25.66 -48.19 12.12
C ILE F 14 -24.58 -48.62 13.09
N LEU F 15 -24.64 -48.12 14.31
CA LEU F 15 -23.59 -48.45 15.27
C LEU F 15 -23.62 -49.92 15.70
N GLU F 16 -24.79 -50.48 15.95
CA GLU F 16 -24.86 -51.89 16.32
C GLU F 16 -24.30 -52.77 15.21
N ALA F 17 -24.59 -52.41 13.96
CA ALA F 17 -24.09 -53.21 12.84
C ALA F 17 -22.57 -53.30 12.88
N LEU F 18 -21.92 -52.18 13.21
CA LEU F 18 -20.46 -52.15 13.23
C LEU F 18 -19.87 -53.09 14.26
N THR F 19 -20.57 -53.29 15.38
CA THR F 19 -20.08 -54.19 16.42
C THR F 19 -19.94 -55.62 15.93
N ARG F 20 -20.67 -55.96 14.86
CA ARG F 20 -20.64 -57.32 14.33
C ARG F 20 -19.45 -57.55 13.40
N HIS F 21 -18.67 -56.48 13.16
CA HIS F 21 -17.50 -56.55 12.30
C HIS F 21 -16.21 -56.24 13.03
N GLY F 22 -16.23 -56.38 14.35
CA GLY F 22 -15.01 -56.24 15.15
C GLY F 22 -14.69 -54.83 15.60
N VAL F 23 -15.58 -53.88 15.35
CA VAL F 23 -15.34 -52.51 15.81
C VAL F 23 -15.51 -52.45 17.31
N ARG F 24 -14.44 -52.07 18.02
CA ARG F 24 -14.52 -51.95 19.46
C ARG F 24 -14.22 -50.52 19.89
N HIS F 25 -13.22 -49.90 19.27
CA HIS F 25 -12.89 -48.51 19.56
C HIS F 25 -13.69 -47.53 18.71
N ILE F 26 -14.18 -46.46 19.33
CA ILE F 26 -14.81 -45.40 18.57
C ILE F 26 -14.30 -44.03 19.06
N CYS F 27 -13.89 -43.19 18.11
CA CYS F 27 -13.30 -41.89 18.40
C CYS F 27 -14.27 -40.77 18.04
N ILE F 28 -14.60 -39.95 19.03
CA ILE F 28 -15.70 -38.98 18.89
C ILE F 28 -15.23 -37.57 19.12
N ALA F 29 -15.58 -36.68 18.18
CA ALA F 29 -15.37 -35.25 18.35
C ALA F 29 -16.72 -34.59 18.58
N PRO F 30 -16.72 -33.40 19.18
CA PRO F 30 -17.97 -32.77 19.60
C PRO F 30 -18.74 -32.08 18.48
N GLY F 31 -20.06 -32.05 18.62
CA GLY F 31 -20.87 -31.37 17.63
C GLY F 31 -22.33 -31.52 17.97
N SER F 32 -23.17 -30.80 17.25
CA SER F 32 -24.61 -30.91 17.47
C SER F 32 -25.24 -31.83 16.43
N ARG F 33 -24.89 -31.63 15.16
CA ARG F 33 -25.48 -32.43 14.07
C ARG F 33 -25.17 -33.92 14.22
N SER F 34 -24.06 -34.24 14.88
CA SER F 34 -23.66 -35.62 15.09
C SER F 34 -24.41 -36.29 16.26
N THR F 35 -25.29 -35.53 16.92
CA THR F 35 -25.97 -36.06 18.11
C THR F 35 -26.57 -37.48 17.95
N PRO F 36 -27.28 -37.75 16.84
CA PRO F 36 -27.86 -39.09 16.75
C PRO F 36 -26.81 -40.20 16.79
N LEU F 37 -25.68 -39.99 16.12
CA LEU F 37 -24.59 -40.95 16.10
C LEU F 37 -23.90 -41.04 17.46
N THR F 38 -23.59 -39.89 18.03
CA THR F 38 -22.85 -39.83 19.28
C THR F 38 -23.63 -40.41 20.46
N LEU F 39 -24.92 -40.12 20.52
CA LEU F 39 -25.73 -40.70 21.59
C LEU F 39 -25.91 -42.21 21.38
N ALA F 40 -26.09 -42.64 20.13
CA ALA F 40 -26.22 -44.06 19.85
C ALA F 40 -24.95 -44.78 20.28
N ALA F 41 -23.82 -44.15 20.01
CA ALA F 41 -22.53 -44.73 20.38
C ALA F 41 -22.37 -44.75 21.89
N ALA F 42 -22.71 -43.65 22.54
CA ALA F 42 -22.56 -43.56 23.99
C ALA F 42 -23.39 -44.61 24.72
N GLU F 43 -24.56 -44.92 24.16
CA GLU F 43 -25.49 -45.86 24.80
C GLU F 43 -25.13 -47.31 24.54
N ASN F 44 -24.24 -47.52 23.56
CA ASN F 44 -23.86 -48.87 23.15
C ASN F 44 -22.65 -49.36 23.95
N SER F 45 -22.88 -50.38 24.77
CA SER F 45 -21.88 -50.84 25.72
C SER F 45 -20.75 -51.63 25.09
N ALA F 46 -20.85 -51.87 23.78
CA ALA F 46 -19.81 -52.66 23.11
C ALA F 46 -18.53 -51.85 22.92
N PHE F 47 -18.63 -50.52 22.94
CA PHE F 47 -17.53 -49.66 22.53
C PHE F 47 -16.63 -49.16 23.65
N ILE F 48 -15.36 -48.96 23.30
CA ILE F 48 -14.45 -48.13 24.07
C ILE F 48 -14.47 -46.75 23.42
N HIS F 49 -14.86 -45.72 24.18
CA HIS F 49 -15.00 -44.37 23.61
C HIS F 49 -13.80 -43.48 23.89
N HIS F 50 -13.27 -42.86 22.83
CA HIS F 50 -12.21 -41.86 22.92
C HIS F 50 -12.73 -40.52 22.40
N THR F 51 -12.33 -39.43 23.05
CA THR F 51 -12.75 -38.10 22.59
C THR F 51 -11.55 -37.21 22.30
N HIS F 52 -11.73 -36.23 21.42
CA HIS F 52 -10.71 -35.24 21.16
C HIS F 52 -11.36 -34.06 20.47
N PHE F 53 -10.75 -32.89 20.60
CA PHE F 53 -11.36 -31.66 20.05
C PHE F 53 -10.86 -31.31 18.65
N ASP F 54 -9.71 -31.85 18.24
CA ASP F 54 -9.14 -31.56 16.91
C ASP F 54 -9.46 -32.75 16.01
N GLU F 55 -10.30 -32.57 14.98
CA GLU F 55 -10.71 -33.71 14.17
C GLU F 55 -9.56 -34.32 13.35
N ARG F 56 -8.55 -33.53 13.02
CA ARG F 56 -7.39 -34.08 12.34
C ARG F 56 -6.67 -35.03 13.28
N GLY F 57 -6.47 -34.62 14.53
CA GLY F 57 -5.86 -35.50 15.52
C GLY F 57 -6.74 -36.69 15.86
N LEU F 58 -8.05 -36.48 15.86
CA LEU F 58 -8.99 -37.56 16.11
C LEU F 58 -8.81 -38.66 15.08
N GLY F 59 -8.69 -38.25 13.83
CA GLY F 59 -8.52 -39.20 12.74
C GLY F 59 -7.25 -39.99 12.93
N HIS F 60 -6.18 -39.31 13.33
CA HIS F 60 -4.91 -39.99 13.54
C HIS F 60 -4.92 -40.86 14.79
N LEU F 61 -5.67 -40.45 15.81
CA LEU F 61 -5.84 -41.30 16.99
C LEU F 61 -6.47 -42.63 16.57
N ALA F 62 -7.51 -42.55 15.75
CA ALA F 62 -8.16 -43.74 15.21
C ALA F 62 -7.18 -44.56 14.39
N LEU F 63 -6.40 -43.87 13.56
CA LEU F 63 -5.39 -44.53 12.76
C LEU F 63 -4.43 -45.35 13.64
N GLY F 64 -3.97 -44.76 14.74
CA GLY F 64 -3.05 -45.46 15.65
C GLY F 64 -3.71 -46.68 16.29
N LEU F 65 -4.97 -46.52 16.70
CA LEU F 65 -5.71 -47.61 17.31
C LEU F 65 -5.86 -48.76 16.33
N ALA F 66 -6.18 -48.43 15.08
CA ALA F 66 -6.40 -49.44 14.03
C ALA F 66 -5.08 -50.10 13.64
N LYS F 67 -4.03 -49.29 13.60
CA LYS F 67 -2.70 -49.75 13.21
C LYS F 67 -2.24 -50.91 14.07
N VAL F 68 -2.46 -50.78 15.38
CA VAL F 68 -1.97 -51.75 16.35
C VAL F 68 -2.96 -52.90 16.51
N SER F 69 -4.25 -52.57 16.59
CA SER F 69 -5.27 -53.58 16.88
C SER F 69 -5.64 -54.47 15.69
N LYS F 70 -5.37 -53.99 14.47
CA LYS F 70 -5.70 -54.71 13.25
C LYS F 70 -7.20 -54.96 13.12
N GLN F 71 -7.99 -54.09 13.73
CA GLN F 71 -9.44 -54.12 13.60
C GLN F 71 -9.93 -52.80 13.06
N PRO F 72 -11.16 -52.77 12.53
CA PRO F 72 -11.73 -51.47 12.14
C PRO F 72 -12.00 -50.61 13.38
N VAL F 73 -11.78 -49.31 13.24
CA VAL F 73 -12.00 -48.36 14.31
C VAL F 73 -12.93 -47.30 13.77
N ALA F 74 -13.97 -46.95 14.52
CA ALA F 74 -14.95 -45.97 14.02
C ALA F 74 -14.64 -44.55 14.50
N VAL F 75 -15.13 -43.60 13.73
CA VAL F 75 -14.94 -42.19 14.00
C VAL F 75 -16.29 -41.45 13.80
N ILE F 76 -16.65 -40.60 14.74
CA ILE F 76 -17.86 -39.77 14.57
C ILE F 76 -17.47 -38.31 14.61
N VAL F 77 -17.88 -37.54 13.60
CA VAL F 77 -17.68 -36.10 13.63
C VAL F 77 -18.95 -35.40 13.16
N THR F 78 -19.05 -34.12 13.47
CA THR F 78 -20.19 -33.34 13.05
C THR F 78 -19.99 -32.82 11.62
N SER F 79 -21.02 -32.17 11.10
CA SER F 79 -20.96 -31.68 9.72
C SER F 79 -20.00 -30.50 9.56
N GLY F 80 -19.49 -30.31 8.34
CA GLY F 80 -18.70 -29.12 8.03
C GLY F 80 -17.21 -29.39 7.91
N THR F 81 -16.38 -28.41 8.26
CA THR F 81 -14.94 -28.60 8.12
C THR F 81 -14.43 -29.71 9.07
N ALA F 82 -15.20 -30.05 10.08
CA ALA F 82 -14.87 -31.21 10.92
C ALA F 82 -14.61 -32.44 10.05
N VAL F 83 -15.45 -32.63 9.05
CA VAL F 83 -15.32 -33.78 8.16
C VAL F 83 -14.03 -33.70 7.35
N ALA F 84 -13.74 -32.50 6.82
CA ALA F 84 -12.55 -32.30 6.01
C ALA F 84 -11.27 -32.63 6.76
N ASN F 85 -11.27 -32.37 8.06
CA ASN F 85 -10.08 -32.61 8.86
C ASN F 85 -9.70 -34.09 8.97
N LEU F 86 -10.63 -34.98 8.63
CA LEU F 86 -10.34 -36.43 8.64
C LEU F 86 -9.52 -36.90 7.43
N TYR F 87 -9.34 -36.03 6.45
CA TYR F 87 -8.73 -36.43 5.18
C TYR F 87 -7.31 -37.00 5.34
N PRO F 88 -6.46 -36.31 6.12
CA PRO F 88 -5.09 -36.83 6.20
C PRO F 88 -5.02 -38.27 6.71
N ALA F 89 -5.71 -38.59 7.80
CA ALA F 89 -5.66 -39.95 8.31
C ALA F 89 -6.27 -40.94 7.33
N LEU F 90 -7.33 -40.52 6.64
CA LEU F 90 -7.99 -41.38 5.67
C LEU F 90 -7.05 -41.73 4.52
N ILE F 91 -6.28 -40.74 4.06
CA ILE F 91 -5.35 -40.95 2.97
C ILE F 91 -4.25 -41.93 3.39
N GLU F 92 -3.73 -41.73 4.60
CA GLU F 92 -2.70 -42.65 5.10
C GLU F 92 -3.28 -44.06 5.22
N ALA F 93 -4.51 -44.18 5.72
CA ALA F 93 -5.13 -45.50 5.86
C ALA F 93 -5.32 -46.17 4.49
N GLY F 94 -5.60 -45.36 3.47
CA GLY F 94 -5.72 -45.90 2.12
C GLY F 94 -4.43 -46.53 1.64
N LEU F 95 -3.32 -46.00 2.13
CA LEU F 95 -2.02 -46.50 1.70
C LEU F 95 -1.50 -47.67 2.52
N THR F 96 -1.73 -47.67 3.82
CA THR F 96 -1.12 -48.70 4.66
C THR F 96 -2.14 -49.72 5.16
N GLY F 97 -3.42 -49.45 4.95
CA GLY F 97 -4.44 -50.47 5.09
C GLY F 97 -5.34 -50.43 6.32
N GLU F 98 -5.08 -49.52 7.25
CA GLU F 98 -5.94 -49.40 8.42
C GLU F 98 -7.42 -49.23 8.03
N LYS F 99 -8.30 -49.91 8.76
CA LYS F 99 -9.73 -49.81 8.45
C LYS F 99 -10.40 -48.74 9.29
N LEU F 100 -10.47 -47.52 8.77
CA LEU F 100 -11.10 -46.44 9.49
C LEU F 100 -12.50 -46.28 8.98
N ILE F 101 -13.49 -46.38 9.87
CA ILE F 101 -14.89 -46.23 9.49
C ILE F 101 -15.36 -44.84 9.93
N LEU F 102 -15.50 -43.96 8.95
CA LEU F 102 -15.81 -42.57 9.21
C LEU F 102 -17.30 -42.28 9.12
N LEU F 103 -17.94 -42.05 10.27
CA LEU F 103 -19.36 -41.71 10.34
C LEU F 103 -19.46 -40.19 10.42
N THR F 104 -19.78 -39.55 9.29
CA THR F 104 -19.74 -38.10 9.21
C THR F 104 -21.15 -37.53 9.14
N ALA F 105 -21.57 -36.89 10.22
CA ALA F 105 -22.91 -36.31 10.27
C ALA F 105 -23.04 -35.25 9.20
N ASP F 106 -24.25 -35.11 8.66
CA ASP F 106 -24.50 -34.13 7.62
C ASP F 106 -25.84 -33.44 7.88
N ARG F 107 -25.99 -32.24 7.33
CA ARG F 107 -27.32 -31.65 7.19
C ARG F 107 -28.13 -32.50 6.24
N PRO F 108 -29.47 -32.40 6.31
CA PRO F 108 -30.32 -33.09 5.35
C PRO F 108 -30.25 -32.42 3.97
N PRO F 109 -30.69 -33.13 2.94
CA PRO F 109 -30.59 -32.61 1.57
C PRO F 109 -31.21 -31.23 1.39
N GLU F 110 -32.29 -30.92 2.11
CA GLU F 110 -32.97 -29.65 1.94
C GLU F 110 -32.19 -28.46 2.50
N LEU F 111 -31.08 -28.72 3.20
CA LEU F 111 -30.28 -27.61 3.74
C LEU F 111 -28.90 -27.55 3.09
N ILE F 112 -28.73 -28.19 1.95
CA ILE F 112 -27.47 -28.11 1.22
C ILE F 112 -27.56 -27.09 0.09
N ASP F 113 -26.49 -26.31 -0.09
CA ASP F 113 -26.39 -25.31 -1.15
C ASP F 113 -27.48 -24.22 -1.05
N CYS F 114 -27.77 -23.78 0.17
CA CYS F 114 -28.75 -22.70 0.34
C CYS F 114 -28.34 -21.70 1.43
N GLY F 115 -27.04 -21.64 1.68
CA GLY F 115 -26.48 -20.67 2.63
C GLY F 115 -26.75 -21.00 4.09
N ALA F 116 -27.08 -22.26 4.39
CA ALA F 116 -27.32 -22.67 5.78
C ALA F 116 -26.01 -22.83 6.55
N ASN F 117 -26.02 -22.50 7.84
CA ASN F 117 -24.78 -22.58 8.61
C ASN F 117 -24.23 -24.00 8.75
N GLN F 118 -22.91 -24.10 8.61
CA GLN F 118 -22.17 -25.33 8.83
C GLN F 118 -22.68 -26.47 7.95
N ALA F 119 -23.16 -26.10 6.76
CA ALA F 119 -23.63 -27.08 5.79
C ALA F 119 -22.77 -27.01 4.53
N ILE F 120 -22.19 -28.15 4.15
CA ILE F 120 -21.35 -28.20 2.96
C ILE F 120 -21.70 -29.45 2.16
N ARG F 121 -21.18 -29.56 0.94
CA ARG F 121 -21.40 -30.75 0.14
C ARG F 121 -20.47 -31.88 0.57
N GLN F 122 -21.02 -32.89 1.23
CA GLN F 122 -20.17 -33.93 1.85
C GLN F 122 -20.06 -35.25 1.08
N PRO F 123 -21.15 -35.72 0.45
CA PRO F 123 -20.95 -36.95 -0.33
C PRO F 123 -19.84 -36.80 -1.40
N GLY F 124 -18.94 -37.78 -1.44
CA GLY F 124 -17.84 -37.79 -2.38
C GLY F 124 -16.69 -36.85 -2.08
N MET F 125 -16.71 -36.19 -0.93
CA MET F 125 -15.70 -35.17 -0.62
C MET F 125 -14.31 -35.74 -0.41
N PHE F 126 -14.21 -37.05 -0.16
CA PHE F 126 -12.90 -37.69 -0.03
C PHE F 126 -12.48 -38.39 -1.33
N ALA F 127 -13.24 -38.13 -2.39
CA ALA F 127 -12.86 -38.61 -3.73
C ALA F 127 -12.55 -40.12 -3.74
N SER F 128 -11.43 -40.51 -4.33
CA SER F 128 -11.16 -41.94 -4.46
C SER F 128 -10.40 -42.52 -3.26
N HIS F 129 -10.25 -41.75 -2.20
CA HIS F 129 -9.39 -42.23 -1.11
C HIS F 129 -10.03 -43.26 -0.17
N PRO F 130 -11.34 -43.17 0.08
CA PRO F 130 -11.93 -44.30 0.81
C PRO F 130 -11.98 -45.53 -0.08
N THR F 131 -11.84 -46.70 0.54
CA THR F 131 -12.05 -47.95 -0.17
C THR F 131 -13.50 -48.08 -0.58
N HIS F 132 -14.38 -47.69 0.33
N HIS F 132 -14.38 -47.63 0.30
CA HIS F 132 -15.83 -47.69 0.13
CA HIS F 132 -15.82 -47.68 0.05
C HIS F 132 -16.39 -46.34 0.55
C HIS F 132 -16.48 -46.44 0.60
N SER F 133 -17.39 -45.88 -0.17
CA SER F 133 -18.09 -44.66 0.22
C SER F 133 -19.59 -44.93 0.21
N ILE F 134 -20.24 -44.65 1.34
CA ILE F 134 -21.70 -44.78 1.45
C ILE F 134 -22.30 -43.40 1.72
N SER F 135 -23.18 -42.95 0.85
CA SER F 135 -23.91 -41.73 1.11
C SER F 135 -25.32 -42.09 1.51
N LEU F 136 -25.59 -42.11 2.82
CA LEU F 136 -26.89 -42.56 3.30
C LEU F 136 -27.98 -41.57 2.96
N PRO F 137 -29.17 -42.10 2.73
CA PRO F 137 -30.30 -41.21 2.42
C PRO F 137 -30.83 -40.51 3.66
N ARG F 138 -31.67 -39.50 3.45
CA ARG F 138 -32.41 -38.86 4.52
C ARG F 138 -33.19 -39.93 5.30
N PRO F 139 -33.01 -40.01 6.63
CA PRO F 139 -33.70 -41.07 7.37
C PRO F 139 -35.23 -41.08 7.18
N THR F 140 -35.77 -42.28 6.98
CA THR F 140 -37.21 -42.47 6.86
C THR F 140 -37.58 -43.91 7.17
N GLN F 141 -38.75 -44.10 7.77
CA GLN F 141 -39.21 -45.45 8.07
C GLN F 141 -39.67 -46.17 6.80
N ASP F 142 -39.76 -45.44 5.69
CA ASP F 142 -40.18 -46.04 4.43
C ASP F 142 -39.04 -46.82 3.79
N ILE F 143 -37.83 -46.66 4.35
CA ILE F 143 -36.70 -47.49 4.00
C ILE F 143 -36.49 -48.49 5.14
N PRO F 144 -36.56 -49.79 4.84
CA PRO F 144 -36.53 -50.77 5.94
C PRO F 144 -35.18 -50.86 6.63
N ALA F 145 -35.19 -51.17 7.91
CA ALA F 145 -33.95 -51.34 8.66
C ALA F 145 -33.04 -52.40 8.02
N ARG F 146 -33.63 -53.42 7.42
N ARG F 146 -33.57 -53.45 7.42
CA ARG F 146 -32.81 -54.46 6.78
CA ARG F 146 -32.76 -54.44 6.75
C ARG F 146 -31.99 -53.90 5.62
C ARG F 146 -31.93 -53.86 5.63
N TRP F 147 -32.48 -52.85 4.95
CA TRP F 147 -31.64 -52.23 3.93
C TRP F 147 -30.43 -51.54 4.58
N LEU F 148 -30.68 -50.80 5.65
CA LEU F 148 -29.63 -50.03 6.30
C LEU F 148 -28.53 -50.95 6.82
N VAL F 149 -28.90 -52.00 7.54
CA VAL F 149 -27.86 -52.88 8.07
C VAL F 149 -27.14 -53.64 6.94
N SER F 150 -27.86 -54.06 5.90
CA SER F 150 -27.23 -54.75 4.77
C SER F 150 -26.20 -53.88 4.05
N THR F 151 -26.51 -52.60 3.92
CA THR F 151 -25.60 -51.66 3.27
C THR F 151 -24.31 -51.54 4.08
N ILE F 152 -24.44 -51.43 5.41
CA ILE F 152 -23.26 -51.37 6.24
C ILE F 152 -22.51 -52.71 6.21
N ASP F 153 -23.24 -53.82 6.27
CA ASP F 153 -22.63 -55.16 6.24
C ASP F 153 -21.88 -55.41 4.94
N HIS F 154 -22.41 -54.92 3.82
CA HIS F 154 -21.68 -55.08 2.55
C HIS F 154 -20.34 -54.33 2.63
N ALA F 155 -20.38 -53.11 3.12
CA ALA F 155 -19.20 -52.26 3.18
C ALA F 155 -18.14 -52.84 4.11
N LEU F 156 -18.54 -53.31 5.28
CA LEU F 156 -17.57 -53.83 6.24
C LEU F 156 -17.10 -55.24 5.88
N GLY F 157 -18.03 -56.06 5.39
CA GLY F 157 -17.70 -57.44 5.04
C GLY F 157 -16.71 -57.56 3.89
N THR F 158 -16.86 -56.68 2.90
CA THR F 158 -16.02 -56.75 1.70
C THR F 158 -14.76 -55.88 1.81
N LEU F 159 -14.56 -55.28 2.98
CA LEU F 159 -13.42 -54.38 3.17
C LEU F 159 -12.11 -55.14 3.36
N HIS F 160 -11.25 -55.14 2.34
CA HIS F 160 -9.95 -55.81 2.44
C HIS F 160 -9.00 -54.97 3.31
N ALA F 161 -9.08 -53.66 3.11
CA ALA F 161 -8.20 -52.72 3.78
C ALA F 161 -8.66 -51.29 3.48
N GLY F 162 -8.24 -50.34 4.32
CA GLY F 162 -8.51 -48.94 4.06
C GLY F 162 -9.80 -48.41 4.66
N GLY F 163 -10.09 -47.14 4.35
CA GLY F 163 -11.19 -46.44 4.99
C GLY F 163 -12.54 -46.58 4.31
N VAL F 164 -13.58 -46.37 5.10
CA VAL F 164 -14.96 -46.34 4.60
C VAL F 164 -15.58 -45.01 5.02
N HIS F 165 -16.10 -44.27 4.05
CA HIS F 165 -16.79 -43.04 4.36
C HIS F 165 -18.29 -43.29 4.38
N ILE F 166 -18.90 -43.12 5.55
CA ILE F 166 -20.35 -43.25 5.66
C ILE F 166 -20.93 -41.89 6.00
N ASN F 167 -21.50 -41.22 4.99
CA ASN F 167 -22.10 -39.91 5.22
C ASN F 167 -23.50 -40.07 5.78
N CYS F 168 -23.79 -39.38 6.89
CA CYS F 168 -25.04 -39.60 7.64
C CYS F 168 -25.86 -38.33 7.84
N PRO F 169 -26.74 -38.00 6.90
CA PRO F 169 -27.63 -36.85 7.07
C PRO F 169 -28.67 -37.07 8.18
N PHE F 170 -28.91 -36.04 8.96
CA PHE F 170 -29.99 -36.00 9.95
C PHE F 170 -30.67 -34.65 9.95
N ALA F 171 -32.01 -34.65 9.94
CA ALA F 171 -32.77 -33.40 10.04
C ALA F 171 -33.09 -33.09 11.49
N GLU F 172 -33.18 -31.81 11.82
CA GLU F 172 -33.71 -31.36 13.12
C GLU F 172 -35.21 -31.66 13.19
N PRO F 173 -35.75 -31.82 14.40
CA PRO F 173 -35.10 -31.71 15.71
C PRO F 173 -34.16 -32.87 16.03
N LEU F 174 -33.04 -32.54 16.67
CA LEU F 174 -32.04 -33.53 17.07
C LEU F 174 -32.20 -33.92 18.52
N TYR F 175 -32.85 -33.07 19.31
CA TYR F 175 -32.95 -33.29 20.76
C TYR F 175 -34.40 -33.50 21.17
N GLY F 176 -34.59 -34.12 22.33
CA GLY F 176 -35.94 -34.45 22.77
C GLY F 176 -35.96 -35.79 23.45
N GLU F 177 -36.98 -36.01 24.27
CA GLU F 177 -37.11 -37.28 24.95
C GLU F 177 -37.28 -38.41 23.94
N MET F 178 -36.71 -39.56 24.26
CA MET F 178 -36.88 -40.74 23.44
C MET F 178 -38.28 -41.33 23.64
N ASP F 179 -39.04 -41.48 22.56
CA ASP F 179 -40.27 -42.27 22.64
C ASP F 179 -40.18 -43.48 21.73
N ASP F 180 -41.33 -44.11 21.44
CA ASP F 180 -41.35 -45.37 20.73
C ASP F 180 -41.27 -45.23 19.22
N THR F 181 -41.12 -44.01 18.71
CA THR F 181 -41.00 -43.80 17.28
C THR F 181 -39.83 -44.62 16.74
N GLY F 182 -40.09 -45.48 15.75
CA GLY F 182 -39.05 -46.28 15.13
C GLY F 182 -38.79 -47.61 15.81
N LEU F 183 -39.47 -47.87 16.92
CA LEU F 183 -39.27 -49.10 17.66
C LEU F 183 -39.71 -50.33 16.84
N SER F 184 -40.92 -50.28 16.28
CA SER F 184 -41.39 -51.41 15.49
C SER F 184 -40.55 -51.56 14.22
N TRP F 185 -40.07 -50.44 13.68
CA TRP F 185 -39.16 -50.43 12.53
C TRP F 185 -37.88 -51.21 12.85
N GLN F 186 -37.31 -50.95 14.03
CA GLN F 186 -36.13 -51.70 14.47
C GLN F 186 -36.45 -53.17 14.68
N GLN F 187 -37.64 -53.43 15.21
CA GLN F 187 -37.99 -54.78 15.63
C GLN F 187 -38.20 -55.70 14.42
N ARG F 188 -38.28 -55.10 13.24
N ARG F 188 -38.32 -55.14 13.24
CA ARG F 188 -38.34 -55.90 12.01
CA ARG F 188 -38.30 -55.91 12.03
C ARG F 188 -37.06 -56.74 11.84
C ARG F 188 -37.07 -56.77 11.88
N LEU F 189 -35.99 -56.38 12.54
CA LEU F 189 -34.76 -57.17 12.45
C LEU F 189 -34.81 -58.39 13.38
N GLY F 190 -35.87 -58.49 14.18
CA GLY F 190 -36.07 -59.67 15.01
C GLY F 190 -34.93 -59.91 15.98
N ASP F 191 -34.50 -61.17 16.13
CA ASP F 191 -33.48 -61.44 17.13
C ASP F 191 -32.07 -61.20 16.60
N TRP F 192 -31.95 -60.54 15.45
CA TRP F 192 -30.63 -60.06 15.03
C TRP F 192 -30.04 -59.20 16.13
N TRP F 193 -30.91 -58.49 16.86
CA TRP F 193 -30.45 -57.60 17.93
C TRP F 193 -29.72 -58.36 19.05
N GLN F 194 -30.03 -59.65 19.21
CA GLN F 194 -29.38 -60.46 20.25
C GLN F 194 -28.27 -61.35 19.68
N ASP F 195 -28.01 -61.20 18.39
CA ASP F 195 -27.05 -62.06 17.70
C ASP F 195 -25.63 -61.48 17.81
N ASP F 196 -24.62 -62.24 17.39
CA ASP F 196 -23.27 -61.71 17.37
C ASP F 196 -22.70 -61.68 15.95
N LYS F 197 -23.56 -61.89 14.97
CA LYS F 197 -23.16 -61.92 13.57
C LYS F 197 -23.76 -60.77 12.77
N PRO F 198 -23.18 -60.47 11.61
CA PRO F 198 -23.82 -59.49 10.72
C PRO F 198 -25.19 -59.97 10.23
N TRP F 199 -26.03 -59.04 9.80
CA TRP F 199 -27.30 -59.40 9.18
C TRP F 199 -27.03 -60.11 7.85
N LEU F 200 -26.23 -59.47 7.01
CA LEU F 200 -25.75 -60.07 5.77
C LEU F 200 -24.27 -60.38 5.90
N ARG F 201 -23.91 -61.65 5.79
CA ARG F 201 -22.51 -62.05 5.79
C ARG F 201 -21.98 -62.11 4.36
N GLU F 202 -21.15 -61.13 4.02
CA GLU F 202 -20.55 -61.07 2.70
C GLU F 202 -19.08 -60.80 2.92
N ALA F 203 -18.26 -61.84 2.85
CA ALA F 203 -16.86 -61.70 3.23
C ALA F 203 -15.92 -62.48 2.31
N PRO F 204 -15.95 -62.16 1.01
CA PRO F 204 -15.00 -62.83 0.10
C PRO F 204 -13.57 -62.44 0.48
N ARG F 205 -12.66 -63.40 0.39
CA ARG F 205 -11.27 -63.15 0.74
C ARG F 205 -10.48 -62.93 -0.54
N LEU F 206 -9.51 -62.02 -0.50
CA LEU F 206 -8.70 -61.69 -1.66
C LEU F 206 -7.27 -62.19 -1.44
N GLU F 207 -6.80 -63.08 -2.30
CA GLU F 207 -5.50 -63.71 -2.05
C GLU F 207 -4.91 -64.29 -3.33
N SER F 208 -3.60 -64.11 -3.51
CA SER F 208 -2.92 -64.71 -4.65
C SER F 208 -2.79 -66.22 -4.44
N GLU F 209 -2.73 -66.96 -5.55
CA GLU F 209 -2.58 -68.41 -5.49
C GLU F 209 -1.14 -68.83 -5.26
N LYS F 210 -0.94 -70.08 -4.84
CA LYS F 210 0.41 -70.63 -4.69
C LYS F 210 1.16 -70.52 -5.99
N GLN F 211 2.43 -70.11 -5.91
CA GLN F 211 3.27 -70.03 -7.10
C GLN F 211 3.85 -71.40 -7.39
N ARG F 212 3.39 -72.02 -8.47
CA ARG F 212 3.70 -73.42 -8.72
C ARG F 212 5.15 -73.68 -9.09
N ASP F 213 5.87 -72.62 -9.44
CA ASP F 213 7.28 -72.75 -9.81
C ASP F 213 8.21 -72.26 -8.70
N TRP F 214 7.71 -72.15 -7.48
CA TRP F 214 8.54 -71.70 -6.36
C TRP F 214 9.73 -72.63 -6.11
N PHE F 215 9.55 -73.94 -6.29
CA PHE F 215 10.66 -74.87 -6.09
C PHE F 215 11.77 -74.65 -7.10
N PHE F 216 11.44 -74.05 -8.24
CA PHE F 216 12.47 -73.70 -9.22
C PHE F 216 13.22 -72.45 -8.77
N TRP F 217 12.46 -71.42 -8.41
CA TRP F 217 13.04 -70.13 -8.09
C TRP F 217 13.78 -70.09 -6.76
N ARG F 218 13.38 -70.93 -5.80
CA ARG F 218 14.01 -70.85 -4.49
C ARG F 218 15.44 -71.38 -4.54
N GLN F 219 15.78 -72.04 -5.65
CA GLN F 219 17.14 -72.57 -5.84
C GLN F 219 18.10 -71.60 -6.54
N LYS F 220 17.55 -70.48 -6.99
CA LYS F 220 18.33 -69.45 -7.71
C LYS F 220 19.04 -68.52 -6.74
N ARG F 221 19.90 -67.65 -7.26
CA ARG F 221 20.53 -66.63 -6.44
C ARG F 221 19.53 -65.51 -6.17
N GLY F 222 18.97 -65.50 -4.97
CA GLY F 222 17.96 -64.53 -4.63
C GLY F 222 18.40 -63.53 -3.57
N VAL F 223 17.64 -62.47 -3.46
CA VAL F 223 17.83 -61.45 -2.45
C VAL F 223 16.48 -61.28 -1.77
N VAL F 224 16.47 -61.17 -0.44
CA VAL F 224 15.23 -60.88 0.27
C VAL F 224 15.25 -59.43 0.75
N VAL F 225 14.20 -58.69 0.41
CA VAL F 225 14.05 -57.32 0.90
C VAL F 225 12.85 -57.28 1.83
N ALA F 226 13.05 -56.82 3.06
CA ALA F 226 11.94 -56.80 4.02
C ALA F 226 11.53 -55.37 4.32
N GLY F 227 10.29 -55.02 3.95
CA GLY F 227 9.74 -53.71 4.29
C GLY F 227 8.85 -53.81 5.51
N ARG F 228 7.83 -52.96 5.59
CA ARG F 228 6.96 -52.93 6.75
C ARG F 228 6.09 -54.19 6.87
N MET F 229 6.09 -54.79 8.06
CA MET F 229 5.32 -56.00 8.29
C MET F 229 5.12 -56.13 9.79
N SER F 230 4.46 -57.20 10.23
CA SER F 230 4.24 -57.36 11.66
C SER F 230 5.51 -57.80 12.35
N ALA F 231 5.58 -57.58 13.66
CA ALA F 231 6.75 -58.01 14.42
C ALA F 231 6.99 -59.53 14.24
N GLU F 232 5.92 -60.32 14.29
CA GLU F 232 6.08 -61.77 14.13
C GLU F 232 6.49 -62.13 12.71
N GLU F 233 5.95 -61.41 11.74
CA GLU F 233 6.34 -61.66 10.34
C GLU F 233 7.83 -61.38 10.14
N GLY F 234 8.33 -60.34 10.80
CA GLY F 234 9.74 -60.01 10.71
C GLY F 234 10.64 -61.17 11.14
N LYS F 235 10.30 -61.80 12.26
CA LYS F 235 11.08 -62.94 12.73
C LYS F 235 11.02 -64.08 11.73
N LYS F 236 9.84 -64.34 11.18
CA LYS F 236 9.68 -65.44 10.23
C LYS F 236 10.45 -65.19 8.94
N VAL F 237 10.43 -63.95 8.47
CA VAL F 237 11.16 -63.62 7.26
C VAL F 237 12.67 -63.78 7.46
N ALA F 238 13.16 -63.37 8.63
CA ALA F 238 14.58 -63.52 8.93
C ALA F 238 15.02 -64.98 8.87
N LEU F 239 14.22 -65.87 9.46
CA LEU F 239 14.57 -67.31 9.47
C LEU F 239 14.51 -67.88 8.05
N TRP F 240 13.50 -67.43 7.30
CA TRP F 240 13.27 -67.87 5.93
C TRP F 240 14.45 -67.49 5.00
N ALA F 241 14.87 -66.24 5.05
CA ALA F 241 16.00 -65.76 4.26
C ALA F 241 17.28 -66.49 4.68
N GLN F 242 17.45 -66.68 5.97
CA GLN F 242 18.64 -67.36 6.49
C GLN F 242 18.73 -68.79 5.98
N THR F 243 17.60 -69.48 5.93
CA THR F 243 17.55 -70.85 5.46
C THR F 243 17.90 -70.94 3.97
N LEU F 244 17.35 -70.03 3.18
CA LEU F 244 17.62 -69.98 1.74
C LEU F 244 19.05 -69.60 1.43
N GLY F 245 19.71 -68.96 2.40
CA GLY F 245 21.05 -68.45 2.17
C GLY F 245 21.06 -67.19 1.32
N TRP F 246 19.94 -66.48 1.31
CA TRP F 246 19.84 -65.24 0.55
C TRP F 246 20.14 -64.05 1.45
N PRO F 247 20.90 -63.05 0.95
CA PRO F 247 21.12 -61.89 1.80
C PRO F 247 19.79 -61.20 2.11
N LEU F 248 19.61 -60.76 3.36
CA LEU F 248 18.39 -60.07 3.75
C LEU F 248 18.65 -58.58 3.97
N ILE F 249 18.03 -57.75 3.14
CA ILE F 249 18.10 -56.32 3.34
C ILE F 249 16.85 -55.91 4.11
N GLY F 250 17.04 -55.54 5.38
CA GLY F 250 15.94 -55.33 6.28
C GLY F 250 15.71 -53.88 6.62
N ASP F 251 14.50 -53.41 6.39
CA ASP F 251 14.13 -52.04 6.68
C ASP F 251 13.97 -51.82 8.19
N VAL F 252 14.09 -50.58 8.64
CA VAL F 252 13.82 -50.27 10.04
C VAL F 252 12.41 -50.71 10.43
N LEU F 253 11.49 -50.73 9.45
CA LEU F 253 10.11 -51.12 9.76
C LEU F 253 9.85 -52.64 9.71
N SER F 254 10.90 -53.43 9.45
CA SER F 254 10.69 -54.85 9.19
C SER F 254 10.72 -55.75 10.44
N GLN F 255 11.42 -55.33 11.48
CA GLN F 255 11.59 -56.15 12.69
C GLN F 255 12.24 -57.51 12.41
N THR F 256 13.12 -57.56 11.40
CA THR F 256 13.82 -58.78 11.01
C THR F 256 15.11 -59.01 11.82
N GLY F 257 15.53 -58.00 12.56
CA GLY F 257 16.79 -58.03 13.26
C GLY F 257 17.93 -57.50 12.43
N GLN F 258 17.63 -57.19 11.17
CA GLN F 258 18.58 -56.55 10.25
C GLN F 258 19.98 -57.16 10.31
N PRO F 259 20.11 -58.43 9.87
CA PRO F 259 21.40 -59.15 9.90
C PRO F 259 22.50 -58.51 9.05
N LEU F 260 22.13 -57.68 8.08
CA LEU F 260 23.10 -56.92 7.28
C LEU F 260 22.83 -55.44 7.47
N PRO F 261 23.13 -54.92 8.68
CA PRO F 261 22.69 -53.57 9.05
C PRO F 261 23.41 -52.47 8.27
N CYS F 262 22.89 -51.25 8.39
CA CYS F 262 23.46 -50.08 7.75
C CYS F 262 23.47 -50.22 6.24
N ALA F 263 22.45 -50.84 5.67
CA ALA F 263 22.33 -50.99 4.22
C ALA F 263 22.34 -49.64 3.51
N ASP F 264 21.78 -48.60 4.14
CA ASP F 264 21.76 -47.27 3.51
C ASP F 264 23.19 -46.79 3.28
N LEU F 265 24.13 -47.38 4.01
CA LEU F 265 25.56 -47.09 3.82
C LEU F 265 26.24 -48.07 2.87
N TRP F 266 26.12 -49.37 3.14
CA TRP F 266 26.92 -50.31 2.34
C TRP F 266 26.37 -50.50 0.92
N LEU F 267 25.10 -50.16 0.68
CA LEU F 267 24.57 -50.16 -0.68
C LEU F 267 25.20 -49.05 -1.53
N GLY F 268 25.86 -48.11 -0.88
CA GLY F 268 26.57 -47.04 -1.56
C GLY F 268 27.94 -47.49 -2.05
N ASN F 269 28.34 -48.69 -1.65
CA ASN F 269 29.64 -49.22 -2.04
C ASN F 269 29.48 -50.05 -3.32
N ALA F 270 30.26 -49.71 -4.35
CA ALA F 270 30.13 -50.34 -5.67
C ALA F 270 30.34 -51.86 -5.64
N LYS F 271 31.13 -52.34 -4.69
CA LYS F 271 31.36 -53.79 -4.57
C LYS F 271 30.07 -54.53 -4.17
N ALA F 272 29.23 -53.88 -3.38
CA ALA F 272 27.95 -54.47 -2.99
C ALA F 272 27.02 -54.53 -4.19
N THR F 273 26.90 -53.43 -4.92
CA THR F 273 25.97 -53.42 -6.03
C THR F 273 26.43 -54.40 -7.12
N SER F 274 27.74 -54.58 -7.26
CA SER F 274 28.27 -55.55 -8.19
C SER F 274 27.92 -56.98 -7.79
N GLU F 275 28.02 -57.28 -6.50
CA GLU F 275 27.66 -58.62 -6.05
C GLU F 275 26.18 -58.85 -6.28
N LEU F 276 25.37 -57.82 -6.04
CA LEU F 276 23.92 -57.93 -6.18
C LEU F 276 23.49 -58.07 -7.64
N GLN F 277 24.36 -57.71 -8.58
CA GLN F 277 24.05 -57.94 -10.00
C GLN F 277 23.93 -59.42 -10.33
N GLN F 278 24.44 -60.28 -9.46
CA GLN F 278 24.33 -61.72 -9.67
C GLN F 278 22.94 -62.23 -9.29
N ALA F 279 22.14 -61.40 -8.63
CA ALA F 279 20.82 -61.86 -8.20
C ALA F 279 19.90 -62.13 -9.39
N GLN F 280 19.30 -63.31 -9.41
CA GLN F 280 18.40 -63.67 -10.49
C GLN F 280 16.96 -63.40 -10.10
N ILE F 281 16.70 -63.37 -8.80
CA ILE F 281 15.36 -63.05 -8.28
C ILE F 281 15.46 -62.20 -7.03
N VAL F 282 14.55 -61.24 -6.88
CA VAL F 282 14.41 -60.50 -5.64
C VAL F 282 13.02 -60.77 -5.10
N VAL F 283 12.93 -61.24 -3.85
CA VAL F 283 11.64 -61.38 -3.20
C VAL F 283 11.53 -60.33 -2.09
N GLN F 284 10.64 -59.39 -2.29
CA GLN F 284 10.41 -58.34 -1.32
C GLN F 284 9.12 -58.67 -0.59
N LEU F 285 9.18 -58.64 0.75
CA LEU F 285 8.00 -58.83 1.56
C LEU F 285 7.79 -57.55 2.35
N GLY F 286 6.58 -57.00 2.29
CA GLY F 286 6.34 -55.69 2.85
C GLY F 286 6.71 -54.61 1.86
N SER F 287 6.44 -53.36 2.23
CA SER F 287 6.69 -52.24 1.33
C SER F 287 6.94 -50.95 2.11
N SER F 288 6.81 -49.80 1.46
CA SER F 288 7.18 -48.51 2.07
C SER F 288 8.63 -48.51 2.54
N LEU F 289 9.55 -48.92 1.67
CA LEU F 289 10.98 -48.95 2.00
C LEU F 289 11.48 -47.55 2.34
N THR F 290 12.36 -47.48 3.34
CA THR F 290 12.73 -46.21 3.97
C THR F 290 13.91 -45.49 3.32
N GLY F 291 15.01 -46.21 3.14
CA GLY F 291 16.29 -45.62 2.78
C GLY F 291 16.52 -45.25 1.32
N LYS F 292 17.28 -44.19 1.11
CA LYS F 292 17.55 -43.70 -0.23
C LYS F 292 18.40 -44.69 -1.03
N ARG F 293 19.44 -45.25 -0.42
CA ARG F 293 20.28 -46.20 -1.13
C ARG F 293 19.50 -47.45 -1.52
N LEU F 294 18.63 -47.94 -0.63
CA LEU F 294 17.82 -49.10 -0.99
C LEU F 294 16.86 -48.78 -2.14
N LEU F 295 16.19 -47.62 -2.06
CA LEU F 295 15.28 -47.23 -3.15
C LEU F 295 16.07 -47.09 -4.45
N GLN F 296 17.29 -46.58 -4.35
CA GLN F 296 18.11 -46.46 -5.56
C GLN F 296 18.55 -47.82 -6.07
N TRP F 297 18.89 -48.74 -5.18
CA TRP F 297 19.27 -50.06 -5.65
C TRP F 297 18.08 -50.75 -6.31
N GLN F 298 16.91 -50.63 -5.66
CA GLN F 298 15.71 -51.22 -6.21
C GLN F 298 15.50 -50.74 -7.64
N ALA F 299 15.62 -49.44 -7.88
CA ALA F 299 15.41 -48.89 -9.22
C ALA F 299 16.44 -49.38 -10.23
N SER F 300 17.67 -49.64 -9.80
CA SER F 300 18.72 -49.98 -10.76
C SER F 300 18.87 -51.48 -11.01
N CYS F 301 18.44 -52.32 -10.07
CA CYS F 301 18.66 -53.75 -10.20
C CYS F 301 17.79 -54.33 -11.32
N GLU F 302 18.29 -55.38 -11.95
CA GLU F 302 17.59 -56.04 -13.04
C GLU F 302 17.62 -57.55 -12.92
N PRO F 303 17.00 -58.10 -11.86
CA PRO F 303 16.86 -59.55 -11.74
C PRO F 303 15.90 -60.06 -12.82
N GLU F 304 15.93 -61.35 -13.11
CA GLU F 304 14.99 -61.92 -14.06
C GLU F 304 13.56 -61.68 -13.59
N GLU F 305 13.33 -61.82 -12.29
CA GLU F 305 12.01 -61.54 -11.73
C GLU F 305 12.09 -60.81 -10.39
N TYR F 306 11.14 -59.90 -10.17
CA TYR F 306 11.02 -59.13 -8.95
C TYR F 306 9.64 -59.44 -8.36
N TRP F 307 9.60 -59.99 -7.15
CA TRP F 307 8.31 -60.29 -6.53
C TRP F 307 8.08 -59.37 -5.34
N ILE F 308 6.85 -58.87 -5.20
CA ILE F 308 6.48 -58.21 -3.96
C ILE F 308 5.28 -58.90 -3.32
N VAL F 309 5.50 -59.43 -2.11
CA VAL F 309 4.49 -60.07 -1.29
C VAL F 309 4.04 -59.11 -0.19
N ASP F 310 2.76 -58.82 -0.08
CA ASP F 310 2.25 -57.91 0.91
C ASP F 310 0.71 -58.03 1.08
N ASP F 311 0.00 -57.80 2.18
N ASP F 311 0.03 -57.76 2.18
CA ASP F 311 -1.43 -58.11 2.23
CA ASP F 311 -1.39 -58.09 2.30
C ASP F 311 -2.28 -56.94 1.80
C ASP F 311 -2.27 -56.93 1.83
N ILE F 312 -1.62 -55.88 1.33
CA ILE F 312 -2.29 -54.76 0.67
C ILE F 312 -2.22 -54.78 -0.86
N GLU F 313 -3.16 -54.10 -1.53
CA GLU F 313 -3.39 -54.30 -2.95
C GLU F 313 -2.63 -53.33 -3.84
N GLY F 314 -2.52 -53.66 -5.12
CA GLY F 314 -2.01 -52.75 -6.12
C GLY F 314 -0.52 -52.86 -6.33
N ARG F 315 0.00 -52.16 -7.33
N ARG F 315 -0.01 -52.12 -7.30
CA ARG F 315 1.44 -52.22 -7.55
CA ARG F 315 1.43 -52.13 -7.58
C ARG F 315 2.17 -51.54 -6.40
C ARG F 315 2.18 -51.52 -6.39
N LEU F 316 3.33 -52.09 -6.05
CA LEU F 316 4.12 -51.61 -4.91
C LEU F 316 5.59 -51.38 -5.27
N ASP F 317 5.92 -51.59 -6.53
CA ASP F 317 7.29 -51.43 -7.04
C ASP F 317 7.39 -50.16 -7.87
N PRO F 318 7.94 -49.07 -7.29
CA PRO F 318 7.95 -47.81 -8.03
C PRO F 318 8.95 -47.80 -9.18
N ALA F 319 9.67 -48.91 -9.36
CA ALA F 319 10.60 -49.07 -10.49
C ALA F 319 10.03 -49.97 -11.57
N HIS F 320 8.84 -50.52 -11.32
CA HIS F 320 8.08 -51.25 -12.35
C HIS F 320 8.79 -52.45 -12.98
N HIS F 321 9.45 -53.27 -12.16
CA HIS F 321 10.13 -54.47 -12.66
C HIS F 321 9.19 -55.51 -13.27
N ARG F 322 9.73 -56.26 -14.21
CA ARG F 322 9.12 -57.51 -14.65
C ARG F 322 9.07 -58.47 -13.46
N GLY F 323 7.92 -59.06 -13.20
CA GLY F 323 7.80 -59.93 -12.04
C GLY F 323 6.38 -60.17 -11.56
N ARG F 324 6.22 -60.20 -10.25
CA ARG F 324 4.95 -60.61 -9.66
C ARG F 324 4.55 -59.75 -8.47
N ARG F 325 3.26 -59.53 -8.33
CA ARG F 325 2.72 -58.76 -7.22
C ARG F 325 1.73 -59.70 -6.52
N LEU F 326 2.13 -60.21 -5.37
CA LEU F 326 1.40 -61.31 -4.71
C LEU F 326 0.72 -60.79 -3.47
N ILE F 327 -0.61 -60.89 -3.45
CA ILE F 327 -1.39 -60.37 -2.34
C ILE F 327 -1.67 -61.49 -1.33
N ALA F 328 -1.13 -61.34 -0.13
CA ALA F 328 -1.24 -62.38 0.87
C ALA F 328 -0.83 -61.85 2.23
N ASN F 329 -1.35 -62.48 3.27
CA ASN F 329 -0.73 -62.34 4.58
C ASN F 329 0.67 -62.94 4.50
N ILE F 330 1.68 -62.19 4.92
CA ILE F 330 3.08 -62.58 4.72
C ILE F 330 3.42 -63.91 5.43
N ALA F 331 2.93 -64.10 6.66
CA ALA F 331 3.18 -65.33 7.37
C ALA F 331 2.57 -66.50 6.61
N ASP F 332 1.31 -66.34 6.19
CA ASP F 332 0.65 -67.37 5.39
C ASP F 332 1.44 -67.67 4.13
N TRP F 333 1.94 -66.61 3.48
CA TRP F 333 2.65 -66.76 2.23
C TRP F 333 3.91 -67.59 2.42
N LEU F 334 4.62 -67.35 3.51
CA LEU F 334 5.85 -68.08 3.78
C LEU F 334 5.60 -69.57 4.02
N GLU F 335 4.47 -69.90 4.62
CA GLU F 335 4.11 -71.30 4.86
C GLU F 335 3.75 -71.98 3.54
N LEU F 336 3.16 -71.21 2.65
CA LEU F 336 2.77 -71.70 1.34
C LEU F 336 3.99 -71.84 0.44
N HIS F 337 5.03 -71.05 0.71
CA HIS F 337 6.25 -71.06 -0.07
C HIS F 337 7.48 -71.20 0.83
N PRO F 338 7.65 -72.40 1.39
CA PRO F 338 8.69 -72.62 2.40
C PRO F 338 10.10 -72.55 1.82
N ALA F 339 11.03 -72.24 2.70
CA ALA F 339 12.43 -72.20 2.34
C ALA F 339 13.00 -73.62 2.26
N GLU F 340 14.06 -73.76 1.47
CA GLU F 340 14.88 -74.95 1.42
C GLU F 340 16.26 -74.57 1.92
N LYS F 341 16.90 -75.45 2.68
CA LYS F 341 18.24 -75.18 3.19
C LYS F 341 19.25 -75.11 2.04
N ARG F 342 19.88 -73.97 1.83
CA ARG F 342 20.85 -73.81 0.75
C ARG F 342 22.06 -73.01 1.20
N GLN F 343 23.19 -73.26 0.56
CA GLN F 343 24.40 -72.51 0.87
C GLN F 343 24.28 -71.02 0.50
N PRO F 344 24.63 -70.14 1.44
CA PRO F 344 24.63 -68.71 1.11
C PRO F 344 25.56 -68.38 -0.05
N TRP F 345 25.12 -67.50 -0.95
CA TRP F 345 25.90 -67.21 -2.14
C TRP F 345 26.65 -65.87 -2.08
N CYS F 346 26.28 -65.00 -1.14
CA CYS F 346 26.97 -63.72 -0.99
C CYS F 346 28.20 -63.85 -0.12
N VAL F 347 29.29 -63.19 -0.52
CA VAL F 347 30.51 -63.22 0.27
C VAL F 347 31.00 -61.80 0.58
N GLU F 348 30.80 -60.88 -0.34
CA GLU F 348 31.33 -59.54 -0.17
C GLU F 348 30.47 -58.69 0.77
N ILE F 349 29.16 -58.82 0.68
CA ILE F 349 28.28 -57.92 1.40
C ILE F 349 28.31 -58.12 2.91
N PRO F 350 28.39 -59.38 3.38
CA PRO F 350 28.55 -59.57 4.82
C PRO F 350 29.80 -58.86 5.37
N ARG F 351 30.88 -58.84 4.61
CA ARG F 351 32.08 -58.12 5.03
C ARG F 351 31.80 -56.63 5.13
N LEU F 352 31.18 -56.09 4.08
CA LEU F 352 30.88 -54.67 4.00
C LEU F 352 29.93 -54.20 5.09
N ALA F 353 28.89 -54.99 5.36
CA ALA F 353 27.92 -54.60 6.37
C ALA F 353 28.56 -54.51 7.74
N GLU F 354 29.44 -55.46 8.06
CA GLU F 354 30.14 -55.42 9.33
C GLU F 354 31.03 -54.19 9.42
N GLN F 355 31.74 -53.88 8.35
CA GLN F 355 32.61 -52.71 8.32
C GLN F 355 31.83 -51.40 8.42
N ALA F 356 30.65 -51.38 7.79
CA ALA F 356 29.80 -50.21 7.85
C ALA F 356 29.37 -49.98 9.30
N MET F 357 28.88 -51.02 9.96
CA MET F 357 28.46 -50.88 11.36
C MET F 357 29.65 -50.45 12.23
N GLN F 358 30.84 -50.99 11.97
CA GLN F 358 31.99 -50.56 12.78
C GLN F 358 32.23 -49.05 12.63
N ALA F 359 32.06 -48.56 11.40
CA ALA F 359 32.24 -47.13 11.12
C ALA F 359 31.24 -46.29 11.90
N VAL F 360 30.01 -46.77 12.00
CA VAL F 360 29.01 -46.02 12.74
C VAL F 360 29.34 -46.07 14.23
N ILE F 361 29.72 -47.26 14.69
CA ILE F 361 30.07 -47.44 16.09
C ILE F 361 31.23 -46.53 16.49
N ALA F 362 32.15 -46.32 15.57
CA ALA F 362 33.29 -45.46 15.86
C ALA F 362 32.87 -44.03 16.22
N ARG F 363 31.68 -43.64 15.78
CA ARG F 363 31.21 -42.28 15.96
C ARG F 363 30.05 -42.19 16.94
N ARG F 364 29.93 -43.16 17.84
CA ARG F 364 28.74 -43.26 18.68
C ARG F 364 28.69 -42.23 19.83
N ASP F 365 29.81 -41.58 20.13
CA ASP F 365 29.92 -40.83 21.38
C ASP F 365 29.30 -39.42 21.39
N ALA F 366 29.39 -38.69 20.28
CA ALA F 366 28.86 -37.34 20.24
C ALA F 366 27.38 -37.31 20.64
N PHE F 367 26.97 -36.27 21.36
CA PHE F 367 25.59 -36.14 21.82
C PHE F 367 24.73 -35.53 20.72
N GLY F 368 24.52 -36.27 19.63
CA GLY F 368 23.75 -35.80 18.49
C GLY F 368 22.62 -36.73 18.08
N GLU F 369 21.79 -36.30 17.12
CA GLU F 369 20.64 -37.11 16.70
C GLU F 369 21.08 -38.37 15.92
N ALA F 370 22.19 -38.29 15.20
CA ALA F 370 22.70 -39.48 14.51
C ALA F 370 23.09 -40.54 15.53
N GLN F 371 23.75 -40.11 16.60
CA GLN F 371 24.17 -41.02 17.64
C GLN F 371 22.97 -41.58 18.41
N LEU F 372 21.97 -40.73 18.64
CA LEU F 372 20.75 -41.18 19.31
C LEU F 372 20.12 -42.29 18.49
N ALA F 373 20.01 -42.07 17.18
CA ALA F 373 19.45 -43.07 16.27
C ALA F 373 20.25 -44.37 16.30
N HIS F 374 21.57 -44.28 16.21
CA HIS F 374 22.41 -45.47 16.25
C HIS F 374 22.19 -46.31 17.51
N ARG F 375 22.07 -45.62 18.63
CA ARG F 375 22.03 -46.23 19.95
C ARG F 375 20.63 -46.56 20.42
N ILE F 376 19.62 -46.28 19.61
CA ILE F 376 18.27 -46.35 20.11
C ILE F 376 17.91 -47.79 20.52
N CYS F 377 18.55 -48.78 19.90
CA CYS F 377 18.28 -50.18 20.25
C CYS F 377 18.59 -50.45 21.74
N ASP F 378 19.54 -49.71 22.30
CA ASP F 378 19.92 -49.84 23.71
C ASP F 378 18.92 -49.25 24.72
N TYR F 379 17.95 -48.48 24.22
CA TYR F 379 17.01 -47.74 25.04
C TYR F 379 15.54 -48.16 24.87
N LEU F 380 15.31 -49.22 24.10
CA LEU F 380 13.94 -49.71 23.87
C LEU F 380 13.33 -50.26 25.16
N PRO F 381 12.10 -49.83 25.48
CA PRO F 381 11.47 -50.34 26.71
C PRO F 381 11.19 -51.83 26.68
N GLU F 382 11.42 -52.53 27.79
CA GLU F 382 11.17 -53.97 27.80
C GLU F 382 9.69 -54.28 27.59
N GLN F 383 9.41 -55.22 26.68
CA GLN F 383 8.05 -55.62 26.36
C GLN F 383 7.25 -54.44 25.84
N GLY F 384 7.94 -53.50 25.20
CA GLY F 384 7.31 -52.29 24.70
C GLY F 384 7.26 -52.21 23.19
N GLN F 385 7.11 -51.00 22.67
CA GLN F 385 7.00 -50.78 21.22
C GLN F 385 7.62 -49.43 20.87
N LEU F 386 8.11 -49.32 19.64
CA LEU F 386 8.74 -48.10 19.16
C LEU F 386 7.85 -47.45 18.13
N PHE F 387 7.57 -46.15 18.29
CA PHE F 387 6.93 -45.39 17.24
C PHE F 387 7.92 -44.40 16.66
N VAL F 388 8.23 -44.57 15.37
CA VAL F 388 9.23 -43.73 14.74
C VAL F 388 8.60 -42.67 13.86
N GLY F 389 8.98 -41.42 14.09
CA GLY F 389 8.44 -40.32 13.32
C GLY F 389 9.05 -40.26 11.93
N ASN F 390 8.59 -39.33 11.11
CA ASN F 390 9.09 -39.22 9.75
C ASN F 390 10.20 -38.19 9.65
N SER F 391 10.77 -38.08 8.45
CA SER F 391 11.91 -37.21 8.14
C SER F 391 13.21 -37.85 8.64
N LEU F 392 14.09 -37.09 9.29
CA LEU F 392 15.42 -37.64 9.60
C LEU F 392 15.38 -38.81 10.58
N VAL F 393 14.44 -38.79 11.53
CA VAL F 393 14.50 -39.84 12.57
C VAL F 393 14.37 -41.25 11.99
N VAL F 394 13.40 -41.47 11.11
CA VAL F 394 13.26 -42.81 10.53
C VAL F 394 14.45 -43.15 9.62
N ARG F 395 14.96 -42.16 8.90
N ARG F 395 14.97 -42.15 8.91
CA ARG F 395 16.10 -42.40 8.01
CA ARG F 395 16.09 -42.39 8.01
C ARG F 395 17.37 -42.72 8.78
C ARG F 395 17.37 -42.71 8.77
N LEU F 396 17.61 -41.98 9.87
CA LEU F 396 18.83 -42.19 10.68
C LEU F 396 18.79 -43.52 11.42
N ILE F 397 17.64 -43.89 11.97
CA ILE F 397 17.54 -45.18 12.63
C ILE F 397 17.74 -46.31 11.62
N ASP F 398 17.10 -46.18 10.47
CA ASP F 398 17.24 -47.17 9.41
C ASP F 398 18.70 -47.31 8.96
N ALA F 399 19.38 -46.18 8.86
CA ALA F 399 20.75 -46.17 8.33
C ALA F 399 21.79 -46.60 9.34
N LEU F 400 21.56 -46.28 10.62
CA LEU F 400 22.62 -46.34 11.61
C LEU F 400 22.42 -47.34 12.75
N SER F 401 21.21 -47.85 12.90
CA SER F 401 20.92 -48.74 14.02
C SER F 401 20.56 -50.13 13.55
N GLN F 402 20.70 -51.09 14.45
CA GLN F 402 20.29 -52.45 14.21
C GLN F 402 19.22 -52.79 15.24
N LEU F 403 17.96 -52.81 14.84
CA LEU F 403 16.88 -53.07 15.76
C LEU F 403 16.63 -54.56 15.96
N PRO F 404 16.26 -54.96 17.18
CA PRO F 404 16.06 -56.38 17.49
C PRO F 404 14.93 -57.03 16.69
N ALA F 405 15.14 -58.27 16.27
CA ALA F 405 14.10 -59.03 15.59
C ALA F 405 12.89 -59.15 16.48
N GLY F 406 11.71 -58.96 15.89
CA GLY F 406 10.48 -59.14 16.63
C GLY F 406 10.08 -58.01 17.58
N TYR F 407 10.90 -56.97 17.70
CA TYR F 407 10.53 -55.82 18.52
C TYR F 407 9.62 -54.87 17.73
N PRO F 408 8.39 -54.68 18.19
CA PRO F 408 7.40 -53.94 17.39
C PRO F 408 7.77 -52.49 17.11
N VAL F 409 7.69 -52.14 15.83
CA VAL F 409 7.91 -50.79 15.33
C VAL F 409 6.66 -50.32 14.58
N TYR F 410 6.25 -49.10 14.88
CA TYR F 410 5.11 -48.49 14.21
C TYR F 410 5.47 -47.13 13.63
N SER F 411 4.74 -46.72 12.61
CA SER F 411 5.04 -45.49 11.89
C SER F 411 3.87 -45.10 11.00
N ASN F 412 3.92 -43.86 10.50
CA ASN F 412 3.02 -43.42 9.43
C ASN F 412 3.84 -43.23 8.16
N ALA F 413 4.29 -44.34 7.56
CA ALA F 413 5.24 -44.26 6.45
C ALA F 413 4.59 -44.47 5.08
N GLY F 414 3.27 -44.39 5.02
CA GLY F 414 2.59 -44.48 3.74
C GLY F 414 2.79 -43.21 2.92
N ALA F 415 2.21 -42.11 3.42
CA ALA F 415 2.38 -40.80 2.79
C ALA F 415 3.47 -40.03 3.51
N SER F 416 3.95 -40.61 4.61
CA SER F 416 5.04 -40.03 5.41
C SER F 416 4.75 -38.59 5.85
N GLY F 417 3.50 -38.35 6.24
CA GLY F 417 3.12 -37.04 6.71
C GLY F 417 3.70 -36.71 8.08
N ILE F 418 4.04 -35.44 8.29
CA ILE F 418 4.48 -35.02 9.61
C ILE F 418 3.35 -34.35 10.38
N ASP F 419 2.11 -34.58 9.95
CA ASP F 419 0.98 -33.82 10.48
C ASP F 419 0.18 -34.50 11.60
N GLY F 420 0.45 -35.76 11.88
CA GLY F 420 -0.35 -36.45 12.89
C GLY F 420 0.39 -37.42 13.79
N LEU F 421 1.65 -37.15 14.03
CA LEU F 421 2.51 -38.16 14.64
C LEU F 421 2.27 -38.35 16.15
N LEU F 422 1.95 -37.27 16.87
CA LEU F 422 1.68 -37.39 18.31
C LEU F 422 0.35 -38.09 18.58
N SER F 423 -0.69 -37.69 17.85
CA SER F 423 -2.00 -38.32 18.02
C SER F 423 -1.96 -39.78 17.56
N THR F 424 -1.22 -40.09 16.50
CA THR F 424 -1.08 -41.49 16.10
C THR F 424 -0.39 -42.29 17.19
N ALA F 425 0.70 -41.74 17.75
CA ALA F 425 1.43 -42.42 18.81
C ALA F 425 0.53 -42.68 20.02
N ALA F 426 -0.35 -41.73 20.31
CA ALA F 426 -1.29 -41.89 21.41
C ALA F 426 -2.20 -43.11 21.21
N GLY F 427 -2.67 -43.28 19.98
CA GLY F 427 -3.54 -44.39 19.62
C GLY F 427 -2.80 -45.72 19.65
N VAL F 428 -1.56 -45.69 19.19
CA VAL F 428 -0.68 -46.86 19.19
C VAL F 428 -0.51 -47.35 20.63
N GLN F 429 -0.27 -46.41 21.54
CA GLN F 429 -0.11 -46.75 22.94
C GLN F 429 -1.41 -47.34 23.52
N ARG F 430 -2.52 -46.65 23.32
CA ARG F 430 -3.78 -47.09 23.93
C ARG F 430 -4.22 -48.44 23.42
N ALA F 431 -3.94 -48.72 22.15
CA ALA F 431 -4.37 -49.97 21.52
C ALA F 431 -3.76 -51.20 22.19
N SER F 432 -2.45 -51.15 22.45
CA SER F 432 -1.76 -52.33 22.96
C SER F 432 -1.57 -52.32 24.47
N GLY F 433 -1.62 -51.12 25.07
CA GLY F 433 -1.37 -50.96 26.48
C GLY F 433 0.09 -51.13 26.87
N LYS F 434 0.98 -51.11 25.88
CA LYS F 434 2.40 -51.34 26.11
C LYS F 434 3.17 -50.06 26.37
N PRO F 435 4.28 -50.18 27.13
CA PRO F 435 5.23 -49.07 27.25
C PRO F 435 5.69 -48.67 25.87
N THR F 436 5.77 -47.37 25.60
CA THR F 436 5.99 -46.90 24.24
C THR F 436 7.09 -45.87 24.18
N LEU F 437 7.99 -46.04 23.22
CA LEU F 437 9.00 -45.01 22.94
C LEU F 437 8.64 -44.38 21.62
N ALA F 438 8.34 -43.08 21.62
CA ALA F 438 8.01 -42.36 20.39
C ALA F 438 9.05 -41.29 20.14
N ILE F 439 9.54 -41.20 18.91
CA ILE F 439 10.58 -40.25 18.55
C ILE F 439 10.17 -39.44 17.33
N VAL F 440 10.15 -38.12 17.48
CA VAL F 440 9.74 -37.22 16.41
C VAL F 440 10.65 -35.97 16.33
N GLY F 441 10.58 -35.28 15.20
CA GLY F 441 11.32 -34.05 15.01
C GLY F 441 10.55 -32.85 15.55
N ASP F 442 11.20 -31.69 15.57
CA ASP F 442 10.62 -30.48 16.17
C ASP F 442 9.43 -29.91 15.38
N LEU F 443 9.51 -29.85 14.05
CA LEU F 443 8.37 -29.36 13.28
C LEU F 443 7.20 -30.33 13.42
N SER F 444 7.52 -31.61 13.49
CA SER F 444 6.51 -32.64 13.67
C SER F 444 5.74 -32.44 14.97
N ALA F 445 6.48 -32.17 16.04
CA ALA F 445 5.87 -31.96 17.35
C ALA F 445 5.05 -30.67 17.34
N LEU F 446 5.53 -29.64 16.65
CA LEU F 446 4.74 -28.42 16.54
C LEU F 446 3.45 -28.65 15.75
N TYR F 447 3.57 -29.42 14.67
CA TYR F 447 2.44 -29.67 13.79
C TYR F 447 1.26 -30.26 14.57
N ASP F 448 1.54 -31.26 15.40
CA ASP F 448 0.49 -31.94 16.15
C ASP F 448 0.57 -31.60 17.64
N LEU F 449 0.98 -30.36 17.92
CA LEU F 449 1.21 -29.94 19.31
C LEU F 449 0.01 -30.13 20.23
N ASN F 450 -1.22 -29.88 19.76
CA ASN F 450 -2.36 -30.00 20.67
C ASN F 450 -2.71 -31.46 20.99
N ALA F 451 -2.04 -32.40 20.34
CA ALA F 451 -2.20 -33.81 20.66
C ALA F 451 -1.52 -34.17 21.98
N LEU F 452 -0.74 -33.25 22.54
CA LEU F 452 -0.22 -33.46 23.89
C LEU F 452 -1.39 -33.62 24.86
N ALA F 453 -2.55 -33.05 24.51
CA ALA F 453 -3.75 -33.22 25.35
C ALA F 453 -4.11 -34.70 25.49
N LEU F 454 -4.01 -35.45 24.40
CA LEU F 454 -4.30 -36.87 24.41
C LEU F 454 -3.29 -37.66 25.22
N LEU F 455 -2.05 -37.20 25.22
CA LEU F 455 -0.97 -37.93 25.87
C LEU F 455 -1.04 -37.79 27.39
N ARG F 456 -2.02 -37.03 27.86
CA ARG F 456 -2.31 -36.97 29.30
C ARG F 456 -2.97 -38.28 29.76
N GLN F 457 -3.44 -39.07 28.80
CA GLN F 457 -4.07 -40.35 29.10
C GLN F 457 -3.44 -41.49 28.30
N VAL F 458 -2.47 -42.15 28.93
CA VAL F 458 -1.86 -43.36 28.42
C VAL F 458 -1.93 -44.41 29.52
N SER F 459 -1.94 -45.68 29.14
CA SER F 459 -2.16 -46.79 30.09
C SER F 459 -0.87 -47.43 30.58
N ALA F 460 0.24 -46.96 30.02
CA ALA F 460 1.60 -47.39 30.35
C ALA F 460 2.53 -46.23 30.01
N PRO F 461 3.77 -46.25 30.53
CA PRO F 461 4.63 -45.10 30.22
C PRO F 461 4.85 -44.90 28.73
N LEU F 462 4.83 -43.64 28.32
CA LEU F 462 5.17 -43.27 26.95
C LEU F 462 6.24 -42.20 27.03
N VAL F 463 7.39 -42.50 26.43
CA VAL F 463 8.43 -41.50 26.34
C VAL F 463 8.38 -40.88 24.94
N LEU F 464 8.15 -39.57 24.90
CA LEU F 464 8.18 -38.83 23.66
C LEU F 464 9.48 -38.06 23.58
N ILE F 465 10.39 -38.54 22.74
CA ILE F 465 11.61 -37.80 22.48
C ILE F 465 11.33 -36.82 21.33
N VAL F 466 11.55 -35.54 21.56
CA VAL F 466 11.47 -34.55 20.50
C VAL F 466 12.88 -34.14 20.16
N VAL F 467 13.31 -34.48 18.94
CA VAL F 467 14.63 -34.08 18.45
C VAL F 467 14.54 -32.67 17.89
N ASN F 468 15.14 -31.72 18.60
CA ASN F 468 15.04 -30.33 18.21
C ASN F 468 16.33 -29.85 17.54
N ASN F 469 16.35 -29.88 16.21
CA ASN F 469 17.48 -29.38 15.44
C ASN F 469 17.08 -28.09 14.70
N ASN F 470 16.03 -27.45 15.19
CA ASN F 470 15.61 -26.12 14.74
C ASN F 470 15.30 -26.04 13.24
N GLY F 471 14.26 -26.76 12.86
CA GLY F 471 13.80 -26.74 11.49
C GLY F 471 13.70 -28.14 10.94
N GLY F 472 13.35 -28.23 9.66
CA GLY F 472 13.27 -29.52 8.99
C GLY F 472 14.61 -29.86 8.37
N GLN F 473 15.49 -30.47 9.16
CA GLN F 473 16.88 -30.61 8.73
C GLN F 473 17.09 -31.70 7.66
N ILE F 474 16.02 -32.40 7.30
CA ILE F 474 16.09 -33.24 6.10
C ILE F 474 16.46 -32.36 4.90
N PHE F 475 16.16 -31.07 4.96
CA PHE F 475 16.48 -30.16 3.86
C PHE F 475 17.93 -29.65 3.90
N SER F 476 18.66 -30.10 4.93
CA SER F 476 20.11 -29.95 5.00
C SER F 476 20.81 -31.21 4.49
N LEU F 477 20.05 -32.29 4.38
CA LEU F 477 20.52 -33.53 3.79
C LEU F 477 20.32 -33.51 2.28
N LEU F 478 19.11 -33.14 1.86
CA LEU F 478 18.83 -32.90 0.45
C LEU F 478 19.66 -31.74 -0.06
N PRO F 479 20.01 -31.75 -1.34
CA PRO F 479 20.82 -30.67 -1.93
C PRO F 479 20.01 -29.41 -2.26
N THR F 480 19.27 -28.87 -1.30
CA THR F 480 18.51 -27.64 -1.51
C THR F 480 19.46 -26.46 -1.67
N PRO F 481 19.04 -25.43 -2.41
CA PRO F 481 19.90 -24.26 -2.64
C PRO F 481 20.17 -23.48 -1.37
N GLN F 482 21.42 -23.11 -1.13
CA GLN F 482 21.80 -22.50 0.15
C GLN F 482 21.11 -21.16 0.42
N SER F 483 20.93 -20.35 -0.61
CA SER F 483 20.38 -19.01 -0.41
C SER F 483 18.94 -19.06 0.11
N GLU F 484 18.15 -20.01 -0.38
CA GLU F 484 16.75 -20.10 0.01
C GLU F 484 16.51 -21.13 1.12
N ARG F 485 17.56 -21.85 1.50
CA ARG F 485 17.37 -23.02 2.34
C ARG F 485 16.70 -22.71 3.69
N GLU F 486 17.19 -21.69 4.39
CA GLU F 486 16.64 -21.42 5.73
C GLU F 486 15.19 -20.93 5.69
N ARG F 487 14.93 -19.90 4.89
CA ARG F 487 13.60 -19.30 4.89
C ARG F 487 12.55 -20.23 4.27
N PHE F 488 12.91 -20.89 3.18
CA PHE F 488 11.88 -21.58 2.42
C PHE F 488 11.89 -23.10 2.57
N TYR F 489 12.89 -23.64 3.25
CA TYR F 489 12.95 -25.09 3.48
C TYR F 489 13.02 -25.46 4.96
N LEU F 490 14.10 -25.06 5.63
CA LEU F 490 14.32 -25.46 7.02
C LEU F 490 13.23 -24.92 7.95
N MET F 491 12.89 -23.66 7.74
CA MET F 491 11.89 -22.97 8.53
C MET F 491 12.04 -23.20 10.03
N PRO F 492 13.21 -22.84 10.57
CA PRO F 492 13.41 -22.91 12.02
C PRO F 492 12.37 -22.09 12.75
N GLN F 493 11.83 -22.63 13.83
CA GLN F 493 10.81 -21.94 14.58
C GLN F 493 11.35 -21.41 15.90
N ASN F 494 12.59 -21.80 16.23
CA ASN F 494 13.27 -21.29 17.42
C ASN F 494 12.41 -21.37 18.68
N VAL F 495 11.99 -22.57 19.01
N VAL F 495 11.96 -22.57 18.98
CA VAL F 495 11.19 -22.80 20.19
CA VAL F 495 11.16 -22.81 20.19
C VAL F 495 11.78 -23.95 20.99
C VAL F 495 11.79 -23.95 21.00
N HIS F 496 11.35 -24.09 22.24
CA HIS F 496 11.60 -25.30 23.02
C HIS F 496 10.26 -25.81 23.47
N PHE F 497 10.23 -26.99 24.07
CA PHE F 497 8.97 -27.66 24.36
C PHE F 497 8.70 -27.78 25.86
N GLU F 498 9.47 -27.06 26.66
CA GLU F 498 9.29 -27.09 28.10
C GLU F 498 7.90 -26.57 28.49
N HIS F 499 7.47 -25.47 27.89
CA HIS F 499 6.16 -24.91 28.23
C HIS F 499 4.99 -25.72 27.68
N ALA F 500 5.18 -26.37 26.53
CA ALA F 500 4.15 -27.27 26.01
C ALA F 500 3.89 -28.41 27.00
N ALA F 501 4.96 -29.00 27.53
CA ALA F 501 4.82 -30.06 28.51
C ALA F 501 4.11 -29.54 29.76
N ALA F 502 4.53 -28.37 30.23
CA ALA F 502 3.93 -27.74 31.41
C ALA F 502 2.44 -27.46 31.21
N MET F 503 2.07 -27.02 30.01
CA MET F 503 0.66 -26.71 29.72
C MET F 503 -0.23 -27.92 29.94
N PHE F 504 0.29 -29.10 29.62
CA PHE F 504 -0.50 -30.32 29.72
C PHE F 504 -0.06 -31.17 30.89
N GLU F 505 0.70 -30.56 31.80
CA GLU F 505 1.08 -31.20 33.05
C GLU F 505 1.81 -32.52 32.85
N LEU F 506 2.70 -32.52 31.85
CA LEU F 506 3.55 -33.68 31.55
C LEU F 506 4.96 -33.43 32.04
N LYS F 507 5.57 -34.45 32.64
CA LYS F 507 6.96 -34.37 33.04
C LYS F 507 7.83 -34.03 31.84
N TYR F 508 8.90 -33.28 32.09
CA TYR F 508 9.76 -32.78 31.02
C TYR F 508 11.25 -32.84 31.41
N HIS F 509 12.07 -33.28 30.47
CA HIS F 509 13.53 -33.27 30.62
C HIS F 509 14.19 -32.66 29.39
N ARG F 510 15.26 -31.91 29.60
CA ARG F 510 16.13 -31.47 28.52
C ARG F 510 17.56 -31.89 28.81
N PRO F 511 17.87 -33.19 28.61
CA PRO F 511 19.17 -33.75 28.97
C PRO F 511 20.32 -33.15 28.15
N GLN F 512 21.44 -32.89 28.81
CA GLN F 512 22.57 -32.23 28.19
C GLN F 512 23.65 -33.23 27.77
N ASN F 513 23.53 -34.47 28.25
CA ASN F 513 24.48 -35.52 27.93
C ASN F 513 23.85 -36.91 28.06
N TRP F 514 24.61 -37.95 27.73
CA TRP F 514 24.05 -39.31 27.76
C TRP F 514 23.64 -39.75 29.15
N GLN F 515 24.42 -39.35 30.17
CA GLN F 515 24.07 -39.72 31.53
C GLN F 515 22.71 -39.15 31.91
N GLU F 516 22.47 -37.89 31.56
CA GLU F 516 21.20 -37.23 31.87
C GLU F 516 20.05 -37.84 31.08
N LEU F 517 20.32 -38.24 29.84
CA LEU F 517 19.30 -38.93 29.04
C LEU F 517 18.91 -40.26 29.66
N GLU F 518 19.89 -41.04 30.10
CA GLU F 518 19.58 -42.32 30.70
C GLU F 518 18.84 -42.14 32.04
N THR F 519 19.20 -41.11 32.79
CA THR F 519 18.50 -40.81 34.03
C THR F 519 17.04 -40.48 33.74
N ALA F 520 16.82 -39.70 32.70
CA ALA F 520 15.46 -39.32 32.32
C ALA F 520 14.65 -40.57 31.94
N PHE F 521 15.25 -41.46 31.16
CA PHE F 521 14.59 -42.69 30.75
C PHE F 521 14.19 -43.49 32.00
N ALA F 522 15.13 -43.63 32.92
CA ALA F 522 14.90 -44.42 34.13
C ALA F 522 13.71 -43.89 34.92
N ASP F 523 13.61 -42.57 35.02
CA ASP F 523 12.52 -41.90 35.70
C ASP F 523 11.21 -42.20 34.99
N ALA F 524 11.24 -42.07 33.66
CA ALA F 524 10.04 -42.13 32.83
C ALA F 524 9.33 -43.49 32.84
N TRP F 525 10.06 -44.58 32.82
CA TRP F 525 9.42 -45.89 32.69
C TRP F 525 8.70 -46.30 33.98
N ARG F 526 8.86 -45.51 35.04
CA ARG F 526 8.31 -45.89 36.36
C ARG F 526 6.81 -45.67 36.53
N THR F 527 6.20 -44.79 35.75
CA THR F 527 4.77 -44.52 35.88
C THR F 527 4.04 -44.51 34.53
N PRO F 528 2.73 -44.83 34.54
CA PRO F 528 1.90 -44.85 33.34
C PRO F 528 1.52 -43.45 32.88
N THR F 529 2.53 -42.68 32.54
CA THR F 529 2.34 -41.32 32.06
C THR F 529 3.25 -41.03 30.89
N THR F 530 2.97 -39.93 30.21
CA THR F 530 3.83 -39.46 29.13
C THR F 530 4.90 -38.54 29.69
N THR F 531 6.15 -38.81 29.33
CA THR F 531 7.27 -37.92 29.67
C THR F 531 7.83 -37.34 28.38
N VAL F 532 8.00 -36.03 28.36
CA VAL F 532 8.60 -35.38 27.20
C VAL F 532 10.10 -35.19 27.43
N ILE F 533 10.91 -35.76 26.53
CA ILE F 533 12.36 -35.59 26.57
C ILE F 533 12.79 -34.81 25.33
N GLU F 534 13.23 -33.58 25.53
CA GLU F 534 13.67 -32.75 24.40
C GLU F 534 15.17 -32.85 24.21
N MET F 535 15.59 -33.36 23.05
CA MET F 535 17.02 -33.43 22.77
C MET F 535 17.37 -32.30 21.83
N VAL F 536 18.04 -31.30 22.38
CA VAL F 536 18.46 -30.15 21.60
C VAL F 536 19.83 -30.44 20.99
N VAL F 537 19.90 -30.34 19.67
CA VAL F 537 21.14 -30.70 18.96
C VAL F 537 21.51 -29.61 17.96
N ASN F 538 22.78 -29.57 17.57
CA ASN F 538 23.23 -28.61 16.57
C ASN F 538 22.53 -28.92 15.27
N ASP F 539 21.95 -27.89 14.65
CA ASP F 539 21.06 -28.07 13.51
C ASP F 539 21.51 -29.09 12.47
N THR F 540 22.70 -28.92 11.90
CA THR F 540 23.04 -29.71 10.72
C THR F 540 23.93 -30.94 10.97
N ASP F 541 24.28 -31.21 12.22
CA ASP F 541 25.20 -32.30 12.54
C ASP F 541 24.71 -33.68 12.10
N GLY F 542 23.43 -33.96 12.27
CA GLY F 542 22.87 -35.25 11.91
C GLY F 542 22.99 -35.50 10.43
N ALA F 543 22.55 -34.53 9.64
CA ALA F 543 22.60 -34.65 8.18
C ALA F 543 24.03 -34.81 7.72
N GLN F 544 24.93 -34.02 8.29
CA GLN F 544 26.32 -34.08 7.89
C GLN F 544 26.97 -35.40 8.28
N THR F 545 26.61 -35.91 9.45
CA THR F 545 27.19 -37.17 9.90
C THR F 545 26.81 -38.31 8.97
N LEU F 546 25.54 -38.33 8.57
CA LEU F 546 25.07 -39.35 7.65
C LEU F 546 25.83 -39.24 6.32
N GLN F 547 26.00 -38.02 5.82
CA GLN F 547 26.71 -37.80 4.56
C GLN F 547 28.16 -38.30 4.67
N GLN F 548 28.79 -38.01 5.80
CA GLN F 548 30.18 -38.41 5.99
C GLN F 548 30.32 -39.94 6.06
N LEU F 549 29.39 -40.58 6.75
CA LEU F 549 29.44 -42.03 6.89
C LEU F 549 29.17 -42.71 5.55
N LEU F 550 28.23 -42.16 4.77
CA LEU F 550 28.00 -42.68 3.43
C LEU F 550 29.29 -42.64 2.62
N ALA F 551 29.98 -41.49 2.64
CA ALA F 551 31.22 -41.35 1.89
C ALA F 551 32.29 -42.33 2.35
N GLN F 552 32.43 -42.44 3.67
CA GLN F 552 33.44 -43.31 4.25
C GLN F 552 33.21 -44.77 3.82
N VAL F 553 31.97 -45.23 3.93
CA VAL F 553 31.68 -46.62 3.61
C VAL F 553 31.79 -46.91 2.12
N SER F 554 31.50 -45.88 1.30
N SER F 554 31.47 -45.91 1.30
CA SER F 554 31.53 -46.02 -0.15
CA SER F 554 31.52 -46.09 -0.15
C SER F 554 32.95 -46.25 -0.64
C SER F 554 32.96 -46.30 -0.63
N HIS F 555 33.93 -45.88 0.18
CA HIS F 555 35.33 -45.99 -0.20
C HIS F 555 36.01 -47.25 0.33
N LEU F 556 35.27 -48.06 1.07
CA LEU F 556 35.80 -49.32 1.58
C LEU F 556 36.01 -50.33 0.45
N MET G 1 -50.36 -40.92 2.25
CA MET G 1 -50.74 -42.33 2.20
C MET G 1 -50.39 -42.97 0.86
N SER G 2 -50.88 -42.41 -0.24
CA SER G 2 -50.64 -43.03 -1.55
C SER G 2 -49.33 -42.60 -2.18
N VAL G 3 -48.39 -43.55 -2.25
CA VAL G 3 -47.09 -43.31 -2.86
C VAL G 3 -47.20 -42.98 -4.34
N SER G 4 -48.07 -43.71 -5.04
N SER G 4 -48.06 -43.71 -5.05
CA SER G 4 -48.25 -43.52 -6.47
CA SER G 4 -48.17 -43.49 -6.48
C SER G 4 -48.73 -42.11 -6.77
C SER G 4 -48.67 -42.07 -6.74
N ALA G 5 -49.66 -41.64 -5.94
CA ALA G 5 -50.19 -40.30 -6.08
C ALA G 5 -49.14 -39.25 -5.75
N PHE G 6 -48.42 -39.42 -4.65
CA PHE G 6 -47.44 -38.39 -4.29
C PHE G 6 -46.29 -38.30 -5.29
N ASN G 7 -45.86 -39.46 -5.80
CA ASN G 7 -44.87 -39.46 -6.89
C ASN G 7 -45.27 -38.48 -7.98
N ARG G 8 -46.55 -38.51 -8.35
CA ARG G 8 -47.03 -37.65 -9.43
C ARG G 8 -47.16 -36.18 -9.02
N ARG G 9 -47.48 -35.92 -7.76
CA ARG G 9 -47.53 -34.54 -7.25
C ARG G 9 -46.13 -33.91 -7.23
N TRP G 10 -45.17 -34.72 -6.81
CA TRP G 10 -43.75 -34.35 -6.78
C TRP G 10 -43.27 -34.05 -8.21
N ALA G 11 -43.54 -34.98 -9.13
CA ALA G 11 -43.19 -34.78 -10.53
C ALA G 11 -43.87 -33.56 -11.14
N ALA G 12 -45.12 -33.34 -10.76
CA ALA G 12 -45.90 -32.22 -11.31
C ALA G 12 -45.26 -30.89 -10.97
N VAL G 13 -44.69 -30.78 -9.77
CA VAL G 13 -44.00 -29.56 -9.38
C VAL G 13 -42.77 -29.36 -10.25
N ILE G 14 -42.02 -30.44 -10.47
CA ILE G 14 -40.82 -30.35 -11.28
C ILE G 14 -41.15 -29.84 -12.68
N LEU G 15 -42.15 -30.44 -13.31
CA LEU G 15 -42.48 -30.09 -14.68
C LEU G 15 -43.11 -28.69 -14.77
N GLU G 16 -43.99 -28.33 -13.83
CA GLU G 16 -44.58 -26.99 -13.87
C GLU G 16 -43.45 -25.96 -13.69
N ALA G 17 -42.48 -26.25 -12.83
CA ALA G 17 -41.37 -25.31 -12.66
C ALA G 17 -40.66 -25.01 -13.98
N LEU G 18 -40.45 -26.05 -14.79
CA LEU G 18 -39.73 -25.90 -16.06
C LEU G 18 -40.46 -24.95 -17.01
N THR G 19 -41.78 -24.96 -16.99
CA THR G 19 -42.54 -24.07 -17.86
C THR G 19 -42.29 -22.59 -17.55
N ARG G 20 -41.80 -22.30 -16.35
CA ARG G 20 -41.55 -20.90 -15.98
C ARG G 20 -40.21 -20.43 -16.52
N HIS G 21 -39.46 -21.35 -17.13
CA HIS G 21 -38.16 -21.00 -17.68
C HIS G 21 -38.11 -21.20 -19.19
N GLY G 22 -39.28 -21.27 -19.81
CA GLY G 22 -39.37 -21.32 -21.26
C GLY G 22 -39.40 -22.71 -21.89
N VAL G 23 -39.46 -23.74 -21.06
CA VAL G 23 -39.55 -25.09 -21.61
C VAL G 23 -40.93 -25.33 -22.25
N ARG G 24 -40.92 -25.64 -23.53
CA ARG G 24 -42.13 -25.95 -24.29
C ARG G 24 -42.09 -27.36 -24.81
N HIS G 25 -40.96 -27.70 -25.43
CA HIS G 25 -40.79 -29.01 -26.01
C HIS G 25 -40.35 -30.01 -24.97
N ILE G 26 -40.98 -31.17 -24.97
CA ILE G 26 -40.51 -32.24 -24.12
C ILE G 26 -40.48 -33.54 -24.93
N CYS G 27 -39.36 -34.22 -24.85
CA CYS G 27 -39.10 -35.43 -25.61
C CYS G 27 -39.14 -36.61 -24.65
N ILE G 28 -40.01 -37.58 -24.95
CA ILE G 28 -40.30 -38.66 -24.02
C ILE G 28 -40.04 -40.02 -24.64
N ALA G 29 -39.32 -40.88 -23.92
CA ALA G 29 -39.14 -42.27 -24.30
C ALA G 29 -39.95 -43.14 -23.37
N PRO G 30 -40.27 -44.36 -23.80
CA PRO G 30 -41.16 -45.21 -23.01
C PRO G 30 -40.48 -45.88 -21.83
N GLY G 31 -41.23 -46.12 -20.77
CA GLY G 31 -40.70 -46.80 -19.59
C GLY G 31 -41.76 -46.87 -18.51
N SER G 32 -41.48 -47.63 -17.45
CA SER G 32 -42.40 -47.70 -16.33
C SER G 32 -41.95 -46.79 -15.20
N ARG G 33 -40.66 -46.86 -14.87
CA ARG G 33 -40.13 -46.07 -13.76
C ARG G 33 -40.31 -44.56 -13.98
N SER G 34 -40.37 -44.16 -15.25
CA SER G 34 -40.55 -42.74 -15.62
C SER G 34 -42.00 -42.27 -15.52
N THR G 35 -42.90 -43.19 -15.16
CA THR G 35 -44.33 -42.91 -15.12
C THR G 35 -44.71 -41.59 -14.44
N PRO G 36 -44.16 -41.33 -13.24
CA PRO G 36 -44.60 -40.08 -12.59
C PRO G 36 -44.25 -38.84 -13.43
N LEU G 37 -43.08 -38.85 -14.07
CA LEU G 37 -42.68 -37.73 -14.91
C LEU G 37 -43.52 -37.63 -16.19
N THR G 38 -43.70 -38.77 -16.84
CA THR G 38 -44.39 -38.82 -18.13
C THR G 38 -45.87 -38.47 -17.97
N LEU G 39 -46.51 -38.97 -16.91
CA LEU G 39 -47.91 -38.64 -16.70
C LEU G 39 -48.08 -37.16 -16.32
N ALA G 40 -47.18 -36.64 -15.50
CA ALA G 40 -47.21 -35.22 -15.17
C ALA G 40 -47.04 -34.35 -16.42
N ALA G 41 -46.14 -34.77 -17.31
CA ALA G 41 -45.89 -34.05 -18.55
C ALA G 41 -47.09 -34.13 -19.49
N ALA G 42 -47.68 -35.32 -19.60
CA ALA G 42 -48.82 -35.53 -20.50
C ALA G 42 -49.98 -34.64 -20.11
N GLU G 43 -50.13 -34.41 -18.81
CA GLU G 43 -51.26 -33.64 -18.29
C GLU G 43 -51.07 -32.13 -18.35
N ASN G 44 -49.84 -31.69 -18.59
CA ASN G 44 -49.52 -30.27 -18.59
C ASN G 44 -49.68 -29.64 -19.98
N SER G 45 -50.62 -28.69 -20.12
CA SER G 45 -50.97 -28.14 -21.44
C SER G 45 -49.88 -27.22 -22.01
N ALA G 46 -48.83 -26.94 -21.24
CA ALA G 46 -47.79 -26.04 -21.71
C ALA G 46 -46.92 -26.73 -22.74
N PHE G 47 -46.92 -28.06 -22.74
CA PHE G 47 -45.92 -28.79 -23.52
C PHE G 47 -46.37 -29.23 -24.89
N ILE G 48 -45.41 -29.26 -25.80
CA ILE G 48 -45.50 -30.02 -27.03
C ILE G 48 -44.77 -31.30 -26.80
N HIS G 49 -45.44 -32.44 -26.95
CA HIS G 49 -44.80 -33.73 -26.63
C HIS G 49 -44.27 -34.43 -27.87
N HIS G 50 -43.00 -34.84 -27.82
CA HIS G 50 -42.41 -35.65 -28.88
C HIS G 50 -42.00 -36.99 -28.31
N THR G 51 -42.21 -38.07 -29.06
CA THR G 51 -41.81 -39.40 -28.57
C THR G 51 -40.88 -40.11 -29.55
N HIS G 52 -40.06 -41.02 -29.02
CA HIS G 52 -39.19 -41.86 -29.84
C HIS G 52 -38.76 -43.06 -29.00
N PHE G 53 -38.40 -44.15 -29.66
CA PHE G 53 -38.03 -45.40 -28.99
C PHE G 53 -36.52 -45.54 -28.74
N ASP G 54 -35.71 -44.76 -29.46
CA ASP G 54 -34.24 -44.81 -29.31
C ASP G 54 -33.81 -43.60 -28.49
N GLU G 55 -33.29 -43.84 -27.27
CA GLU G 55 -33.00 -42.71 -26.39
C GLU G 55 -31.84 -41.86 -26.91
N ARG G 56 -30.94 -42.46 -27.68
CA ARG G 56 -29.86 -41.68 -28.28
C ARG G 56 -30.44 -40.71 -29.30
N GLY G 57 -31.36 -41.20 -30.13
CA GLY G 57 -32.04 -40.32 -31.07
C GLY G 57 -32.93 -39.31 -30.35
N LEU G 58 -33.53 -39.72 -29.25
CA LEU G 58 -34.37 -38.82 -28.46
C LEU G 58 -33.54 -37.63 -28.01
N GLY G 59 -32.34 -37.89 -27.53
CA GLY G 59 -31.46 -36.82 -27.07
C GLY G 59 -31.12 -35.88 -28.20
N HIS G 60 -30.86 -36.43 -29.37
CA HIS G 60 -30.51 -35.57 -30.50
C HIS G 60 -31.72 -34.82 -31.05
N LEU G 61 -32.90 -35.44 -30.96
CA LEU G 61 -34.14 -34.75 -31.34
C LEU G 61 -34.30 -33.50 -30.47
N ALA G 62 -34.10 -33.65 -29.17
CA ALA G 62 -34.15 -32.54 -28.24
C ALA G 62 -33.08 -31.49 -28.57
N LEU G 63 -31.88 -31.97 -28.90
CA LEU G 63 -30.79 -31.07 -29.29
C LEU G 63 -31.20 -30.20 -30.48
N GLY G 64 -31.79 -30.81 -31.50
CA GLY G 64 -32.23 -30.07 -32.68
C GLY G 64 -33.33 -29.07 -32.35
N LEU G 65 -34.26 -29.49 -31.49
CA LEU G 65 -35.35 -28.59 -31.08
C LEU G 65 -34.78 -27.38 -30.34
N ALA G 66 -33.80 -27.64 -29.48
CA ALA G 66 -33.20 -26.60 -28.66
C ALA G 66 -32.39 -25.66 -29.52
N LYS G 67 -31.71 -26.25 -30.48
CA LYS G 67 -30.82 -25.56 -31.39
C LYS G 67 -31.56 -24.45 -32.11
N VAL G 68 -32.76 -24.76 -32.58
CA VAL G 68 -33.53 -23.83 -33.39
C VAL G 68 -34.36 -22.86 -32.55
N SER G 69 -34.98 -23.38 -31.50
CA SER G 69 -35.89 -22.58 -30.68
C SER G 69 -35.20 -21.64 -29.73
N LYS G 70 -33.93 -21.92 -29.43
CA LYS G 70 -33.17 -21.11 -28.48
C LYS G 70 -33.81 -21.07 -27.09
N GLN G 71 -34.50 -22.17 -26.77
N GLN G 71 -34.48 -22.14 -26.71
CA GLN G 71 -35.14 -22.43 -25.48
CA GLN G 71 -35.02 -22.27 -25.36
C GLN G 71 -34.56 -23.69 -24.83
C GLN G 71 -34.63 -23.64 -24.82
N PRO G 72 -34.72 -23.83 -23.50
CA PRO G 72 -34.40 -25.13 -22.90
C PRO G 72 -35.45 -26.16 -23.35
N VAL G 73 -35.02 -27.39 -23.57
CA VAL G 73 -35.88 -28.47 -24.02
C VAL G 73 -35.74 -29.61 -23.03
N ALA G 74 -36.86 -30.18 -22.61
CA ALA G 74 -36.82 -31.23 -21.60
C ALA G 74 -36.85 -32.61 -22.24
N VAL G 75 -36.29 -33.57 -21.52
CA VAL G 75 -36.22 -34.96 -21.95
C VAL G 75 -36.59 -35.83 -20.77
N ILE G 76 -37.47 -36.82 -20.98
CA ILE G 76 -37.79 -37.83 -19.97
C ILE G 76 -37.45 -39.23 -20.46
N VAL G 77 -36.68 -39.96 -19.66
CA VAL G 77 -36.38 -41.36 -19.93
C VAL G 77 -36.50 -42.16 -18.64
N THR G 78 -36.60 -43.47 -18.80
CA THR G 78 -36.71 -44.37 -17.65
C THR G 78 -35.31 -44.72 -17.15
N SER G 79 -35.25 -45.49 -16.07
CA SER G 79 -33.96 -45.83 -15.48
C SER G 79 -33.18 -46.83 -16.32
N GLY G 80 -31.86 -46.85 -16.15
CA GLY G 80 -31.05 -47.87 -16.79
C GLY G 80 -30.23 -47.34 -17.95
N THR G 81 -29.97 -48.19 -18.95
CA THR G 81 -29.16 -47.78 -20.10
C THR G 81 -29.85 -46.71 -20.94
N ALA G 82 -31.16 -46.59 -20.78
CA ALA G 82 -31.89 -45.49 -21.41
C ALA G 82 -31.21 -44.16 -21.10
N VAL G 83 -30.78 -44.00 -19.86
CA VAL G 83 -30.14 -42.76 -19.42
C VAL G 83 -28.80 -42.57 -20.08
N ALA G 84 -27.99 -43.65 -20.13
CA ALA G 84 -26.67 -43.58 -20.73
C ALA G 84 -26.73 -43.15 -22.20
N ASN G 85 -27.80 -43.53 -22.89
CA ASN G 85 -27.95 -43.18 -24.32
C ASN G 85 -28.13 -41.67 -24.58
N LEU G 86 -28.42 -40.90 -23.53
CA LEU G 86 -28.50 -39.44 -23.65
C LEU G 86 -27.13 -38.76 -23.69
N TYR G 87 -26.07 -39.52 -23.41
CA TYR G 87 -24.76 -38.90 -23.25
C TYR G 87 -24.28 -38.15 -24.49
N PRO G 88 -24.37 -38.76 -25.67
CA PRO G 88 -23.86 -38.04 -26.84
C PRO G 88 -24.49 -36.66 -27.05
N ALA G 89 -25.81 -36.55 -26.96
CA ALA G 89 -26.46 -35.24 -27.17
C ALA G 89 -26.07 -34.28 -26.05
N LEU G 90 -25.96 -34.80 -24.85
CA LEU G 90 -25.58 -33.98 -23.70
C LEU G 90 -24.19 -33.38 -23.89
N ILE G 91 -23.29 -34.19 -24.43
CA ILE G 91 -21.92 -33.74 -24.63
C ILE G 91 -21.86 -32.63 -25.69
N GLU G 92 -22.60 -32.84 -26.77
CA GLU G 92 -22.62 -31.87 -27.85
C GLU G 92 -23.21 -30.56 -27.33
N ALA G 93 -24.26 -30.64 -26.52
CA ALA G 93 -24.86 -29.46 -25.95
C ALA G 93 -23.88 -28.72 -25.03
N GLY G 94 -23.04 -29.47 -24.31
CA GLY G 94 -22.05 -28.83 -23.47
C GLY G 94 -21.09 -27.97 -24.28
N LEU G 95 -20.84 -28.37 -25.52
CA LEU G 95 -19.89 -27.66 -26.37
C LEU G 95 -20.55 -26.49 -27.11
N THR G 96 -21.81 -26.65 -27.54
CA THR G 96 -22.39 -25.62 -28.39
C THR G 96 -23.48 -24.78 -27.72
N GLY G 97 -23.90 -25.21 -26.54
CA GLY G 97 -24.70 -24.35 -25.67
C GLY G 97 -26.18 -24.65 -25.57
N GLU G 98 -26.69 -25.60 -26.35
CA GLU G 98 -28.10 -25.98 -26.25
C GLU G 98 -28.48 -26.34 -24.82
N LYS G 99 -29.64 -25.85 -24.37
CA LYS G 99 -30.05 -26.11 -22.99
C LYS G 99 -30.96 -27.33 -22.90
N LEU G 100 -30.35 -28.48 -22.66
CA LEU G 100 -31.11 -29.73 -22.54
C LEU G 100 -31.34 -30.08 -21.09
N ILE G 101 -32.61 -30.27 -20.71
CA ILE G 101 -32.94 -30.61 -19.34
C ILE G 101 -33.33 -32.09 -19.29
N LEU G 102 -32.41 -32.91 -18.79
CA LEU G 102 -32.60 -34.36 -18.79
C LEU G 102 -33.20 -34.84 -17.46
N LEU G 103 -34.48 -35.21 -17.49
CA LEU G 103 -35.19 -35.75 -16.34
C LEU G 103 -35.08 -37.27 -16.41
N THR G 104 -34.18 -37.82 -15.63
CA THR G 104 -33.87 -39.24 -15.74
C THR G 104 -34.46 -39.98 -14.54
N ALA G 105 -35.50 -40.78 -14.79
CA ALA G 105 -36.14 -41.55 -13.74
C ALA G 105 -35.14 -42.53 -13.14
N ASP G 106 -35.25 -42.77 -11.84
CA ASP G 106 -34.33 -43.67 -11.17
C ASP G 106 -35.11 -44.56 -10.22
N ARG G 107 -34.53 -45.71 -9.90
CA ARG G 107 -34.98 -46.45 -8.73
C ARG G 107 -34.69 -45.64 -7.48
N PRO G 108 -35.41 -45.93 -6.39
CA PRO G 108 -35.08 -45.28 -5.12
C PRO G 108 -33.78 -45.85 -4.56
N PRO G 109 -33.17 -45.13 -3.61
CA PRO G 109 -31.87 -45.54 -3.07
C PRO G 109 -31.84 -46.97 -2.54
N GLU G 110 -32.96 -47.46 -2.01
CA GLU G 110 -32.96 -48.78 -1.39
C GLU G 110 -32.89 -49.88 -2.45
N LEU G 111 -32.97 -49.52 -3.72
CA LEU G 111 -32.88 -50.53 -4.79
C LEU G 111 -31.64 -50.36 -5.67
N ILE G 112 -30.65 -49.62 -5.19
CA ILE G 112 -29.39 -49.48 -5.92
C ILE G 112 -28.30 -50.41 -5.34
N ASP G 113 -27.51 -51.01 -6.23
CA ASP G 113 -26.41 -51.89 -5.81
C ASP G 113 -26.87 -53.12 -5.01
N CYS G 114 -27.98 -53.72 -5.43
CA CYS G 114 -28.46 -54.92 -4.78
C CYS G 114 -29.04 -55.90 -5.78
N GLY G 115 -28.62 -55.78 -7.04
CA GLY G 115 -29.01 -56.73 -8.07
C GLY G 115 -30.45 -56.58 -8.55
N ALA G 116 -31.01 -55.38 -8.36
CA ALA G 116 -32.38 -55.10 -8.81
C ALA G 116 -32.45 -54.86 -10.32
N ASN G 117 -33.55 -55.29 -10.94
CA ASN G 117 -33.69 -55.17 -12.37
C ASN G 117 -33.71 -53.71 -12.83
N GLN G 118 -32.96 -53.44 -13.91
CA GLN G 118 -32.95 -52.13 -14.54
C GLN G 118 -32.57 -51.02 -13.58
N ALA G 119 -31.72 -51.34 -12.61
CA ALA G 119 -31.26 -50.35 -11.63
C ALA G 119 -29.76 -50.18 -11.72
N ILE G 120 -29.31 -48.95 -11.94
CA ILE G 120 -27.87 -48.66 -12.02
C ILE G 120 -27.56 -47.41 -11.20
N ARG G 121 -26.26 -47.12 -11.03
CA ARG G 121 -25.86 -45.89 -10.34
C ARG G 121 -25.94 -44.69 -11.28
N GLN G 122 -26.93 -43.82 -11.05
CA GLN G 122 -27.21 -42.73 -12.00
C GLN G 122 -26.69 -41.34 -11.59
N PRO G 123 -26.72 -41.00 -10.30
CA PRO G 123 -26.15 -39.68 -9.95
C PRO G 123 -24.68 -39.56 -10.37
N GLY G 124 -24.35 -38.46 -11.06
CA GLY G 124 -22.97 -38.23 -11.49
C GLY G 124 -22.54 -39.04 -12.70
N MET G 125 -23.47 -39.78 -13.33
CA MET G 125 -23.05 -40.66 -14.43
C MET G 125 -22.62 -39.89 -15.68
N PHE G 126 -22.97 -38.59 -15.76
CA PHE G 126 -22.52 -37.80 -16.89
C PHE G 126 -21.30 -36.94 -16.56
N ALA G 127 -20.72 -37.20 -15.39
CA ALA G 127 -19.46 -36.57 -14.99
C ALA G 127 -19.51 -35.03 -15.14
N SER G 128 -18.52 -34.41 -15.79
CA SER G 128 -18.47 -32.95 -15.85
C SER G 128 -19.25 -32.36 -17.03
N HIS G 129 -19.98 -33.17 -17.77
CA HIS G 129 -20.56 -32.65 -19.01
C HIS G 129 -21.83 -31.82 -18.84
N PRO G 130 -22.71 -32.16 -17.87
CA PRO G 130 -23.80 -31.22 -17.65
C PRO G 130 -23.27 -29.91 -17.06
N THR G 131 -23.88 -28.79 -17.40
CA THR G 131 -23.52 -27.54 -16.74
C THR G 131 -23.88 -27.58 -15.26
N HIS G 132 -25.05 -28.17 -14.99
N HIS G 132 -25.00 -28.24 -14.95
CA HIS G 132 -25.60 -28.36 -13.64
CA HIS G 132 -25.50 -28.34 -13.60
C HIS G 132 -26.02 -29.81 -13.47
C HIS G 132 -26.12 -29.73 -13.40
N SER G 133 -25.83 -30.35 -12.27
CA SER G 133 -26.35 -31.68 -11.97
C SER G 133 -27.13 -31.64 -10.66
N ILE G 134 -28.37 -32.12 -10.73
CA ILE G 134 -29.23 -32.24 -9.55
C ILE G 134 -29.57 -33.71 -9.30
N SER G 135 -29.20 -34.21 -8.12
N SER G 135 -29.22 -34.19 -8.11
CA SER G 135 -29.60 -35.55 -7.72
CA SER G 135 -29.59 -35.55 -7.70
C SER G 135 -30.71 -35.39 -6.70
C SER G 135 -30.71 -35.44 -6.69
N LEU G 136 -31.96 -35.53 -7.15
CA LEU G 136 -33.09 -35.32 -6.27
C LEU G 136 -33.18 -36.42 -5.24
N PRO G 137 -33.64 -36.06 -4.04
CA PRO G 137 -33.80 -37.06 -3.00
C PRO G 137 -35.05 -37.92 -3.22
N ARG G 138 -35.14 -39.00 -2.46
CA ARG G 138 -36.34 -39.84 -2.42
C ARG G 138 -37.58 -38.98 -2.07
N PRO G 139 -38.63 -39.03 -2.89
CA PRO G 139 -39.76 -38.15 -2.59
C PRO G 139 -40.32 -38.32 -1.17
N THR G 140 -40.59 -37.22 -0.49
CA THR G 140 -41.23 -37.26 0.83
C THR G 140 -41.90 -35.93 1.10
N GLN G 141 -43.04 -35.96 1.78
CA GLN G 141 -43.73 -34.71 2.11
C GLN G 141 -42.98 -33.94 3.18
N ASP G 142 -41.97 -34.59 3.76
CA ASP G 142 -41.18 -33.97 4.81
C ASP G 142 -40.16 -32.97 4.27
N ILE G 143 -39.98 -32.99 2.95
CA ILE G 143 -39.22 -31.96 2.23
C ILE G 143 -40.26 -31.09 1.55
N PRO G 144 -40.27 -29.78 1.86
CA PRO G 144 -41.35 -28.93 1.33
C PRO G 144 -41.25 -28.68 -0.17
N ALA G 145 -42.41 -28.47 -0.79
CA ALA G 145 -42.47 -28.17 -2.21
C ALA G 145 -41.63 -26.94 -2.58
N ARG G 146 -41.54 -25.97 -1.68
N ARG G 146 -41.55 -25.97 -1.68
CA ARG G 146 -40.75 -24.77 -1.98
CA ARG G 146 -40.75 -24.76 -1.95
C ARG G 146 -39.26 -25.10 -2.14
C ARG G 146 -39.26 -25.08 -2.11
N TRP G 147 -38.79 -26.14 -1.48
CA TRP G 147 -37.40 -26.55 -1.68
C TRP G 147 -37.22 -27.10 -3.10
N LEU G 148 -38.17 -27.94 -3.50
CA LEU G 148 -38.09 -28.60 -4.79
C LEU G 148 -38.14 -27.58 -5.94
N VAL G 149 -39.10 -26.67 -5.91
CA VAL G 149 -39.19 -25.68 -7.00
C VAL G 149 -37.97 -24.74 -6.97
N SER G 150 -37.50 -24.36 -5.79
CA SER G 150 -36.33 -23.49 -5.68
C SER G 150 -35.05 -24.12 -6.26
N THR G 151 -34.90 -25.44 -6.06
CA THR G 151 -33.76 -26.16 -6.58
C THR G 151 -33.78 -26.16 -8.10
N ILE G 152 -34.95 -26.42 -8.66
CA ILE G 152 -35.10 -26.38 -10.10
C ILE G 152 -34.90 -24.95 -10.61
N ASP G 153 -35.45 -23.96 -9.89
CA ASP G 153 -35.32 -22.57 -10.30
C ASP G 153 -33.87 -22.07 -10.29
N HIS G 154 -33.09 -22.55 -9.33
CA HIS G 154 -31.68 -22.20 -9.27
C HIS G 154 -30.94 -22.75 -10.48
N ALA G 155 -31.20 -24.02 -10.80
CA ALA G 155 -30.52 -24.68 -11.90
C ALA G 155 -30.83 -24.01 -13.23
N LEU G 156 -32.11 -23.74 -13.48
CA LEU G 156 -32.53 -23.15 -14.74
C LEU G 156 -32.23 -21.65 -14.83
N GLY G 157 -32.40 -20.94 -13.71
CA GLY G 157 -32.18 -19.51 -13.68
C GLY G 157 -30.73 -19.14 -13.94
N THR G 158 -29.82 -19.94 -13.42
CA THR G 158 -28.38 -19.64 -13.53
C THR G 158 -27.75 -20.33 -14.74
N LEU G 159 -28.57 -20.99 -15.53
CA LEU G 159 -28.04 -21.74 -16.68
C LEU G 159 -27.69 -20.81 -17.85
N HIS G 160 -26.40 -20.57 -18.06
N HIS G 160 -26.41 -20.59 -18.08
CA HIS G 160 -25.96 -19.75 -19.19
CA HIS G 160 -25.98 -19.74 -19.18
C HIS G 160 -26.12 -20.51 -20.49
C HIS G 160 -26.04 -20.50 -20.51
N ALA G 161 -25.79 -21.80 -20.44
CA ALA G 161 -25.78 -22.65 -21.63
C ALA G 161 -25.54 -24.10 -21.20
N GLY G 162 -25.89 -25.06 -22.05
CA GLY G 162 -25.56 -26.45 -21.81
C GLY G 162 -26.62 -27.20 -21.04
N GLY G 163 -26.32 -28.47 -20.74
CA GLY G 163 -27.31 -29.37 -20.18
C GLY G 163 -27.42 -29.37 -18.67
N VAL G 164 -28.58 -29.81 -18.20
CA VAL G 164 -28.81 -29.99 -16.77
C VAL G 164 -29.29 -31.42 -16.58
N HIS G 165 -28.60 -32.15 -15.72
CA HIS G 165 -29.01 -33.51 -15.39
C HIS G 165 -29.81 -33.46 -14.10
N ILE G 166 -31.08 -33.85 -14.18
CA ILE G 166 -31.93 -33.95 -13.01
C ILE G 166 -32.31 -35.40 -12.78
N ASN G 167 -31.65 -36.04 -11.82
CA ASN G 167 -31.95 -37.42 -11.51
C ASN G 167 -33.16 -37.50 -10.57
N CYS G 168 -34.14 -38.33 -10.94
CA CYS G 168 -35.44 -38.37 -10.28
C CYS G 168 -35.81 -39.77 -9.77
N PRO G 169 -35.42 -40.09 -8.54
CA PRO G 169 -35.81 -41.38 -7.97
C PRO G 169 -37.31 -41.44 -7.67
N PHE G 170 -37.94 -42.57 -7.98
CA PHE G 170 -39.31 -42.84 -7.58
C PHE G 170 -39.43 -44.28 -7.08
N ALA G 171 -40.08 -44.45 -5.92
CA ALA G 171 -40.38 -45.78 -5.41
C ALA G 171 -41.76 -46.26 -5.86
N GLU G 172 -41.89 -47.57 -6.03
CA GLU G 172 -43.19 -48.19 -6.27
C GLU G 172 -44.03 -48.10 -5.01
N PRO G 173 -45.36 -48.15 -5.15
CA PRO G 173 -46.15 -48.30 -6.38
C PRO G 173 -46.10 -47.09 -7.30
N LEU G 174 -46.07 -47.34 -8.61
CA LEU G 174 -46.07 -46.27 -9.60
C LEU G 174 -47.46 -46.00 -10.17
N TYR G 175 -48.32 -47.01 -10.06
CA TYR G 175 -49.66 -46.93 -10.66
C TYR G 175 -50.75 -46.93 -9.61
N GLY G 176 -51.91 -46.44 -10.00
CA GLY G 176 -53.02 -46.32 -9.06
C GLY G 176 -53.77 -45.02 -9.28
N GLU G 177 -55.02 -45.00 -8.83
CA GLU G 177 -55.85 -43.81 -8.94
C GLU G 177 -55.27 -42.64 -8.13
N MET G 178 -55.46 -41.44 -8.64
CA MET G 178 -55.06 -40.23 -7.92
C MET G 178 -56.00 -39.93 -6.78
N ASP G 179 -55.47 -39.82 -5.56
CA ASP G 179 -56.26 -39.28 -4.46
C ASP G 179 -55.64 -37.96 -3.98
N ASP G 180 -56.03 -37.50 -2.79
CA ASP G 180 -55.61 -36.18 -2.34
C ASP G 180 -54.24 -36.16 -1.69
N THR G 181 -53.54 -37.30 -1.72
CA THR G 181 -52.19 -37.37 -1.15
C THR G 181 -51.29 -36.33 -1.80
N GLY G 182 -50.71 -35.46 -1.00
CA GLY G 182 -49.79 -34.45 -1.51
C GLY G 182 -50.44 -33.16 -2.00
N LEU G 183 -51.76 -33.10 -2.01
CA LEU G 183 -52.45 -31.90 -2.46
C LEU G 183 -52.14 -30.72 -1.54
N SER G 184 -52.25 -30.93 -0.23
CA SER G 184 -51.98 -29.82 0.68
C SER G 184 -50.50 -29.44 0.62
N TRP G 185 -49.66 -30.43 0.37
CA TRP G 185 -48.22 -30.21 0.17
C TRP G 185 -47.97 -29.27 -1.00
N GLN G 186 -48.65 -29.53 -2.12
CA GLN G 186 -48.54 -28.66 -3.29
C GLN G 186 -49.09 -27.26 -3.03
N GLN G 187 -50.19 -27.19 -2.28
CA GLN G 187 -50.91 -25.94 -2.07
C GLN G 187 -50.13 -24.98 -1.18
N ARG G 188 -49.06 -25.46 -0.55
CA ARG G 188 -48.15 -24.57 0.17
C ARG G 188 -47.50 -23.54 -0.77
N LEU G 189 -47.50 -23.80 -2.08
CA LEU G 189 -46.94 -22.85 -3.05
C LEU G 189 -47.95 -21.75 -3.41
N GLY G 190 -49.17 -21.87 -2.91
CA GLY G 190 -50.16 -20.82 -3.09
C GLY G 190 -50.45 -20.49 -4.54
N ASP G 191 -50.55 -19.21 -4.87
CA ASP G 191 -50.96 -18.86 -6.23
C ASP G 191 -49.77 -18.86 -7.18
N TRP G 192 -48.65 -19.41 -6.73
CA TRP G 192 -47.57 -19.66 -7.68
C TRP G 192 -48.09 -20.57 -8.79
N TRP G 193 -49.04 -21.43 -8.46
CA TRP G 193 -49.60 -22.34 -9.46
C TRP G 193 -50.30 -21.60 -10.60
N GLN G 194 -50.79 -20.40 -10.33
CA GLN G 194 -51.46 -19.59 -11.35
C GLN G 194 -50.57 -18.48 -11.90
N ASP G 195 -49.32 -18.47 -11.46
CA ASP G 195 -48.37 -17.44 -11.85
C ASP G 195 -47.66 -17.80 -13.16
N ASP G 196 -46.91 -16.86 -13.72
CA ASP G 196 -46.17 -17.10 -14.94
C ASP G 196 -44.66 -16.89 -14.76
N LYS G 197 -44.23 -16.75 -13.52
CA LYS G 197 -42.83 -16.54 -13.16
C LYS G 197 -42.28 -17.70 -12.34
N PRO G 198 -40.95 -17.82 -12.23
CA PRO G 198 -40.38 -18.78 -11.29
C PRO G 198 -40.72 -18.46 -9.83
N TRP G 199 -40.64 -19.47 -8.96
CA TRP G 199 -40.78 -19.27 -7.52
C TRP G 199 -39.61 -18.45 -7.00
N LEU G 200 -38.39 -18.88 -7.30
CA LEU G 200 -37.17 -18.13 -7.02
C LEU G 200 -36.61 -17.58 -8.33
N ARG G 201 -36.52 -16.26 -8.45
CA ARG G 201 -35.91 -15.65 -9.62
C ARG G 201 -34.43 -15.39 -9.32
N GLU G 202 -33.57 -16.21 -9.92
CA GLU G 202 -32.12 -16.11 -9.75
C GLU G 202 -31.52 -16.19 -11.14
N ALA G 203 -31.20 -15.04 -11.72
CA ALA G 203 -30.81 -15.03 -13.13
C ALA G 203 -29.65 -14.07 -13.41
N PRO G 204 -28.50 -14.28 -12.76
CA PRO G 204 -27.35 -13.42 -13.03
C PRO G 204 -26.90 -13.60 -14.47
N ARG G 205 -26.49 -12.51 -15.13
CA ARG G 205 -25.98 -12.60 -16.50
C ARG G 205 -24.47 -12.52 -16.52
N LEU G 206 -23.88 -13.29 -17.43
CA LEU G 206 -22.44 -13.37 -17.56
C LEU G 206 -22.06 -12.66 -18.85
N GLU G 207 -21.22 -11.64 -18.75
CA GLU G 207 -20.89 -10.84 -19.92
C GLU G 207 -19.60 -10.08 -19.72
N SER G 208 -18.77 -10.04 -20.76
CA SER G 208 -17.56 -9.23 -20.73
C SER G 208 -17.89 -7.74 -20.81
N GLU G 209 -17.01 -6.92 -20.26
CA GLU G 209 -17.18 -5.47 -20.25
C GLU G 209 -16.80 -4.89 -21.62
N LYS G 210 -17.23 -3.65 -21.87
CA LYS G 210 -16.81 -2.95 -23.08
C LYS G 210 -15.27 -2.83 -23.10
N GLN G 211 -14.67 -3.06 -24.27
CA GLN G 211 -13.22 -2.92 -24.41
C GLN G 211 -12.89 -1.46 -24.66
N ARG G 212 -12.29 -0.82 -23.67
CA ARG G 212 -12.14 0.63 -23.72
C ARG G 212 -11.11 1.10 -24.74
N ASP G 213 -10.29 0.20 -25.27
CA ASP G 213 -9.29 0.61 -26.27
C ASP G 213 -9.73 0.25 -27.71
N TRP G 214 -11.02 -0.05 -27.89
CA TRP G 214 -11.51 -0.44 -29.22
C TRP G 214 -11.30 0.67 -30.27
N PHE G 215 -11.43 1.94 -29.91
CA PHE G 215 -11.25 3.01 -30.91
C PHE G 215 -9.83 3.03 -31.47
N PHE G 216 -8.88 2.49 -30.72
CA PHE G 216 -7.54 2.31 -31.24
C PHE G 216 -7.48 1.12 -32.16
N TRP G 217 -8.00 -0.02 -31.72
CA TRP G 217 -7.84 -1.24 -32.48
C TRP G 217 -8.63 -1.26 -33.79
N ARG G 218 -9.76 -0.56 -33.83
CA ARG G 218 -10.61 -0.60 -35.01
C ARG G 218 -9.97 0.15 -36.21
N GLN G 219 -8.91 0.92 -35.93
CA GLN G 219 -8.17 1.61 -37.00
C GLN G 219 -6.98 0.85 -37.54
N LYS G 220 -6.65 -0.28 -36.89
CA LYS G 220 -5.50 -1.07 -37.29
C LYS G 220 -5.86 -1.96 -38.46
N ARG G 221 -4.84 -2.64 -39.02
CA ARG G 221 -5.09 -3.62 -40.05
C ARG G 221 -5.60 -4.90 -39.39
N GLY G 222 -6.91 -5.12 -39.47
CA GLY G 222 -7.53 -6.26 -38.84
C GLY G 222 -8.06 -7.27 -39.83
N VAL G 223 -8.40 -8.45 -39.32
CA VAL G 223 -9.05 -9.51 -40.06
C VAL G 223 -10.26 -9.95 -39.26
N VAL G 224 -11.38 -10.16 -39.94
CA VAL G 224 -12.55 -10.70 -39.25
C VAL G 224 -12.73 -12.15 -39.64
N VAL G 225 -12.85 -13.00 -38.62
CA VAL G 225 -13.15 -14.42 -38.82
C VAL G 225 -14.52 -14.71 -38.24
N ALA G 226 -15.42 -15.25 -39.05
CA ALA G 226 -16.78 -15.52 -38.60
C ALA G 226 -17.05 -17.02 -38.53
N GLY G 227 -17.28 -17.53 -37.32
CA GLY G 227 -17.62 -18.93 -37.15
C GLY G 227 -19.12 -19.08 -36.97
N ARG G 228 -19.53 -20.11 -36.23
CA ARG G 228 -20.95 -20.39 -36.05
C ARG G 228 -21.63 -19.29 -35.24
N MET G 229 -22.73 -18.80 -35.77
CA MET G 229 -23.50 -17.76 -35.10
C MET G 229 -24.91 -17.81 -35.67
N SER G 230 -25.78 -16.92 -35.20
CA SER G 230 -27.15 -16.93 -35.70
C SER G 230 -27.21 -16.32 -37.11
N ALA G 231 -28.29 -16.59 -37.83
CA ALA G 231 -28.49 -16.02 -39.16
C ALA G 231 -28.46 -14.50 -39.12
N GLU G 232 -29.10 -13.92 -38.10
CA GLU G 232 -29.16 -12.47 -37.98
C GLU G 232 -27.80 -11.89 -37.64
N GLU G 233 -27.07 -12.60 -36.79
CA GLU G 233 -25.72 -12.19 -36.41
C GLU G 233 -24.78 -12.20 -37.60
N GLY G 234 -24.93 -13.19 -38.48
CA GLY G 234 -24.12 -13.26 -39.67
C GLY G 234 -24.22 -12.01 -40.52
N LYS G 235 -25.46 -11.54 -40.73
CA LYS G 235 -25.66 -10.33 -41.53
C LYS G 235 -25.01 -9.11 -40.86
N LYS G 236 -25.13 -9.02 -39.54
CA LYS G 236 -24.58 -7.88 -38.82
C LYS G 236 -23.05 -7.89 -38.85
N VAL G 237 -22.46 -9.09 -38.71
CA VAL G 237 -21.00 -9.20 -38.78
C VAL G 237 -20.49 -8.84 -40.16
N ALA G 238 -21.19 -9.27 -41.20
CA ALA G 238 -20.76 -8.92 -42.56
C ALA G 238 -20.72 -7.42 -42.79
N LEU G 239 -21.76 -6.71 -42.35
CA LEU G 239 -21.81 -5.26 -42.55
C LEU G 239 -20.71 -4.56 -41.74
N TRP G 240 -20.50 -5.06 -40.54
CA TRP G 240 -19.49 -4.52 -39.63
C TRP G 240 -18.07 -4.65 -40.22
N ALA G 241 -17.75 -5.83 -40.72
CA ALA G 241 -16.44 -6.07 -41.34
C ALA G 241 -16.26 -5.18 -42.56
N GLN G 242 -17.31 -5.07 -43.36
CA GLN G 242 -17.25 -4.27 -44.57
C GLN G 242 -16.96 -2.81 -44.26
N THR G 243 -17.60 -2.29 -43.22
CA THR G 243 -17.38 -0.91 -42.82
C THR G 243 -15.94 -0.65 -42.36
N LEU G 244 -15.39 -1.60 -41.59
CA LEU G 244 -14.01 -1.50 -41.12
C LEU G 244 -12.98 -1.60 -42.25
N GLY G 245 -13.39 -2.18 -43.38
CA GLY G 245 -12.47 -2.42 -44.49
C GLY G 245 -11.58 -3.62 -44.23
N TRP G 246 -12.02 -4.51 -43.35
CA TRP G 246 -11.26 -5.70 -43.02
C TRP G 246 -11.77 -6.89 -43.81
N PRO G 247 -10.85 -7.75 -44.25
CA PRO G 247 -11.29 -8.95 -44.96
C PRO G 247 -12.09 -9.84 -44.01
N LEU G 248 -13.19 -10.40 -44.50
CA LEU G 248 -14.00 -11.30 -43.70
C LEU G 248 -13.84 -12.73 -44.20
N ILE G 249 -13.27 -13.58 -43.36
CA ILE G 249 -13.21 -15.01 -43.64
C ILE G 249 -14.42 -15.63 -42.98
N GLY G 250 -15.40 -16.03 -43.78
CA GLY G 250 -16.68 -16.50 -43.28
C GLY G 250 -16.86 -18.01 -43.42
N ASP G 251 -17.13 -18.66 -42.29
CA ASP G 251 -17.36 -20.10 -42.27
C ASP G 251 -18.70 -20.45 -42.90
N VAL G 252 -18.85 -21.70 -43.33
CA VAL G 252 -20.14 -22.20 -43.82
C VAL G 252 -21.23 -22.01 -42.76
N LEU G 253 -20.84 -22.05 -41.49
CA LEU G 253 -21.82 -21.91 -40.40
C LEU G 253 -22.12 -20.45 -39.99
N SER G 254 -21.51 -19.47 -40.67
CA SER G 254 -21.62 -18.08 -40.24
C SER G 254 -22.82 -17.32 -40.82
N GLN G 255 -23.29 -17.72 -41.99
CA GLN G 255 -24.39 -17.01 -42.69
C GLN G 255 -24.05 -15.54 -42.97
N THR G 256 -22.77 -15.28 -43.20
CA THR G 256 -22.31 -13.93 -43.50
C THR G 256 -22.44 -13.59 -44.97
N GLY G 257 -22.71 -14.61 -45.80
CA GLY G 257 -22.71 -14.43 -47.23
C GLY G 257 -21.34 -14.67 -47.83
N GLN G 258 -20.35 -14.91 -46.97
CA GLN G 258 -19.00 -15.30 -47.40
C GLN G 258 -18.45 -14.44 -48.57
N PRO G 259 -18.21 -13.16 -48.34
CA PRO G 259 -17.73 -12.23 -49.39
C PRO G 259 -16.37 -12.62 -50.00
N LEU G 260 -15.58 -13.42 -49.28
CA LEU G 260 -14.33 -13.97 -49.79
C LEU G 260 -14.41 -15.49 -49.81
N PRO G 261 -15.22 -16.04 -50.71
CA PRO G 261 -15.55 -17.47 -50.68
C PRO G 261 -14.36 -18.35 -51.02
N CYS G 262 -14.50 -19.65 -50.78
CA CYS G 262 -13.45 -20.63 -51.08
C CYS G 262 -12.17 -20.40 -50.31
N ALA G 263 -12.27 -19.89 -49.08
CA ALA G 263 -11.10 -19.67 -48.24
C ALA G 263 -10.27 -20.94 -48.02
N ASP G 264 -10.93 -22.10 -47.97
CA ASP G 264 -10.20 -23.35 -47.77
C ASP G 264 -9.24 -23.58 -48.94
N LEU G 265 -9.52 -22.91 -50.05
CA LEU G 265 -8.64 -22.96 -51.22
C LEU G 265 -7.64 -21.79 -51.24
N TRP G 266 -8.12 -20.55 -51.15
CA TRP G 266 -7.20 -19.43 -51.36
C TRP G 266 -6.27 -19.18 -50.18
N LEU G 267 -6.63 -19.69 -48.99
CA LEU G 267 -5.72 -19.60 -47.86
C LEU G 267 -4.47 -20.46 -48.11
N GLY G 268 -4.55 -21.32 -49.12
CA GLY G 268 -3.45 -22.16 -49.53
C GLY G 268 -2.45 -21.46 -50.45
N ASN G 269 -2.80 -20.25 -50.85
CA ASN G 269 -1.93 -19.47 -51.76
C ASN G 269 -1.01 -18.54 -50.98
N ALA G 270 0.29 -18.61 -51.27
CA ALA G 270 1.29 -17.86 -50.52
C ALA G 270 1.05 -16.36 -50.52
N LYS G 271 0.42 -15.84 -51.58
CA LYS G 271 0.14 -14.40 -51.65
C LYS G 271 -0.90 -14.00 -50.61
N ALA G 272 -1.84 -14.90 -50.33
CA ALA G 272 -2.85 -14.65 -49.30
C ALA G 272 -2.22 -14.64 -47.91
N THR G 273 -1.42 -15.64 -47.61
CA THR G 273 -0.82 -15.74 -46.28
C THR G 273 0.18 -14.59 -46.07
N SER G 274 0.87 -14.18 -47.14
CA SER G 274 1.78 -13.04 -47.02
C SER G 274 1.00 -11.78 -46.71
N GLU G 275 -0.14 -11.59 -47.37
CA GLU G 275 -0.97 -10.43 -47.11
C GLU G 275 -1.54 -10.46 -45.70
N LEU G 276 -1.97 -11.64 -45.23
CA LEU G 276 -2.56 -11.74 -43.91
C LEU G 276 -1.53 -11.53 -42.78
N GLN G 277 -0.26 -11.69 -43.09
CA GLN G 277 0.78 -11.43 -42.09
C GLN G 277 0.88 -9.95 -41.68
N GLN G 278 0.28 -9.06 -42.48
CA GLN G 278 0.27 -7.63 -42.14
C GLN G 278 -0.81 -7.34 -41.09
N ALA G 279 -1.66 -8.33 -40.82
CA ALA G 279 -2.74 -8.13 -39.86
C ALA G 279 -2.18 -7.94 -38.44
N GLN G 280 -2.60 -6.86 -37.79
CA GLN G 280 -2.17 -6.55 -36.44
C GLN G 280 -3.14 -7.06 -35.39
N ILE G 281 -4.39 -7.27 -35.80
CA ILE G 281 -5.39 -7.83 -34.90
C ILE G 281 -6.30 -8.77 -35.67
N VAL G 282 -6.70 -9.87 -35.03
CA VAL G 282 -7.76 -10.71 -35.60
C VAL G 282 -8.93 -10.68 -34.64
N VAL G 283 -10.11 -10.35 -35.15
CA VAL G 283 -11.32 -10.45 -34.33
C VAL G 283 -12.19 -11.58 -34.90
N GLN G 284 -12.31 -12.66 -34.12
CA GLN G 284 -13.11 -13.82 -34.50
C GLN G 284 -14.41 -13.73 -33.72
N LEU G 285 -15.53 -13.86 -34.42
CA LEU G 285 -16.84 -13.93 -33.77
C LEU G 285 -17.45 -15.29 -34.08
N GLY G 286 -17.90 -16.00 -33.05
CA GLY G 286 -18.36 -17.37 -33.24
C GLY G 286 -17.17 -18.31 -33.16
N SER G 287 -17.42 -19.61 -33.24
CA SER G 287 -16.34 -20.58 -33.10
C SER G 287 -16.65 -21.87 -33.87
N SER G 288 -15.96 -22.97 -33.54
CA SER G 288 -16.10 -24.23 -34.28
C SER G 288 -15.86 -24.04 -35.78
N LEU G 289 -14.71 -23.44 -36.11
CA LEU G 289 -14.33 -23.23 -37.51
C LEU G 289 -14.19 -24.58 -38.26
N THR G 290 -14.62 -24.59 -39.52
CA THR G 290 -14.77 -25.84 -40.27
C THR G 290 -13.54 -26.29 -41.05
N GLY G 291 -12.96 -25.38 -41.82
CA GLY G 291 -11.96 -25.72 -42.82
C GLY G 291 -10.54 -25.96 -42.31
N LYS G 292 -9.83 -26.87 -42.98
CA LYS G 292 -8.47 -27.23 -42.58
C LYS G 292 -7.52 -26.05 -42.82
N ARG G 293 -7.64 -25.39 -43.95
CA ARG G 293 -6.76 -24.25 -44.22
C ARG G 293 -6.98 -23.12 -43.24
N LEU G 294 -8.23 -22.85 -42.88
CA LEU G 294 -8.53 -21.79 -41.90
C LEU G 294 -7.99 -22.18 -40.51
N LEU G 295 -8.18 -23.43 -40.12
CA LEU G 295 -7.68 -23.88 -38.83
C LEU G 295 -6.15 -23.78 -38.81
N GLN G 296 -5.53 -24.10 -39.93
CA GLN G 296 -4.08 -24.04 -40.03
C GLN G 296 -3.58 -22.61 -40.04
N TRP G 297 -4.29 -21.71 -40.74
CA TRP G 297 -3.90 -20.31 -40.74
C TRP G 297 -4.07 -19.73 -39.34
N GLN G 298 -5.19 -20.04 -38.71
CA GLN G 298 -5.44 -19.56 -37.35
C GLN G 298 -4.28 -19.97 -36.45
N ALA G 299 -3.86 -21.22 -36.56
CA ALA G 299 -2.77 -21.74 -35.72
C ALA G 299 -1.45 -21.04 -35.97
N SER G 300 -1.21 -20.63 -37.22
CA SER G 300 0.09 -20.07 -37.60
C SER G 300 0.19 -18.55 -37.49
N CYS G 301 -0.94 -17.85 -37.53
CA CYS G 301 -0.91 -16.39 -37.60
C CYS G 301 -0.39 -15.81 -36.27
N GLU G 302 0.27 -14.65 -36.37
CA GLU G 302 0.82 -14.02 -35.17
C GLU G 302 0.50 -12.53 -35.10
N PRO G 303 -0.80 -12.20 -35.00
CA PRO G 303 -1.18 -10.80 -34.81
C PRO G 303 -0.77 -10.35 -33.41
N GLU G 304 -0.71 -9.05 -33.18
CA GLU G 304 -0.42 -8.54 -31.85
C GLU G 304 -1.47 -9.05 -30.87
N GLU G 305 -2.72 -9.08 -31.30
CA GLU G 305 -3.80 -9.58 -30.47
C GLU G 305 -4.80 -10.41 -31.27
N TYR G 306 -5.32 -11.45 -30.62
CA TYR G 306 -6.32 -12.32 -31.20
C TYR G 306 -7.53 -12.27 -30.28
N TRP G 307 -8.68 -11.85 -30.79
CA TRP G 307 -9.88 -11.81 -29.96
C TRP G 307 -10.89 -12.83 -30.42
N ILE G 308 -11.56 -13.50 -29.48
CA ILE G 308 -12.72 -14.32 -29.83
C ILE G 308 -13.92 -13.87 -29.03
N VAL G 309 -14.94 -13.43 -29.77
CA VAL G 309 -16.24 -13.00 -29.24
C VAL G 309 -17.26 -14.11 -29.49
N ASP G 310 -17.96 -14.55 -28.44
CA ASP G 310 -18.96 -15.59 -28.61
C ASP G 310 -19.82 -15.66 -27.36
N ASP G 311 -21.03 -16.20 -27.46
CA ASP G 311 -21.89 -16.18 -26.29
C ASP G 311 -21.70 -17.41 -25.42
N ILE G 312 -20.77 -18.29 -25.80
CA ILE G 312 -20.43 -19.42 -24.93
C ILE G 312 -19.12 -19.19 -24.17
N GLU G 313 -18.93 -19.90 -23.07
CA GLU G 313 -17.81 -19.67 -22.14
C GLU G 313 -16.56 -20.47 -22.48
N GLY G 314 -15.46 -20.07 -21.88
CA GLY G 314 -14.22 -20.83 -21.91
C GLY G 314 -13.32 -20.46 -23.07
N ARG G 315 -12.11 -21.02 -23.08
CA ARG G 315 -11.22 -20.73 -24.19
C ARG G 315 -11.76 -21.34 -25.47
N LEU G 316 -11.55 -20.63 -26.58
CA LEU G 316 -12.09 -21.07 -27.88
C LEU G 316 -11.03 -21.03 -28.97
N ASP G 317 -9.80 -20.66 -28.59
CA ASP G 317 -8.68 -20.57 -29.51
C ASP G 317 -7.75 -21.77 -29.27
N PRO G 318 -7.81 -22.79 -30.15
CA PRO G 318 -6.98 -23.98 -29.92
C PRO G 318 -5.50 -23.74 -30.20
N ALA G 319 -5.15 -22.53 -30.62
CA ALA G 319 -3.74 -22.17 -30.82
C ALA G 319 -3.20 -21.29 -29.70
N HIS G 320 -4.08 -20.91 -28.77
CA HIS G 320 -3.67 -20.23 -27.54
C HIS G 320 -2.93 -18.90 -27.76
N HIS G 321 -3.42 -18.08 -28.68
CA HIS G 321 -2.81 -16.76 -28.91
C HIS G 321 -2.93 -15.82 -27.72
N ARG G 322 -1.97 -14.92 -27.62
CA ARG G 322 -2.08 -13.74 -26.77
C ARG G 322 -3.29 -12.91 -27.26
N GLY G 323 -4.18 -12.51 -26.35
CA GLY G 323 -5.36 -11.78 -26.77
C GLY G 323 -6.48 -11.79 -25.76
N ARG G 324 -7.70 -11.90 -26.27
CA ARG G 324 -8.89 -11.73 -25.44
C ARG G 324 -9.95 -12.75 -25.79
N ARG G 325 -10.69 -13.17 -24.76
CA ARG G 325 -11.80 -14.10 -24.89
C ARG G 325 -13.00 -13.34 -24.31
N LEU G 326 -13.90 -12.91 -25.19
CA LEU G 326 -14.96 -11.98 -24.85
C LEU G 326 -16.32 -12.67 -24.90
N ILE G 327 -16.97 -12.77 -23.74
CA ILE G 327 -18.23 -13.47 -23.64
C ILE G 327 -19.37 -12.47 -23.79
N ALA G 328 -20.17 -12.64 -24.85
CA ALA G 328 -21.21 -11.68 -25.16
C ALA G 328 -22.16 -12.21 -26.21
N ASN G 329 -23.41 -11.72 -26.21
CA ASN G 329 -24.25 -11.87 -27.38
C ASN G 329 -23.61 -11.08 -28.51
N ILE G 330 -23.42 -11.71 -29.66
CA ILE G 330 -22.63 -11.11 -30.74
C ILE G 330 -23.24 -9.79 -31.23
N ALA G 331 -24.56 -9.73 -31.35
CA ALA G 331 -25.21 -8.49 -31.78
C ALA G 331 -24.98 -7.38 -30.76
N ASP G 332 -25.15 -7.69 -29.47
CA ASP G 332 -24.85 -6.74 -28.41
C ASP G 332 -23.41 -6.25 -28.50
N TRP G 333 -22.50 -7.19 -28.70
CA TRP G 333 -21.08 -6.86 -28.71
C TRP G 333 -20.75 -5.91 -29.84
N LEU G 334 -21.36 -6.13 -30.99
CA LEU G 334 -21.13 -5.26 -32.14
C LEU G 334 -21.66 -3.84 -31.91
N GLU G 335 -22.75 -3.73 -31.17
CA GLU G 335 -23.30 -2.41 -30.86
C GLU G 335 -22.38 -1.67 -29.89
N LEU G 336 -21.76 -2.44 -28.98
CA LEU G 336 -20.81 -1.88 -28.01
C LEU G 336 -19.48 -1.54 -28.63
N HIS G 337 -19.16 -2.18 -29.74
CA HIS G 337 -17.89 -1.90 -30.41
C HIS G 337 -18.15 -1.64 -31.88
N PRO G 338 -18.78 -0.50 -32.16
CA PRO G 338 -19.21 -0.22 -33.54
C PRO G 338 -18.05 0.04 -34.47
N ALA G 339 -18.28 -0.20 -35.76
CA ALA G 339 -17.28 0.09 -36.78
C ALA G 339 -17.30 1.56 -37.19
N GLU G 340 -16.13 2.06 -37.59
CA GLU G 340 -16.02 3.36 -38.24
C GLU G 340 -15.53 3.11 -39.65
N LYS G 341 -16.11 3.81 -40.63
CA LYS G 341 -15.81 3.58 -42.03
C LYS G 341 -14.35 3.84 -42.36
N ARG G 342 -13.65 2.83 -42.85
CA ARG G 342 -12.26 3.01 -43.25
C ARG G 342 -12.00 2.22 -44.54
N GLN G 343 -11.07 2.72 -45.33
CA GLN G 343 -10.73 2.09 -46.61
C GLN G 343 -10.13 0.69 -46.40
N PRO G 344 -10.56 -0.29 -47.20
CA PRO G 344 -10.04 -1.67 -47.14
C PRO G 344 -8.54 -1.69 -47.35
N TRP G 345 -7.82 -2.53 -46.60
CA TRP G 345 -6.36 -2.57 -46.68
C TRP G 345 -5.83 -3.75 -47.49
N CYS G 346 -6.67 -4.74 -47.77
CA CYS G 346 -6.26 -5.89 -48.58
C CYS G 346 -6.33 -5.58 -50.06
N VAL G 347 -5.34 -6.05 -50.82
CA VAL G 347 -5.37 -5.82 -52.26
C VAL G 347 -5.32 -7.13 -53.03
N GLU G 348 -4.60 -8.12 -52.50
CA GLU G 348 -4.45 -9.40 -53.19
C GLU G 348 -5.58 -10.40 -52.94
N ILE G 349 -6.09 -10.44 -51.72
CA ILE G 349 -6.98 -11.53 -51.35
C ILE G 349 -8.35 -11.49 -52.05
N PRO G 350 -8.98 -10.31 -52.14
CA PRO G 350 -10.25 -10.29 -52.86
C PRO G 350 -10.12 -10.79 -54.31
N ARG G 351 -9.00 -10.47 -54.97
CA ARG G 351 -8.74 -10.98 -56.33
C ARG G 351 -8.58 -12.50 -56.30
N LEU G 352 -7.81 -13.01 -55.35
CA LEU G 352 -7.58 -14.45 -55.23
C LEU G 352 -8.86 -15.23 -54.96
N ALA G 353 -9.71 -14.70 -54.09
CA ALA G 353 -10.95 -15.38 -53.77
C ALA G 353 -11.83 -15.50 -55.01
N GLU G 354 -11.81 -14.51 -55.85
CA GLU G 354 -12.62 -14.56 -57.03
C GLU G 354 -12.09 -15.59 -57.99
N GLN G 355 -10.79 -15.62 -58.12
CA GLN G 355 -10.13 -16.58 -58.99
C GLN G 355 -10.37 -18.00 -58.49
N ALA G 356 -10.39 -18.15 -57.16
CA ALA G 356 -10.64 -19.45 -56.55
C ALA G 356 -12.04 -19.96 -56.91
N MET G 357 -13.05 -19.11 -56.72
CA MET G 357 -14.41 -19.50 -57.06
C MET G 357 -14.53 -19.81 -58.56
N GLN G 358 -13.85 -19.04 -59.40
CA GLN G 358 -13.89 -19.31 -60.82
C GLN G 358 -13.34 -20.72 -61.12
N ALA G 359 -12.30 -21.12 -60.39
CA ALA G 359 -11.70 -22.45 -60.54
C ALA G 359 -12.71 -23.54 -60.20
N VAL G 360 -13.51 -23.31 -59.17
CA VAL G 360 -14.53 -24.27 -58.79
C VAL G 360 -15.67 -24.31 -59.82
N ILE G 361 -16.11 -23.14 -60.27
CA ILE G 361 -17.17 -23.05 -61.28
C ILE G 361 -16.78 -23.81 -62.55
N ALA G 362 -15.51 -23.74 -62.88
CA ALA G 362 -14.98 -24.42 -64.06
C ALA G 362 -15.17 -25.96 -63.98
N ARG G 363 -15.33 -26.50 -62.78
CA ARG G 363 -15.47 -27.95 -62.61
C ARG G 363 -16.86 -28.34 -62.15
N ARG G 364 -17.85 -27.49 -62.44
CA ARG G 364 -19.19 -27.65 -61.87
C ARG G 364 -20.04 -28.76 -62.51
N ASP G 365 -19.63 -29.26 -63.67
CA ASP G 365 -20.54 -30.09 -64.47
C ASP G 365 -20.67 -31.53 -64.01
N ALA G 366 -19.59 -32.15 -63.57
CA ALA G 366 -19.62 -33.55 -63.16
C ALA G 366 -20.66 -33.81 -62.06
N PHE G 367 -21.34 -34.94 -62.17
CA PHE G 367 -22.38 -35.27 -61.20
C PHE G 367 -21.76 -35.93 -59.97
N GLY G 368 -21.02 -35.14 -59.19
CA GLY G 368 -20.34 -35.64 -58.01
C GLY G 368 -20.66 -34.86 -56.74
N GLU G 369 -20.14 -35.34 -55.60
CA GLU G 369 -20.44 -34.70 -54.32
C GLU G 369 -19.77 -33.34 -54.18
N ALA G 370 -18.61 -33.16 -54.80
CA ALA G 370 -17.96 -31.84 -54.78
C ALA G 370 -18.83 -30.84 -55.51
N GLN G 371 -19.35 -31.25 -56.66
CA GLN G 371 -20.19 -30.38 -57.47
C GLN G 371 -21.55 -30.10 -56.80
N LEU G 372 -22.12 -31.13 -56.15
CA LEU G 372 -23.37 -30.93 -55.41
C LEU G 372 -23.15 -29.86 -54.33
N ALA G 373 -22.04 -29.99 -53.62
CA ALA G 373 -21.68 -29.02 -52.58
C ALA G 373 -21.56 -27.61 -53.12
N HIS G 374 -20.82 -27.48 -54.22
CA HIS G 374 -20.63 -26.18 -54.87
C HIS G 374 -21.96 -25.55 -55.26
N ARG G 375 -22.85 -26.37 -55.80
CA ARG G 375 -24.11 -25.86 -56.35
C ARG G 375 -25.26 -25.83 -55.35
N ILE G 376 -24.99 -26.11 -54.09
CA ILE G 376 -26.08 -26.38 -53.14
C ILE G 376 -27.05 -25.20 -53.01
N CYS G 377 -26.61 -23.98 -53.29
N CYS G 377 -26.53 -24.01 -53.31
CA CYS G 377 -27.52 -22.83 -53.23
CA CYS G 377 -27.31 -22.77 -53.38
C CYS G 377 -28.69 -22.99 -54.17
C CYS G 377 -28.59 -22.94 -54.19
N ASP G 378 -28.50 -23.74 -55.25
CA ASP G 378 -29.59 -23.92 -56.21
C ASP G 378 -30.72 -24.76 -55.65
N TYR G 379 -30.50 -25.41 -54.51
CA TYR G 379 -31.50 -26.32 -53.99
C TYR G 379 -32.01 -25.88 -52.63
N LEU G 380 -31.53 -24.75 -52.13
CA LEU G 380 -32.02 -24.29 -50.81
C LEU G 380 -33.48 -23.90 -50.90
N PRO G 381 -34.31 -24.45 -50.01
CA PRO G 381 -35.73 -24.07 -50.06
C PRO G 381 -35.98 -22.61 -49.68
N GLU G 382 -36.88 -21.95 -50.38
CA GLU G 382 -37.19 -20.56 -50.04
C GLU G 382 -37.77 -20.45 -48.63
N GLN G 383 -37.24 -19.51 -47.85
CA GLN G 383 -37.68 -19.29 -46.48
C GLN G 383 -37.48 -20.54 -45.65
N GLY G 384 -36.46 -21.31 -45.99
CA GLY G 384 -36.19 -22.55 -45.30
C GLY G 384 -34.89 -22.51 -44.52
N GLN G 385 -34.35 -23.69 -44.25
CA GLN G 385 -33.13 -23.82 -43.50
C GLN G 385 -32.34 -25.02 -44.00
N LEU G 386 -31.03 -24.96 -43.80
CA LEU G 386 -30.12 -26.02 -44.20
C LEU G 386 -29.59 -26.71 -42.96
N PHE G 387 -29.62 -28.05 -42.95
CA PHE G 387 -28.90 -28.80 -41.92
C PHE G 387 -27.76 -29.55 -42.59
N VAL G 388 -26.52 -29.21 -42.23
N VAL G 388 -26.53 -29.23 -42.21
CA VAL G 388 -25.35 -29.81 -42.85
CA VAL G 388 -25.39 -29.85 -42.87
C VAL G 388 -24.72 -30.86 -41.94
C VAL G 388 -24.77 -30.87 -41.93
N GLY G 389 -24.52 -32.06 -42.46
CA GLY G 389 -23.94 -33.13 -41.68
C GLY G 389 -22.44 -32.99 -41.56
N ASN G 390 -21.83 -33.91 -40.84
CA ASN G 390 -20.39 -33.82 -40.61
C ASN G 390 -19.62 -34.65 -41.62
N SER G 391 -18.30 -34.53 -41.55
CA SER G 391 -17.36 -35.19 -42.47
C SER G 391 -17.24 -34.41 -43.77
N LEU G 392 -17.27 -35.09 -44.92
CA LEU G 392 -16.94 -34.37 -46.14
C LEU G 392 -17.95 -33.28 -46.53
N VAL G 393 -19.24 -33.50 -46.26
CA VAL G 393 -20.25 -32.56 -46.76
C VAL G 393 -20.06 -31.15 -46.21
N VAL G 394 -19.82 -31.00 -44.91
CA VAL G 394 -19.63 -29.67 -44.34
C VAL G 394 -18.31 -29.08 -44.87
N ARG G 395 -17.29 -29.92 -45.04
CA ARG G 395 -16.03 -29.42 -45.58
C ARG G 395 -16.16 -28.97 -47.05
N LEU G 396 -16.87 -29.76 -47.84
CA LEU G 396 -17.03 -29.43 -49.26
C LEU G 396 -17.89 -28.18 -49.50
N ILE G 397 -19.00 -28.06 -48.77
CA ILE G 397 -19.80 -26.85 -48.89
C ILE G 397 -19.00 -25.64 -48.42
N ASP G 398 -18.28 -25.79 -47.31
CA ASP G 398 -17.44 -24.70 -46.82
C ASP G 398 -16.38 -24.29 -47.82
N ALA G 399 -15.78 -25.26 -48.49
CA ALA G 399 -14.68 -24.98 -49.41
C ALA G 399 -15.14 -24.48 -50.77
N LEU G 400 -16.31 -24.93 -51.22
CA LEU G 400 -16.69 -24.80 -52.62
C LEU G 400 -17.93 -23.96 -52.92
N SER G 401 -18.70 -23.63 -51.89
CA SER G 401 -19.95 -22.89 -52.10
C SER G 401 -19.93 -21.55 -51.41
N GLN G 402 -20.78 -20.63 -51.89
CA GLN G 402 -20.96 -19.34 -51.23
C GLN G 402 -22.42 -19.27 -50.80
N LEU G 403 -22.67 -19.47 -49.51
CA LEU G 403 -24.05 -19.50 -49.02
C LEU G 403 -24.55 -18.09 -48.77
N PRO G 404 -25.86 -17.87 -48.97
CA PRO G 404 -26.45 -16.53 -48.86
C PRO G 404 -26.41 -15.99 -47.45
N ALA G 405 -26.14 -14.70 -47.32
CA ALA G 405 -26.18 -14.04 -46.01
C ALA G 405 -27.58 -14.20 -45.41
N GLY G 406 -27.61 -14.55 -44.13
CA GLY G 406 -28.85 -14.67 -43.37
C GLY G 406 -29.64 -15.95 -43.61
N TYR G 407 -29.17 -16.83 -44.49
CA TYR G 407 -29.87 -18.09 -44.71
C TYR G 407 -29.50 -19.09 -43.62
N PRO G 408 -30.47 -19.52 -42.83
CA PRO G 408 -30.17 -20.29 -41.63
C PRO G 408 -29.48 -21.62 -41.94
N VAL G 409 -28.34 -21.83 -41.27
CA VAL G 409 -27.61 -23.08 -41.33
C VAL G 409 -27.49 -23.68 -39.93
N TYR G 410 -27.74 -24.96 -39.83
CA TYR G 410 -27.62 -25.68 -38.57
C TYR G 410 -26.72 -26.88 -38.74
N SER G 411 -26.12 -27.33 -37.65
CA SER G 411 -25.16 -28.43 -37.64
C SER G 411 -24.90 -28.93 -36.24
N ASN G 412 -24.23 -30.07 -36.17
CA ASN G 412 -23.65 -30.57 -34.93
C ASN G 412 -22.13 -30.49 -35.00
N ALA G 413 -21.58 -29.29 -34.97
CA ALA G 413 -20.14 -29.13 -35.23
C ALA G 413 -19.32 -28.89 -33.95
N GLY G 414 -19.91 -29.15 -32.79
CA GLY G 414 -19.17 -29.06 -31.54
C GLY G 414 -18.19 -30.22 -31.41
N ALA G 415 -18.73 -31.42 -31.27
CA ALA G 415 -17.90 -32.63 -31.22
C ALA G 415 -17.87 -33.31 -32.59
N SER G 416 -18.67 -32.77 -33.51
CA SER G 416 -18.74 -33.24 -34.88
C SER G 416 -19.04 -34.74 -35.00
N GLY G 417 -19.92 -35.23 -34.14
CA GLY G 417 -20.30 -36.62 -34.17
C GLY G 417 -21.15 -36.97 -35.38
N ILE G 418 -21.00 -38.18 -35.90
CA ILE G 418 -21.85 -38.66 -36.98
C ILE G 418 -22.97 -39.53 -36.41
N ASP G 419 -23.22 -39.45 -35.12
CA ASP G 419 -24.13 -40.41 -34.50
C ASP G 419 -25.58 -39.95 -34.31
N GLY G 420 -25.89 -38.68 -34.59
CA GLY G 420 -27.26 -38.23 -34.34
C GLY G 420 -27.83 -37.25 -35.34
N LEU G 421 -27.38 -37.36 -36.58
CA LEU G 421 -27.64 -36.31 -37.55
C LEU G 421 -29.07 -36.30 -38.11
N LEU G 422 -29.69 -37.47 -38.28
CA LEU G 422 -31.09 -37.52 -38.74
C LEU G 422 -32.07 -37.05 -37.67
N SER G 423 -31.89 -37.55 -36.45
CA SER G 423 -32.78 -37.15 -35.37
C SER G 423 -32.58 -35.67 -35.05
N THR G 424 -31.34 -35.17 -35.12
CA THR G 424 -31.13 -33.74 -34.91
C THR G 424 -31.85 -32.91 -35.98
N ALA G 425 -31.74 -33.31 -37.26
CA ALA G 425 -32.43 -32.59 -38.33
C ALA G 425 -33.94 -32.61 -38.13
N ALA G 426 -34.47 -33.73 -37.64
CA ALA G 426 -35.91 -33.81 -37.38
C ALA G 426 -36.34 -32.76 -36.36
N GLY G 427 -35.54 -32.58 -35.31
CA GLY G 427 -35.83 -31.60 -34.29
C GLY G 427 -35.70 -30.19 -34.82
N VAL G 428 -34.69 -29.97 -35.66
CA VAL G 428 -34.48 -28.67 -36.30
C VAL G 428 -35.72 -28.29 -37.10
N GLN G 429 -36.23 -29.25 -37.88
CA GLN G 429 -37.43 -29.03 -38.67
C GLN G 429 -38.65 -28.77 -37.78
N ARG G 430 -38.88 -29.62 -36.79
CA ARG G 430 -40.10 -29.51 -35.99
C ARG G 430 -40.16 -28.20 -35.20
N ALA G 431 -39.00 -27.74 -34.76
CA ALA G 431 -38.93 -26.53 -33.95
C ALA G 431 -39.37 -25.29 -34.74
N SER G 432 -38.92 -25.18 -35.98
CA SER G 432 -39.15 -23.96 -36.75
C SER G 432 -40.36 -24.05 -37.65
N GLY G 433 -40.75 -25.28 -38.01
CA GLY G 433 -41.86 -25.48 -38.93
C GLY G 433 -41.50 -25.09 -40.36
N LYS G 434 -40.20 -24.88 -40.62
CA LYS G 434 -39.75 -24.44 -41.96
C LYS G 434 -39.39 -25.59 -42.88
N PRO G 435 -39.55 -25.37 -44.20
CA PRO G 435 -39.02 -26.35 -45.15
C PRO G 435 -37.51 -26.52 -44.94
N THR G 436 -37.03 -27.76 -44.99
CA THR G 436 -35.66 -28.07 -44.58
C THR G 436 -34.89 -28.94 -45.58
N LEU G 437 -33.64 -28.56 -45.85
CA LEU G 437 -32.72 -29.41 -46.61
C LEU G 437 -31.66 -29.91 -45.66
N ALA G 438 -31.57 -31.24 -45.55
CA ALA G 438 -30.56 -31.87 -44.71
C ALA G 438 -29.67 -32.75 -45.57
N ILE G 439 -28.37 -32.65 -45.38
CA ILE G 439 -27.45 -33.40 -46.20
C ILE G 439 -26.46 -34.13 -45.31
N VAL G 440 -26.40 -35.45 -45.48
CA VAL G 440 -25.51 -36.29 -44.68
C VAL G 440 -24.83 -37.35 -45.52
N GLY G 441 -23.76 -37.95 -44.99
CA GLY G 441 -23.08 -39.03 -45.66
C GLY G 441 -23.71 -40.39 -45.38
N ASP G 442 -23.25 -41.44 -46.07
CA ASP G 442 -23.87 -42.76 -45.95
C ASP G 442 -23.64 -43.42 -44.59
N LEU G 443 -22.45 -43.35 -44.02
CA LEU G 443 -22.24 -43.94 -42.70
C LEU G 443 -23.07 -43.18 -41.67
N SER G 444 -23.17 -41.86 -41.84
CA SER G 444 -24.00 -41.02 -40.97
C SER G 444 -25.46 -41.46 -41.01
N ALA G 445 -25.95 -41.74 -42.20
CA ALA G 445 -27.34 -42.18 -42.38
C ALA G 445 -27.58 -43.57 -41.77
N LEU G 446 -26.58 -44.44 -41.89
CA LEU G 446 -26.66 -45.75 -41.28
C LEU G 446 -26.66 -45.65 -39.76
N TYR G 447 -25.80 -44.77 -39.25
CA TYR G 447 -25.64 -44.60 -37.82
C TYR G 447 -26.99 -44.27 -37.16
N ASP G 448 -27.72 -43.32 -37.76
CA ASP G 448 -28.98 -42.88 -37.17
C ASP G 448 -30.16 -43.32 -38.02
N LEU G 449 -30.03 -44.52 -38.59
CA LEU G 449 -31.00 -45.05 -39.55
C LEU G 449 -32.43 -45.09 -38.99
N ASN G 450 -32.60 -45.47 -37.72
CA ASN G 450 -33.96 -45.62 -37.19
C ASN G 450 -34.63 -44.27 -36.89
N ALA G 451 -33.88 -43.17 -37.04
CA ALA G 451 -34.47 -41.84 -36.90
C ALA G 451 -35.37 -41.53 -38.11
N LEU G 452 -35.28 -42.36 -39.14
CA LEU G 452 -36.23 -42.23 -40.24
C LEU G 452 -37.66 -42.37 -39.74
N ALA G 453 -37.84 -43.08 -38.62
CA ALA G 453 -39.16 -43.17 -37.98
C ALA G 453 -39.66 -41.77 -37.61
N LEU G 454 -38.75 -40.92 -37.11
CA LEU G 454 -39.09 -39.55 -36.72
C LEU G 454 -39.44 -38.68 -37.93
N LEU G 455 -38.78 -38.94 -39.05
CA LEU G 455 -38.94 -38.12 -40.24
C LEU G 455 -40.25 -38.41 -40.97
N ARG G 456 -41.01 -39.37 -40.46
CA ARG G 456 -42.37 -39.61 -40.94
C ARG G 456 -43.31 -38.51 -40.47
N GLN G 457 -42.87 -37.72 -39.50
CA GLN G 457 -43.67 -36.59 -39.02
C GLN G 457 -42.88 -35.30 -39.07
N VAL G 458 -43.06 -34.56 -40.15
CA VAL G 458 -42.50 -33.23 -40.28
C VAL G 458 -43.64 -32.28 -40.66
N SER G 459 -43.51 -31.02 -40.30
CA SER G 459 -44.62 -30.07 -40.49
C SER G 459 -44.49 -29.28 -41.78
N ALA G 460 -43.37 -29.49 -42.48
CA ALA G 460 -43.10 -28.88 -43.77
C ALA G 460 -42.18 -29.82 -44.51
N PRO G 461 -42.04 -29.66 -45.83
CA PRO G 461 -41.17 -30.62 -46.52
C PRO G 461 -39.73 -30.62 -46.01
N LEU G 462 -39.19 -31.82 -45.86
CA LEU G 462 -37.79 -32.00 -45.53
C LEU G 462 -37.19 -32.90 -46.58
N VAL G 463 -36.14 -32.43 -47.24
CA VAL G 463 -35.41 -33.24 -48.18
C VAL G 463 -34.17 -33.76 -47.49
N LEU G 464 -34.03 -35.08 -47.42
CA LEU G 464 -32.83 -35.69 -46.86
C LEU G 464 -31.98 -36.21 -47.98
N ILE G 465 -30.88 -35.52 -48.30
CA ILE G 465 -29.92 -36.02 -49.26
C ILE G 465 -28.93 -36.90 -48.53
N VAL G 466 -28.80 -38.14 -48.99
CA VAL G 466 -27.77 -39.04 -48.50
C VAL G 466 -26.73 -39.20 -49.60
N VAL G 467 -25.54 -38.69 -49.35
CA VAL G 467 -24.42 -38.84 -50.27
C VAL G 467 -23.77 -40.18 -50.01
N ASN G 468 -23.92 -41.09 -50.97
CA ASN G 468 -23.39 -42.44 -50.80
C ASN G 468 -22.11 -42.61 -51.61
N ASN G 469 -20.97 -42.45 -50.95
CA ASN G 469 -19.68 -42.69 -51.58
C ASN G 469 -19.04 -43.96 -51.00
N ASN G 470 -19.89 -44.80 -50.41
CA ASN G 470 -19.53 -46.13 -49.94
C ASN G 470 -18.39 -46.13 -48.92
N GLY G 471 -18.67 -45.54 -47.76
CA GLY G 471 -17.71 -45.50 -46.67
C GLY G 471 -17.45 -44.09 -46.20
N GLY G 472 -16.54 -43.94 -45.25
CA GLY G 472 -16.19 -42.64 -44.74
C GLY G 472 -15.05 -42.02 -45.53
N GLN G 473 -15.36 -41.33 -46.61
CA GLN G 473 -14.33 -40.93 -47.56
C GLN G 473 -13.48 -39.75 -47.09
N ILE G 474 -13.81 -39.19 -45.92
CA ILE G 474 -12.88 -38.25 -45.33
C ILE G 474 -11.52 -38.94 -45.12
N PHE G 475 -11.54 -40.25 -44.97
CA PHE G 475 -10.31 -41.00 -44.77
C PHE G 475 -9.58 -41.27 -46.10
N SER G 476 -10.17 -40.82 -47.21
CA SER G 476 -9.48 -40.79 -48.50
C SER G 476 -8.85 -39.40 -48.72
N LEU G 477 -9.31 -38.43 -47.95
CA LEU G 477 -8.74 -37.07 -47.95
C LEU G 477 -7.55 -37.04 -46.99
N LEU G 478 -7.75 -37.55 -45.78
CA LEU G 478 -6.64 -37.71 -44.83
C LEU G 478 -5.62 -38.70 -45.38
N PRO G 479 -4.35 -38.52 -44.99
CA PRO G 479 -3.25 -39.35 -45.49
C PRO G 479 -3.18 -40.69 -44.76
N THR G 480 -4.29 -41.40 -44.71
CA THR G 480 -4.33 -42.71 -44.06
C THR G 480 -3.53 -43.73 -44.86
N PRO G 481 -2.99 -44.75 -44.18
CA PRO G 481 -2.21 -45.75 -44.91
C PRO G 481 -3.06 -46.57 -45.89
N GLN G 482 -2.58 -46.74 -47.12
CA GLN G 482 -3.35 -47.42 -48.16
C GLN G 482 -3.69 -48.86 -47.81
N SER G 483 -2.76 -49.55 -47.17
CA SER G 483 -2.94 -50.98 -46.90
C SER G 483 -4.11 -51.25 -45.95
N GLU G 484 -4.29 -50.39 -44.96
CA GLU G 484 -5.34 -50.55 -43.95
C GLU G 484 -6.58 -49.71 -44.21
N ARG G 485 -6.52 -48.87 -45.24
CA ARG G 485 -7.54 -47.84 -45.40
C ARG G 485 -8.96 -48.40 -45.53
N GLU G 486 -9.16 -49.39 -46.40
CA GLU G 486 -10.52 -49.88 -46.65
C GLU G 486 -11.15 -50.56 -45.44
N ARG G 487 -10.44 -51.53 -44.86
CA ARG G 487 -10.99 -52.32 -43.77
C ARG G 487 -11.13 -51.52 -42.48
N PHE G 488 -10.13 -50.69 -42.19
CA PHE G 488 -10.07 -50.07 -40.87
C PHE G 488 -10.40 -48.58 -40.81
N TYR G 489 -10.59 -47.94 -41.97
CA TYR G 489 -10.98 -46.53 -42.01
C TYR G 489 -12.26 -46.29 -42.79
N LEU G 490 -12.22 -46.58 -44.09
CA LEU G 490 -13.35 -46.28 -44.96
C LEU G 490 -14.60 -47.07 -44.56
N MET G 491 -14.39 -48.35 -44.26
CA MET G 491 -15.45 -49.27 -43.86
C MET G 491 -16.70 -49.17 -44.73
N PRO G 492 -16.54 -49.39 -46.06
CA PRO G 492 -17.71 -49.42 -46.93
C PRO G 492 -18.74 -50.44 -46.45
N GLN G 493 -20.01 -50.07 -46.47
CA GLN G 493 -21.04 -51.00 -46.01
C GLN G 493 -21.81 -51.56 -47.20
N ASN G 494 -21.55 -51.03 -48.39
CA ASN G 494 -22.14 -51.53 -49.62
C ASN G 494 -23.66 -51.69 -49.57
N VAL G 495 -24.34 -50.59 -49.25
CA VAL G 495 -25.80 -50.59 -49.19
C VAL G 495 -26.36 -49.44 -50.01
N HIS G 496 -27.67 -49.50 -50.27
CA HIS G 496 -28.41 -48.36 -50.78
C HIS G 496 -29.53 -48.09 -49.78
N PHE G 497 -30.26 -46.99 -49.96
CA PHE G 497 -31.22 -46.56 -48.96
C PHE G 497 -32.67 -46.59 -49.47
N GLU G 498 -32.88 -47.20 -50.64
CA GLU G 498 -34.24 -47.30 -51.16
C GLU G 498 -35.14 -48.11 -50.25
N HIS G 499 -34.61 -49.21 -49.72
CA HIS G 499 -35.41 -50.05 -48.85
C HIS G 499 -35.63 -49.40 -47.48
N ALA G 500 -34.66 -48.59 -47.03
CA ALA G 500 -34.84 -47.83 -45.80
C ALA G 500 -36.02 -46.86 -45.92
N ALA G 501 -36.05 -46.15 -47.04
CA ALA G 501 -37.15 -45.23 -47.29
C ALA G 501 -38.47 -45.96 -47.35
N ALA G 502 -38.51 -47.08 -48.07
CA ALA G 502 -39.75 -47.86 -48.21
C ALA G 502 -40.26 -48.36 -46.87
N MET G 503 -39.35 -48.76 -45.99
CA MET G 503 -39.74 -49.25 -44.67
C MET G 503 -40.54 -48.21 -43.88
N PHE G 504 -40.17 -46.95 -44.05
CA PHE G 504 -40.84 -45.91 -43.28
C PHE G 504 -41.78 -45.11 -44.18
N GLU G 505 -42.08 -45.68 -45.34
CA GLU G 505 -43.06 -45.10 -46.25
C GLU G 505 -42.73 -43.67 -46.65
N LEU G 506 -41.45 -43.44 -46.92
CA LEU G 506 -40.97 -42.14 -47.36
C LEU G 506 -40.66 -42.17 -48.86
N LYS G 507 -41.02 -41.10 -49.57
CA LYS G 507 -40.67 -41.00 -50.98
C LYS G 507 -39.15 -41.10 -51.17
N TYR G 508 -38.74 -41.68 -52.29
CA TYR G 508 -37.33 -41.95 -52.55
C TYR G 508 -36.95 -41.65 -54.00
N HIS G 509 -35.82 -40.98 -54.19
CA HIS G 509 -35.26 -40.77 -55.53
C HIS G 509 -33.80 -41.15 -55.51
N ARG G 510 -33.34 -41.76 -56.60
CA ARG G 510 -31.91 -41.98 -56.81
C ARG G 510 -31.51 -41.38 -58.14
N PRO G 511 -31.36 -40.05 -58.20
CA PRO G 511 -31.12 -39.32 -59.46
C PRO G 511 -29.78 -39.64 -60.12
N GLN G 512 -29.79 -39.76 -61.45
CA GLN G 512 -28.61 -40.13 -62.22
C GLN G 512 -27.91 -38.93 -62.83
N ASN G 513 -28.58 -37.78 -62.83
CA ASN G 513 -28.01 -36.57 -63.41
C ASN G 513 -28.66 -35.33 -62.80
N TRP G 514 -28.23 -34.15 -63.21
CA TRP G 514 -28.73 -32.92 -62.62
C TRP G 514 -30.23 -32.71 -62.87
N GLN G 515 -30.71 -33.11 -64.05
CA GLN G 515 -32.13 -32.97 -64.36
C GLN G 515 -33.00 -33.83 -63.42
N GLU G 516 -32.59 -35.06 -63.18
CA GLU G 516 -33.35 -35.94 -62.29
C GLU G 516 -33.32 -35.42 -60.87
N LEU G 517 -32.20 -34.80 -60.48
CA LEU G 517 -32.10 -34.19 -59.16
C LEU G 517 -33.10 -33.03 -59.02
N GLU G 518 -33.18 -32.19 -60.03
CA GLU G 518 -34.10 -31.05 -59.98
C GLU G 518 -35.54 -31.55 -59.95
N THR G 519 -35.83 -32.62 -60.68
CA THR G 519 -37.16 -33.22 -60.66
C THR G 519 -37.52 -33.76 -59.28
N ALA G 520 -36.54 -34.36 -58.62
CA ALA G 520 -36.72 -34.92 -57.28
C ALA G 520 -37.09 -33.83 -56.25
N PHE G 521 -36.35 -32.72 -56.29
CA PHE G 521 -36.63 -31.57 -55.41
C PHE G 521 -38.03 -31.00 -55.66
N ALA G 522 -38.38 -30.86 -56.92
CA ALA G 522 -39.68 -30.32 -57.30
C ALA G 522 -40.82 -31.14 -56.71
N ASP G 523 -40.67 -32.46 -56.78
CA ASP G 523 -41.64 -33.37 -56.19
C ASP G 523 -41.65 -33.17 -54.69
N ALA G 524 -40.47 -33.08 -54.11
CA ALA G 524 -40.32 -33.08 -52.66
C ALA G 524 -40.99 -31.87 -51.98
N TRP G 525 -40.85 -30.68 -52.56
CA TRP G 525 -41.35 -29.49 -51.87
C TRP G 525 -42.88 -29.38 -51.87
N ARG G 526 -43.55 -30.29 -52.58
CA ARG G 526 -45.01 -30.17 -52.76
C ARG G 526 -45.85 -30.56 -51.56
N THR G 527 -45.30 -31.37 -50.67
CA THR G 527 -46.04 -31.85 -49.51
C THR G 527 -45.20 -31.79 -48.22
N PRO G 528 -45.86 -31.65 -47.07
CA PRO G 528 -45.16 -31.61 -45.78
C PRO G 528 -44.70 -33.00 -45.35
N THR G 529 -43.80 -33.59 -46.13
CA THR G 529 -43.26 -34.91 -45.83
C THR G 529 -41.76 -34.95 -46.08
N THR G 530 -41.11 -36.00 -45.61
CA THR G 530 -39.68 -36.20 -45.84
C THR G 530 -39.48 -37.01 -47.12
N THR G 531 -38.63 -36.48 -47.99
CA THR G 531 -38.21 -37.21 -49.20
C THR G 531 -36.74 -37.55 -49.08
N VAL G 532 -36.41 -38.81 -49.34
CA VAL G 532 -35.01 -39.25 -49.32
C VAL G 532 -34.44 -39.22 -50.72
N ILE G 533 -33.37 -38.45 -50.91
CA ILE G 533 -32.69 -38.40 -52.19
C ILE G 533 -31.29 -38.97 -52.01
N GLU G 534 -31.07 -40.15 -52.58
CA GLU G 534 -29.78 -40.80 -52.47
C GLU G 534 -28.92 -40.44 -53.67
N MET G 535 -27.80 -39.79 -53.41
CA MET G 535 -26.87 -39.47 -54.48
C MET G 535 -25.69 -40.42 -54.44
N VAL G 536 -25.66 -41.36 -55.38
CA VAL G 536 -24.60 -42.35 -55.47
C VAL G 536 -23.45 -41.82 -56.32
N VAL G 537 -22.26 -41.77 -55.75
CA VAL G 537 -21.09 -41.20 -56.41
C VAL G 537 -19.87 -42.10 -56.29
N ASN G 538 -18.91 -41.91 -57.18
CA ASN G 538 -17.65 -42.65 -57.13
C ASN G 538 -16.91 -42.32 -55.84
N ASP G 539 -16.49 -43.34 -55.11
CA ASP G 539 -15.98 -43.17 -53.74
C ASP G 539 -15.05 -41.97 -53.52
N THR G 540 -13.97 -41.88 -54.28
CA THR G 540 -12.92 -40.90 -53.97
C THR G 540 -12.94 -39.61 -54.80
N ASP G 541 -13.91 -39.47 -55.70
CA ASP G 541 -13.94 -38.29 -56.57
C ASP G 541 -14.03 -36.97 -55.80
N GLY G 542 -14.85 -36.95 -54.76
CA GLY G 542 -15.02 -35.74 -53.96
C GLY G 542 -13.73 -35.33 -53.29
N ALA G 543 -13.08 -36.27 -52.62
CA ALA G 543 -11.84 -35.98 -51.92
C ALA G 543 -10.78 -35.54 -52.92
N GLN G 544 -10.67 -36.24 -54.04
CA GLN G 544 -9.65 -35.92 -55.03
C GLN G 544 -9.90 -34.56 -55.66
N THR G 545 -11.16 -34.24 -55.93
CA THR G 545 -11.46 -32.95 -56.56
C THR G 545 -11.07 -31.80 -55.64
N LEU G 546 -11.33 -31.96 -54.36
CA LEU G 546 -10.92 -30.94 -53.40
C LEU G 546 -9.41 -30.80 -53.39
N GLN G 547 -8.71 -31.94 -53.40
CA GLN G 547 -7.25 -31.91 -53.39
C GLN G 547 -6.70 -31.20 -54.64
N GLN G 548 -7.33 -31.47 -55.77
CA GLN G 548 -6.91 -30.86 -57.03
C GLN G 548 -7.17 -29.35 -57.05
N LEU G 549 -8.32 -28.93 -56.55
CA LEU G 549 -8.64 -27.50 -56.53
C LEU G 549 -7.74 -26.73 -55.57
N LEU G 550 -7.41 -27.35 -54.43
CA LEU G 550 -6.46 -26.76 -53.50
C LEU G 550 -5.13 -26.53 -54.20
N ALA G 551 -4.66 -27.54 -54.93
CA ALA G 551 -3.39 -27.45 -55.64
C ALA G 551 -3.44 -26.39 -56.73
N GLN G 552 -4.52 -26.37 -57.48
CA GLN G 552 -4.64 -25.40 -58.56
C GLN G 552 -4.61 -23.98 -58.03
N VAL G 553 -5.39 -23.73 -56.98
CA VAL G 553 -5.48 -22.36 -56.45
C VAL G 553 -4.17 -21.93 -55.79
N SER G 554 -3.41 -22.88 -55.26
CA SER G 554 -2.14 -22.53 -54.60
C SER G 554 -1.11 -21.98 -55.59
N HIS G 555 -1.32 -22.25 -56.88
CA HIS G 555 -0.37 -21.83 -57.91
C HIS G 555 -0.80 -20.58 -58.65
N LEU G 556 -1.94 -19.98 -58.28
CA LEU G 556 -2.40 -18.75 -58.90
C LEU G 556 -1.52 -17.54 -58.58
N MET H 1 12.20 -38.44 -32.28
CA MET H 1 12.08 -37.51 -33.40
C MET H 1 10.68 -37.52 -34.01
N SER H 2 10.23 -38.68 -34.49
CA SER H 2 8.93 -38.78 -35.15
C SER H 2 7.79 -39.02 -34.17
N VAL H 3 6.92 -38.02 -34.03
CA VAL H 3 5.76 -38.15 -33.15
C VAL H 3 4.80 -39.24 -33.64
N SER H 4 4.57 -39.32 -34.96
CA SER H 4 3.67 -40.34 -35.49
C SER H 4 4.21 -41.74 -35.20
N ALA H 5 5.52 -41.92 -35.35
CA ALA H 5 6.14 -43.22 -35.09
C ALA H 5 6.07 -43.57 -33.62
N PHE H 6 6.37 -42.63 -32.73
CA PHE H 6 6.35 -42.97 -31.31
C PHE H 6 4.94 -43.27 -30.83
N ASN H 7 3.96 -42.52 -31.34
CA ASN H 7 2.58 -42.84 -31.03
C ASN H 7 2.26 -44.31 -31.25
N ARG H 8 2.74 -44.82 -32.38
CA ARG H 8 2.46 -46.19 -32.75
C ARG H 8 3.25 -47.18 -31.88
N ARG H 9 4.45 -46.80 -31.46
CA ARG H 9 5.25 -47.65 -30.57
C ARG H 9 4.59 -47.75 -29.21
N TRP H 10 4.09 -46.61 -28.74
CA TRP H 10 3.37 -46.51 -27.49
C TRP H 10 2.11 -47.39 -27.56
N ALA H 11 1.34 -47.21 -28.62
CA ALA H 11 0.15 -48.01 -28.84
C ALA H 11 0.48 -49.51 -28.93
N ALA H 12 1.61 -49.83 -29.55
CA ALA H 12 2.00 -51.23 -29.74
C ALA H 12 2.21 -51.96 -28.42
N VAL H 13 2.75 -51.26 -27.42
CA VAL H 13 2.91 -51.84 -26.09
C VAL H 13 1.54 -52.13 -25.46
N ILE H 14 0.62 -51.17 -25.57
CA ILE H 14 -0.70 -51.35 -24.99
C ILE H 14 -1.39 -52.58 -25.56
N LEU H 15 -1.38 -52.71 -26.88
CA LEU H 15 -2.11 -53.81 -27.52
C LEU H 15 -1.42 -55.16 -27.27
N GLU H 16 -0.09 -55.20 -27.33
CA GLU H 16 0.61 -56.45 -27.07
C GLU H 16 0.38 -56.89 -25.63
N ALA H 17 0.36 -55.93 -24.71
CA ALA H 17 0.13 -56.25 -23.31
C ALA H 17 -1.20 -56.98 -23.13
N LEU H 18 -2.23 -56.52 -23.84
CA LEU H 18 -3.55 -57.13 -23.71
C LEU H 18 -3.54 -58.59 -24.17
N THR H 19 -2.73 -58.91 -25.18
CA THR H 19 -2.67 -60.32 -25.64
C THR H 19 -2.19 -61.28 -24.56
N ARG H 20 -1.50 -60.77 -23.54
CA ARG H 20 -1.00 -61.61 -22.46
C ARG H 20 -2.08 -61.90 -21.42
N HIS H 21 -3.26 -61.31 -21.60
CA HIS H 21 -4.36 -61.51 -20.68
C HIS H 21 -5.57 -62.15 -21.35
N GLY H 22 -5.33 -62.80 -22.49
CA GLY H 22 -6.37 -63.58 -23.13
C GLY H 22 -7.25 -62.79 -24.10
N VAL H 23 -6.91 -61.54 -24.36
CA VAL H 23 -7.66 -60.75 -25.35
C VAL H 23 -7.35 -61.28 -26.75
N ARG H 24 -8.39 -61.74 -27.44
CA ARG H 24 -8.25 -62.27 -28.80
C ARG H 24 -9.09 -61.45 -29.78
N HIS H 25 -10.32 -61.16 -29.38
CA HIS H 25 -11.20 -60.34 -30.20
C HIS H 25 -10.98 -58.85 -29.96
N ILE H 26 -10.93 -58.08 -31.03
CA ILE H 26 -10.88 -56.64 -30.89
C ILE H 26 -11.87 -56.00 -31.85
N CYS H 27 -12.68 -55.10 -31.31
CA CYS H 27 -13.73 -54.43 -32.07
C CYS H 27 -13.37 -53.00 -32.32
N ILE H 28 -13.32 -52.62 -33.60
CA ILE H 28 -12.79 -51.33 -34.00
C ILE H 28 -13.80 -50.51 -34.80
N ALA H 29 -13.95 -49.25 -34.41
CA ALA H 29 -14.75 -48.29 -35.16
C ALA H 29 -13.81 -47.31 -35.87
N PRO H 30 -14.29 -46.66 -36.93
CA PRO H 30 -13.39 -45.81 -37.73
C PRO H 30 -13.08 -44.45 -37.10
N GLY H 31 -11.89 -43.93 -37.36
CA GLY H 31 -11.55 -42.62 -36.84
C GLY H 31 -10.13 -42.25 -37.23
N SER H 32 -9.76 -41.00 -36.98
CA SER H 32 -8.39 -40.58 -37.25
C SER H 32 -7.58 -40.55 -35.97
N ARG H 33 -8.15 -39.99 -34.91
CA ARG H 33 -7.41 -39.86 -33.65
C ARG H 33 -7.02 -41.23 -33.09
N SER H 34 -7.78 -42.26 -33.44
CA SER H 34 -7.54 -43.64 -33.01
C SER H 34 -6.47 -44.35 -33.83
N THR H 35 -5.91 -43.67 -34.83
CA THR H 35 -4.93 -44.26 -35.74
C THR H 35 -3.81 -45.07 -35.05
N PRO H 36 -3.19 -44.51 -34.00
CA PRO H 36 -2.08 -45.28 -33.42
C PRO H 36 -2.55 -46.63 -32.86
N LEU H 37 -3.71 -46.63 -32.24
CA LEU H 37 -4.28 -47.87 -31.68
C LEU H 37 -4.73 -48.83 -32.77
N THR H 38 -5.43 -48.29 -33.76
CA THR H 38 -5.99 -49.12 -34.81
C THR H 38 -4.89 -49.75 -35.67
N LEU H 39 -3.84 -48.99 -35.97
CA LEU H 39 -2.74 -49.54 -36.76
C LEU H 39 -1.96 -50.59 -35.95
N ALA H 40 -1.75 -50.33 -34.67
CA ALA H 40 -1.09 -51.31 -33.82
C ALA H 40 -1.89 -52.60 -33.76
N ALA H 41 -3.22 -52.46 -33.70
CA ALA H 41 -4.09 -53.62 -33.64
C ALA H 41 -4.06 -54.40 -34.96
N ALA H 42 -4.12 -53.66 -36.07
CA ALA H 42 -4.13 -54.28 -37.39
C ALA H 42 -2.87 -55.08 -37.63
N GLU H 43 -1.76 -54.59 -37.10
CA GLU H 43 -0.46 -55.21 -37.33
C GLU H 43 -0.19 -56.38 -36.41
N ASN H 44 -0.97 -56.51 -35.35
CA ASN H 44 -0.77 -57.58 -34.39
C ASN H 44 -1.56 -58.83 -34.77
N SER H 45 -0.83 -59.90 -35.10
CA SER H 45 -1.42 -61.11 -35.63
C SER H 45 -2.17 -61.94 -34.57
N ALA H 46 -2.14 -61.49 -33.32
CA ALA H 46 -2.82 -62.23 -32.25
C ALA H 46 -4.34 -62.03 -32.29
N PHE H 47 -4.80 -60.98 -32.96
CA PHE H 47 -6.21 -60.57 -32.88
C PHE H 47 -7.10 -61.06 -34.01
N ILE H 48 -8.36 -61.27 -33.65
CA ILE H 48 -9.46 -61.34 -34.60
C ILE H 48 -10.12 -59.97 -34.57
N HIS H 49 -10.16 -59.29 -35.73
CA HIS H 49 -10.66 -57.92 -35.81
C HIS H 49 -12.11 -57.88 -36.29
N HIS H 50 -12.94 -57.13 -35.57
CA HIS H 50 -14.31 -56.86 -36.00
C HIS H 50 -14.49 -55.35 -36.18
N THR H 51 -15.22 -54.95 -37.19
CA THR H 51 -15.49 -53.53 -37.39
C THR H 51 -16.99 -53.25 -37.40
N HIS H 52 -17.33 -52.01 -37.08
CA HIS H 52 -18.71 -51.54 -37.18
C HIS H 52 -18.65 -50.02 -37.15
N PHE H 53 -19.68 -49.37 -37.72
CA PHE H 53 -19.74 -47.90 -37.84
C PHE H 53 -20.50 -47.23 -36.70
N ASP H 54 -21.31 -48.00 -35.97
CA ASP H 54 -22.07 -47.48 -34.83
C ASP H 54 -21.36 -47.91 -33.56
N GLU H 55 -20.80 -46.95 -32.83
CA GLU H 55 -20.02 -47.31 -31.65
C GLU H 55 -20.88 -47.90 -30.53
N ARG H 56 -22.17 -47.58 -30.49
CA ARG H 56 -23.05 -48.20 -29.49
C ARG H 56 -23.19 -49.68 -29.79
N GLY H 57 -23.44 -49.99 -31.07
CA GLY H 57 -23.53 -51.36 -31.53
C GLY H 57 -22.19 -52.05 -31.41
N LEU H 58 -21.11 -51.31 -31.64
CA LEU H 58 -19.76 -51.87 -31.49
C LEU H 58 -19.52 -52.39 -30.07
N GLY H 59 -19.92 -51.58 -29.09
CA GLY H 59 -19.80 -51.96 -27.69
C GLY H 59 -20.58 -53.21 -27.37
N HIS H 60 -21.79 -53.33 -27.93
CA HIS H 60 -22.62 -54.49 -27.65
C HIS H 60 -22.12 -55.75 -28.37
N LEU H 61 -21.53 -55.57 -29.55
CA LEU H 61 -20.86 -56.68 -30.26
C LEU H 61 -19.74 -57.24 -29.39
N ALA H 62 -18.95 -56.34 -28.82
CA ALA H 62 -17.88 -56.73 -27.90
C ALA H 62 -18.48 -57.45 -26.69
N LEU H 63 -19.58 -56.92 -26.19
CA LEU H 63 -20.30 -57.52 -25.06
C LEU H 63 -20.69 -58.96 -25.37
N GLY H 64 -21.26 -59.17 -26.55
CA GLY H 64 -21.67 -60.51 -26.97
C GLY H 64 -20.49 -61.47 -27.09
N LEU H 65 -19.40 -60.97 -27.67
CA LEU H 65 -18.19 -61.77 -27.80
C LEU H 65 -17.64 -62.20 -26.45
N ALA H 66 -17.63 -61.26 -25.50
CA ALA H 66 -17.11 -61.52 -24.16
C ALA H 66 -18.03 -62.47 -23.42
N LYS H 67 -19.33 -62.26 -23.62
CA LYS H 67 -20.37 -63.04 -22.96
C LYS H 67 -20.20 -64.53 -23.20
N VAL H 68 -19.92 -64.90 -24.46
CA VAL H 68 -19.82 -66.30 -24.82
C VAL H 68 -18.40 -66.86 -24.62
N SER H 69 -17.38 -66.10 -24.99
CA SER H 69 -16.01 -66.58 -24.94
C SER H 69 -15.44 -66.61 -23.51
N LYS H 70 -16.03 -65.82 -22.62
CA LYS H 70 -15.58 -65.67 -21.23
C LYS H 70 -14.13 -65.19 -21.16
N GLN H 71 -13.72 -64.45 -22.17
CA GLN H 71 -12.43 -63.76 -22.15
C GLN H 71 -12.62 -62.27 -22.31
N PRO H 72 -11.59 -61.48 -21.95
CA PRO H 72 -11.69 -60.04 -22.19
C PRO H 72 -11.68 -59.73 -23.67
N VAL H 73 -12.48 -58.74 -24.05
CA VAL H 73 -12.58 -58.32 -25.42
C VAL H 73 -12.24 -56.83 -25.48
N ALA H 74 -11.41 -56.45 -26.45
CA ALA H 74 -10.99 -55.06 -26.55
C ALA H 74 -11.85 -54.29 -27.56
N VAL H 75 -11.93 -52.98 -27.36
CA VAL H 75 -12.69 -52.07 -28.21
C VAL H 75 -11.84 -50.84 -28.48
N ILE H 76 -11.77 -50.39 -29.74
CA ILE H 76 -11.05 -49.15 -30.07
C ILE H 76 -12.04 -48.16 -30.69
N VAL H 77 -12.08 -46.95 -30.15
CA VAL H 77 -12.86 -45.88 -30.79
C VAL H 77 -12.06 -44.59 -30.80
N THR H 78 -12.46 -43.66 -31.66
CA THR H 78 -11.80 -42.38 -31.76
C THR H 78 -12.35 -41.44 -30.70
N SER H 79 -11.80 -40.24 -30.62
CA SER H 79 -12.20 -39.28 -29.59
C SER H 79 -13.60 -38.70 -29.81
N GLY H 80 -14.24 -38.24 -28.75
CA GLY H 80 -15.52 -37.53 -28.91
C GLY H 80 -16.74 -38.36 -28.55
N THR H 81 -17.87 -38.10 -29.20
CA THR H 81 -19.10 -38.82 -28.86
C THR H 81 -19.01 -40.31 -29.19
N ALA H 82 -18.08 -40.70 -30.05
CA ALA H 82 -17.81 -42.13 -30.27
C ALA H 82 -17.59 -42.81 -28.91
N VAL H 83 -16.86 -42.14 -28.03
CA VAL H 83 -16.56 -42.71 -26.73
C VAL H 83 -17.83 -42.86 -25.90
N ALA H 84 -18.67 -41.83 -25.91
CA ALA H 84 -19.90 -41.83 -25.10
C ALA H 84 -20.82 -42.97 -25.49
N ASN H 85 -20.82 -43.32 -26.76
CA ASN H 85 -21.70 -44.38 -27.24
C ASN H 85 -21.37 -45.76 -26.67
N LEU H 86 -20.18 -45.91 -26.08
CA LEU H 86 -19.84 -47.18 -25.44
C LEU H 86 -20.51 -47.40 -24.09
N TYR H 87 -21.16 -46.35 -23.54
CA TYR H 87 -21.67 -46.39 -22.16
C TYR H 87 -22.67 -47.51 -21.88
N PRO H 88 -23.66 -47.70 -22.78
CA PRO H 88 -24.66 -48.74 -22.47
C PRO H 88 -24.04 -50.13 -22.29
N ALA H 89 -23.17 -50.52 -23.22
CA ALA H 89 -22.55 -51.84 -23.12
C ALA H 89 -21.63 -51.92 -21.90
N LEU H 90 -20.95 -50.83 -21.58
CA LEU H 90 -20.08 -50.78 -20.41
C LEU H 90 -20.89 -50.96 -19.12
N ILE H 91 -22.06 -50.33 -19.07
CA ILE H 91 -22.92 -50.44 -17.91
C ILE H 91 -23.42 -51.86 -17.74
N GLU H 92 -23.84 -52.49 -18.84
CA GLU H 92 -24.31 -53.87 -18.76
C GLU H 92 -23.19 -54.80 -18.31
N ALA H 93 -21.99 -54.58 -18.84
CA ALA H 93 -20.83 -55.40 -18.48
C ALA H 93 -20.53 -55.29 -16.99
N GLY H 94 -20.75 -54.09 -16.45
CA GLY H 94 -20.54 -53.84 -15.03
C GLY H 94 -21.46 -54.67 -14.18
N LEU H 95 -22.64 -54.96 -14.70
CA LEU H 95 -23.64 -55.71 -13.93
C LEU H 95 -23.50 -57.23 -14.09
N THR H 96 -23.16 -57.69 -15.29
CA THR H 96 -23.18 -59.13 -15.52
C THR H 96 -21.76 -59.72 -15.63
N GLY H 97 -20.76 -58.87 -15.73
CA GLY H 97 -19.37 -59.31 -15.54
C GLY H 97 -18.46 -59.42 -16.75
N GLU H 98 -18.99 -59.23 -17.96
CA GLU H 98 -18.16 -59.26 -19.16
C GLU H 98 -16.97 -58.31 -19.03
N LYS H 99 -15.81 -58.79 -19.47
CA LYS H 99 -14.59 -57.99 -19.41
C LYS H 99 -14.36 -57.26 -20.73
N LEU H 100 -14.82 -56.01 -20.77
CA LEU H 100 -14.66 -55.15 -21.93
C LEU H 100 -13.54 -54.17 -21.69
N ILE H 101 -12.56 -54.19 -22.58
CA ILE H 101 -11.43 -53.29 -22.45
C ILE H 101 -11.58 -52.16 -23.46
N LEU H 102 -11.93 -50.98 -22.97
CA LEU H 102 -12.25 -49.85 -23.84
C LEU H 102 -11.03 -48.95 -24.06
N LEU H 103 -10.46 -49.03 -25.26
CA LEU H 103 -9.31 -48.19 -25.60
C LEU H 103 -9.82 -46.96 -26.30
N THR H 104 -9.90 -45.85 -25.59
CA THR H 104 -10.56 -44.66 -26.15
C THR H 104 -9.55 -43.58 -26.50
N ALA H 105 -9.33 -43.38 -27.79
CA ALA H 105 -8.40 -42.35 -28.25
C ALA H 105 -8.86 -40.98 -27.79
N ASP H 106 -7.90 -40.13 -27.49
CA ASP H 106 -8.19 -38.78 -27.02
C ASP H 106 -7.29 -37.77 -27.69
N ARG H 107 -7.73 -36.51 -27.75
CA ARG H 107 -6.80 -35.42 -28.00
C ARG H 107 -5.82 -35.33 -26.84
N PRO H 108 -4.65 -34.73 -27.11
CA PRO H 108 -3.68 -34.49 -26.04
C PRO H 108 -4.17 -33.38 -25.13
N PRO H 109 -3.58 -33.27 -23.93
CA PRO H 109 -4.06 -32.29 -22.94
C PRO H 109 -4.13 -30.86 -23.45
N GLU H 110 -3.22 -30.47 -24.34
CA GLU H 110 -3.15 -29.08 -24.82
C GLU H 110 -4.31 -28.75 -25.77
N LEU H 111 -5.13 -29.75 -26.11
CA LEU H 111 -6.27 -29.48 -26.99
C LEU H 111 -7.60 -29.71 -26.31
N ILE H 112 -7.60 -29.81 -24.98
CA ILE H 112 -8.85 -29.98 -24.25
C ILE H 112 -9.32 -28.63 -23.69
N ASP H 113 -10.64 -28.39 -23.75
CA ASP H 113 -11.25 -27.19 -23.20
C ASP H 113 -10.75 -25.90 -23.85
N CYS H 114 -10.55 -25.93 -25.16
CA CYS H 114 -10.11 -24.74 -25.86
C CYS H 114 -10.79 -24.64 -27.22
N GLY H 115 -11.93 -25.32 -27.35
CA GLY H 115 -12.73 -25.22 -28.56
C GLY H 115 -12.18 -25.97 -29.77
N ALA H 116 -11.30 -26.94 -29.52
CA ALA H 116 -10.75 -27.76 -30.60
C ALA H 116 -11.79 -28.74 -31.13
N ASN H 117 -11.76 -29.03 -32.42
CA ASN H 117 -12.77 -29.93 -32.99
C ASN H 117 -12.65 -31.36 -32.43
N GLN H 118 -13.80 -31.95 -32.14
CA GLN H 118 -13.90 -33.35 -31.70
C GLN H 118 -13.07 -33.64 -30.46
N ALA H 119 -12.94 -32.63 -29.60
CA ALA H 119 -12.21 -32.77 -28.35
C ALA H 119 -13.16 -32.56 -27.18
N ILE H 120 -13.25 -33.55 -26.29
CA ILE H 120 -14.10 -33.44 -25.10
C ILE H 120 -13.34 -33.92 -23.86
N ARG H 121 -13.91 -33.72 -22.67
CA ARG H 121 -13.28 -34.22 -21.45
C ARG H 121 -13.57 -35.72 -21.27
N GLN H 122 -12.55 -36.56 -21.46
CA GLN H 122 -12.78 -38.01 -21.48
C GLN H 122 -12.41 -38.77 -20.22
N PRO H 123 -11.29 -38.40 -19.56
CA PRO H 123 -11.00 -39.10 -18.31
C PRO H 123 -12.17 -39.01 -17.32
N GLY H 124 -12.54 -40.16 -16.77
CA GLY H 124 -13.61 -40.21 -15.79
C GLY H 124 -15.02 -40.06 -16.36
N MET H 125 -15.17 -40.02 -17.69
CA MET H 125 -16.48 -39.77 -18.27
C MET H 125 -17.47 -40.93 -18.03
N PHE H 126 -16.97 -42.11 -17.65
CA PHE H 126 -17.88 -43.22 -17.36
C PHE H 126 -18.12 -43.39 -15.86
N ALA H 127 -17.69 -42.41 -15.08
CA ALA H 127 -17.98 -42.36 -13.64
C ALA H 127 -17.62 -43.67 -12.95
N SER H 128 -18.54 -44.23 -12.18
CA SER H 128 -18.22 -45.41 -11.37
C SER H 128 -18.44 -46.74 -12.10
N HIS H 129 -18.75 -46.68 -13.37
CA HIS H 129 -19.19 -47.91 -14.03
C HIS H 129 -18.09 -48.86 -14.47
N PRO H 130 -16.93 -48.34 -14.94
CA PRO H 130 -15.84 -49.30 -15.17
C PRO H 130 -15.34 -49.86 -13.85
N THR H 131 -14.92 -51.12 -13.85
CA THR H 131 -14.26 -51.69 -12.70
C THR H 131 -12.94 -50.96 -12.43
N HIS H 132 -12.22 -50.65 -13.53
N HIS H 132 -12.24 -50.59 -13.51
CA HIS H 132 -10.95 -49.95 -13.49
CA HIS H 132 -10.97 -49.89 -13.38
C HIS H 132 -10.96 -48.81 -14.49
C HIS H 132 -10.87 -48.86 -14.48
N SER H 133 -10.32 -47.70 -14.15
CA SER H 133 -10.15 -46.61 -15.10
C SER H 133 -8.70 -46.17 -15.14
N ILE H 134 -8.12 -46.16 -16.34
CA ILE H 134 -6.76 -45.69 -16.54
C ILE H 134 -6.79 -44.46 -17.43
N SER H 135 -6.28 -43.35 -16.93
N SER H 135 -6.28 -43.35 -16.93
CA SER H 135 -6.13 -42.15 -17.76
CA SER H 135 -6.12 -42.16 -17.76
C SER H 135 -4.65 -42.03 -18.14
C SER H 135 -4.65 -42.03 -18.13
N LEU H 136 -4.30 -42.49 -19.33
CA LEU H 136 -2.89 -42.50 -19.74
C LEU H 136 -2.39 -41.09 -19.97
N PRO H 137 -1.12 -40.86 -19.67
CA PRO H 137 -0.54 -39.55 -19.91
C PRO H 137 -0.21 -39.34 -21.38
N ARG H 138 0.07 -38.09 -21.75
CA ARG H 138 0.58 -37.75 -23.07
C ARG H 138 1.82 -38.60 -23.35
N PRO H 139 1.86 -39.32 -24.48
CA PRO H 139 3.01 -40.20 -24.75
C PRO H 139 4.34 -39.46 -24.72
N THR H 140 5.34 -40.09 -24.09
CA THR H 140 6.68 -39.52 -24.07
C THR H 140 7.68 -40.62 -23.77
N GLN H 141 8.86 -40.53 -24.35
CA GLN H 141 9.88 -41.53 -24.05
C GLN H 141 10.45 -41.33 -22.64
N ASP H 142 10.10 -40.23 -22.00
CA ASP H 142 10.59 -39.97 -20.65
C ASP H 142 9.84 -40.78 -19.61
N ILE H 143 8.77 -41.41 -20.04
CA ILE H 143 8.08 -42.41 -19.23
C ILE H 143 8.42 -43.78 -19.80
N PRO H 144 9.01 -44.67 -18.98
CA PRO H 144 9.50 -45.94 -19.55
C PRO H 144 8.38 -46.90 -19.96
N ALA H 145 8.65 -47.71 -20.98
CA ALA H 145 7.70 -48.72 -21.42
C ALA H 145 7.31 -49.64 -20.26
N ARG H 146 8.23 -49.92 -19.35
CA ARG H 146 7.90 -50.83 -18.24
C ARG H 146 6.77 -50.26 -17.36
N TRP H 147 6.65 -48.93 -17.26
CA TRP H 147 5.53 -48.34 -16.53
C TRP H 147 4.21 -48.59 -17.26
N LEU H 148 4.24 -48.33 -18.57
CA LEU H 148 3.04 -48.47 -19.40
C LEU H 148 2.50 -49.92 -19.36
N VAL H 149 3.38 -50.90 -19.56
CA VAL H 149 2.88 -52.28 -19.53
C VAL H 149 2.47 -52.66 -18.11
N SER H 150 3.20 -52.17 -17.10
CA SER H 150 2.82 -52.51 -15.72
C SER H 150 1.43 -51.98 -15.37
N THR H 151 1.10 -50.80 -15.84
CA THR H 151 -0.20 -50.17 -15.55
C THR H 151 -1.33 -50.97 -16.19
N ILE H 152 -1.13 -51.37 -17.44
CA ILE H 152 -2.09 -52.22 -18.12
C ILE H 152 -2.17 -53.59 -17.44
N ASP H 153 -1.03 -54.16 -17.06
CA ASP H 153 -1.04 -55.46 -16.41
C ASP H 153 -1.76 -55.46 -15.07
N HIS H 154 -1.65 -54.35 -14.34
CA HIS H 154 -2.36 -54.24 -13.07
C HIS H 154 -3.87 -54.25 -13.29
N ALA H 155 -4.33 -53.48 -14.25
CA ALA H 155 -5.76 -53.36 -14.53
C ALA H 155 -6.34 -54.70 -15.00
N LEU H 156 -5.65 -55.39 -15.91
CA LEU H 156 -6.18 -56.64 -16.45
C LEU H 156 -6.03 -57.80 -15.48
N GLY H 157 -4.90 -57.85 -14.78
CA GLY H 157 -4.63 -58.93 -13.85
C GLY H 157 -5.57 -58.95 -12.67
N THR H 158 -5.94 -57.76 -12.18
CA THR H 158 -6.77 -57.67 -10.98
C THR H 158 -8.25 -57.60 -11.34
N LEU H 159 -8.56 -57.70 -12.62
CA LEU H 159 -9.94 -57.57 -13.09
C LEU H 159 -10.75 -58.84 -12.84
N HIS H 160 -11.61 -58.79 -11.83
CA HIS H 160 -12.49 -59.93 -11.53
C HIS H 160 -13.61 -60.03 -12.56
N ALA H 161 -14.14 -58.88 -12.94
CA ALA H 161 -15.28 -58.77 -13.85
C ALA H 161 -15.52 -57.33 -14.24
N GLY H 162 -16.23 -57.11 -15.34
CA GLY H 162 -16.63 -55.77 -15.73
C GLY H 162 -15.64 -55.06 -16.62
N GLY H 163 -15.92 -53.80 -16.94
CA GLY H 163 -15.13 -53.07 -17.92
C GLY H 163 -13.92 -52.32 -17.39
N VAL H 164 -13.00 -52.06 -18.31
CA VAL H 164 -11.85 -51.23 -18.03
C VAL H 164 -11.81 -50.11 -19.06
N HIS H 165 -11.78 -48.87 -18.56
CA HIS H 165 -11.64 -47.72 -19.45
C HIS H 165 -10.18 -47.27 -19.51
N ILE H 166 -9.57 -47.39 -20.68
CA ILE H 166 -8.20 -46.90 -20.84
C ILE H 166 -8.23 -45.72 -21.79
N ASN H 167 -8.11 -44.51 -21.26
CA ASN H 167 -8.11 -43.32 -22.09
C ASN H 167 -6.73 -43.08 -22.67
N CYS H 168 -6.65 -42.88 -23.99
CA CYS H 168 -5.37 -42.87 -24.71
C CYS H 168 -5.14 -41.60 -25.53
N PRO H 169 -4.56 -40.57 -24.91
CA PRO H 169 -4.24 -39.35 -25.68
C PRO H 169 -3.12 -39.54 -26.70
N PHE H 170 -3.30 -38.96 -27.88
CA PHE H 170 -2.24 -38.90 -28.90
C PHE H 170 -2.24 -37.53 -29.56
N ALA H 171 -1.05 -36.95 -29.69
CA ALA H 171 -0.87 -35.68 -30.40
C ALA H 171 -0.56 -35.95 -31.86
N GLU H 172 -1.00 -35.04 -32.72
CA GLU H 172 -0.60 -35.03 -34.12
C GLU H 172 0.88 -34.66 -34.19
N PRO H 173 1.58 -35.04 -35.29
CA PRO H 173 1.08 -35.77 -36.47
C PRO H 173 0.74 -37.22 -36.17
N LEU H 174 -0.34 -37.72 -36.79
CA LEU H 174 -0.76 -39.11 -36.61
C LEU H 174 -0.29 -40.01 -37.73
N TYR H 175 0.03 -39.42 -38.88
CA TYR H 175 0.40 -40.19 -40.06
C TYR H 175 1.86 -39.95 -40.47
N GLY H 176 2.39 -40.87 -41.26
CA GLY H 176 3.78 -40.77 -41.64
C GLY H 176 4.44 -42.13 -41.64
N GLU H 177 5.54 -42.25 -42.39
CA GLU H 177 6.29 -43.48 -42.44
C GLU H 177 6.85 -43.82 -41.06
N MET H 178 6.92 -45.11 -40.76
CA MET H 178 7.49 -45.58 -39.52
C MET H 178 9.01 -45.48 -39.58
N ASP H 179 9.61 -44.77 -38.61
CA ASP H 179 11.07 -44.85 -38.48
C ASP H 179 11.41 -45.51 -37.15
N ASP H 180 12.67 -45.36 -36.72
CA ASP H 180 13.16 -46.08 -35.55
C ASP H 180 12.85 -45.34 -34.24
N THR H 181 12.10 -44.25 -34.32
CA THR H 181 11.74 -43.49 -33.13
C THR H 181 11.02 -44.42 -32.15
N GLY H 182 11.52 -44.52 -30.93
CA GLY H 182 10.89 -45.34 -29.90
C GLY H 182 11.31 -46.80 -29.89
N LEU H 183 12.13 -47.21 -30.85
CA LEU H 183 12.54 -48.61 -30.90
C LEU H 183 13.35 -49.03 -29.68
N SER H 184 14.36 -48.25 -29.31
CA SER H 184 15.17 -48.61 -28.15
C SER H 184 14.34 -48.52 -26.87
N TRP H 185 13.40 -47.59 -26.85
CA TRP H 185 12.45 -47.44 -25.76
C TRP H 185 11.65 -48.74 -25.59
N GLN H 186 11.16 -49.30 -26.69
CA GLN H 186 10.47 -50.57 -26.64
C GLN H 186 11.38 -51.71 -26.21
N GLN H 187 12.62 -51.68 -26.70
CA GLN H 187 13.53 -52.79 -26.48
C GLN H 187 13.98 -52.87 -25.03
N ARG H 188 13.68 -51.83 -24.26
CA ARG H 188 13.93 -51.90 -22.83
C ARG H 188 13.12 -53.02 -22.16
N LEU H 189 12.09 -53.52 -22.82
CA LEU H 189 11.32 -54.65 -22.28
C LEU H 189 11.98 -56.00 -22.59
N GLY H 190 13.05 -55.97 -23.36
CA GLY H 190 13.82 -57.19 -23.61
C GLY H 190 13.01 -58.30 -24.24
N ASP H 191 13.18 -59.53 -23.76
CA ASP H 191 12.53 -60.66 -24.43
C ASP H 191 11.08 -60.84 -23.96
N TRP H 192 10.56 -59.87 -23.22
CA TRP H 192 9.12 -59.85 -22.94
C TRP H 192 8.36 -59.86 -24.27
N TRP H 193 8.94 -59.24 -25.30
CA TRP H 193 8.29 -59.19 -26.60
C TRP H 193 8.07 -60.58 -27.22
N GLN H 194 8.88 -61.57 -26.83
CA GLN H 194 8.73 -62.93 -27.35
C GLN H 194 8.07 -63.86 -26.32
N ASP H 195 7.67 -63.29 -25.19
CA ASP H 195 7.12 -64.06 -24.08
C ASP H 195 5.60 -64.24 -24.29
N ASP H 196 4.96 -65.07 -23.48
CA ASP H 196 3.52 -65.23 -23.55
C ASP H 196 2.86 -64.87 -22.22
N LYS H 197 3.63 -64.26 -21.33
CA LYS H 197 3.13 -63.87 -20.01
C LYS H 197 3.07 -62.36 -19.89
N PRO H 198 2.31 -61.86 -18.89
CA PRO H 198 2.35 -60.43 -18.60
C PRO H 198 3.73 -60.03 -18.09
N TRP H 199 4.04 -58.73 -18.17
CA TRP H 199 5.24 -58.17 -17.59
C TRP H 199 5.14 -58.22 -16.06
N LEU H 200 4.04 -57.70 -15.54
CA LEU H 200 3.74 -57.82 -14.11
C LEU H 200 2.56 -58.78 -13.92
N ARG H 201 2.79 -59.87 -13.21
CA ARG H 201 1.72 -60.79 -12.90
C ARG H 201 1.12 -60.45 -11.56
N GLU H 202 -0.08 -59.87 -11.60
CA GLU H 202 -0.80 -59.49 -10.39
C GLU H 202 -2.22 -60.01 -10.52
N ALA H 203 -2.52 -61.15 -9.91
CA ALA H 203 -3.81 -61.79 -10.14
C ALA H 203 -4.42 -62.40 -8.89
N PRO H 204 -4.65 -61.58 -7.86
CA PRO H 204 -5.29 -62.11 -6.65
C PRO H 204 -6.69 -62.62 -6.96
N ARG H 205 -7.09 -63.71 -6.32
CA ARG H 205 -8.41 -64.27 -6.55
C ARG H 205 -9.34 -63.88 -5.41
N LEU H 206 -10.59 -63.60 -5.75
CA LEU H 206 -11.59 -63.19 -4.78
C LEU H 206 -12.60 -64.31 -4.63
N GLU H 207 -12.74 -64.83 -3.42
CA GLU H 207 -13.58 -66.00 -3.23
C GLU H 207 -14.00 -66.15 -1.78
N SER H 208 -15.27 -66.48 -1.56
CA SER H 208 -15.76 -66.75 -0.21
C SER H 208 -15.23 -68.08 0.28
N GLU H 209 -15.11 -68.20 1.60
CA GLU H 209 -14.65 -69.42 2.25
C GLU H 209 -15.73 -70.48 2.38
N LYS H 210 -15.32 -71.73 2.63
CA LYS H 210 -16.27 -72.82 2.86
C LYS H 210 -17.18 -72.49 4.03
N GLN H 211 -18.46 -72.76 3.87
CA GLN H 211 -19.41 -72.54 4.95
C GLN H 211 -19.36 -73.77 5.87
N ARG H 212 -18.78 -73.58 7.05
CA ARG H 212 -18.48 -74.69 7.95
C ARG H 212 -19.72 -75.32 8.57
N ASP H 213 -20.86 -74.64 8.46
CA ASP H 213 -22.11 -75.19 9.00
C ASP H 213 -23.05 -75.72 7.90
N TRP H 214 -22.49 -76.01 6.73
CA TRP H 214 -23.29 -76.50 5.62
C TRP H 214 -23.96 -77.84 5.94
N PHE H 215 -23.27 -78.72 6.66
CA PHE H 215 -23.85 -80.02 6.99
C PHE H 215 -25.07 -79.86 7.88
N PHE H 216 -25.15 -78.75 8.61
CA PHE H 216 -26.33 -78.45 9.40
C PHE H 216 -27.47 -77.96 8.51
N TRP H 217 -27.17 -77.01 7.64
CA TRP H 217 -28.22 -76.38 6.85
C TRP H 217 -28.79 -77.28 5.76
N ARG H 218 -27.97 -78.20 5.24
CA ARG H 218 -28.45 -79.04 4.14
C ARG H 218 -29.48 -80.07 4.63
N GLN H 219 -29.62 -80.23 5.94
CA GLN H 219 -30.60 -81.14 6.49
C GLN H 219 -31.96 -80.48 6.70
N LYS H 220 -32.01 -79.17 6.52
CA LYS H 220 -33.23 -78.38 6.71
C LYS H 220 -34.12 -78.41 5.47
N ARG H 221 -35.33 -77.87 5.60
CA ARG H 221 -36.20 -77.71 4.45
C ARG H 221 -35.72 -76.51 3.65
N GLY H 222 -35.06 -76.77 2.54
CA GLY H 222 -34.53 -75.70 1.70
C GLY H 222 -35.23 -75.61 0.37
N VAL H 223 -35.01 -74.50 -0.31
CA VAL H 223 -35.47 -74.27 -1.66
C VAL H 223 -34.28 -73.83 -2.49
N VAL H 224 -34.15 -74.34 -3.70
CA VAL H 224 -33.09 -73.86 -4.58
C VAL H 224 -33.69 -72.97 -5.67
N VAL H 225 -33.13 -71.78 -5.80
CA VAL H 225 -33.51 -70.85 -6.86
C VAL H 225 -32.33 -70.71 -7.80
N ALA H 226 -32.55 -70.98 -9.09
CA ALA H 226 -31.47 -70.93 -10.07
C ALA H 226 -31.67 -69.78 -11.05
N GLY H 227 -30.75 -68.81 -11.00
CA GLY H 227 -30.77 -67.67 -11.91
C GLY H 227 -29.77 -67.91 -13.03
N ARG H 228 -29.23 -66.83 -13.56
CA ARG H 228 -28.32 -66.91 -14.70
C ARG H 228 -27.01 -67.56 -14.29
N MET H 229 -26.61 -68.55 -15.06
CA MET H 229 -25.37 -69.28 -14.81
C MET H 229 -24.98 -69.94 -16.12
N SER H 230 -23.86 -70.65 -16.14
CA SER H 230 -23.44 -71.31 -17.38
C SER H 230 -24.30 -72.53 -17.61
N ALA H 231 -24.31 -73.01 -18.85
CA ALA H 231 -25.09 -74.18 -19.21
C ALA H 231 -24.69 -75.40 -18.37
N GLU H 232 -23.39 -75.59 -18.18
CA GLU H 232 -22.91 -76.73 -17.40
C GLU H 232 -23.26 -76.58 -15.94
N GLU H 233 -23.21 -75.36 -15.43
CA GLU H 233 -23.59 -75.10 -14.06
C GLU H 233 -25.06 -75.42 -13.85
N GLY H 234 -25.89 -75.10 -14.84
CA GLY H 234 -27.31 -75.41 -14.76
C GLY H 234 -27.55 -76.90 -14.53
N LYS H 235 -26.84 -77.74 -15.28
CA LYS H 235 -27.02 -79.19 -15.13
C LYS H 235 -26.60 -79.63 -13.73
N LYS H 236 -25.49 -79.07 -13.23
CA LYS H 236 -24.98 -79.47 -11.93
C LYS H 236 -25.92 -79.04 -10.81
N VAL H 237 -26.49 -77.85 -10.93
CA VAL H 237 -27.44 -77.35 -9.93
C VAL H 237 -28.69 -78.22 -9.89
N ALA H 238 -29.16 -78.64 -11.06
CA ALA H 238 -30.34 -79.51 -11.13
C ALA H 238 -30.10 -80.82 -10.36
N LEU H 239 -28.94 -81.43 -10.55
CA LEU H 239 -28.65 -82.70 -9.90
C LEU H 239 -28.53 -82.53 -8.40
N TRP H 240 -27.90 -81.44 -7.99
CA TRP H 240 -27.67 -81.09 -6.57
C TRP H 240 -28.98 -80.89 -5.81
N ALA H 241 -29.88 -80.10 -6.38
CA ALA H 241 -31.18 -79.86 -5.77
C ALA H 241 -31.99 -81.15 -5.67
N GLN H 242 -31.94 -81.94 -6.73
CA GLN H 242 -32.69 -83.19 -6.78
C GLN H 242 -32.23 -84.13 -5.67
N THR H 243 -30.91 -84.21 -5.48
CA THR H 243 -30.36 -85.08 -4.46
C THR H 243 -30.76 -84.64 -3.05
N LEU H 244 -30.73 -83.33 -2.83
CA LEU H 244 -31.13 -82.73 -1.56
C LEU H 244 -32.61 -82.93 -1.27
N GLY H 245 -33.39 -83.17 -2.31
CA GLY H 245 -34.83 -83.26 -2.18
C GLY H 245 -35.49 -81.90 -2.02
N TRP H 246 -34.81 -80.86 -2.50
CA TRP H 246 -35.35 -79.50 -2.44
C TRP H 246 -35.98 -79.10 -3.75
N PRO H 247 -37.12 -78.37 -3.70
CA PRO H 247 -37.72 -77.91 -4.96
C PRO H 247 -36.78 -76.95 -5.68
N LEU H 248 -36.64 -77.10 -6.99
CA LEU H 248 -35.80 -76.21 -7.78
C LEU H 248 -36.66 -75.28 -8.63
N ILE H 249 -36.60 -73.99 -8.34
CA ILE H 249 -37.22 -72.99 -9.16
C ILE H 249 -36.18 -72.47 -10.14
N GLY H 250 -36.32 -72.86 -11.41
CA GLY H 250 -35.29 -72.59 -12.39
C GLY H 250 -35.70 -71.51 -13.37
N ASP H 251 -34.88 -70.48 -13.45
CA ASP H 251 -35.12 -69.37 -14.35
C ASP H 251 -34.89 -69.80 -15.79
N VAL H 252 -35.48 -69.08 -16.74
CA VAL H 252 -35.20 -69.32 -18.16
C VAL H 252 -33.68 -69.20 -18.43
N LEU H 253 -32.98 -68.38 -17.65
CA LEU H 253 -31.54 -68.20 -17.88
C LEU H 253 -30.68 -69.27 -17.19
N SER H 254 -31.30 -70.23 -16.52
CA SER H 254 -30.52 -71.17 -15.69
C SER H 254 -29.99 -72.43 -16.42
N GLN H 255 -30.69 -72.86 -17.46
CA GLN H 255 -30.34 -74.10 -18.17
C GLN H 255 -30.35 -75.31 -17.24
N THR H 256 -31.24 -75.30 -16.25
CA THR H 256 -31.40 -76.41 -15.31
C THR H 256 -32.33 -77.49 -15.85
N GLY H 257 -33.05 -77.18 -16.92
CA GLY H 257 -34.06 -78.09 -17.43
C GLY H 257 -35.41 -77.82 -16.77
N GLN H 258 -35.42 -76.89 -15.82
CA GLN H 258 -36.64 -76.41 -15.17
C GLN H 258 -37.62 -77.54 -14.80
N PRO H 259 -37.22 -78.40 -13.84
CA PRO H 259 -38.04 -79.54 -13.43
C PRO H 259 -39.41 -79.17 -12.85
N LEU H 260 -39.57 -77.93 -12.37
CA LEU H 260 -40.88 -77.43 -11.92
C LEU H 260 -41.29 -76.24 -12.78
N PRO H 261 -41.62 -76.52 -14.04
CA PRO H 261 -41.79 -75.45 -15.04
C PRO H 261 -42.99 -74.56 -14.77
N CYS H 262 -43.03 -73.43 -15.47
CA CYS H 262 -44.13 -72.48 -15.36
C CYS H 262 -44.26 -71.91 -13.94
N ALA H 263 -43.12 -71.72 -13.28
CA ALA H 263 -43.12 -71.15 -11.93
C ALA H 263 -43.83 -69.80 -11.85
N ASP H 264 -43.74 -69.01 -12.92
CA ASP H 264 -44.38 -67.70 -12.96
C ASP H 264 -45.89 -67.86 -12.82
N LEU H 265 -46.37 -69.06 -13.12
CA LEU H 265 -47.79 -69.37 -12.97
C LEU H 265 -48.12 -70.01 -11.63
N TRP H 266 -47.43 -71.10 -11.30
CA TRP H 266 -47.85 -71.86 -10.11
C TRP H 266 -47.45 -71.13 -8.82
N LEU H 267 -46.50 -70.21 -8.90
CA LEU H 267 -46.19 -69.38 -7.74
C LEU H 267 -47.36 -68.45 -7.42
N GLY H 268 -48.31 -68.36 -8.34
CA GLY H 268 -49.50 -67.56 -8.12
C GLY H 268 -50.56 -68.30 -7.31
N ASN H 269 -50.32 -69.58 -7.06
CA ASN H 269 -51.25 -70.42 -6.33
C ASN H 269 -50.97 -70.43 -4.82
N ALA H 270 -51.99 -70.15 -4.03
CA ALA H 270 -51.84 -70.06 -2.57
C ALA H 270 -51.32 -71.34 -1.92
N LYS H 271 -51.62 -72.49 -2.53
CA LYS H 271 -51.16 -73.77 -1.99
C LYS H 271 -49.66 -73.94 -2.15
N ALA H 272 -49.12 -73.38 -3.24
CA ALA H 272 -47.68 -73.41 -3.47
C ALA H 272 -46.96 -72.51 -2.48
N THR H 273 -47.46 -71.29 -2.30
CA THR H 273 -46.81 -70.35 -1.40
C THR H 273 -46.92 -70.81 0.05
N SER H 274 -48.02 -71.49 0.38
CA SER H 274 -48.19 -72.03 1.73
C SER H 274 -47.13 -73.08 2.02
N GLU H 275 -46.87 -73.92 1.02
CA GLU H 275 -45.86 -74.97 1.14
C GLU H 275 -44.46 -74.37 1.25
N LEU H 276 -44.21 -73.33 0.47
CA LEU H 276 -42.88 -72.72 0.47
C LEU H 276 -42.61 -71.97 1.77
N GLN H 277 -43.66 -71.60 2.49
CA GLN H 277 -43.48 -70.93 3.77
C GLN H 277 -42.81 -71.82 4.81
N GLN H 278 -42.77 -73.12 4.58
CA GLN H 278 -42.08 -74.01 5.51
C GLN H 278 -40.58 -74.04 5.27
N ALA H 279 -40.12 -73.41 4.20
CA ALA H 279 -38.70 -73.42 3.89
C ALA H 279 -37.90 -72.67 4.96
N GLN H 280 -36.85 -73.31 5.47
CA GLN H 280 -36.04 -72.70 6.54
C GLN H 280 -34.83 -71.98 5.95
N ILE H 281 -34.44 -72.39 4.76
CA ILE H 281 -33.35 -71.74 4.03
C ILE H 281 -33.66 -71.69 2.54
N VAL H 282 -33.25 -70.61 1.89
CA VAL H 282 -33.28 -70.55 0.44
C VAL H 282 -31.84 -70.40 -0.05
N VAL H 283 -31.41 -71.29 -0.93
CA VAL H 283 -30.11 -71.14 -1.56
C VAL H 283 -30.32 -70.79 -3.02
N GLN H 284 -29.98 -69.53 -3.37
CA GLN H 284 -30.10 -69.04 -4.73
C GLN H 284 -28.72 -69.07 -5.38
N LEU H 285 -28.62 -69.68 -6.56
CA LEU H 285 -27.38 -69.67 -7.31
C LEU H 285 -27.63 -68.96 -8.62
N GLY H 286 -26.79 -67.98 -8.93
CA GLY H 286 -27.03 -67.12 -10.07
C GLY H 286 -27.91 -65.97 -9.64
N SER H 287 -28.17 -65.05 -10.56
CA SER H 287 -28.97 -63.89 -10.21
C SER H 287 -29.70 -63.34 -11.45
N SER H 288 -30.16 -62.10 -11.38
CA SER H 288 -30.99 -61.53 -12.46
C SER H 288 -32.25 -62.36 -12.73
N LEU H 289 -33.01 -62.67 -11.68
CA LEU H 289 -34.23 -63.45 -11.84
C LEU H 289 -35.23 -62.75 -12.74
N THR H 290 -35.92 -63.54 -13.56
CA THR H 290 -36.74 -63.01 -14.66
C THR H 290 -38.18 -62.70 -14.29
N GLY H 291 -38.83 -63.68 -13.66
CA GLY H 291 -40.28 -63.66 -13.49
C GLY H 291 -40.83 -62.79 -12.37
N LYS H 292 -42.02 -62.24 -12.60
CA LYS H 292 -42.66 -61.36 -11.64
C LYS H 292 -43.07 -62.11 -10.37
N ARG H 293 -43.69 -63.28 -10.52
CA ARG H 293 -44.11 -64.05 -9.36
C ARG H 293 -42.90 -64.52 -8.52
N LEU H 294 -41.83 -64.91 -9.21
CA LEU H 294 -40.62 -65.31 -8.52
C LEU H 294 -39.99 -64.11 -7.78
N LEU H 295 -39.92 -62.96 -8.44
CA LEU H 295 -39.36 -61.77 -7.80
C LEU H 295 -40.22 -61.41 -6.59
N GLN H 296 -41.53 -61.58 -6.73
CA GLN H 296 -42.45 -61.27 -5.64
C GLN H 296 -42.35 -62.26 -4.50
N TRP H 297 -42.20 -63.53 -4.83
CA TRP H 297 -42.04 -64.53 -3.79
C TRP H 297 -40.74 -64.33 -3.05
N GLN H 298 -39.66 -64.07 -3.79
CA GLN H 298 -38.37 -63.81 -3.16
C GLN H 298 -38.48 -62.69 -2.16
N ALA H 299 -39.17 -61.62 -2.56
CA ALA H 299 -39.31 -60.44 -1.71
C ALA H 299 -40.10 -60.72 -0.44
N SER H 300 -41.08 -61.63 -0.53
CA SER H 300 -41.99 -61.87 0.57
C SER H 300 -41.56 -63.01 1.50
N CYS H 301 -40.73 -63.93 1.00
CA CYS H 301 -40.39 -65.11 1.79
C CYS H 301 -39.53 -64.75 2.99
N GLU H 302 -39.68 -65.49 4.08
CA GLU H 302 -38.92 -65.19 5.28
C GLU H 302 -38.31 -66.44 5.89
N PRO H 303 -37.37 -67.05 5.16
CA PRO H 303 -36.57 -68.16 5.66
C PRO H 303 -35.67 -67.67 6.78
N GLU H 304 -35.14 -68.59 7.57
CA GLU H 304 -34.18 -68.22 8.61
C GLU H 304 -32.97 -67.56 7.96
N GLU H 305 -32.53 -68.13 6.84
CA GLU H 305 -31.40 -67.56 6.09
C GLU H 305 -31.63 -67.63 4.59
N TYR H 306 -31.13 -66.60 3.92
CA TYR H 306 -31.18 -66.51 2.47
C TYR H 306 -29.75 -66.43 1.98
N TRP H 307 -29.33 -67.37 1.14
CA TRP H 307 -27.97 -67.34 0.60
C TRP H 307 -28.00 -67.04 -0.88
N ILE H 308 -27.08 -66.21 -1.36
CA ILE H 308 -26.91 -66.08 -2.80
C ILE H 308 -25.48 -66.40 -3.21
N VAL H 309 -25.35 -67.42 -4.04
CA VAL H 309 -24.07 -67.84 -4.61
C VAL H 309 -23.95 -67.38 -6.05
N ASP H 310 -22.87 -66.67 -6.36
CA ASP H 310 -22.65 -66.21 -7.73
C ASP H 310 -21.22 -65.72 -7.85
N ASP H 311 -20.67 -65.68 -9.07
N ASP H 311 -20.69 -65.67 -9.08
CA ASP H 311 -19.28 -65.27 -9.21
CA ASP H 311 -19.30 -65.27 -9.26
C ASP H 311 -19.14 -63.76 -9.43
C ASP H 311 -19.14 -63.77 -9.42
N ILE H 312 -20.24 -63.02 -9.38
CA ILE H 312 -20.14 -61.57 -9.43
C ILE H 312 -20.28 -61.02 -8.00
N GLU H 313 -19.74 -59.83 -7.78
CA GLU H 313 -19.61 -59.23 -6.44
C GLU H 313 -20.82 -58.42 -6.04
N GLY H 314 -20.90 -58.13 -4.74
CA GLY H 314 -21.87 -57.17 -4.22
C GLY H 314 -23.17 -57.83 -3.84
N ARG H 315 -24.05 -57.07 -3.21
N ARG H 315 -24.05 -57.06 -3.22
CA ARG H 315 -25.34 -57.61 -2.82
CA ARG H 315 -25.37 -57.56 -2.82
C ARG H 315 -26.18 -57.91 -4.05
C ARG H 315 -26.17 -57.92 -4.06
N LEU H 316 -26.93 -59.01 -3.99
CA LEU H 316 -27.72 -59.46 -5.14
C LEU H 316 -29.17 -59.75 -4.77
N ASP H 317 -29.51 -59.50 -3.52
CA ASP H 317 -30.86 -59.71 -2.99
C ASP H 317 -31.57 -58.39 -2.80
N PRO H 318 -32.49 -58.05 -3.73
CA PRO H 318 -33.13 -56.73 -3.65
C PRO H 318 -34.17 -56.62 -2.53
N ALA H 319 -34.37 -57.70 -1.78
CA ALA H 319 -35.25 -57.68 -0.61
C ALA H 319 -34.47 -57.65 0.70
N HIS H 320 -33.13 -57.70 0.60
CA HIS H 320 -32.25 -57.50 1.76
C HIS H 320 -32.46 -58.49 2.91
N HIS H 321 -32.62 -59.77 2.59
CA HIS H 321 -32.78 -60.80 3.63
C HIS H 321 -31.57 -60.95 4.54
N ARG H 322 -31.82 -61.34 5.78
CA ARG H 322 -30.78 -61.87 6.64
C ARG H 322 -30.22 -63.12 6.00
N GLY H 323 -28.90 -63.21 5.90
CA GLY H 323 -28.31 -64.36 5.24
C GLY H 323 -26.88 -64.16 4.78
N ARG H 324 -26.56 -64.70 3.61
CA ARG H 324 -25.18 -64.75 3.18
C ARG H 324 -25.05 -64.41 1.70
N ARG H 325 -23.94 -63.76 1.36
CA ARG H 325 -23.64 -63.39 -0.01
C ARG H 325 -22.28 -64.02 -0.32
N LEU H 326 -22.32 -65.09 -1.12
CA LEU H 326 -21.15 -65.97 -1.30
C LEU H 326 -20.60 -65.83 -2.71
N ILE H 327 -19.36 -65.38 -2.81
CA ILE H 327 -18.72 -65.12 -4.10
C ILE H 327 -17.90 -66.35 -4.52
N ALA H 328 -18.32 -66.98 -5.61
CA ALA H 328 -17.68 -68.22 -6.02
C ALA H 328 -18.12 -68.61 -7.41
N ASN H 329 -17.26 -69.35 -8.10
CA ASN H 329 -17.69 -70.08 -9.28
C ASN H 329 -18.72 -71.10 -8.80
N ILE H 330 -19.89 -71.11 -9.42
CA ILE H 330 -20.99 -71.94 -8.93
C ILE H 330 -20.66 -73.44 -8.90
N ALA H 331 -20.01 -73.96 -9.94
CA ALA H 331 -19.64 -75.38 -9.95
C ALA H 331 -18.66 -75.71 -8.82
N ASP H 332 -17.65 -74.86 -8.64
CA ASP H 332 -16.73 -75.00 -7.52
C ASP H 332 -17.46 -75.00 -6.20
N TRP H 333 -18.42 -74.09 -6.07
CA TRP H 333 -19.15 -73.92 -4.82
C TRP H 333 -19.94 -75.19 -4.49
N LEU H 334 -20.52 -75.80 -5.52
CA LEU H 334 -21.29 -77.04 -5.29
C LEU H 334 -20.41 -78.20 -4.83
N GLU H 335 -19.19 -78.25 -5.35
CA GLU H 335 -18.26 -79.30 -4.95
C GLU H 335 -17.80 -79.08 -3.52
N LEU H 336 -17.69 -77.82 -3.14
CA LEU H 336 -17.26 -77.44 -1.81
C LEU H 336 -18.39 -77.66 -0.79
N HIS H 337 -19.63 -77.65 -1.27
CA HIS H 337 -20.80 -77.84 -0.42
C HIS H 337 -21.73 -78.87 -1.03
N PRO H 338 -21.30 -80.14 -1.03
CA PRO H 338 -22.03 -81.20 -1.74
C PRO H 338 -23.39 -81.51 -1.12
N ALA H 339 -24.27 -82.08 -1.92
CA ALA H 339 -25.56 -82.54 -1.44
C ALA H 339 -25.41 -83.90 -0.79
N GLU H 340 -26.27 -84.18 0.17
CA GLU H 340 -26.50 -85.53 0.68
C GLU H 340 -27.93 -85.91 0.38
N LYS H 341 -28.16 -87.17 0.07
CA LYS H 341 -29.47 -87.66 -0.32
C LYS H 341 -30.54 -87.54 0.75
N ARG H 342 -31.60 -86.79 0.45
CA ARG H 342 -32.70 -86.67 1.38
C ARG H 342 -33.99 -86.73 0.58
N GLN H 343 -35.03 -87.29 1.17
CA GLN H 343 -36.31 -87.43 0.50
C GLN H 343 -36.94 -86.05 0.30
N PRO H 344 -37.50 -85.79 -0.88
CA PRO H 344 -38.15 -84.50 -1.16
C PRO H 344 -39.24 -84.18 -0.14
N TRP H 345 -39.30 -82.91 0.27
CA TRP H 345 -40.24 -82.51 1.31
C TRP H 345 -41.48 -81.84 0.74
N CYS H 346 -41.39 -81.38 -0.50
CA CYS H 346 -42.55 -80.78 -1.16
C CYS H 346 -43.41 -81.86 -1.82
N VAL H 347 -44.72 -81.74 -1.66
CA VAL H 347 -45.67 -82.68 -2.25
C VAL H 347 -46.70 -81.96 -3.11
N GLU H 348 -47.01 -80.73 -2.75
CA GLU H 348 -48.05 -79.95 -3.41
C GLU H 348 -47.54 -79.33 -4.71
N ILE H 349 -46.31 -78.84 -4.69
CA ILE H 349 -45.80 -78.06 -5.81
C ILE H 349 -45.51 -78.86 -7.08
N PRO H 350 -44.92 -80.07 -6.96
CA PRO H 350 -44.67 -80.86 -8.17
C PRO H 350 -45.96 -81.11 -8.95
N ARG H 351 -47.05 -81.30 -8.21
CA ARG H 351 -48.39 -81.50 -8.76
C ARG H 351 -48.83 -80.27 -9.54
N LEU H 352 -48.71 -79.12 -8.90
CA LEU H 352 -49.13 -77.83 -9.45
C LEU H 352 -48.37 -77.47 -10.71
N ALA H 353 -47.07 -77.71 -10.71
CA ALA H 353 -46.24 -77.40 -11.88
C ALA H 353 -46.67 -78.25 -13.09
N GLU H 354 -46.97 -79.52 -12.84
CA GLU H 354 -47.43 -80.40 -13.91
C GLU H 354 -48.75 -79.88 -14.47
N GLN H 355 -49.66 -79.51 -13.58
CA GLN H 355 -50.96 -78.99 -13.97
C GLN H 355 -50.82 -77.66 -14.72
N ALA H 356 -49.87 -76.84 -14.29
CA ALA H 356 -49.63 -75.55 -14.95
C ALA H 356 -49.20 -75.75 -16.40
N MET H 357 -48.22 -76.62 -16.62
CA MET H 357 -47.75 -76.89 -17.98
C MET H 357 -48.88 -77.48 -18.84
N GLN H 358 -49.70 -78.36 -18.26
CA GLN H 358 -50.83 -78.89 -19.02
C GLN H 358 -51.78 -77.77 -19.44
N ALA H 359 -52.00 -76.78 -18.57
CA ALA H 359 -52.84 -75.64 -18.91
C ALA H 359 -52.29 -74.85 -20.10
N VAL H 360 -50.96 -74.67 -20.12
CA VAL H 360 -50.32 -73.95 -21.22
C VAL H 360 -50.39 -74.75 -22.50
N ILE H 361 -50.14 -76.05 -22.39
CA ILE H 361 -50.21 -76.95 -23.54
C ILE H 361 -51.60 -76.90 -24.18
N ALA H 362 -52.63 -76.78 -23.34
CA ALA H 362 -54.00 -76.70 -23.83
C ALA H 362 -54.21 -75.47 -24.73
N ARG H 363 -53.33 -74.50 -24.62
CA ARG H 363 -53.49 -73.27 -25.41
C ARG H 363 -52.42 -73.09 -26.49
N ARG H 364 -51.79 -74.19 -26.89
CA ARG H 364 -50.64 -74.11 -27.79
C ARG H 364 -50.99 -73.81 -29.25
N ASP H 365 -52.27 -73.91 -29.60
CA ASP H 365 -52.66 -73.91 -31.01
C ASP H 365 -52.68 -72.53 -31.67
N ALA H 366 -53.16 -71.51 -30.96
CA ALA H 366 -53.24 -70.17 -31.53
C ALA H 366 -51.86 -69.69 -32.00
N PHE H 367 -51.82 -69.01 -33.13
CA PHE H 367 -50.56 -68.52 -33.69
C PHE H 367 -50.18 -67.16 -33.08
N GLY H 368 -49.82 -67.16 -31.80
CA GLY H 368 -49.49 -65.93 -31.10
C GLY H 368 -48.12 -65.98 -30.44
N GLU H 369 -47.67 -64.86 -29.87
CA GLU H 369 -46.33 -64.82 -29.28
C GLU H 369 -46.24 -65.68 -28.01
N ALA H 370 -47.35 -65.80 -27.29
CA ALA H 370 -47.36 -66.65 -26.10
C ALA H 370 -47.10 -68.10 -26.50
N GLN H 371 -47.76 -68.54 -27.57
CA GLN H 371 -47.60 -69.91 -28.05
C GLN H 371 -46.20 -70.15 -28.62
N LEU H 372 -45.67 -69.14 -29.31
CA LEU H 372 -44.31 -69.22 -29.83
C LEU H 372 -43.34 -69.45 -28.68
N ALA H 373 -43.48 -68.66 -27.62
CA ALA H 373 -42.63 -68.81 -26.45
C ALA H 373 -42.78 -70.22 -25.87
N HIS H 374 -44.01 -70.66 -25.68
CA HIS H 374 -44.27 -72.01 -25.14
C HIS H 374 -43.61 -73.10 -25.99
N ARG H 375 -43.66 -72.95 -27.30
CA ARG H 375 -43.22 -73.98 -28.23
C ARG H 375 -41.77 -73.84 -28.67
N ILE H 376 -41.05 -72.88 -28.08
CA ILE H 376 -39.75 -72.48 -28.62
C ILE H 376 -38.71 -73.61 -28.61
N CYS H 377 -38.86 -74.55 -27.69
N CYS H 377 -38.85 -74.55 -27.68
CA CYS H 377 -37.96 -75.70 -27.61
CA CYS H 377 -37.94 -75.69 -27.66
C CYS H 377 -38.00 -76.53 -28.90
C CYS H 377 -37.94 -76.42 -28.98
N ASP H 378 -39.11 -76.47 -29.61
CA ASP H 378 -39.24 -77.19 -30.88
C ASP H 378 -38.40 -76.59 -31.99
N TYR H 379 -37.88 -75.37 -31.80
CA TYR H 379 -37.18 -74.68 -32.87
C TYR H 379 -35.71 -74.43 -32.56
N LEU H 380 -35.25 -74.88 -31.39
CA LEU H 380 -33.85 -74.66 -31.03
C LEU H 380 -32.93 -75.46 -31.94
N PRO H 381 -31.92 -74.80 -32.53
CA PRO H 381 -31.00 -75.52 -33.42
C PRO H 381 -30.16 -76.58 -32.70
N GLU H 382 -29.95 -77.71 -33.35
CA GLU H 382 -29.11 -78.76 -32.79
C GLU H 382 -27.71 -78.25 -32.53
N GLN H 383 -27.21 -78.50 -31.32
CA GLN H 383 -25.87 -78.08 -30.93
C GLN H 383 -25.72 -76.57 -31.03
N GLY H 384 -26.82 -75.86 -30.82
CA GLY H 384 -26.84 -74.41 -30.97
C GLY H 384 -27.01 -73.66 -29.66
N GLN H 385 -27.47 -72.42 -29.75
CA GLN H 385 -27.61 -71.56 -28.57
C GLN H 385 -28.78 -70.62 -28.77
N LEU H 386 -29.38 -70.18 -27.67
CA LEU H 386 -30.50 -69.25 -27.73
C LEU H 386 -30.12 -67.89 -27.20
N PHE H 387 -30.41 -66.84 -27.95
CA PHE H 387 -30.29 -65.49 -27.42
C PHE H 387 -31.67 -64.89 -27.26
N VAL H 388 -32.05 -64.61 -26.01
CA VAL H 388 -33.39 -64.11 -25.71
C VAL H 388 -33.35 -62.63 -25.42
N GLY H 389 -34.19 -61.88 -26.13
CA GLY H 389 -34.26 -60.45 -25.97
C GLY H 389 -35.00 -60.09 -24.70
N ASN H 390 -35.13 -58.80 -24.44
CA ASN H 390 -35.81 -58.35 -23.23
C ASN H 390 -37.27 -57.98 -23.46
N SER H 391 -37.96 -57.64 -22.39
CA SER H 391 -39.40 -57.31 -22.37
C SER H 391 -40.23 -58.58 -22.42
N LEU H 392 -41.28 -58.64 -23.26
CA LEU H 392 -42.19 -59.78 -23.15
C LEU H 392 -41.56 -61.13 -23.49
N VAL H 393 -40.63 -61.17 -24.45
CA VAL H 393 -40.14 -62.48 -24.89
C VAL H 393 -39.47 -63.28 -23.77
N VAL H 394 -38.60 -62.66 -22.98
CA VAL H 394 -37.93 -63.40 -21.91
C VAL H 394 -38.95 -63.80 -20.84
N ARG H 395 -39.95 -62.95 -20.61
N ARG H 395 -39.96 -62.96 -20.62
CA ARG H 395 -41.00 -63.22 -19.64
CA ARG H 395 -40.98 -63.26 -19.62
C ARG H 395 -41.88 -64.38 -20.09
C ARG H 395 -41.90 -64.38 -20.07
N LEU H 396 -42.24 -64.40 -21.36
CA LEU H 396 -43.11 -65.44 -21.90
C LEU H 396 -42.42 -66.80 -21.95
N ILE H 397 -41.16 -66.82 -22.40
CA ILE H 397 -40.43 -68.08 -22.42
C ILE H 397 -40.25 -68.60 -20.99
N ASP H 398 -39.89 -67.71 -20.08
CA ASP H 398 -39.70 -68.10 -18.67
C ASP H 398 -41.00 -68.68 -18.09
N ALA H 399 -42.12 -68.07 -18.43
CA ALA H 399 -43.39 -68.48 -17.83
C ALA H 399 -43.99 -69.72 -18.48
N LEU H 400 -43.77 -69.89 -19.78
CA LEU H 400 -44.60 -70.83 -20.53
C LEU H 400 -43.86 -72.00 -21.15
N SER H 401 -42.53 -71.93 -21.14
CA SER H 401 -41.75 -72.98 -21.79
C SER H 401 -40.83 -73.69 -20.80
N GLN H 402 -40.45 -74.91 -21.14
CA GLN H 402 -39.48 -75.67 -20.36
C GLN H 402 -38.27 -75.95 -21.23
N LEU H 403 -37.20 -75.18 -21.02
CA LEU H 403 -36.00 -75.26 -21.85
C LEU H 403 -35.12 -76.41 -21.37
N PRO H 404 -34.43 -77.08 -22.31
CA PRO H 404 -33.64 -78.26 -21.98
C PRO H 404 -32.47 -77.95 -21.06
N ALA H 405 -32.19 -78.87 -20.14
CA ALA H 405 -31.00 -78.74 -19.29
C ALA H 405 -29.76 -78.67 -20.17
N GLY H 406 -28.87 -77.73 -19.84
CA GLY H 406 -27.60 -77.61 -20.53
C GLY H 406 -27.62 -76.95 -21.91
N TYR H 407 -28.79 -76.57 -22.41
CA TYR H 407 -28.85 -75.85 -23.69
C TYR H 407 -28.57 -74.37 -23.45
N PRO H 408 -27.50 -73.84 -24.06
CA PRO H 408 -27.01 -72.49 -23.73
C PRO H 408 -28.02 -71.40 -24.04
N VAL H 409 -28.27 -70.56 -23.04
CA VAL H 409 -29.12 -69.39 -23.21
C VAL H 409 -28.30 -68.15 -22.87
N TYR H 410 -28.42 -67.12 -23.71
CA TYR H 410 -27.73 -65.86 -23.46
C TYR H 410 -28.73 -64.70 -23.50
N SER H 411 -28.37 -63.61 -22.83
CA SER H 411 -29.27 -62.48 -22.69
C SER H 411 -28.53 -61.26 -22.21
N ASN H 412 -29.16 -60.10 -22.32
CA ASN H 412 -28.67 -58.87 -21.66
C ASN H 412 -29.60 -58.51 -20.52
N ALA H 413 -29.60 -59.31 -19.46
CA ALA H 413 -30.60 -59.15 -18.40
C ALA H 413 -30.07 -58.44 -17.16
N GLY H 414 -28.89 -57.82 -17.27
CA GLY H 414 -28.36 -57.05 -16.16
C GLY H 414 -29.16 -55.77 -15.97
N ALA H 415 -29.07 -54.87 -16.95
CA ALA H 415 -29.86 -53.66 -16.95
C ALA H 415 -31.10 -53.83 -17.84
N SER H 416 -31.16 -54.95 -18.54
CA SER H 416 -32.31 -55.30 -19.38
C SER H 416 -32.63 -54.24 -20.43
N GLY H 417 -31.59 -53.66 -21.02
CA GLY H 417 -31.80 -52.66 -22.06
C GLY H 417 -32.32 -53.25 -23.36
N ILE H 418 -33.14 -52.49 -24.08
CA ILE H 418 -33.56 -52.94 -25.40
C ILE H 418 -32.73 -52.27 -26.49
N ASP H 419 -31.58 -51.71 -26.13
CA ASP H 419 -30.81 -50.88 -27.05
C ASP H 419 -29.66 -51.56 -27.83
N GLY H 420 -29.33 -52.80 -27.50
CA GLY H 420 -28.21 -53.45 -28.18
C GLY H 420 -28.37 -54.94 -28.47
N LEU H 421 -29.60 -55.38 -28.66
CA LEU H 421 -29.87 -56.82 -28.70
C LEU H 421 -29.41 -57.50 -29.99
N LEU H 422 -29.52 -56.80 -31.12
CA LEU H 422 -29.07 -57.39 -32.38
C LEU H 422 -27.54 -57.48 -32.43
N SER H 423 -26.86 -56.41 -32.04
CA SER H 423 -25.40 -56.38 -32.06
C SER H 423 -24.84 -57.37 -31.05
N THR H 424 -25.47 -57.50 -29.90
CA THR H 424 -25.02 -58.49 -28.93
C THR H 424 -25.17 -59.90 -29.51
N ALA H 425 -26.31 -60.19 -30.14
CA ALA H 425 -26.56 -61.51 -30.73
C ALA H 425 -25.51 -61.83 -31.80
N ALA H 426 -25.11 -60.83 -32.58
CA ALA H 426 -24.05 -61.03 -33.57
C ALA H 426 -22.76 -61.47 -32.90
N GLY H 427 -22.44 -60.85 -31.77
CA GLY H 427 -21.25 -61.19 -31.02
C GLY H 427 -21.36 -62.57 -30.40
N VAL H 428 -22.55 -62.91 -29.91
CA VAL H 428 -22.82 -64.22 -29.34
C VAL H 428 -22.59 -65.30 -30.40
N GLN H 429 -23.06 -65.04 -31.59
CA GLN H 429 -22.88 -66.00 -32.68
C GLN H 429 -21.40 -66.14 -33.05
N ARG H 430 -20.73 -65.02 -33.28
CA ARG H 430 -19.36 -65.06 -33.76
C ARG H 430 -18.41 -65.73 -32.77
N ALA H 431 -18.65 -65.52 -31.48
CA ALA H 431 -17.76 -66.06 -30.46
C ALA H 431 -17.72 -67.59 -30.47
N SER H 432 -18.88 -68.22 -30.56
CA SER H 432 -18.96 -69.68 -30.43
C SER H 432 -19.00 -70.39 -31.78
N GLY H 433 -19.42 -69.69 -32.82
CA GLY H 433 -19.55 -70.29 -34.13
C GLY H 433 -20.73 -71.24 -34.23
N LYS H 434 -21.63 -71.16 -33.25
CA LYS H 434 -22.77 -72.06 -33.19
C LYS H 434 -23.96 -71.50 -33.95
N PRO H 435 -24.80 -72.39 -34.49
CA PRO H 435 -26.10 -71.98 -35.03
C PRO H 435 -26.89 -71.32 -33.90
N THR H 436 -27.54 -70.21 -34.19
CA THR H 436 -28.08 -69.36 -33.14
C THR H 436 -29.53 -68.99 -33.40
N LEU H 437 -30.37 -69.11 -32.37
CA LEU H 437 -31.71 -68.57 -32.43
C LEU H 437 -31.78 -67.35 -31.54
N ALA H 438 -32.10 -66.20 -32.14
CA ALA H 438 -32.27 -64.94 -31.44
C ALA H 438 -33.70 -64.45 -31.60
N ILE H 439 -34.30 -64.03 -30.50
CA ILE H 439 -35.69 -63.59 -30.51
C ILE H 439 -35.84 -62.25 -29.81
N VAL H 440 -36.38 -61.26 -30.52
CA VAL H 440 -36.53 -59.91 -29.99
C VAL H 440 -37.88 -59.32 -30.37
N GLY H 441 -38.28 -58.26 -29.67
CA GLY H 441 -39.50 -57.55 -29.99
C GLY H 441 -39.28 -56.48 -31.05
N ASP H 442 -40.36 -55.85 -31.52
CA ASP H 442 -40.25 -54.89 -32.62
C ASP H 442 -39.54 -53.58 -32.25
N LEU H 443 -39.82 -53.01 -31.08
CA LEU H 443 -39.12 -51.78 -30.70
C LEU H 443 -37.64 -52.09 -30.50
N SER H 444 -37.34 -53.28 -29.99
CA SER H 444 -35.95 -53.72 -29.83
C SER H 444 -35.21 -53.79 -31.16
N ALA H 445 -35.89 -54.36 -32.16
CA ALA H 445 -35.29 -54.51 -33.47
C ALA H 445 -35.08 -53.16 -34.14
N LEU H 446 -36.04 -52.25 -33.95
CA LEU H 446 -35.90 -50.90 -34.46
C LEU H 446 -34.76 -50.17 -33.77
N TYR H 447 -34.66 -50.34 -32.46
CA TYR H 447 -33.64 -49.67 -31.65
C TYR H 447 -32.24 -49.98 -32.19
N ASP H 448 -31.96 -51.25 -32.47
CA ASP H 448 -30.63 -51.66 -32.94
C ASP H 448 -30.70 -52.08 -34.41
N LEU H 449 -31.53 -51.39 -35.18
CA LEU H 449 -31.81 -51.75 -36.57
C LEU H 449 -30.55 -51.83 -37.45
N ASN H 450 -29.60 -50.90 -37.27
CA ASN H 450 -28.44 -50.89 -38.17
C ASN H 450 -27.45 -52.02 -37.85
N ALA H 451 -27.72 -52.81 -36.80
CA ALA H 451 -26.88 -53.97 -36.48
C ALA H 451 -27.15 -55.11 -37.44
N LEU H 452 -28.19 -54.96 -38.26
CA LEU H 452 -28.42 -55.91 -39.35
C LEU H 452 -27.21 -55.93 -40.27
N ALA H 453 -26.46 -54.82 -40.28
CA ALA H 453 -25.24 -54.74 -41.05
C ALA H 453 -24.24 -55.80 -40.57
N LEU H 454 -24.18 -55.99 -39.26
CA LEU H 454 -23.31 -57.01 -38.65
C LEU H 454 -23.79 -58.43 -38.93
N LEU H 455 -25.10 -58.61 -39.00
CA LEU H 455 -25.64 -59.95 -39.15
C LEU H 455 -25.47 -60.45 -40.57
N ARG H 456 -24.90 -59.62 -41.46
CA ARG H 456 -24.54 -60.11 -42.79
C ARG H 456 -23.30 -61.01 -42.71
N GLN H 457 -22.63 -61.00 -41.56
CA GLN H 457 -21.48 -61.87 -41.37
C GLN H 457 -21.61 -62.73 -40.12
N VAL H 458 -22.10 -63.95 -40.33
CA VAL H 458 -22.17 -64.97 -39.27
C VAL H 458 -21.50 -66.25 -39.75
N SER H 459 -20.97 -67.04 -38.82
CA SER H 459 -20.19 -68.22 -39.17
C SER H 459 -21.03 -69.49 -39.20
N ALA H 460 -22.29 -69.34 -38.82
CA ALA H 460 -23.26 -70.43 -38.83
C ALA H 460 -24.63 -69.79 -38.97
N PRO H 461 -25.65 -70.57 -39.34
CA PRO H 461 -26.96 -69.93 -39.51
C PRO H 461 -27.44 -69.22 -38.25
N LEU H 462 -28.00 -68.02 -38.42
CA LEU H 462 -28.64 -67.34 -37.31
C LEU H 462 -30.05 -66.97 -37.73
N VAL H 463 -31.02 -67.44 -36.95
CA VAL H 463 -32.41 -67.05 -37.15
C VAL H 463 -32.74 -65.92 -36.19
N LEU H 464 -33.13 -64.78 -36.75
CA LEU H 464 -33.59 -63.66 -35.94
C LEU H 464 -35.10 -63.57 -36.04
N ILE H 465 -35.79 -63.98 -34.98
CA ILE H 465 -37.23 -63.80 -34.94
C ILE H 465 -37.54 -62.42 -34.37
N VAL H 466 -38.28 -61.63 -35.15
CA VAL H 466 -38.78 -60.36 -34.65
C VAL H 466 -40.26 -60.52 -34.37
N VAL H 467 -40.64 -60.46 -33.10
CA VAL H 467 -42.04 -60.51 -32.72
C VAL H 467 -42.62 -59.11 -32.82
N ASN H 468 -43.50 -58.92 -33.81
CA ASN H 468 -44.08 -57.61 -34.08
C ASN H 468 -45.50 -57.52 -33.53
N ASN H 469 -45.63 -56.96 -32.33
CA ASN H 469 -46.94 -56.73 -31.73
C ASN H 469 -47.24 -55.22 -31.69
N ASN H 470 -46.52 -54.48 -32.53
CA ASN H 470 -46.77 -53.06 -32.77
C ASN H 470 -46.69 -52.21 -31.50
N GLY H 471 -45.47 -52.14 -30.95
CA GLY H 471 -45.22 -51.33 -29.76
C GLY H 471 -44.61 -52.17 -28.65
N GLY H 472 -44.39 -51.54 -27.50
CA GLY H 472 -43.83 -52.23 -26.35
C GLY H 472 -44.97 -52.78 -25.53
N GLN H 473 -45.42 -54.00 -25.87
CA GLN H 473 -46.66 -54.49 -25.28
C GLN H 473 -46.50 -54.96 -23.84
N ILE H 474 -45.27 -54.91 -23.32
CA ILE H 474 -45.09 -55.11 -21.89
C ILE H 474 -45.90 -54.07 -21.10
N PHE H 475 -46.17 -52.92 -21.70
CA PHE H 475 -46.94 -51.87 -21.04
C PHE H 475 -48.45 -52.12 -21.13
N SER H 476 -48.82 -53.20 -21.80
CA SER H 476 -50.19 -53.69 -21.76
C SER H 476 -50.35 -54.76 -20.69
N LEU H 477 -49.21 -55.27 -20.22
CA LEU H 477 -49.18 -56.22 -19.10
C LEU H 477 -49.16 -55.45 -17.78
N LEU H 478 -48.28 -54.47 -17.69
CA LEU H 478 -48.26 -53.54 -16.56
C LEU H 478 -49.57 -52.75 -16.53
N PRO H 479 -49.99 -52.32 -15.33
CA PRO H 479 -51.26 -51.59 -15.16
C PRO H 479 -51.15 -50.10 -15.51
N THR H 480 -50.65 -49.83 -16.71
CA THR H 480 -50.52 -48.46 -17.17
C THR H 480 -51.91 -47.87 -17.42
N PRO H 481 -52.06 -46.55 -17.25
CA PRO H 481 -53.36 -45.88 -17.43
C PRO H 481 -53.82 -45.92 -18.90
N GLN H 482 -55.08 -46.22 -19.14
CA GLN H 482 -55.56 -46.46 -20.51
C GLN H 482 -55.44 -45.24 -21.43
N SER H 483 -55.72 -44.07 -20.87
CA SER H 483 -55.78 -42.84 -21.66
C SER H 483 -54.44 -42.46 -22.29
N GLU H 484 -53.35 -42.70 -21.55
CA GLU H 484 -52.04 -42.33 -22.04
C GLU H 484 -51.28 -43.52 -22.62
N ARG H 485 -51.86 -44.71 -22.54
CA ARG H 485 -51.09 -45.92 -22.84
C ARG H 485 -50.50 -45.98 -24.25
N GLU H 486 -51.29 -45.70 -25.28
CA GLU H 486 -50.76 -45.85 -26.65
C GLU H 486 -49.65 -44.85 -26.98
N ARG H 487 -49.91 -43.56 -26.75
CA ARG H 487 -48.97 -42.53 -27.13
C ARG H 487 -47.71 -42.50 -26.27
N PHE H 488 -47.84 -42.71 -24.97
CA PHE H 488 -46.75 -42.47 -24.05
C PHE H 488 -46.08 -43.72 -23.48
N TYR H 489 -46.65 -44.89 -23.75
CA TYR H 489 -46.05 -46.16 -23.31
C TYR H 489 -45.81 -47.12 -24.47
N LEU H 490 -46.89 -47.57 -25.12
CA LEU H 490 -46.76 -48.59 -26.18
C LEU H 490 -45.92 -48.09 -27.34
N MET H 491 -46.18 -46.86 -27.74
CA MET H 491 -45.50 -46.22 -28.87
C MET H 491 -45.38 -47.12 -30.10
N PRO H 492 -46.52 -47.58 -30.63
CA PRO H 492 -46.50 -48.34 -31.87
C PRO H 492 -45.84 -47.55 -33.00
N GLN H 493 -45.02 -48.23 -33.81
CA GLN H 493 -44.33 -47.55 -34.91
C GLN H 493 -44.90 -47.94 -36.27
N ASN H 494 -45.81 -48.92 -36.27
CA ASN H 494 -46.51 -49.35 -37.47
C ASN H 494 -45.59 -49.60 -38.65
N VAL H 495 -44.65 -50.52 -38.45
CA VAL H 495 -43.72 -50.90 -39.50
C VAL H 495 -43.69 -52.42 -39.67
N HIS H 496 -43.11 -52.86 -40.77
CA HIS H 496 -42.72 -54.25 -40.93
C HIS H 496 -41.22 -54.28 -41.22
N PHE H 497 -40.62 -55.46 -41.25
CA PHE H 497 -39.18 -55.56 -41.32
C PHE H 497 -38.71 -56.19 -42.63
N GLU H 498 -39.63 -56.32 -43.58
CA GLU H 498 -39.29 -56.89 -44.88
C GLU H 498 -38.24 -56.05 -45.62
N HIS H 499 -38.42 -54.73 -45.62
CA HIS H 499 -37.48 -53.84 -46.30
C HIS H 499 -36.14 -53.73 -45.59
N ALA H 500 -36.16 -53.84 -44.26
CA ALA H 500 -34.92 -53.87 -43.50
C ALA H 500 -34.08 -55.09 -43.89
N ALA H 501 -34.70 -56.25 -43.98
CA ALA H 501 -34.00 -57.46 -44.40
C ALA H 501 -33.44 -57.29 -45.83
N ALA H 502 -34.27 -56.75 -46.72
CA ALA H 502 -33.86 -56.54 -48.11
C ALA H 502 -32.66 -55.59 -48.20
N MET H 503 -32.68 -54.55 -47.37
CA MET H 503 -31.60 -53.55 -47.39
C MET H 503 -30.23 -54.18 -47.14
N PHE H 504 -30.20 -55.19 -46.27
CA PHE H 504 -28.96 -55.84 -45.89
C PHE H 504 -28.85 -57.23 -46.51
N GLU H 505 -29.71 -57.48 -47.50
CA GLU H 505 -29.63 -58.70 -48.28
C GLU H 505 -29.73 -59.96 -47.41
N LEU H 506 -30.63 -59.91 -46.45
CA LEU H 506 -30.92 -61.06 -45.58
C LEU H 506 -32.23 -61.70 -45.99
N LYS H 507 -32.28 -63.04 -46.00
CA LYS H 507 -33.52 -63.76 -46.27
C LYS H 507 -34.60 -63.33 -45.29
N TYR H 508 -35.84 -63.34 -45.75
CA TYR H 508 -36.95 -62.84 -44.93
C TYR H 508 -38.16 -63.73 -45.09
N HIS H 509 -38.81 -64.03 -43.96
CA HIS H 509 -40.08 -64.75 -43.95
C HIS H 509 -41.07 -64.02 -43.08
N ARG H 510 -42.33 -63.99 -43.50
CA ARG H 510 -43.40 -63.52 -42.62
C ARG H 510 -44.46 -64.61 -42.54
N PRO H 511 -44.17 -65.67 -41.76
CA PRO H 511 -45.05 -66.85 -41.71
C PRO H 511 -46.40 -66.51 -41.10
N GLN H 512 -47.47 -67.07 -41.67
CA GLN H 512 -48.82 -66.80 -41.18
C GLN H 512 -49.40 -67.96 -40.36
N ASN H 513 -48.70 -69.08 -40.31
CA ASN H 513 -49.16 -70.23 -39.52
C ASN H 513 -47.99 -71.13 -39.12
N TRP H 514 -48.27 -72.16 -38.32
CA TRP H 514 -47.19 -72.99 -37.80
C TRP H 514 -46.41 -73.73 -38.90
N GLN H 515 -47.09 -74.21 -39.92
CA GLN H 515 -46.42 -74.85 -41.02
C GLN H 515 -45.45 -73.93 -41.75
N GLU H 516 -45.87 -72.70 -41.99
CA GLU H 516 -44.99 -71.74 -42.66
C GLU H 516 -43.81 -71.37 -41.78
N LEU H 517 -44.02 -71.33 -40.47
CA LEU H 517 -42.91 -71.07 -39.57
C LEU H 517 -41.87 -72.19 -39.66
N GLU H 518 -42.34 -73.43 -39.64
CA GLU H 518 -41.43 -74.59 -39.71
C GLU H 518 -40.69 -74.63 -41.04
N THR H 519 -41.38 -74.27 -42.12
CA THR H 519 -40.75 -74.17 -43.44
C THR H 519 -39.65 -73.10 -43.46
N ALA H 520 -39.94 -71.97 -42.82
CA ALA H 520 -38.96 -70.88 -42.74
C ALA H 520 -37.68 -71.33 -42.03
N PHE H 521 -37.84 -72.02 -40.90
CA PHE H 521 -36.69 -72.54 -40.17
C PHE H 521 -35.87 -73.52 -41.02
N ALA H 522 -36.54 -74.43 -41.71
CA ALA H 522 -35.86 -75.42 -42.54
C ALA H 522 -34.97 -74.73 -43.56
N ASP H 523 -35.47 -73.67 -44.18
CA ASP H 523 -34.70 -72.89 -45.14
C ASP H 523 -33.51 -72.24 -44.44
N ALA H 524 -33.78 -71.64 -43.28
CA ALA H 524 -32.81 -70.82 -42.58
C ALA H 524 -31.57 -71.60 -42.11
N TRP H 525 -31.76 -72.83 -41.63
CA TRP H 525 -30.62 -73.57 -41.09
C TRP H 525 -29.68 -74.08 -42.19
N ARG H 526 -30.05 -73.91 -43.45
CA ARG H 526 -29.29 -74.49 -44.56
C ARG H 526 -27.98 -73.80 -44.88
N THR H 527 -27.86 -72.52 -44.53
CA THR H 527 -26.65 -71.76 -44.84
C THR H 527 -26.17 -70.93 -43.66
N PRO H 528 -24.87 -70.63 -43.62
CA PRO H 528 -24.28 -69.78 -42.57
C PRO H 528 -24.61 -68.31 -42.80
N THR H 529 -25.90 -68.00 -42.78
CA THR H 529 -26.38 -66.64 -42.98
C THR H 529 -27.49 -66.35 -41.97
N THR H 530 -27.82 -65.07 -41.84
CA THR H 530 -28.90 -64.63 -40.97
C THR H 530 -30.21 -64.59 -41.75
N THR H 531 -31.23 -65.24 -41.19
CA THR H 531 -32.58 -65.18 -41.75
C THR H 531 -33.47 -64.42 -40.79
N VAL H 532 -34.20 -63.44 -41.31
CA VAL H 532 -35.14 -62.68 -40.51
C VAL H 532 -36.52 -63.29 -40.62
N ILE H 533 -37.10 -63.68 -39.49
CA ILE H 533 -38.46 -64.20 -39.48
C ILE H 533 -39.32 -63.23 -38.69
N GLU H 534 -40.25 -62.56 -39.35
CA GLU H 534 -41.11 -61.63 -38.64
C GLU H 534 -42.43 -62.32 -38.29
N MET H 535 -42.72 -62.42 -37.00
CA MET H 535 -44.01 -62.94 -36.56
C MET H 535 -44.92 -61.79 -36.15
N VAL H 536 -45.89 -61.51 -37.02
CA VAL H 536 -46.84 -60.43 -36.77
C VAL H 536 -48.00 -60.96 -35.97
N VAL H 537 -48.25 -60.37 -34.80
CA VAL H 537 -49.30 -60.85 -33.91
C VAL H 537 -50.16 -59.69 -33.40
N ASN H 538 -51.38 -60.01 -32.97
CA ASN H 538 -52.29 -59.01 -32.42
C ASN H 538 -51.69 -58.42 -31.17
N ASP H 539 -51.71 -57.09 -31.06
CA ASP H 539 -50.96 -56.37 -30.04
C ASP H 539 -50.98 -56.97 -28.63
N THR H 540 -52.17 -57.16 -28.07
CA THR H 540 -52.31 -57.49 -26.65
C THR H 540 -52.57 -58.96 -26.34
N ASP H 541 -52.63 -59.81 -27.37
CA ASP H 541 -52.93 -61.21 -27.16
C ASP H 541 -51.92 -61.91 -26.24
N GLY H 542 -50.64 -61.61 -26.43
CA GLY H 542 -49.60 -62.23 -25.64
C GLY H 542 -49.73 -61.89 -24.16
N ALA H 543 -49.87 -60.60 -23.88
CA ALA H 543 -49.99 -60.13 -22.50
C ALA H 543 -51.22 -60.71 -21.84
N GLN H 544 -52.34 -60.70 -22.57
CA GLN H 544 -53.60 -61.19 -22.01
C GLN H 544 -53.56 -62.70 -21.74
N THR H 545 -52.95 -63.45 -22.65
CA THR H 545 -52.85 -64.90 -22.51
C THR H 545 -52.05 -65.23 -21.26
N LEU H 546 -50.98 -64.48 -21.01
CA LEU H 546 -50.18 -64.70 -19.80
C LEU H 546 -51.05 -64.45 -18.56
N GLN H 547 -51.78 -63.35 -18.56
CA GLN H 547 -52.65 -63.02 -17.43
C GLN H 547 -53.74 -64.06 -17.23
N GLN H 548 -54.29 -64.57 -18.33
CA GLN H 548 -55.35 -65.57 -18.23
C GLN H 548 -54.80 -66.88 -17.66
N LEU H 549 -53.61 -67.28 -18.11
CA LEU H 549 -53.02 -68.52 -17.62
C LEU H 549 -52.64 -68.37 -16.15
N LEU H 550 -52.16 -67.19 -15.78
CA LEU H 550 -51.86 -66.92 -14.37
C LEU H 550 -53.10 -67.11 -13.51
N ALA H 551 -54.22 -66.53 -13.96
CA ALA H 551 -55.46 -66.62 -13.21
C ALA H 551 -55.93 -68.06 -13.05
N GLN H 552 -55.90 -68.81 -14.15
CA GLN H 552 -56.34 -70.19 -14.14
C GLN H 552 -55.49 -71.07 -13.20
N VAL H 553 -54.17 -70.94 -13.28
CA VAL H 553 -53.30 -71.77 -12.45
C VAL H 553 -53.40 -71.39 -10.97
N SER H 554 -53.68 -70.12 -10.72
CA SER H 554 -53.77 -69.62 -9.35
C SER H 554 -54.96 -70.23 -8.63
N HIS H 555 -55.92 -70.74 -9.40
CA HIS H 555 -57.14 -71.30 -8.85
C HIS H 555 -57.16 -72.82 -8.78
N LEU H 556 -56.07 -73.45 -9.19
CA LEU H 556 -55.97 -74.91 -9.14
C LEU H 556 -55.93 -75.39 -7.68
S1 TD5 I . -0.13 32.64 -16.30
C2 TD5 I . 0.65 33.52 -15.02
N3 TD5 I . 1.97 33.69 -15.36
C4 TD5 I . 2.31 33.21 -16.58
C5 TD5 I . 1.29 32.58 -17.30
C6 TD5 I . 1.38 31.94 -18.72
C7 TD5 I . 1.18 30.38 -18.78
O7 TD5 I . 1.24 30.17 -20.16
PA TD5 I . 0.66 28.81 -20.71
PB TD5 I . -2.00 29.83 -21.05
N1' TD5 I . 6.11 32.56 -13.52
C11 TD5 I . 0.01 34.03 -13.75
C13 TD5 I . -0.89 36.42 -13.08
O1A TD5 I . 0.96 28.70 -22.21
O1B TD5 I . -1.93 31.23 -20.46
C2' TD5 I . 5.70 31.53 -12.76
O2A TD5 I . 1.26 27.69 -19.93
O2B TD5 I . -3.30 29.14 -20.70
N3' TD5 I . 4.39 31.35 -12.54
O3A TD5 I . -0.90 28.84 -20.43
O3B TD5 I . -1.86 29.85 -22.56
C4' TD5 I . 3.47 32.23 -13.04
N4' TD5 I . 2.21 31.99 -12.74
C5' TD5 I . 3.89 33.32 -13.83
C6' TD5 I . 5.24 33.46 -14.06
C7' TD5 I . 2.93 34.37 -14.46
OL1 TD5 I . -1.27 33.39 -13.63
OL2 TD5 I . -0.35 38.16 -11.55
OL3 TD5 I . 1.26 37.49 -12.83
CLB TD5 I . -0.25 35.52 -14.15
CLC TD5 I . 0.06 37.41 -12.46
CM2 TD5 I . 6.72 30.50 -12.17
CM4 TD5 I . 3.77 33.33 -17.12
H6 TD5 I . 0.67 32.37 -19.31
H6A TD5 I . 2.28 32.16 -19.11
H7A TD5 I . 0.29 30.13 -18.43
H7 TD5 I . 1.90 29.92 -18.31
H13 TD5 I . -1.24 35.86 -12.37
H13A TD5 I . -1.63 36.92 -13.47
HN4' TD5 I . 2.01 31.26 -12.24
HN4A TD5 I . 1.56 32.53 -13.06
H6' TD5 I . 5.59 34.22 -14.61
H7'A TD5 I . 3.48 35.04 -14.99
H7' TD5 I . 2.45 34.82 -13.75
HOL1 TD5 I . -1.81 33.73 -14.21
HLB TD5 I . -0.84 35.52 -14.95
HLBA TD5 I . 0.62 35.93 -14.42
HM2B TD5 I . 6.91 29.79 -12.83
HM2 TD5 I . 6.35 30.10 -11.36
HM2A TD5 I . 7.56 30.96 -11.95
HM4A TD5 I . 3.74 33.37 -18.07
HM4B TD5 I . 4.30 32.54 -16.83
HM4 TD5 I . 4.19 34.17 -16.75
MN MN J . -0.37 28.89 -23.81
C1 GOL K . 13.15 7.05 -10.48
O1 GOL K . 13.65 6.88 -9.17
C2 GOL K . 13.58 8.43 -10.96
O2 GOL K . 12.73 9.40 -10.41
C3 GOL K . 13.60 8.52 -12.49
O3 GOL K . 12.33 8.78 -13.03
H11 GOL K . 13.54 6.29 -11.14
H12 GOL K . 12.07 6.98 -10.48
HO1 GOL K . 13.33 6.02 -8.81
H2 GOL K . 14.59 8.61 -10.61
HO2 GOL K . 13.03 10.29 -10.68
H31 GOL K . 13.97 7.58 -12.90
H32 GOL K . 14.29 9.30 -12.80
HO3 GOL K . 12.28 8.45 -13.95
C1 EDO L . -19.77 17.14 -22.76
O1 EDO L . -19.40 16.26 -23.82
C2 EDO L . -21.17 17.70 -23.00
O2 EDO L . -21.16 18.65 -24.08
H11 EDO L . -19.06 17.96 -22.70
H12 EDO L . -19.75 16.61 -21.80
HO1 EDO L . -18.51 15.91 -23.66
H21 EDO L . -21.85 16.88 -23.24
H22 EDO L . -21.53 18.18 -22.09
HO2 EDO L . -22.05 18.99 -24.21
S1 TD5 M . 28.98 18.03 -10.59
C2 TD5 M . 28.44 18.66 -9.06
N3 TD5 M . 27.10 18.37 -8.94
C4 TD5 M . 26.55 17.68 -9.97
C5 TD5 M . 27.42 17.37 -11.02
C6 TD5 M . 27.03 16.56 -12.30
C7 TD5 M . 27.37 17.29 -13.65
O7 TD5 M . 26.99 16.34 -14.60
PA TD5 M . 27.43 16.68 -16.10
PB TD5 M . 30.11 15.64 -15.81
N1' TD5 M . 23.12 20.78 -8.49
C11 TD5 M . 29.30 19.36 -8.02
C13 TD5 M . 30.38 18.61 -5.70
O1A TD5 M . 26.94 15.51 -16.96
O1B TD5 M . 30.19 15.37 -14.31
C2' TD5 M . 23.57 21.96 -8.96
O2A TD5 M . 26.82 17.95 -16.50
O2B TD5 M . 31.41 16.23 -16.32
N3' TD5 M . 24.87 22.17 -9.08
O3A TD5 M . 29.03 16.80 -16.12
O3B TD5 M . 29.74 14.41 -16.58
C4' TD5 M . 25.77 21.19 -8.72
N4' TD5 M . 27.05 21.50 -8.88
C5' TD5 M . 25.32 19.96 -8.21
C6' TD5 M . 23.95 19.77 -8.09
C7' TD5 M . 26.28 18.80 -7.77
OL1 TD5 M . 30.53 19.71 -8.66
OL2 TD5 M . 30.02 18.93 -3.36
OL3 TD5 M . 28.36 18.17 -4.51
CLB TD5 M . 29.61 18.22 -7.00
CLC TD5 M . 29.54 18.57 -4.46
CM2 TD5 M . 22.56 23.07 -9.40
CM4 TD5 M . 25.04 17.28 -9.99
H6 TD5 M . 27.51 15.68 -12.29
H6A TD5 M . 26.04 16.38 -12.29
H7A TD5 M . 28.34 17.48 -13.72
H7 TD5 M . 26.85 18.12 -13.75
H13 TD5 M . 30.74 19.50 -5.80
H13A TD5 M . 31.14 17.99 -5.59
HN4' TD5 M . 27.28 22.30 -9.20
HN4A TD5 M . 27.69 20.90 -8.65
H6' TD5 M . 23.57 18.91 -7.75
H7'A TD5 M . 25.73 18.02 -7.44
H7' TD5 M . 26.87 19.11 -7.06
HOL1 TD5 M . 31.01 19.00 -8.74
HLB TD5 M . 30.14 17.53 -7.47
HLBA TD5 M . 28.75 17.81 -6.73
HM2B TD5 M . 22.30 22.94 -10.32
HM2 TD5 M . 22.98 23.95 -9.30
HM2A TD5 M . 21.76 23.04 -8.82
HM4A TD5 M . 24.94 16.46 -10.50
HM4B TD5 M . 24.51 18.00 -10.41
HM4 TD5 M . 24.72 17.12 -9.05
MN MN N . 28.15 13.96 -17.89
C1 GOL O . 14.69 38.05 -27.09
O1 GOL O . 14.45 39.21 -26.32
C2 GOL O . 14.43 36.84 -26.21
O2 GOL O . 15.45 36.80 -25.23
C3 GOL O . 14.36 35.54 -27.02
O3 GOL O . 15.62 34.96 -27.18
H11 GOL O . 14.02 38.02 -27.95
H12 GOL O . 15.72 38.05 -27.44
HO1 GOL O . 14.66 40.00 -26.84
H2 GOL O . 13.48 36.99 -25.71
HO2 GOL O . 15.28 36.06 -24.61
H31 GOL O . 13.93 35.76 -27.99
H32 GOL O . 13.70 34.84 -26.50
HO3 GOL O . 15.55 34.17 -27.74
C1 EDO P . 47.06 20.25 -28.21
O1 EDO P . 46.40 20.27 -29.48
C2 EDO P . 48.47 19.72 -28.39
O2 EDO P . 48.45 18.29 -28.53
H11 EDO P . 46.50 19.61 -27.51
H12 EDO P . 47.09 21.25 -27.79
HO1 EDO P . 45.50 20.60 -29.37
H21 EDO P . 48.93 20.16 -29.27
H22 EDO P . 49.08 19.98 -27.52
HO2 EDO P . 49.35 17.95 -28.64
S1 TD5 Q . 12.25 63.57 25.13
C2 TD5 Q . 11.92 62.29 24.01
N3 TD5 Q . 11.43 61.23 24.73
C4 TD5 Q . 11.29 61.44 26.07
C5 TD5 Q . 11.68 62.69 26.54
C6 TD5 Q . 11.64 63.19 28.01
C7 TD5 Q . 13.03 63.59 28.59
O7 TD5 Q . 12.71 64.10 29.85
PA TD5 Q . 13.82 64.95 30.62
PB TD5 Q . 13.24 67.49 29.36
N1' TD5 Q . 12.58 56.83 25.61
C11 TD5 Q . 12.12 62.35 22.50
C13 TD5 Q . 10.49 62.62 20.41
O1A TD5 Q . 13.22 65.33 31.98
O1B TD5 Q . 12.22 67.08 28.33
C2' TD5 Q . 13.87 56.88 25.23
O2A TD5 Q . 15.06 64.15 30.81
O2B TD5 Q . 14.18 68.55 28.82
N3' TD5 Q . 14.31 57.89 24.50
O3A TD5 Q . 14.18 66.24 29.75
O3B TD5 Q . 12.56 68.00 30.63
C4' TD5 Q . 13.45 58.88 24.11
N4' TD5 Q . 13.96 59.85 23.38
C5' TD5 Q . 12.10 58.85 24.50
C6' TD5 Q . 11.68 57.78 25.26
C7' TD5 Q . 11.06 59.93 24.10
OL1 TD5 Q . 13.01 63.46 22.28
OL2 TD5 Q . 9.31 61.31 18.79
OL3 TD5 Q . 9.20 60.64 20.83
CLB TD5 Q . 10.71 62.74 21.95
CLC TD5 Q . 9.61 61.47 19.99
CM2 TD5 Q . 14.86 55.74 25.67
CM4 TD5 Q . 10.76 60.34 27.02
H6 TD5 Q . 11.02 63.99 28.07
H6A TD5 Q . 11.25 62.45 28.59
H7A TD5 Q . 13.46 64.29 28.03
H7 TD5 Q . 13.62 62.81 28.67
H13 TD5 Q . 11.35 62.53 19.97
H13A TD5 Q . 10.07 63.45 20.09
HN4' TD5 Q . 14.82 59.85 23.15
HN4A TD5 Q . 13.42 60.55 23.09
H6' TD5 Q . 10.72 57.72 25.56
H7'A TD5 Q . 10.16 59.65 24.42
H7' TD5 Q . 11.06 60.04 23.14
HOL1 TD5 Q . 12.59 64.20 22.42
HLB TD5 Q . 10.52 63.68 22.20
HLBA TD5 Q . 10.03 62.17 22.39
HM2B TD5 Q . 15.24 55.96 26.55
HM2 TD5 Q . 15.58 55.66 25.02
HM2A TD5 Q . 14.38 54.89 25.73
HM4A TD5 Q . 10.31 60.74 27.77
HM4B TD5 Q . 11.51 59.78 27.34
HM4 TD5 Q . 10.09 59.76 26.52
MN MN R . 12.70 67.33 32.69
C1 GOL S . 35.46 50.22 37.47
O1 GOL S . 36.05 49.15 36.79
C2 GOL S . 33.95 50.07 37.40
O2 GOL S . 33.49 50.59 36.17
C3 GOL S . 33.23 50.74 38.59
O3 GOL S . 32.96 52.11 38.34
H11 GOL S . 35.79 50.23 38.51
H12 GOL S . 35.76 51.17 37.01
HO1 GOL S . 37.03 49.26 36.77
H2 GOL S . 33.71 49.01 37.44
HO2 GOL S . 32.52 50.44 36.10
H31 GOL S . 33.87 50.66 39.48
H32 GOL S . 32.31 50.21 38.79
HO3 GOL S . 32.95 52.59 39.19
C1 EDO T . 26.55 84.49 28.86
O1 EDO T . 27.94 84.10 28.92
C2 EDO T . 26.46 85.96 28.49
O2 EDO T . 25.11 86.42 28.62
H11 EDO T . 26.08 84.31 29.82
H12 EDO T . 26.04 83.89 28.10
HO1 EDO T . 28.00 83.15 29.15
H21 EDO T . 27.11 86.55 29.16
H22 EDO T . 26.81 86.12 27.47
HO2 EDO T . 25.06 87.36 28.39
S1 TD5 U . 23.08 35.66 39.24
C2 TD5 U . 23.24 35.45 37.52
N3 TD5 U . 23.77 36.60 37.01
C4 TD5 U . 24.06 37.57 37.90
C5 TD5 U . 23.77 37.27 39.24
C6 TD5 U . 24.03 38.22 40.45
C7 TD5 U . 22.76 38.62 41.28
O7 TD5 U . 23.28 39.30 42.38
PA TD5 U . 22.29 39.54 43.60
PB TD5 U . 22.89 37.03 44.90
N1' TD5 U . 22.57 39.81 33.85
C11 TD5 U . 22.91 34.21 36.71
C13 TD5 U . 24.36 32.30 35.63
O1A TD5 U . 23.00 40.42 44.62
O1B TD5 U . 23.70 36.32 43.83
C2' TD5 U . 21.23 39.62 33.89
O2A TD5 U . 21.06 40.20 43.08
O2B TD5 U . 22.01 36.03 45.61
N3' TD5 U . 20.75 38.50 34.44
O3A TD5 U . 21.90 38.11 44.21
O3B TD5 U . 23.79 37.74 45.90
C4' TD5 U . 21.60 37.57 34.97
N4' TD5 U . 21.06 36.49 35.51
C5' TD5 U . 22.98 37.78 34.96
C6' TD5 U . 23.45 38.94 34.37
C7' TD5 U . 24.02 36.77 35.54
OL1 TD5 U . 22.06 33.33 37.45
OL2 TD5 U . 25.25 31.63 33.52
OL3 TD5 U . 25.48 33.70 34.04
CLB TD5 U . 24.30 33.52 36.59
CLC TD5 U . 25.08 32.57 34.32
CM2 TD5 U . 20.27 40.69 33.26
CM4 TD5 U . 24.67 38.95 37.48
H6 TD5 U . 24.67 37.75 41.08
H6A TD5 U . 24.46 39.06 40.11
H7A TD5 U . 22.26 37.82 41.56
H7 TD5 U . 22.17 39.22 40.74
H13 TD5 U . 23.46 32.02 35.43
H13A TD5 U . 24.83 31.57 36.08
HN4' TD5 U . 20.16 36.39 35.51
HN4A TD5 U . 21.59 35.85 35.88
H6' TD5 U . 24.44 39.13 34.33
H7'A TD5 U . 24.96 37.12 35.39
H7' TD5 U . 23.93 35.91 35.10
HOL1 TD5 U . 22.47 33.07 38.16
HLB TD5 U . 24.57 33.21 37.49
HLBA TD5 U . 24.96 34.19 36.27
HM2B TD5 U . 20.04 41.36 33.94
HM2 TD5 U . 19.46 40.25 32.95
HM2A TD5 U . 20.72 41.12 32.51
HM4A TD5 U . 25.21 39.29 38.21
HM4B TD5 U . 23.93 39.59 37.30
HM4 TD5 U . 25.24 38.84 36.66
MN MN V . 23.79 39.86 46.46
C1 GOL W . 0.61 54.83 37.42
O1 GOL W . -0.05 54.87 36.18
C2 GOL W . 2.12 54.85 37.15
O2 GOL W . 2.51 53.54 36.83
C3 GOL W . 2.91 55.37 38.35
O3 GOL W . 3.21 54.31 39.24
H11 GOL W . 0.34 55.71 38.02
H12 GOL W . 0.34 53.94 37.97
HO1 GOL W . -1.01 54.79 36.32
H2 GOL W . 2.31 55.50 36.31
HO2 GOL W . 3.47 53.52 36.62
H31 GOL W . 2.33 56.13 38.88
H32 GOL W . 3.83 55.83 38.01
HO3 GOL W . 3.48 54.67 40.10
C1 EDO X . 10.47 27.81 60.32
O1 EDO X . 10.20 28.83 61.30
C2 EDO X . 10.88 26.51 61.01
O2 EDO X . 12.22 26.62 61.51
H11 EDO X . 11.27 28.14 59.66
H12 EDO X . 9.57 27.65 59.73
HO1 EDO X . 9.95 29.65 60.85
H21 EDO X . 10.20 26.30 61.83
H22 EDO X . 10.83 25.69 60.29
HO2 EDO X . 12.47 25.79 61.94
S1 TD5 Y . -19.17 -25.05 18.47
C2 TD5 Y . -19.45 -26.10 17.10
N3 TD5 Y . -18.60 -27.17 17.21
C4 TD5 Y . -17.79 -27.17 18.30
C5 TD5 Y . -17.95 -26.07 19.16
C6 TD5 Y . -17.20 -25.79 20.50
C7 TD5 Y . -16.22 -24.57 20.48
O7 TD5 Y . -15.75 -24.52 21.79
PA TD5 Y . -15.09 -23.16 22.30
PB TD5 Y . -17.60 -22.07 23.25
N1' TD5 Y . -15.18 -28.98 14.60
C11 TD5 Y . -20.51 -25.88 16.03
C13 TD5 Y . -22.92 -26.94 15.60
O1A TD5 Y . -14.52 -23.38 23.70
O1B TD5 Y . -18.59 -23.09 22.73
C2' TD5 Y . -14.94 -27.88 13.83
O2A TD5 Y . -14.06 -22.66 21.32
O2B TD5 Y . -18.09 -20.64 23.11
N3' TD5 Y . -15.83 -26.90 13.79
O3A TD5 Y . -16.27 -22.10 22.36
O3B TD5 Y . -17.26 -22.34 24.71
C4' TD5 Y . -16.99 -26.97 14.53
N4' TD5 Y . -17.81 -25.96 14.43
C5' TD5 Y . -17.26 -28.08 15.33
C6' TD5 Y . -16.31 -29.09 15.34
C7' TD5 Y . -18.55 -28.25 16.18
OL1 TD5 Y . -20.92 -24.51 16.13
OL2 TD5 Y . -24.06 -28.51 14.23
OL3 TD5 Y . -22.17 -29.17 15.08
CLB TD5 Y . -21.68 -26.79 16.53
CLC TD5 Y . -23.05 -28.28 14.93
CM2 TD5 Y . -13.63 -27.77 12.99
CM4 TD5 Y . -16.77 -28.31 18.58
H6 TD5 Y . -17.89 -25.64 21.23
H6A TD5 Y . -16.67 -26.61 20.74
H7A TD5 Y . -16.70 -23.74 20.27
H7 TD5 Y . -15.48 -24.72 19.85
H13 TD5 Y . -22.87 -26.26 14.92
H13A TD5 Y . -23.72 -26.78 16.13
HN4' TD5 Y . -17.60 -25.26 13.90
HN4A TD5 Y . -18.59 -25.95 14.89
H6' TD5 Y . -16.46 -29.92 15.90
H7'A TD5 Y . -18.53 -29.14 16.64
H7' TD5 Y . -19.33 -28.18 15.61
HOL1 TD5 Y . -21.47 -24.43 16.78
HLB TD5 Y . -22.00 -26.42 17.39
HLBA TD5 Y . -21.31 -27.69 16.70
HM2B TD5 Y . -12.93 -27.36 13.54
HM2 TD5 Y . -13.80 -27.20 12.21
HM2A TD5 Y . -13.35 -28.66 12.70
HM4A TD5 Y . -16.63 -28.39 19.53
HM4B TD5 Y . -15.90 -28.09 18.15
HM4 TD5 Y . -17.11 -29.17 18.22
MN MN Z . -15.26 -22.76 25.56
C1 GOL AA . 6.61 -15.06 8.12
O1 GOL AA . 6.78 -15.25 6.73
C2 GOL AA . 6.04 -16.34 8.69
O2 GOL AA . 4.67 -16.43 8.36
C3 GOL AA . 6.26 -16.43 10.21
O3 GOL AA . 5.22 -15.86 10.94
H11 GOL AA . 7.56 -14.82 8.58
H12 GOL AA . 5.92 -14.23 8.30
HO1 GOL AA . 7.07 -14.42 6.31
H2 GOL AA . 6.56 -17.17 8.23
HO2 GOL AA . 4.31 -17.28 8.68
H31 GOL AA . 7.20 -15.94 10.45
H32 GOL AA . 6.36 -17.48 10.49
HO3 GOL AA . 5.47 -15.81 11.89
C1 EDO BA . -21.26 -0.94 27.43
O1 EDO BA . -20.17 -0.68 28.34
C2 EDO BA . -22.57 -0.38 27.99
O2 EDO BA . -22.97 -1.14 29.14
H11 EDO BA . -21.36 -2.01 27.27
H12 EDO BA . -21.05 -0.46 26.47
HO1 EDO BA . -19.36 -1.03 27.96
H21 EDO BA . -22.43 0.67 28.26
H22 EDO BA . -23.35 -0.44 27.23
HO2 EDO BA . -23.79 -0.77 29.50
S1 TD5 CA . 10.19 -33.75 5.95
C2 TD5 CA . 9.05 -33.72 4.65
N3 TD5 CA . 8.32 -32.59 4.79
C4 TD5 CA . 8.62 -31.79 5.83
C5 TD5 CA . 9.69 -32.23 6.64
C6 TD5 CA . 10.25 -31.48 7.88
C7 TD5 CA . 10.14 -32.27 9.22
O7 TD5 CA . 10.78 -31.43 10.14
PA TD5 CA . 11.09 -32.12 11.54
PB TD5 CA . 13.64 -33.22 10.67
N1' TD5 CA . 3.73 -31.61 5.27
C11 TD5 CA . 8.95 -34.73 3.52
C13 TD5 CA . 9.83 -34.71 1.00
O1A TD5 CA . 11.73 -31.08 12.46
O1B TD5 CA . 13.65 -33.01 9.17
C2' TD5 CA . 3.35 -32.82 5.75
O2A TD5 CA . 9.87 -32.69 12.16
O2B TD5 CA . 14.21 -34.58 11.01
N3' TD5 CA . 4.17 -33.85 5.65
O3A TD5 CA . 12.15 -33.31 11.29
O3B TD5 CA . 14.40 -32.11 11.36
C4' TD5 CA . 5.40 -33.71 5.08
N4' TD5 CA . 6.13 -34.80 5.03
C5' TD5 CA . 5.82 -32.49 4.56
C6' TD5 CA . 4.94 -31.42 4.67
C7' TD5 CA . 7.20 -32.25 3.87
OL1 TD5 CA . 9.66 -35.91 3.91
OL2 TD5 CA . 8.94 -34.50 -1.22
OL3 TD5 CA . 8.40 -32.96 0.17
CLB TD5 CA . 9.78 -34.02 2.40
CLC TD5 CA . 9.01 -34.02 -0.07
CM2 TD5 CA . 1.94 -32.98 6.44
CM4 TD5 CA . 7.86 -30.46 6.12
H6 TD5 CA . 11.22 -31.26 7.72
H6A TD5 CA . 9.74 -30.61 7.99
H7A TD5 CA . 10.61 -33.14 9.16
H7 TD5 CA . 9.19 -32.40 9.48
H13 TD5 CA . 9.51 -35.61 1.09
H13A TD5 CA . 10.75 -34.73 0.70
HN4' TD5 CA . 5.83 -35.57 5.37
HN4A TD5 CA . 6.97 -34.77 4.64
H6' TD5 CA . 5.19 -30.50 4.31
H7'A TD5 CA . 7.27 -31.29 3.59
H7' TD5 CA . 7.25 -32.81 3.08
HOL1 TD5 CA . 10.50 -35.74 3.91
HLB TD5 CA . 10.71 -33.94 2.72
HLBA TD5 CA . 9.42 -33.10 2.27
HM2B TD5 CA . 2.01 -32.77 7.39
HM2 TD5 CA . 1.64 -33.90 6.34
HM2A TD5 CA . 1.29 -32.39 6.02
HM4A TD5 CA . 8.46 -29.84 6.56
HM4B TD5 CA . 7.08 -30.64 6.71
HM4 TD5 CA . 7.55 -30.06 5.25
MN MN DA . 13.82 -30.79 12.94
C1 GOL EA . -10.23 -39.82 26.49
O1 GOL EA . -11.35 -40.42 25.88
C2 GOL EA . -9.79 -38.68 25.61
O2 GOL EA . -9.31 -39.23 24.40
C3 GOL EA . -8.78 -37.75 26.30
O3 GOL EA . -7.44 -38.18 26.15
H11 GOL EA . -10.50 -39.45 27.47
H12 GOL EA . -9.43 -40.55 26.60
HO1 GOL EA . -11.62 -41.20 26.39
H2 GOL EA . -10.67 -38.08 25.38
HO2 GOL EA . -9.08 -38.51 23.79
H31 GOL EA . -9.02 -37.72 27.37
H32 GOL EA . -8.89 -36.75 25.91
HO3 GOL EA . -6.88 -37.71 26.81
C1 EDO FA . 24.82 -49.01 20.27
O1 EDO FA . 24.96 -48.41 21.55
C2 EDO FA . 26.18 -49.58 19.85
O2 EDO FA . 27.18 -48.54 19.81
H11 EDO FA . 24.49 -48.26 19.54
H12 EDO FA . 24.08 -49.81 20.31
HO1 EDO FA . 24.11 -48.05 21.84
H21 EDO FA . 26.48 -50.35 20.56
H22 EDO FA . 26.10 -50.03 18.86
HO2 EDO FA . 28.02 -48.92 19.54
S1 TD5 GA . -15.72 -38.67 -40.15
C2 TD5 GA . -15.15 -38.76 -38.50
N3 TD5 GA . -15.48 -40.00 -38.03
C4 TD5 GA . -16.12 -40.82 -38.88
C5 TD5 GA . -16.37 -40.30 -40.16
C6 TD5 GA . -17.06 -41.04 -41.34
C7 TD5 GA . -18.45 -40.49 -41.80
O7 TD5 GA . -18.72 -41.20 -42.98
PA TD5 GA . -19.85 -40.61 -43.92
PB TD5 GA . -18.02 -39.10 -45.52
N1' TD5 GA . -17.93 -41.75 -34.46
C11 TD5 GA . -14.36 -37.71 -37.75
C13 TD5 GA . -11.70 -37.47 -37.38
O1A TD5 GA . -20.12 -41.61 -45.06
O1B TD5 GA . -16.71 -39.25 -44.78
C2' TD5 GA . -18.74 -40.69 -34.29
O2A TD5 GA . -21.08 -40.29 -43.16
O2B TD5 GA . -18.16 -37.71 -46.09
N3' TD5 GA . -18.44 -39.53 -34.84
O3A TD5 GA . -19.28 -39.27 -44.55
O3B TD5 GA . -18.04 -40.14 -46.66
C4' TD5 GA . -17.31 -39.39 -35.60
N4' TD5 GA . -17.07 -38.20 -36.13
C5' TD5 GA . -16.46 -40.47 -35.80
C6' TD5 GA . -16.79 -41.68 -35.22
C7' TD5 GA . -15.16 -40.40 -36.64
OL1 TD5 GA . -14.60 -36.45 -38.37
OL2 TD5 GA . -10.44 -37.52 -35.36
OL3 TD5 GA . -11.68 -39.25 -35.77
CLB TD5 GA . -12.90 -38.17 -38.09
CLC TD5 GA . -11.26 -38.12 -36.11
CM2 TD5 GA . -20.04 -40.85 -33.41
CM4 TD5 GA . -16.57 -42.26 -38.46
H6 TD5 GA . -16.44 -41.02 -42.14
H6A TD5 GA . -17.18 -42.00 -41.06
H7A TD5 GA . -18.40 -39.52 -41.99
H7 TD5 GA . -19.15 -40.68 -41.12
H13 TD5 GA . -11.96 -36.55 -37.18
H13A TD5 GA . -10.95 -37.45 -38.00
HN4' TD5 GA . -17.64 -37.52 -35.98
HN4A TD5 GA . -16.33 -38.07 -36.63
H6' TD5 GA . -16.20 -42.48 -35.33
H7'A TD5 GA . -14.72 -41.31 -36.65
H7' TD5 GA . -14.56 -39.75 -36.25
HOL1 TD5 GA . -14.25 -36.44 -39.16
HLB TD5 GA . -12.78 -38.07 -39.06
HLBA TD5 GA . -12.84 -39.15 -37.87
HM2B TD5 GA . -20.78 -41.16 -33.97
HM2 TD5 GA . -20.26 -39.99 -33.01
HM2A TD5 GA . -19.87 -41.51 -32.70
HM4A TD5 GA . -16.59 -42.82 -39.24
HM4B TD5 GA . -17.47 -42.22 -38.07
HM4 TD5 GA . -15.92 -42.63 -37.79
MN MN HA . -19.49 -41.66 -47.05
C1 GOL IA . -44.16 -37.44 -32.53
O1 GOL IA . -44.39 -37.08 -31.19
C2 GOL IA . -43.13 -38.57 -32.54
O2 GOL IA . -41.86 -37.98 -32.38
C3 GOL IA . -43.18 -39.38 -33.83
O3 GOL IA . -42.55 -38.69 -34.88
H11 GOL IA . -45.09 -37.79 -32.98
H12 GOL IA . -43.79 -36.59 -33.10
HO1 GOL IA . -44.99 -36.32 -31.16
H2 GOL IA . -43.34 -39.23 -31.70
HO2 GOL IA . -41.19 -38.69 -32.35
H31 GOL IA . -44.22 -39.59 -34.09
H32 GOL IA . -42.68 -40.34 -33.67
HO3 GOL IA . -42.73 -39.15 -35.73
C1 EDO JA . -23.51 -22.79 -58.77
O1 EDO JA . -24.62 -23.35 -59.50
C2 EDO JA . -22.57 -22.01 -59.70
O2 EDO JA . -21.84 -22.87 -60.58
H11 EDO JA . -22.95 -23.60 -58.29
H12 EDO JA . -23.88 -22.14 -57.99
HO1 EDO JA . -25.19 -23.84 -58.89
H21 EDO JA . -23.16 -21.31 -60.28
H22 EDO JA . -21.88 -21.43 -59.09
HO2 EDO JA . -21.27 -22.33 -61.15
S1 TD5 KA . -39.62 -52.89 -22.06
C2 TD5 KA . -38.79 -51.80 -20.99
N3 TD5 KA . -38.58 -50.64 -21.69
C4 TD5 KA . -39.06 -50.62 -22.95
C5 TD5 KA . -39.70 -51.77 -23.40
C6 TD5 KA . -40.33 -51.98 -24.82
C7 TD5 KA . -39.81 -53.20 -25.64
O7 TD5 KA . -40.67 -53.21 -26.75
PA TD5 KA . -40.52 -54.45 -27.71
PB TD5 KA . -42.41 -56.02 -26.18
N1' TD5 KA . -34.93 -48.03 -23.04
C11 TD5 KA . -38.42 -52.06 -19.54
C13 TD5 KA . -39.38 -51.25 -17.17
O1A TD5 KA . -41.44 -54.26 -28.93
O1B TD5 KA . -42.65 -55.15 -24.95
C2' TD5 KA . -33.99 -48.99 -22.98
O2A TD5 KA . -39.11 -54.65 -28.14
O2B TD5 KA . -42.31 -57.47 -25.75
N3' TD5 KA . -34.24 -50.12 -22.34
O3A TD5 KA . -40.96 -55.71 -26.84
O3B TD5 KA . -43.51 -55.82 -27.20
C4' TD5 KA . -35.47 -50.31 -21.73
N4' TD5 KA . -35.66 -51.46 -21.11
C5' TD5 KA . -36.46 -49.32 -21.78
C6' TD5 KA . -36.16 -48.16 -22.46
C7' TD5 KA . -37.85 -49.48 -21.10
OL1 TD5 KA . -38.67 -53.47 -19.31
OL2 TD5 KA . -38.92 -49.82 -15.32
OL3 TD5 KA . -38.99 -48.87 -17.25
CLB TD5 KA . -39.49 -51.27 -18.72
CLC TD5 KA . -39.07 -49.91 -16.56
CM2 TD5 KA . -32.59 -48.79 -23.67
CM4 TD5 KA . -38.88 -49.37 -23.87
H6 TD5 KA . -41.34 -52.08 -24.70
H6A TD5 KA . -40.16 -51.14 -25.36
H7A TD5 KA . -39.89 -54.03 -25.13
H7 TD5 KA . -38.87 -53.05 -25.93
H13 TD5 KA . -38.67 -51.86 -16.92
H13A TD5 KA . -40.22 -51.58 -16.79
HN4' TD5 KA . -35.00 -52.08 -21.10
HN4A TD5 KA . -36.45 -51.64 -20.70
H6' TD5 KA . -36.84 -47.40 -22.52
H7'A TD5 KA . -38.39 -48.64 -21.27
H7' TD5 KA . -37.74 -49.61 -20.16
HOL1 TD5 KA . -39.52 -53.61 -19.31
HLB TD5 KA . -40.38 -51.62 -18.96
HLBA TD5 KA . -39.46 -50.32 -19.03
HM2B TD5 KA . -32.64 -49.09 -24.60
HM2 TD5 KA . -31.92 -49.32 -23.19
HM2A TD5 KA . -32.35 -47.84 -23.63
HM4A TD5 KA . -39.62 -49.32 -24.49
HM4B TD5 KA . -38.02 -49.43 -24.37
HM4 TD5 KA . -38.88 -48.53 -23.31
MN MN LA . -43.38 -55.19 -29.25
C1 GOL MA . -16.44 -57.87 -39.77
O1 GOL MA . -15.16 -57.55 -39.25
C2 GOL MA . -17.38 -56.71 -39.51
O2 GOL MA . -17.83 -56.77 -38.16
C3 GOL MA . -18.55 -56.70 -40.50
O3 GOL MA . -19.70 -57.33 -39.97
H11 GOL MA . -16.37 -58.07 -40.84
H12 GOL MA . -16.81 -58.78 -39.28
HO1 GOL MA . -14.56 -58.32 -39.36
H2 GOL MA . -16.82 -55.79 -39.65
HO2 GOL MA . -18.40 -55.99 -37.98
H31 GOL MA . -18.26 -57.22 -41.41
H32 GOL MA . -18.79 -55.67 -40.77
HO3 GOL MA . -20.29 -57.61 -40.69
C1 EDO NA . -44.31 -77.93 -26.90
O1 EDO NA . -44.60 -77.83 -28.30
C2 EDO NA . -45.48 -78.58 -26.18
O2 EDO NA . -46.71 -77.95 -26.54
H11 EDO NA . -44.14 -76.93 -26.49
H12 EDO NA . -43.41 -78.51 -26.75
HO1 EDO NA . -43.86 -77.40 -28.76
H21 EDO NA . -45.52 -79.64 -26.45
H22 EDO NA . -45.33 -78.52 -25.10
HO2 EDO NA . -47.44 -78.38 -26.07
#